data_5TZB
#
_entry.id   5TZB
#
_cell.length_a   91.451
_cell.length_b   133.260
_cell.length_c   117.068
_cell.angle_alpha   90.00
_cell.angle_beta   91.61
_cell.angle_gamma   90.00
#
_symmetry.space_group_name_H-M   'P 1 21 1'
#
loop_
_entity.id
_entity.type
_entity.pdbx_description
1 polymer D-aminopeptidase
2 non-polymer 'CALCIUM ION'
3 water water
#
_entity_poly.entity_id   1
_entity_poly.type   'polypeptide(L)'
_entity_poly.pdbx_seq_one_letter_code
;MGSSHHHHHHSSGLVPRGSHMRTRDLGIRIGLGTPGRFNAITDVPGVRVGHCTLNEENGDASIRTGVTVIEPRAGAAHDS
PCFAGVHVLNGNGDATGLEWIREAGLLTTPIAYTNTHSVGAVRDALVANEREAAAGRVYWCMPVVMETYDGLLNDIWGQH
VSAAHVQRALAAAQTGPVAEGGVGGGTGMICHEFKGGIGTASRVLAADAGGWTVGALVQANYGVREMLRVAGYPVGEVLR
HVPSPFRAPDAQGEAGMGSIVVTIATDAPLLPHQCTRLAQRASVGLARVGGGTEDSSGDIFLAFATGNDGLPAANYGSKG
APTTGVKMVNNDHISALFVAAAEAVEEAIVNALVAGGDVESRGARVEGLGQARLLDALREVGWRPGRGA
;
_entity_poly.pdbx_strand_id   A,B,C,G,E,F,D,H
#
# COMPACT_ATOMS: atom_id res chain seq x y z
N HIS A 20 -39.55 -23.28 11.16
CA HIS A 20 -39.31 -24.35 12.13
C HIS A 20 -38.28 -23.92 13.17
N MET A 21 -38.05 -24.76 14.16
CA MET A 21 -37.09 -24.46 15.21
C MET A 21 -35.73 -25.02 14.81
N ARG A 22 -34.70 -24.20 14.99
CA ARG A 22 -33.33 -24.60 14.67
C ARG A 22 -32.64 -25.09 15.94
N THR A 23 -31.38 -25.52 15.80
CA THR A 23 -30.64 -26.09 16.92
C THR A 23 -30.63 -25.20 18.14
N ARG A 24 -30.30 -23.93 17.93
CA ARG A 24 -30.21 -22.96 19.01
C ARG A 24 -31.56 -22.69 19.69
N ASP A 25 -32.65 -22.83 18.95
CA ASP A 25 -34.00 -22.66 19.51
C ASP A 25 -34.38 -23.79 20.48
N LEU A 26 -33.68 -24.92 20.38
CA LEU A 26 -33.94 -26.05 21.26
C LEU A 26 -33.14 -25.94 22.56
N GLY A 27 -32.38 -24.85 22.69
CA GLY A 27 -31.52 -24.64 23.83
C GLY A 27 -30.18 -25.33 23.69
N ILE A 28 -29.91 -25.84 22.49
CA ILE A 28 -28.63 -26.50 22.22
C ILE A 28 -27.64 -25.45 21.77
N ARG A 29 -26.59 -25.24 22.55
CA ARG A 29 -25.57 -24.27 22.18
C ARG A 29 -24.28 -24.95 21.74
N ILE A 30 -23.85 -24.61 20.52
CA ILE A 30 -22.61 -25.13 19.98
C ILE A 30 -21.46 -24.16 20.19
N GLY A 31 -20.44 -24.59 20.92
CA GLY A 31 -19.29 -23.72 21.16
C GLY A 31 -19.64 -22.58 22.09
N LEU A 32 -18.81 -21.55 22.09
CA LEU A 32 -18.93 -20.45 23.06
C LEU A 32 -19.30 -19.11 22.40
N GLY A 33 -19.30 -19.08 21.07
CA GLY A 33 -19.45 -17.84 20.35
C GLY A 33 -20.87 -17.34 20.20
N THR A 34 -21.00 -16.14 19.66
CA THR A 34 -22.30 -15.49 19.49
C THR A 34 -22.68 -15.43 18.02
N PRO A 35 -23.86 -15.97 17.67
CA PRO A 35 -24.27 -15.96 16.27
C PRO A 35 -24.67 -14.58 15.76
N GLY A 36 -24.58 -14.40 14.45
CA GLY A 36 -25.09 -13.19 13.82
C GLY A 36 -26.61 -13.21 13.78
N ARG A 37 -27.16 -12.16 13.22
CA ARG A 37 -28.60 -11.92 13.22
C ARG A 37 -29.44 -13.06 12.64
N PHE A 38 -29.06 -13.57 11.48
CA PHE A 38 -29.82 -14.64 10.85
C PHE A 38 -29.27 -16.00 11.22
N ASN A 39 -28.12 -16.00 11.88
CA ASN A 39 -27.36 -17.21 12.15
C ASN A 39 -27.19 -18.00 10.85
N ALA A 40 -26.62 -17.35 9.86
CA ALA A 40 -26.49 -17.94 8.52
C ALA A 40 -25.34 -17.27 7.80
N ILE A 41 -24.89 -17.86 6.70
CA ILE A 41 -23.76 -17.31 5.94
C ILE A 41 -24.11 -15.92 5.39
N THR A 42 -25.39 -15.63 5.25
CA THR A 42 -25.84 -14.31 4.80
C THR A 42 -25.62 -13.20 5.83
N ASP A 43 -25.16 -13.57 7.03
CA ASP A 43 -24.74 -12.58 8.01
C ASP A 43 -23.45 -11.86 7.58
N VAL A 44 -22.69 -12.46 6.67
CA VAL A 44 -21.59 -11.76 6.03
C VAL A 44 -22.23 -10.82 5.01
N PRO A 45 -22.14 -9.50 5.26
CA PRO A 45 -22.88 -8.55 4.44
C PRO A 45 -22.62 -8.69 2.94
N GLY A 46 -23.71 -8.71 2.17
CA GLY A 46 -23.64 -8.77 0.73
C GLY A 46 -23.81 -10.19 0.20
N VAL A 47 -23.47 -11.19 1.02
CA VAL A 47 -23.61 -12.58 0.57
C VAL A 47 -25.08 -13.01 0.43
N ARG A 48 -25.38 -13.69 -0.67
CA ARG A 48 -26.73 -14.14 -0.99
C ARG A 48 -26.80 -15.65 -1.26
N VAL A 49 -27.94 -16.24 -0.91
CA VAL A 49 -28.15 -17.68 -1.14
C VAL A 49 -29.51 -17.94 -1.81
N GLY A 50 -29.54 -18.84 -2.79
CA GLY A 50 -30.77 -19.24 -3.46
C GLY A 50 -30.86 -20.73 -3.70
N HIS A 51 -32.05 -21.31 -3.56
CA HIS A 51 -32.25 -22.74 -3.77
C HIS A 51 -33.15 -23.00 -4.96
N CYS A 52 -32.90 -24.11 -5.64
CA CYS A 52 -33.89 -24.67 -6.55
C CYS A 52 -34.10 -26.12 -6.14
N THR A 53 -35.32 -26.42 -5.72
CA THR A 53 -35.65 -27.72 -5.15
C THR A 53 -36.51 -28.53 -6.09
N LEU A 54 -36.03 -29.71 -6.45
CA LEU A 54 -36.79 -30.62 -7.30
C LEU A 54 -37.23 -31.80 -6.45
N ASN A 55 -38.53 -31.95 -6.27
CA ASN A 55 -39.03 -33.08 -5.50
C ASN A 55 -40.21 -33.65 -6.28
N GLU A 56 -40.02 -34.86 -6.80
CA GLU A 56 -41.03 -35.44 -7.66
C GLU A 56 -41.04 -36.94 -7.48
N GLU A 57 -42.20 -37.45 -7.06
CA GLU A 57 -42.35 -38.88 -6.89
C GLU A 57 -42.60 -39.52 -8.23
N ASN A 58 -41.78 -40.49 -8.61
CA ASN A 58 -42.03 -41.21 -9.86
C ASN A 58 -41.28 -42.54 -9.86
N GLY A 59 -41.65 -43.40 -8.90
CA GLY A 59 -41.00 -44.69 -8.72
C GLY A 59 -39.48 -44.61 -8.74
N ASP A 60 -38.83 -45.35 -9.63
CA ASP A 60 -37.37 -45.37 -9.65
C ASP A 60 -36.79 -44.23 -10.45
N ALA A 61 -37.67 -43.36 -10.93
CA ALA A 61 -37.25 -42.21 -11.69
C ALA A 61 -37.60 -40.99 -10.88
N SER A 62 -37.82 -41.22 -9.59
CA SER A 62 -38.11 -40.13 -8.68
C SER A 62 -36.95 -39.15 -8.64
N ILE A 63 -37.30 -37.88 -8.58
CA ILE A 63 -36.36 -36.79 -8.57
C ILE A 63 -36.35 -36.16 -7.19
N ARG A 64 -35.20 -36.25 -6.51
CA ARG A 64 -35.00 -35.63 -5.20
C ARG A 64 -33.65 -34.96 -5.22
N THR A 65 -33.56 -33.79 -5.82
CA THR A 65 -32.26 -33.18 -6.01
C THR A 65 -32.46 -31.69 -6.26
N GLY A 66 -31.40 -31.02 -6.72
CA GLY A 66 -31.51 -29.60 -6.99
C GLY A 66 -30.19 -28.87 -7.01
N VAL A 67 -30.24 -27.56 -6.86
CA VAL A 67 -29.05 -26.75 -6.87
C VAL A 67 -29.19 -25.59 -5.88
N THR A 68 -28.11 -25.35 -5.16
CA THR A 68 -27.98 -24.22 -4.27
C THR A 68 -26.88 -23.30 -4.78
N VAL A 69 -27.12 -21.98 -4.77
CA VAL A 69 -26.12 -21.02 -5.20
C VAL A 69 -25.74 -20.05 -4.08
N ILE A 70 -24.47 -19.69 -4.04
CA ILE A 70 -23.98 -18.64 -3.15
C ILE A 70 -23.42 -17.51 -4.00
N GLU A 71 -23.95 -16.31 -3.82
CA GLU A 71 -23.34 -15.13 -4.40
C GLU A 71 -22.43 -14.51 -3.36
N PRO A 72 -21.14 -14.39 -3.65
CA PRO A 72 -20.23 -13.82 -2.66
C PRO A 72 -20.40 -12.31 -2.47
N ARG A 73 -21.02 -11.64 -3.43
CA ARG A 73 -21.16 -10.18 -3.38
C ARG A 73 -22.61 -9.74 -3.59
N ALA A 74 -22.91 -8.48 -3.27
CA ALA A 74 -24.24 -7.94 -3.50
C ALA A 74 -24.54 -7.86 -4.97
N GLY A 75 -23.50 -7.56 -5.75
CA GLY A 75 -23.60 -7.52 -7.19
C GLY A 75 -22.82 -8.65 -7.85
N ALA A 76 -22.36 -8.41 -9.07
CA ALA A 76 -21.69 -9.43 -9.87
C ALA A 76 -20.35 -9.85 -9.28
N ALA A 77 -20.14 -11.15 -9.08
CA ALA A 77 -18.90 -11.67 -8.52
C ALA A 77 -17.70 -11.31 -9.40
N HIS A 78 -17.90 -11.39 -10.71
CA HIS A 78 -16.84 -11.09 -11.68
C HIS A 78 -16.29 -9.69 -11.47
N ASP A 79 -17.15 -8.74 -11.13
CA ASP A 79 -16.72 -7.34 -11.04
C ASP A 79 -16.06 -6.99 -9.71
N SER A 80 -16.24 -7.84 -8.71
CA SER A 80 -15.61 -7.61 -7.40
C SER A 80 -15.11 -8.94 -6.83
N PRO A 81 -13.96 -9.40 -7.32
CA PRO A 81 -13.41 -10.69 -6.89
C PRO A 81 -13.17 -10.75 -5.38
N CYS A 82 -13.24 -11.96 -4.83
CA CYS A 82 -12.91 -12.19 -3.43
C CYS A 82 -11.66 -13.04 -3.32
N PHE A 83 -10.80 -12.72 -2.35
CA PHE A 83 -9.73 -13.64 -1.96
C PHE A 83 -10.40 -14.91 -1.44
N ALA A 84 -9.79 -16.06 -1.73
CA ALA A 84 -10.37 -17.34 -1.40
C ALA A 84 -9.29 -18.42 -1.28
N GLY A 85 -9.66 -19.54 -0.68
CA GLY A 85 -8.74 -20.65 -0.51
C GLY A 85 -9.54 -21.92 -0.37
N VAL A 86 -8.88 -23.06 -0.58
CA VAL A 86 -9.55 -24.34 -0.45
C VAL A 86 -8.77 -25.26 0.49
N HIS A 87 -9.50 -26.15 1.16
CA HIS A 87 -8.86 -27.26 1.84
C HIS A 87 -9.64 -28.56 1.59
N VAL A 88 -8.89 -29.62 1.33
CA VAL A 88 -9.48 -30.93 1.09
C VAL A 88 -9.11 -31.90 2.19
N LEU A 89 -10.10 -32.25 3.02
CA LEU A 89 -9.90 -33.24 4.04
C LEU A 89 -9.89 -34.63 3.40
N ASN A 90 -10.77 -34.87 2.44
CA ASN A 90 -10.83 -36.16 1.75
C ASN A 90 -11.44 -35.99 0.37
N GLY A 91 -10.58 -36.09 -0.66
CA GLY A 91 -10.98 -35.73 -1.99
C GLY A 91 -11.81 -36.70 -2.80
N ASN A 92 -12.69 -37.47 -2.15
CA ASN A 92 -13.56 -38.38 -2.87
C ASN A 92 -14.85 -37.70 -3.36
N GLY A 93 -14.65 -36.68 -4.19
CA GLY A 93 -15.71 -35.85 -4.73
C GLY A 93 -15.17 -35.04 -5.89
N ASP A 94 -16.07 -34.36 -6.58
CA ASP A 94 -15.74 -33.60 -7.76
C ASP A 94 -16.05 -32.12 -7.54
N ALA A 95 -15.28 -31.25 -8.19
CA ALA A 95 -15.47 -29.82 -8.08
C ALA A 95 -14.88 -29.11 -9.30
N THR A 96 -15.46 -27.97 -9.67
CA THR A 96 -14.88 -27.14 -10.74
C THR A 96 -14.40 -25.80 -10.17
N GLY A 97 -13.48 -25.16 -10.89
CA GLY A 97 -13.02 -23.82 -10.55
C GLY A 97 -12.01 -23.70 -9.43
N LEU A 98 -11.53 -24.83 -8.90
CA LEU A 98 -10.64 -24.81 -7.73
C LEU A 98 -9.18 -24.56 -8.05
N GLU A 99 -8.75 -24.84 -9.27
CA GLU A 99 -7.34 -24.73 -9.56
C GLU A 99 -6.85 -23.27 -9.52
N TRP A 100 -7.66 -22.33 -10.01
CA TRP A 100 -7.25 -20.92 -9.98
C TRP A 100 -7.40 -20.39 -8.55
N ILE A 101 -8.31 -20.97 -7.76
CA ILE A 101 -8.39 -20.61 -6.34
C ILE A 101 -7.11 -21.01 -5.61
N ARG A 102 -6.63 -22.23 -5.86
CA ARG A 102 -5.35 -22.65 -5.30
C ARG A 102 -4.23 -21.75 -5.75
N GLU A 103 -4.21 -21.44 -7.04
CA GLU A 103 -3.10 -20.73 -7.66
C GLU A 103 -3.04 -19.24 -7.26
N ALA A 104 -4.15 -18.55 -7.44
CA ALA A 104 -4.20 -17.10 -7.26
C ALA A 104 -5.19 -16.63 -6.17
N GLY A 105 -5.95 -17.56 -5.60
CA GLY A 105 -6.89 -17.20 -4.55
C GLY A 105 -7.95 -16.18 -4.94
N LEU A 106 -8.51 -16.31 -6.15
CA LEU A 106 -9.51 -15.35 -6.59
C LEU A 106 -10.81 -16.05 -6.96
N LEU A 107 -11.84 -15.80 -6.16
CA LEU A 107 -13.19 -16.23 -6.44
C LEU A 107 -13.83 -15.15 -7.30
N THR A 108 -14.28 -15.53 -8.49
CA THR A 108 -14.76 -14.55 -9.48
C THR A 108 -16.15 -14.86 -10.01
N THR A 109 -16.83 -15.81 -9.37
CA THR A 109 -18.11 -16.33 -9.84
C THR A 109 -18.99 -16.61 -8.65
N PRO A 110 -20.27 -16.94 -8.86
CA PRO A 110 -21.01 -17.59 -7.77
C PRO A 110 -20.42 -18.97 -7.44
N ILE A 111 -20.87 -19.54 -6.32
CA ILE A 111 -20.59 -20.91 -5.92
C ILE A 111 -21.89 -21.71 -6.01
N ALA A 112 -21.84 -22.92 -6.54
CA ALA A 112 -23.04 -23.75 -6.61
C ALA A 112 -22.81 -25.14 -6.02
N TYR A 113 -23.84 -25.67 -5.37
CA TYR A 113 -23.92 -27.04 -4.90
C TYR A 113 -24.95 -27.84 -5.72
N THR A 114 -24.65 -29.09 -6.06
CA THR A 114 -25.66 -29.95 -6.69
C THR A 114 -25.30 -31.41 -6.45
N ASN A 115 -25.89 -32.33 -7.21
CA ASN A 115 -25.50 -33.74 -7.10
C ASN A 115 -24.31 -34.05 -8.01
N THR A 116 -23.67 -35.18 -7.75
CA THR A 116 -22.42 -35.55 -8.43
C THR A 116 -22.51 -35.59 -9.96
N HIS A 117 -23.66 -36.04 -10.47
CA HIS A 117 -23.75 -36.22 -11.92
C HIS A 117 -24.31 -35.00 -12.65
N SER A 118 -24.53 -33.91 -11.94
CA SER A 118 -25.03 -32.68 -12.54
C SER A 118 -24.02 -31.53 -12.49
N VAL A 119 -22.83 -31.79 -11.99
CA VAL A 119 -21.83 -30.74 -11.80
C VAL A 119 -21.52 -29.98 -13.10
N GLY A 120 -21.33 -30.71 -14.20
CA GLY A 120 -21.00 -30.12 -15.48
C GLY A 120 -22.07 -29.22 -16.08
N ALA A 121 -23.31 -29.69 -16.05
CA ALA A 121 -24.41 -28.90 -16.58
C ALA A 121 -24.56 -27.62 -15.76
N VAL A 122 -24.42 -27.74 -14.45
CA VAL A 122 -24.52 -26.59 -13.58
C VAL A 122 -23.36 -25.62 -13.83
N ARG A 123 -22.16 -26.15 -13.99
CA ARG A 123 -20.99 -25.32 -14.24
C ARG A 123 -21.12 -24.54 -15.54
N ASP A 124 -21.49 -25.24 -16.62
CA ASP A 124 -21.62 -24.60 -17.92
C ASP A 124 -22.79 -23.63 -17.98
N ALA A 125 -23.80 -23.86 -17.13
CA ALA A 125 -24.92 -22.92 -17.07
C ALA A 125 -24.47 -21.61 -16.43
N LEU A 126 -23.60 -21.71 -15.44
CA LEU A 126 -23.06 -20.54 -14.78
C LEU A 126 -22.15 -19.78 -15.73
N VAL A 127 -21.47 -20.49 -16.61
CA VAL A 127 -20.68 -19.84 -17.64
C VAL A 127 -21.60 -19.01 -18.53
N ALA A 128 -22.66 -19.65 -19.00
CA ALA A 128 -23.62 -18.98 -19.90
C ALA A 128 -24.24 -17.74 -19.27
N ASN A 129 -24.42 -17.78 -17.96
CA ASN A 129 -25.06 -16.68 -17.25
C ASN A 129 -24.26 -15.38 -17.32
N GLU A 130 -22.96 -15.49 -17.54
CA GLU A 130 -22.10 -14.30 -17.60
C GLU A 130 -21.92 -13.82 -19.04
N ARG A 131 -22.46 -14.55 -20.00
CA ARG A 131 -22.22 -14.21 -21.41
C ARG A 131 -22.66 -12.77 -21.76
N GLU A 132 -23.91 -12.41 -21.44
CA GLU A 132 -24.44 -11.10 -21.81
C GLU A 132 -23.60 -9.95 -21.25
N ALA A 133 -23.12 -10.11 -20.02
CA ALA A 133 -22.34 -9.09 -19.33
C ALA A 133 -20.87 -9.05 -19.76
N ALA A 134 -20.44 -10.02 -20.56
CA ALA A 134 -19.04 -10.13 -20.95
C ALA A 134 -18.57 -8.91 -21.76
N ALA A 135 -19.43 -8.43 -22.66
CA ALA A 135 -19.17 -7.22 -23.45
C ALA A 135 -17.72 -7.02 -23.92
N GLY A 136 -17.17 -8.01 -24.63
CA GLY A 136 -15.84 -7.91 -25.19
C GLY A 136 -14.69 -7.94 -24.18
N ARG A 137 -15.01 -8.23 -22.92
CA ARG A 137 -13.98 -8.39 -21.90
C ARG A 137 -13.33 -9.73 -22.12
N VAL A 138 -12.01 -9.76 -22.11
CA VAL A 138 -11.30 -10.99 -22.39
C VAL A 138 -10.97 -11.80 -21.13
N TYR A 139 -11.72 -12.88 -20.92
CA TYR A 139 -11.46 -13.81 -19.82
C TYR A 139 -12.14 -15.15 -20.05
N TRP A 140 -11.71 -16.16 -19.32
CA TRP A 140 -12.34 -17.45 -19.40
C TRP A 140 -13.08 -17.73 -18.08
N CYS A 141 -14.38 -18.00 -18.18
CA CYS A 141 -15.20 -18.15 -16.97
C CYS A 141 -14.96 -19.51 -16.32
N MET A 142 -14.66 -19.50 -15.02
CA MET A 142 -14.39 -20.73 -14.28
C MET A 142 -15.20 -20.86 -12.99
N PRO A 143 -16.49 -21.15 -13.12
CA PRO A 143 -17.35 -21.22 -11.92
C PRO A 143 -16.97 -22.34 -10.95
N VAL A 144 -17.23 -22.09 -9.67
CA VAL A 144 -17.00 -23.08 -8.63
C VAL A 144 -18.27 -23.87 -8.39
N VAL A 145 -18.21 -25.18 -8.66
CA VAL A 145 -19.35 -26.06 -8.43
C VAL A 145 -18.88 -27.27 -7.60
N MET A 146 -19.61 -27.57 -6.53
CA MET A 146 -19.26 -28.70 -5.68
C MET A 146 -20.49 -29.60 -5.58
N GLU A 147 -20.32 -30.79 -5.00
CA GLU A 147 -21.36 -31.79 -5.01
C GLU A 147 -21.30 -32.78 -3.86
N THR A 148 -22.44 -33.41 -3.60
CA THR A 148 -22.49 -34.66 -2.84
C THR A 148 -23.43 -35.60 -3.60
N TYR A 149 -23.46 -36.87 -3.20
CA TYR A 149 -24.13 -37.93 -3.96
C TYR A 149 -25.50 -38.29 -3.39
N ASP A 150 -26.59 -37.97 -4.10
CA ASP A 150 -27.94 -38.32 -3.66
C ASP A 150 -28.55 -39.52 -4.38
N GLY A 151 -27.69 -40.45 -4.80
CA GLY A 151 -28.07 -41.61 -5.58
C GLY A 151 -29.06 -42.58 -4.97
N LEU A 152 -29.18 -42.59 -3.65
CA LEU A 152 -30.13 -43.49 -3.01
C LEU A 152 -31.58 -42.99 -3.15
N LEU A 153 -31.81 -41.73 -2.81
CA LEU A 153 -33.16 -41.15 -2.86
C LEU A 153 -33.50 -40.51 -4.20
N ASN A 154 -32.47 -40.18 -4.97
CA ASN A 154 -32.62 -39.47 -6.25
C ASN A 154 -32.17 -40.35 -7.42
N ASP A 155 -32.85 -40.18 -8.55
CA ASP A 155 -32.46 -40.86 -9.78
C ASP A 155 -31.28 -40.07 -10.34
N ILE A 156 -30.10 -40.33 -9.79
CA ILE A 156 -28.94 -39.50 -10.09
C ILE A 156 -28.40 -39.76 -11.51
N TRP A 157 -28.66 -40.94 -12.07
CA TRP A 157 -28.26 -41.24 -13.44
C TRP A 157 -29.16 -40.54 -14.45
N GLY A 158 -30.30 -40.05 -13.98
CA GLY A 158 -31.25 -39.38 -14.87
C GLY A 158 -30.77 -37.99 -15.27
N GLN A 159 -29.85 -37.42 -14.49
CA GLN A 159 -29.27 -36.10 -14.76
C GLN A 159 -30.38 -35.07 -15.02
N HIS A 160 -31.19 -34.83 -14.00
CA HIS A 160 -32.40 -34.04 -14.16
C HIS A 160 -32.19 -32.53 -13.93
N VAL A 161 -30.99 -32.13 -13.55
CA VAL A 161 -30.73 -30.72 -13.29
C VAL A 161 -30.26 -30.00 -14.55
N SER A 162 -30.85 -28.84 -14.83
CA SER A 162 -30.57 -28.09 -16.05
C SER A 162 -30.25 -26.62 -15.80
N ALA A 163 -29.88 -25.94 -16.88
CA ALA A 163 -29.56 -24.52 -16.82
C ALA A 163 -30.71 -23.71 -16.23
N ALA A 164 -31.94 -24.12 -16.55
CA ALA A 164 -33.11 -23.43 -16.07
C ALA A 164 -33.20 -23.50 -14.54
N HIS A 165 -32.78 -24.64 -13.98
CA HIS A 165 -32.79 -24.79 -12.54
C HIS A 165 -31.73 -23.89 -11.91
N VAL A 166 -30.61 -23.77 -12.61
CA VAL A 166 -29.53 -22.89 -12.15
C VAL A 166 -30.03 -21.44 -12.17
N GLN A 167 -30.78 -21.07 -13.20
CA GLN A 167 -31.32 -19.70 -13.29
C GLN A 167 -32.35 -19.44 -12.20
N ARG A 168 -33.13 -20.47 -11.86
CA ARG A 168 -34.11 -20.37 -10.77
C ARG A 168 -33.43 -20.11 -9.44
N ALA A 169 -32.35 -20.84 -9.16
CA ALA A 169 -31.57 -20.64 -7.94
C ALA A 169 -30.94 -19.26 -7.92
N LEU A 170 -30.38 -18.85 -9.05
CA LEU A 170 -29.76 -17.54 -9.18
C LEU A 170 -30.76 -16.42 -8.89
N ALA A 171 -31.95 -16.54 -9.47
CA ALA A 171 -32.98 -15.51 -9.31
C ALA A 171 -33.51 -15.47 -7.88
N ALA A 172 -33.44 -16.60 -7.19
CA ALA A 172 -33.95 -16.71 -5.82
C ALA A 172 -32.92 -16.28 -4.77
N ALA A 173 -31.68 -16.10 -5.20
CA ALA A 173 -30.59 -15.76 -4.28
C ALA A 173 -30.80 -14.40 -3.61
N GLN A 174 -30.79 -14.40 -2.29
CA GLN A 174 -31.05 -13.18 -1.53
C GLN A 174 -30.41 -13.26 -0.15
N THR A 175 -30.31 -12.12 0.53
CA THR A 175 -29.82 -12.06 1.89
C THR A 175 -30.87 -12.58 2.85
N GLY A 176 -30.59 -12.55 4.14
CA GLY A 176 -31.58 -12.95 5.13
C GLY A 176 -31.62 -14.43 5.39
N PRO A 177 -32.69 -14.91 6.05
CA PRO A 177 -32.77 -16.33 6.43
C PRO A 177 -32.60 -17.29 5.25
N VAL A 178 -31.90 -18.39 5.50
CA VAL A 178 -31.64 -19.42 4.50
C VAL A 178 -32.37 -20.70 4.87
N ALA A 179 -33.18 -21.23 3.96
CA ALA A 179 -33.88 -22.49 4.22
C ALA A 179 -32.87 -23.65 4.30
N GLU A 180 -33.13 -24.56 5.22
CA GLU A 180 -32.21 -25.65 5.50
C GLU A 180 -32.88 -27.00 5.26
N GLY A 181 -32.09 -28.07 5.33
CA GLY A 181 -32.63 -29.42 5.19
C GLY A 181 -32.73 -29.91 3.76
N GLY A 182 -33.83 -30.60 3.44
CA GLY A 182 -34.03 -31.16 2.11
C GLY A 182 -34.45 -30.13 1.07
N VAL A 183 -33.59 -29.14 0.84
CA VAL A 183 -33.84 -28.11 -0.16
C VAL A 183 -32.59 -27.93 -1.03
N GLY A 184 -32.79 -27.38 -2.24
CA GLY A 184 -31.68 -27.12 -3.14
C GLY A 184 -30.80 -28.32 -3.43
N GLY A 185 -29.50 -28.15 -3.29
CA GLY A 185 -28.57 -29.24 -3.52
C GLY A 185 -28.72 -30.34 -2.47
N GLY A 186 -29.30 -29.98 -1.32
CA GLY A 186 -29.42 -30.93 -0.23
C GLY A 186 -30.70 -31.74 -0.21
N THR A 187 -31.54 -31.55 -1.22
CA THR A 187 -32.86 -32.18 -1.24
C THR A 187 -32.82 -33.70 -1.01
N GLY A 188 -31.95 -34.42 -1.70
CA GLY A 188 -31.93 -35.88 -1.56
C GLY A 188 -30.81 -36.43 -0.69
N MET A 189 -30.23 -35.58 0.17
CA MET A 189 -29.06 -35.97 0.94
C MET A 189 -29.37 -36.59 2.32
N ILE A 190 -28.41 -37.38 2.80
CA ILE A 190 -28.51 -38.19 4.01
C ILE A 190 -27.27 -37.99 4.88
N CYS A 191 -27.47 -37.70 6.17
CA CYS A 191 -26.37 -37.43 7.09
C CYS A 191 -26.50 -38.22 8.41
N HIS A 192 -25.45 -38.96 8.77
CA HIS A 192 -25.48 -39.86 9.92
C HIS A 192 -26.68 -40.81 9.91
N GLU A 193 -27.06 -41.24 8.71
CA GLU A 193 -28.17 -42.14 8.47
C GLU A 193 -29.52 -41.57 8.93
N PHE A 194 -29.57 -40.23 9.02
CA PHE A 194 -30.81 -39.47 9.11
C PHE A 194 -30.91 -38.58 7.86
N LYS A 195 -32.01 -37.84 7.71
CA LYS A 195 -32.13 -36.91 6.59
C LYS A 195 -31.08 -35.82 6.71
N GLY A 196 -30.36 -35.56 5.62
CA GLY A 196 -29.32 -34.55 5.61
C GLY A 196 -29.68 -33.39 4.71
N GLY A 197 -28.66 -32.71 4.20
CA GLY A 197 -28.88 -31.58 3.29
C GLY A 197 -28.24 -30.30 3.74
N ILE A 198 -28.94 -29.18 3.49
CA ILE A 198 -28.38 -27.84 3.72
C ILE A 198 -28.45 -27.39 5.17
N GLY A 199 -27.34 -26.84 5.65
CA GLY A 199 -27.27 -26.24 6.97
C GLY A 199 -26.44 -24.98 6.92
N THR A 200 -26.75 -24.03 7.79
CA THR A 200 -25.98 -22.80 7.79
C THR A 200 -25.91 -22.22 9.22
N ALA A 201 -24.89 -21.40 9.48
CA ALA A 201 -24.75 -20.80 10.81
C ALA A 201 -23.74 -19.69 10.74
N SER A 202 -23.67 -18.85 11.77
CA SER A 202 -22.64 -17.83 11.79
C SER A 202 -22.16 -17.50 13.19
N ARG A 203 -21.03 -16.80 13.21
CA ARG A 203 -20.47 -16.27 14.44
C ARG A 203 -19.99 -14.84 14.20
N VAL A 204 -20.19 -13.96 15.18
CA VAL A 204 -19.69 -12.59 15.11
C VAL A 204 -18.59 -12.37 16.17
N LEU A 205 -17.43 -11.88 15.75
CA LEU A 205 -16.36 -11.60 16.71
C LEU A 205 -16.64 -10.32 17.49
N ALA A 206 -16.07 -10.20 18.67
CA ALA A 206 -16.23 -8.99 19.45
C ALA A 206 -15.49 -7.85 18.78
N ALA A 207 -15.91 -6.63 19.10
CA ALA A 207 -15.30 -5.44 18.51
C ALA A 207 -13.79 -5.36 18.76
N ASP A 208 -13.36 -5.68 19.97
CA ASP A 208 -11.92 -5.70 20.29
C ASP A 208 -11.15 -6.77 19.47
N ALA A 209 -11.88 -7.72 18.88
CA ALA A 209 -11.24 -8.78 18.08
C ALA A 209 -11.41 -8.50 16.58
N GLY A 210 -11.86 -7.30 16.24
CA GLY A 210 -12.02 -6.91 14.85
C GLY A 210 -13.47 -6.83 14.39
N GLY A 211 -14.39 -7.36 15.19
CA GLY A 211 -15.81 -7.26 14.88
C GLY A 211 -16.27 -8.00 13.64
N TRP A 212 -15.43 -8.85 13.06
CA TRP A 212 -15.76 -9.55 11.83
C TRP A 212 -16.80 -10.65 12.00
N THR A 213 -17.51 -10.97 10.91
CA THR A 213 -18.48 -12.06 10.92
C THR A 213 -17.92 -13.26 10.14
N VAL A 214 -18.13 -14.47 10.67
CA VAL A 214 -17.73 -15.70 9.95
C VAL A 214 -19.00 -16.54 9.76
N GLY A 215 -19.30 -16.88 8.51
CA GLY A 215 -20.50 -17.67 8.24
C GLY A 215 -20.19 -18.98 7.55
N ALA A 216 -21.06 -19.98 7.71
CA ALA A 216 -20.83 -21.25 7.00
C ALA A 216 -22.12 -21.78 6.40
N LEU A 217 -22.00 -22.36 5.21
CA LEU A 217 -23.11 -23.06 4.55
C LEU A 217 -22.64 -24.45 4.09
N VAL A 218 -23.28 -25.49 4.57
CA VAL A 218 -22.86 -26.86 4.24
C VAL A 218 -23.93 -27.64 3.50
N GLN A 219 -23.49 -28.63 2.73
CA GLN A 219 -24.38 -29.64 2.19
C GLN A 219 -23.88 -30.97 2.75
N ALA A 220 -24.55 -31.44 3.81
CA ALA A 220 -24.10 -32.56 4.63
C ALA A 220 -24.69 -33.87 4.13
N ASN A 221 -23.82 -34.80 3.78
CA ASN A 221 -24.23 -36.07 3.19
C ASN A 221 -23.27 -37.16 3.62
N TYR A 222 -22.80 -37.09 4.87
CA TYR A 222 -21.71 -37.95 5.33
C TYR A 222 -22.15 -38.69 6.61
N GLY A 223 -21.36 -39.69 7.01
CA GLY A 223 -21.36 -40.16 8.39
C GLY A 223 -22.16 -41.38 8.75
N VAL A 224 -21.63 -42.16 9.71
CA VAL A 224 -22.38 -43.29 10.20
C VAL A 224 -23.11 -42.90 11.49
N ARG A 225 -24.24 -43.56 11.70
CA ARG A 225 -25.13 -43.26 12.81
C ARG A 225 -24.45 -43.10 14.18
N GLU A 226 -23.78 -44.16 14.64
CA GLU A 226 -23.19 -44.20 15.98
C GLU A 226 -22.22 -43.07 16.24
N MET A 227 -21.66 -42.48 15.20
CA MET A 227 -20.66 -41.44 15.35
C MET A 227 -21.21 -40.04 15.63
N LEU A 228 -22.51 -39.84 15.46
CA LEU A 228 -23.11 -38.49 15.64
C LEU A 228 -22.83 -37.89 17.01
N ARG A 229 -22.34 -36.66 17.03
CA ARG A 229 -22.15 -35.94 18.31
C ARG A 229 -22.80 -34.58 18.19
N VAL A 230 -23.60 -34.22 19.18
CA VAL A 230 -24.23 -32.91 19.20
C VAL A 230 -23.80 -32.13 20.45
N ALA A 231 -23.16 -31.01 20.22
CA ALA A 231 -22.52 -30.20 21.27
C ALA A 231 -21.53 -31.06 22.06
N GLY A 232 -20.92 -32.04 21.37
CA GLY A 232 -19.95 -32.93 21.98
C GLY A 232 -20.61 -34.18 22.56
N TYR A 233 -21.90 -34.13 22.83
CA TYR A 233 -22.57 -35.23 23.50
C TYR A 233 -22.84 -36.38 22.52
N PRO A 234 -22.55 -37.63 22.95
CA PRO A 234 -22.56 -38.81 22.07
C PRO A 234 -23.96 -39.35 21.78
N VAL A 235 -24.82 -38.54 21.19
CA VAL A 235 -26.21 -38.93 20.93
C VAL A 235 -26.31 -40.09 19.93
N GLY A 236 -25.35 -40.20 19.01
CA GLY A 236 -25.36 -41.29 18.05
C GLY A 236 -25.35 -42.66 18.70
N GLU A 237 -24.68 -42.77 19.83
CA GLU A 237 -24.55 -44.03 20.54
C GLU A 237 -25.89 -44.49 21.13
N VAL A 238 -26.80 -43.57 21.38
CA VAL A 238 -28.12 -43.97 21.87
C VAL A 238 -29.22 -43.81 20.81
N LEU A 239 -28.82 -43.74 19.55
CA LEU A 239 -29.78 -43.66 18.45
C LEU A 239 -29.57 -44.77 17.42
N ARG A 240 -28.81 -45.81 17.80
CA ARG A 240 -28.55 -46.91 16.86
C ARG A 240 -29.81 -47.71 16.47
N HIS A 241 -30.80 -47.71 17.35
CA HIS A 241 -32.01 -48.50 17.14
C HIS A 241 -32.87 -47.94 16.01
N VAL A 242 -32.74 -46.65 15.74
CA VAL A 242 -33.56 -45.99 14.73
C VAL A 242 -33.25 -46.56 13.33
N PRO A 243 -34.30 -46.90 12.57
CA PRO A 243 -34.15 -47.43 11.21
C PRO A 243 -33.24 -46.56 10.34
N SER A 244 -32.52 -47.21 9.44
CA SER A 244 -31.59 -46.53 8.54
C SER A 244 -31.84 -46.88 7.07
N PRO A 245 -31.63 -45.91 6.17
CA PRO A 245 -31.80 -46.19 4.74
C PRO A 245 -30.73 -47.12 4.17
N PHE A 246 -29.67 -47.40 4.92
CA PHE A 246 -28.60 -48.25 4.41
C PHE A 246 -28.76 -49.70 4.86
N SER A 259 -20.20 -37.63 1.91
CA SER A 259 -19.56 -36.41 1.46
C SER A 259 -20.15 -35.19 2.17
N ILE A 260 -19.35 -34.16 2.30
CA ILE A 260 -19.87 -32.87 2.77
C ILE A 260 -19.08 -31.75 2.15
N VAL A 261 -19.80 -30.83 1.49
CA VAL A 261 -19.15 -29.66 0.95
C VAL A 261 -19.47 -28.49 1.87
N VAL A 262 -18.46 -27.70 2.16
CA VAL A 262 -18.53 -26.60 3.10
C VAL A 262 -18.04 -25.33 2.42
N THR A 263 -18.83 -24.25 2.52
CA THR A 263 -18.35 -22.92 2.17
C THR A 263 -18.36 -22.05 3.41
N ILE A 264 -17.21 -21.45 3.69
CA ILE A 264 -17.06 -20.48 4.77
C ILE A 264 -16.92 -19.08 4.19
N ALA A 265 -17.67 -18.10 4.71
CA ALA A 265 -17.50 -16.72 4.28
C ALA A 265 -17.13 -15.84 5.46
N THR A 266 -16.38 -14.77 5.18
CA THR A 266 -16.06 -13.79 6.22
C THR A 266 -15.82 -12.41 5.60
N ASP A 267 -16.15 -11.36 6.35
CA ASP A 267 -15.86 -10.00 5.93
C ASP A 267 -14.54 -9.53 6.50
N ALA A 268 -13.84 -10.41 7.21
CA ALA A 268 -12.45 -10.11 7.55
C ALA A 268 -11.63 -9.99 6.27
N PRO A 269 -10.69 -9.03 6.21
CA PRO A 269 -9.83 -8.88 5.02
C PRO A 269 -8.69 -9.90 4.99
N LEU A 270 -9.04 -11.14 4.66
CA LEU A 270 -8.08 -12.24 4.59
C LEU A 270 -7.44 -12.33 3.21
N LEU A 271 -6.12 -12.53 3.18
CA LEU A 271 -5.37 -12.80 1.95
C LEU A 271 -5.59 -14.27 1.52
N PRO A 272 -5.27 -14.62 0.25
CA PRO A 272 -5.42 -16.01 -0.26
C PRO A 272 -4.80 -17.05 0.67
N HIS A 273 -3.59 -16.87 1.17
CA HIS A 273 -3.00 -17.89 2.04
C HIS A 273 -3.75 -18.00 3.39
N GLN A 274 -4.40 -16.92 3.79
CA GLN A 274 -5.15 -16.93 5.05
C GLN A 274 -6.50 -17.63 4.89
N CYS A 275 -7.10 -17.49 3.73
CA CYS A 275 -8.35 -18.18 3.42
C CYS A 275 -8.15 -19.69 3.44
N THR A 276 -6.97 -20.14 3.00
CA THR A 276 -6.65 -21.57 3.02
C THR A 276 -6.64 -22.10 4.46
N ARG A 277 -5.99 -21.36 5.35
CA ARG A 277 -5.92 -21.67 6.77
C ARG A 277 -7.33 -21.71 7.37
N LEU A 278 -8.19 -20.75 6.99
CA LEU A 278 -9.54 -20.69 7.51
C LEU A 278 -10.36 -21.90 7.02
N ALA A 279 -10.18 -22.23 5.74
CA ALA A 279 -10.90 -23.34 5.14
C ALA A 279 -10.58 -24.64 5.87
N GLN A 280 -9.33 -24.82 6.31
CA GLN A 280 -9.00 -26.10 6.92
C GLN A 280 -9.70 -26.23 8.28
N ARG A 281 -10.17 -25.14 8.86
CA ARG A 281 -10.85 -25.27 10.17
C ARG A 281 -12.23 -25.92 10.01
N ALA A 282 -12.72 -26.07 8.77
CA ALA A 282 -13.94 -26.86 8.57
C ALA A 282 -13.70 -28.33 8.97
N SER A 283 -12.46 -28.80 8.84
CA SER A 283 -12.09 -30.12 9.35
C SER A 283 -12.42 -30.23 10.83
N VAL A 284 -12.13 -29.16 11.58
CA VAL A 284 -12.34 -29.17 13.03
C VAL A 284 -13.81 -29.23 13.40
N GLY A 285 -14.62 -28.38 12.76
CA GLY A 285 -16.05 -28.39 13.01
C GLY A 285 -16.68 -29.71 12.63
N LEU A 286 -16.31 -30.20 11.45
CA LEU A 286 -16.83 -31.48 10.97
C LEU A 286 -16.46 -32.62 11.91
N ALA A 287 -15.23 -32.61 12.42
CA ALA A 287 -14.76 -33.68 13.31
C ALA A 287 -15.60 -33.77 14.59
N ARG A 288 -16.02 -32.62 15.09
CA ARG A 288 -16.73 -32.54 16.35
C ARG A 288 -18.16 -33.08 16.26
N VAL A 289 -18.72 -33.12 15.06
CA VAL A 289 -20.05 -33.70 14.88
C VAL A 289 -19.92 -35.22 14.62
N GLY A 290 -18.72 -35.67 14.27
CA GLY A 290 -18.47 -37.10 14.06
C GLY A 290 -18.07 -37.46 12.64
N GLY A 291 -17.60 -36.49 11.86
CA GLY A 291 -17.20 -36.76 10.49
C GLY A 291 -15.70 -36.87 10.31
N GLY A 292 -15.27 -37.05 9.07
CA GLY A 292 -13.87 -37.02 8.72
C GLY A 292 -13.09 -38.33 8.75
N THR A 293 -13.80 -39.45 8.89
CA THR A 293 -13.16 -40.78 8.97
C THR A 293 -13.66 -41.79 7.91
N GLU A 294 -14.32 -41.31 6.85
CA GLU A 294 -14.82 -42.16 5.76
C GLU A 294 -14.05 -41.98 4.44
N ASP A 295 -13.53 -43.08 3.89
CA ASP A 295 -12.90 -43.08 2.56
C ASP A 295 -13.86 -42.57 1.49
N SER A 296 -15.14 -42.86 1.67
CA SER A 296 -16.16 -42.58 0.66
C SER A 296 -16.66 -41.13 0.67
N SER A 297 -16.22 -40.35 1.63
CA SER A 297 -16.80 -39.02 1.84
C SER A 297 -15.97 -37.92 1.16
N GLY A 298 -16.56 -37.27 0.16
CA GLY A 298 -15.91 -36.14 -0.48
C GLY A 298 -16.03 -34.93 0.43
N ASP A 299 -15.00 -34.72 1.25
CA ASP A 299 -14.99 -33.65 2.22
C ASP A 299 -14.07 -32.54 1.73
N ILE A 300 -14.69 -31.56 1.07
CA ILE A 300 -14.02 -30.50 0.35
C ILE A 300 -14.52 -29.14 0.84
N PHE A 301 -13.59 -28.26 1.24
CA PHE A 301 -13.94 -27.00 1.90
C PHE A 301 -13.42 -25.79 1.12
N LEU A 302 -14.24 -24.75 1.03
CA LEU A 302 -13.86 -23.50 0.38
C LEU A 302 -14.08 -22.34 1.35
N ALA A 303 -13.13 -21.43 1.45
CA ALA A 303 -13.36 -20.23 2.28
C ALA A 303 -13.11 -19.00 1.46
N PHE A 304 -14.02 -18.02 1.52
CA PHE A 304 -13.77 -16.74 0.85
C PHE A 304 -14.01 -15.57 1.80
N ALA A 305 -13.29 -14.48 1.52
CA ALA A 305 -13.35 -13.29 2.34
C ALA A 305 -13.74 -12.09 1.49
N THR A 306 -14.54 -11.20 2.07
CA THR A 306 -15.06 -10.04 1.37
C THR A 306 -14.41 -8.72 1.82
N GLY A 307 -13.55 -8.79 2.84
CA GLY A 307 -12.95 -7.61 3.46
C GLY A 307 -12.19 -6.72 2.49
N ASN A 308 -11.46 -7.34 1.58
CA ASN A 308 -10.86 -6.61 0.47
C ASN A 308 -11.86 -6.58 -0.68
N ASP A 309 -12.25 -5.38 -1.10
CA ASP A 309 -13.26 -5.26 -2.14
C ASP A 309 -12.82 -4.45 -3.35
N GLY A 310 -11.56 -4.05 -3.40
CA GLY A 310 -11.09 -3.27 -4.52
C GLY A 310 -10.25 -4.07 -5.49
N LEU A 311 -10.45 -5.39 -5.54
CA LEU A 311 -9.63 -6.23 -6.39
C LEU A 311 -10.00 -6.12 -7.88
N PRO A 312 -8.97 -6.16 -8.76
CA PRO A 312 -9.18 -5.99 -10.20
C PRO A 312 -9.86 -7.19 -10.87
N ALA A 313 -10.90 -6.92 -11.66
CA ALA A 313 -11.55 -7.93 -12.46
C ALA A 313 -10.61 -8.37 -13.58
N ALA A 314 -10.67 -9.65 -13.94
CA ALA A 314 -9.80 -10.21 -14.97
C ALA A 314 -10.19 -9.70 -16.37
N ASN A 315 -9.23 -9.15 -17.09
CA ASN A 315 -9.48 -8.67 -18.45
C ASN A 315 -8.17 -8.74 -19.23
N TYR A 316 -7.87 -9.92 -19.77
CA TYR A 316 -6.56 -10.19 -20.34
C TYR A 316 -6.30 -9.35 -21.60
N GLY A 317 -5.14 -8.72 -21.63
CA GLY A 317 -4.81 -7.79 -22.70
C GLY A 317 -4.98 -6.33 -22.32
N SER A 318 -5.72 -6.07 -21.24
CA SER A 318 -5.95 -4.68 -20.82
C SER A 318 -5.33 -4.44 -19.45
N LYS A 319 -4.12 -3.88 -19.43
CA LYS A 319 -3.36 -3.85 -18.18
C LYS A 319 -3.51 -2.50 -17.45
N GLY A 320 -3.54 -2.57 -16.13
CA GLY A 320 -3.69 -1.40 -15.27
C GLY A 320 -2.40 -1.03 -14.56
N ALA A 321 -2.55 -0.52 -13.33
CA ALA A 321 -1.41 -0.08 -12.52
C ALA A 321 -0.60 -1.29 -12.00
N PRO A 322 0.67 -1.05 -11.64
CA PRO A 322 1.53 -2.15 -11.19
C PRO A 322 1.04 -2.90 -9.95
N THR A 323 0.49 -2.20 -8.96
CA THR A 323 0.09 -2.85 -7.72
C THR A 323 -1.29 -2.45 -7.24
N THR A 324 -1.80 -3.20 -6.26
CA THR A 324 -3.04 -2.85 -5.57
C THR A 324 -2.78 -2.87 -4.08
N GLY A 325 -3.23 -1.82 -3.39
CA GLY A 325 -3.13 -1.80 -1.95
C GLY A 325 -4.26 -2.63 -1.35
N VAL A 326 -3.92 -3.54 -0.45
CA VAL A 326 -4.93 -4.36 0.21
C VAL A 326 -4.68 -4.38 1.71
N LYS A 327 -5.64 -4.96 2.41
CA LYS A 327 -5.60 -5.12 3.85
C LYS A 327 -5.31 -6.58 4.18
N MET A 328 -4.59 -6.82 5.27
CA MET A 328 -4.30 -8.17 5.74
C MET A 328 -4.66 -8.29 7.22
N VAL A 329 -5.37 -9.35 7.58
CA VAL A 329 -5.61 -9.60 9.00
C VAL A 329 -4.29 -10.03 9.63
N ASN A 330 -3.90 -9.39 10.72
CA ASN A 330 -2.67 -9.81 11.41
C ASN A 330 -2.82 -11.16 12.14
N ASN A 331 -1.73 -11.93 12.18
CA ASN A 331 -1.85 -13.30 12.68
C ASN A 331 -2.22 -13.40 14.16
N ASP A 332 -1.98 -12.35 14.95
CA ASP A 332 -2.41 -12.40 16.36
C ASP A 332 -3.90 -12.09 16.48
N HIS A 333 -4.55 -11.90 15.34
CA HIS A 333 -6.00 -11.74 15.29
C HIS A 333 -6.71 -12.85 14.53
N ILE A 334 -5.99 -13.80 13.95
CA ILE A 334 -6.65 -14.78 13.09
C ILE A 334 -7.22 -15.97 13.90
N SER A 335 -6.70 -16.24 15.09
CA SER A 335 -7.24 -17.37 15.87
C SER A 335 -8.73 -17.23 16.16
N ALA A 336 -9.20 -16.03 16.44
CA ALA A 336 -10.63 -15.86 16.73
C ALA A 336 -11.48 -16.20 15.52
N LEU A 337 -10.91 -16.03 14.33
CA LEU A 337 -11.55 -16.40 13.07
C LEU A 337 -11.56 -17.92 12.89
N PHE A 338 -10.46 -18.57 13.27
CA PHE A 338 -10.40 -20.05 13.25
C PHE A 338 -11.52 -20.64 14.13
N VAL A 339 -11.60 -20.16 15.37
CA VAL A 339 -12.62 -20.62 16.32
C VAL A 339 -14.01 -20.44 15.77
N ALA A 340 -14.28 -19.24 15.26
CA ALA A 340 -15.59 -18.89 14.73
C ALA A 340 -15.96 -19.78 13.57
N ALA A 341 -15.01 -20.02 12.65
CA ALA A 341 -15.29 -20.88 11.51
C ALA A 341 -15.62 -22.30 11.96
N ALA A 342 -14.83 -22.85 12.89
CA ALA A 342 -15.07 -24.20 13.37
C ALA A 342 -16.45 -24.31 14.01
N GLU A 343 -16.82 -23.31 14.82
CA GLU A 343 -18.14 -23.32 15.45
C GLU A 343 -19.25 -23.21 14.42
N ALA A 344 -19.06 -22.35 13.42
CA ALA A 344 -20.08 -22.14 12.41
C ALA A 344 -20.31 -23.40 11.60
N VAL A 345 -19.23 -24.10 11.27
CA VAL A 345 -19.35 -25.36 10.52
C VAL A 345 -20.08 -26.42 11.34
N GLU A 346 -19.69 -26.58 12.60
CA GLU A 346 -20.30 -27.55 13.50
C GLU A 346 -21.81 -27.29 13.66
N GLU A 347 -22.19 -26.04 13.92
CA GLU A 347 -23.61 -25.76 14.13
C GLU A 347 -24.37 -25.90 12.82
N ALA A 348 -23.74 -25.56 11.69
CA ALA A 348 -24.41 -25.70 10.40
C ALA A 348 -24.78 -27.16 10.11
N ILE A 349 -23.89 -28.08 10.44
CA ILE A 349 -24.18 -29.50 10.21
C ILE A 349 -25.34 -29.95 11.09
N VAL A 350 -25.30 -29.59 12.37
CA VAL A 350 -26.38 -29.98 13.26
C VAL A 350 -27.68 -29.31 12.81
N ASN A 351 -27.59 -28.07 12.31
CA ASN A 351 -28.76 -27.39 11.78
C ASN A 351 -29.39 -28.15 10.61
N ALA A 352 -28.55 -28.73 9.76
CA ALA A 352 -29.06 -29.52 8.63
C ALA A 352 -29.86 -30.71 9.13
N LEU A 353 -29.31 -31.41 10.12
CA LEU A 353 -29.97 -32.59 10.68
C LEU A 353 -31.32 -32.21 11.31
N VAL A 354 -31.31 -31.12 12.07
CA VAL A 354 -32.52 -30.69 12.77
C VAL A 354 -33.64 -30.29 11.80
N ALA A 355 -33.26 -29.72 10.66
CA ALA A 355 -34.23 -29.29 9.67
C ALA A 355 -34.71 -30.44 8.76
N GLY A 356 -34.02 -31.58 8.81
CA GLY A 356 -34.38 -32.71 7.96
C GLY A 356 -35.66 -33.42 8.37
N GLY A 357 -36.46 -33.82 7.37
CA GLY A 357 -37.71 -34.52 7.61
C GLY A 357 -37.69 -35.89 6.94
N ASP A 358 -38.69 -36.73 7.25
CA ASP A 358 -38.78 -38.08 6.69
C ASP A 358 -38.90 -38.06 5.17
N VAL A 359 -38.19 -38.96 4.50
CA VAL A 359 -38.31 -39.07 3.05
C VAL A 359 -38.30 -40.53 2.64
N GLU A 360 -39.29 -40.91 1.84
CA GLU A 360 -39.34 -42.24 1.25
C GLU A 360 -39.28 -42.03 -0.25
N SER A 361 -38.31 -42.68 -0.89
CA SER A 361 -38.07 -42.45 -2.31
C SER A 361 -37.24 -43.59 -2.91
N ARG A 362 -37.68 -44.07 -4.07
CA ARG A 362 -36.99 -45.11 -4.83
C ARG A 362 -36.74 -46.36 -3.98
N GLY A 363 -37.69 -46.66 -3.09
CA GLY A 363 -37.63 -47.88 -2.30
C GLY A 363 -36.76 -47.76 -1.04
N ALA A 364 -36.30 -46.54 -0.77
CA ALA A 364 -35.50 -46.29 0.41
C ALA A 364 -36.23 -45.29 1.30
N ARG A 365 -36.09 -45.47 2.61
CA ARG A 365 -36.72 -44.58 3.58
C ARG A 365 -35.65 -44.05 4.52
N VAL A 366 -35.66 -42.74 4.75
CA VAL A 366 -34.77 -42.13 5.73
C VAL A 366 -35.61 -41.27 6.65
N GLU A 367 -35.29 -41.28 7.94
CA GLU A 367 -36.03 -40.49 8.92
C GLU A 367 -35.34 -39.18 9.25
N GLY A 368 -36.13 -38.14 9.49
CA GLY A 368 -35.58 -36.93 10.06
C GLY A 368 -35.13 -37.26 11.47
N LEU A 369 -34.03 -36.66 11.90
CA LEU A 369 -33.50 -36.88 13.25
C LEU A 369 -34.61 -36.71 14.30
N GLY A 370 -35.34 -35.62 14.19
CA GLY A 370 -36.46 -35.38 15.08
C GLY A 370 -36.05 -34.55 16.28
N GLN A 371 -36.69 -33.39 16.38
CA GLN A 371 -36.42 -32.43 17.43
C GLN A 371 -36.62 -33.03 18.83
N ALA A 372 -37.77 -33.64 19.07
CA ALA A 372 -38.02 -34.23 20.38
C ALA A 372 -37.11 -35.43 20.65
N ARG A 373 -36.87 -36.23 19.61
CA ARG A 373 -36.02 -37.41 19.73
C ARG A 373 -34.57 -37.01 20.07
N LEU A 374 -34.09 -35.92 19.47
CA LEU A 374 -32.75 -35.42 19.76
C LEU A 374 -32.65 -34.93 21.21
N LEU A 375 -33.65 -34.18 21.66
CA LEU A 375 -33.66 -33.69 23.02
C LEU A 375 -33.63 -34.86 24.02
N ASP A 376 -34.41 -35.91 23.73
CA ASP A 376 -34.43 -37.07 24.60
C ASP A 376 -33.07 -37.74 24.60
N ALA A 377 -32.46 -37.85 23.42
CA ALA A 377 -31.15 -38.49 23.30
C ALA A 377 -30.07 -37.70 24.01
N LEU A 378 -30.09 -36.37 23.87
CA LEU A 378 -29.13 -35.51 24.54
C LEU A 378 -29.23 -35.65 26.07
N ARG A 379 -30.45 -35.62 26.59
CA ARG A 379 -30.65 -35.73 28.03
C ARG A 379 -30.22 -37.11 28.58
N GLU A 380 -30.41 -38.14 27.77
CA GLU A 380 -30.02 -39.50 28.15
C GLU A 380 -28.50 -39.62 28.40
N VAL A 381 -27.71 -38.84 27.66
CA VAL A 381 -26.25 -38.86 27.80
C VAL A 381 -25.73 -37.61 28.54
N GLY A 382 -26.59 -36.91 29.28
CA GLY A 382 -26.11 -35.92 30.22
C GLY A 382 -26.18 -34.44 29.86
N TRP A 383 -26.66 -34.14 28.65
CA TRP A 383 -26.80 -32.76 28.21
C TRP A 383 -27.98 -32.06 28.88
N ARG A 384 -27.84 -30.77 29.15
CA ARG A 384 -28.93 -29.96 29.68
C ARG A 384 -28.98 -28.58 29.03
N PRO A 385 -30.19 -28.03 28.85
CA PRO A 385 -30.39 -26.68 28.28
C PRO A 385 -30.07 -25.59 29.30
N HIS B 20 -6.24 -46.86 39.73
CA HIS B 20 -6.40 -46.29 38.40
C HIS B 20 -5.37 -45.18 38.12
N MET B 21 -4.64 -45.34 37.01
CA MET B 21 -3.67 -44.33 36.56
C MET B 21 -3.93 -43.65 35.18
N ARG B 22 -4.28 -44.41 34.14
CA ARG B 22 -4.51 -43.78 32.82
C ARG B 22 -6.00 -43.54 32.57
N THR B 23 -6.32 -42.88 31.45
CA THR B 23 -7.69 -42.45 31.20
C THR B 23 -8.69 -43.59 31.26
N ARG B 24 -8.40 -44.67 30.55
CA ARG B 24 -9.31 -45.81 30.47
C ARG B 24 -9.46 -46.47 31.83
N ASP B 25 -8.42 -46.39 32.67
CA ASP B 25 -8.43 -47.01 33.98
C ASP B 25 -9.41 -46.32 34.91
N LEU B 26 -9.77 -45.08 34.58
CA LEU B 26 -10.71 -44.30 35.38
C LEU B 26 -12.15 -44.57 34.97
N GLY B 27 -12.35 -45.48 34.02
CA GLY B 27 -13.68 -45.77 33.50
C GLY B 27 -14.09 -44.81 32.39
N ILE B 28 -13.15 -44.02 31.91
CA ILE B 28 -13.40 -43.08 30.82
C ILE B 28 -13.05 -43.72 29.48
N ARG B 29 -14.05 -43.94 28.64
CA ARG B 29 -13.78 -44.58 27.37
C ARG B 29 -13.84 -43.57 26.25
N ILE B 30 -12.76 -43.54 25.47
CA ILE B 30 -12.67 -42.65 24.33
C ILE B 30 -13.06 -43.42 23.08
N GLY B 31 -14.05 -42.93 22.35
CA GLY B 31 -14.45 -43.55 21.11
C GLY B 31 -15.10 -44.91 21.32
N LEU B 32 -15.17 -45.69 20.25
CA LEU B 32 -15.91 -46.96 20.26
C LEU B 32 -15.02 -48.19 20.09
N GLY B 33 -13.75 -47.95 19.79
CA GLY B 33 -12.82 -49.02 19.45
C GLY B 33 -12.18 -49.74 20.63
N THR B 34 -11.42 -50.78 20.31
CA THR B 34 -10.74 -51.60 21.30
C THR B 34 -9.23 -51.38 21.28
N PRO B 35 -8.64 -50.97 22.41
CA PRO B 35 -7.20 -50.73 22.45
C PRO B 35 -6.36 -52.01 22.39
N GLY B 36 -5.10 -51.86 21.98
CA GLY B 36 -4.18 -52.98 22.01
C GLY B 36 -3.74 -53.28 23.43
N ARG B 37 -2.89 -54.29 23.60
CA ARG B 37 -2.51 -54.77 24.93
C ARG B 37 -1.95 -53.67 25.85
N PHE B 38 -1.06 -52.83 25.34
CA PHE B 38 -0.50 -51.75 26.16
C PHE B 38 -1.22 -50.42 26.01
N ASN B 39 -2.15 -50.36 25.05
CA ASN B 39 -2.77 -49.10 24.66
C ASN B 39 -1.71 -48.04 24.43
N ALA B 40 -0.77 -48.35 23.54
CA ALA B 40 0.36 -47.48 23.27
C ALA B 40 0.84 -47.71 21.85
N ILE B 41 1.65 -46.80 21.33
CA ILE B 41 2.13 -46.96 19.96
C ILE B 41 2.96 -48.25 19.80
N THR B 42 3.52 -48.74 20.89
CA THR B 42 4.31 -49.98 20.89
C THR B 42 3.46 -51.24 20.66
N ASP B 43 2.14 -51.09 20.63
CA ASP B 43 1.27 -52.20 20.24
C ASP B 43 1.42 -52.54 18.74
N VAL B 44 1.96 -51.61 17.96
CA VAL B 44 2.43 -51.94 16.61
C VAL B 44 3.76 -52.66 16.74
N PRO B 45 3.81 -53.95 16.37
CA PRO B 45 5.00 -54.77 16.65
C PRO B 45 6.31 -54.19 16.11
N GLY B 46 7.34 -54.18 16.93
CA GLY B 46 8.63 -53.69 16.50
C GLY B 46 8.89 -52.23 16.81
N VAL B 47 7.81 -51.45 16.97
CA VAL B 47 7.97 -50.02 17.27
C VAL B 47 8.43 -49.83 18.71
N ARG B 48 9.46 -49.02 18.92
CA ARG B 48 10.04 -48.81 20.25
C ARG B 48 10.09 -47.32 20.62
N VAL B 49 9.93 -46.99 21.90
CA VAL B 49 9.96 -45.58 22.34
C VAL B 49 10.92 -45.40 23.51
N GLY B 50 11.72 -44.33 23.47
CA GLY B 50 12.65 -44.03 24.55
C GLY B 50 12.66 -42.56 24.94
N HIS B 51 12.79 -42.29 26.24
CA HIS B 51 12.80 -40.92 26.73
C HIS B 51 14.14 -40.55 27.35
N CYS B 52 14.51 -39.27 27.21
CA CYS B 52 15.57 -38.71 28.04
C CYS B 52 14.97 -37.45 28.66
N THR B 53 14.89 -37.46 29.99
CA THR B 53 14.22 -36.42 30.75
C THR B 53 15.22 -35.55 31.50
N LEU B 54 15.20 -34.24 31.24
CA LEU B 54 16.12 -33.30 31.88
C LEU B 54 15.43 -32.36 32.88
N ASN B 55 15.85 -32.44 34.15
CA ASN B 55 15.33 -31.57 35.22
C ASN B 55 16.43 -30.98 36.10
N GLU B 56 16.57 -29.67 36.03
CA GLU B 56 17.58 -28.98 36.83
C GLU B 56 17.13 -27.56 37.16
N GLU B 57 17.08 -27.26 38.47
CA GLU B 57 16.70 -25.96 38.96
C GLU B 57 17.84 -24.95 38.85
N ASN B 58 17.61 -23.83 38.19
CA ASN B 58 18.60 -22.76 38.13
C ASN B 58 17.94 -21.45 37.69
N GLY B 59 17.01 -20.96 38.50
CA GLY B 59 16.28 -19.73 38.21
C GLY B 59 15.74 -19.67 36.79
N ASP B 60 16.17 -18.65 36.05
CA ASP B 60 15.65 -18.48 34.70
C ASP B 60 16.49 -19.27 33.72
N ALA B 61 17.40 -20.09 34.25
CA ALA B 61 18.21 -20.96 33.43
C ALA B 61 17.91 -22.39 33.80
N SER B 62 16.76 -22.58 34.45
CA SER B 62 16.28 -23.90 34.84
C SER B 62 16.08 -24.78 33.62
N ILE B 63 16.37 -26.07 33.74
CA ILE B 63 16.24 -26.97 32.60
C ILE B 63 15.04 -27.87 32.85
N ARG B 64 14.03 -27.78 31.99
CA ARG B 64 12.90 -28.70 32.07
C ARG B 64 12.48 -29.08 30.67
N THR B 65 13.23 -30.03 30.11
CA THR B 65 13.09 -30.41 28.71
C THR B 65 13.70 -31.79 28.49
N GLY B 66 13.88 -32.17 27.23
CA GLY B 66 14.45 -33.47 26.93
C GLY B 66 14.17 -33.93 25.50
N VAL B 67 14.28 -35.23 25.28
CA VAL B 67 14.06 -35.77 23.95
C VAL B 67 13.36 -37.13 24.03
N THR B 68 12.41 -37.33 23.12
CA THR B 68 11.75 -38.62 22.97
C THR B 68 12.10 -39.17 21.59
N VAL B 69 12.43 -40.44 21.50
CA VAL B 69 12.75 -41.07 20.22
C VAL B 69 11.77 -42.21 19.95
N ILE B 70 11.39 -42.37 18.69
CA ILE B 70 10.58 -43.50 18.23
C ILE B 70 11.38 -44.34 17.25
N GLU B 71 11.54 -45.62 17.53
CA GLU B 71 12.12 -46.52 16.55
C GLU B 71 11.00 -47.20 15.80
N PRO B 72 10.93 -46.98 14.48
CA PRO B 72 9.82 -47.57 13.72
C PRO B 72 9.98 -49.09 13.52
N ARG B 73 11.19 -49.62 13.69
CA ARG B 73 11.45 -51.04 13.44
C ARG B 73 12.12 -51.74 14.62
N ALA B 74 12.14 -53.07 14.57
CA ALA B 74 12.82 -53.85 15.62
C ALA B 74 14.32 -53.58 15.58
N GLY B 75 14.83 -53.39 14.37
CA GLY B 75 16.23 -53.05 14.15
C GLY B 75 16.44 -51.66 13.57
N ALA B 76 17.53 -51.49 12.83
CA ALA B 76 17.89 -50.20 12.26
C ALA B 76 16.87 -49.75 11.23
N ALA B 77 16.37 -48.53 11.40
CA ALA B 77 15.38 -47.99 10.49
C ALA B 77 15.94 -47.92 9.05
N HIS B 78 17.24 -47.60 8.95
CA HIS B 78 17.87 -47.49 7.62
C HIS B 78 17.71 -48.76 6.78
N ASP B 79 17.82 -49.92 7.44
CA ASP B 79 17.82 -51.21 6.73
C ASP B 79 16.43 -51.72 6.39
N SER B 80 15.40 -51.14 7.00
CA SER B 80 14.04 -51.52 6.67
C SER B 80 13.11 -50.32 6.65
N PRO B 81 13.16 -49.55 5.56
CA PRO B 81 12.33 -48.35 5.43
C PRO B 81 10.85 -48.61 5.59
N CYS B 82 10.13 -47.60 6.08
CA CYS B 82 8.70 -47.64 6.18
C CYS B 82 8.08 -46.61 5.25
N PHE B 83 6.99 -47.00 4.60
CA PHE B 83 6.18 -46.03 3.89
C PHE B 83 5.63 -45.05 4.93
N ALA B 84 5.55 -43.77 4.55
CA ALA B 84 5.12 -42.75 5.51
C ALA B 84 4.56 -41.53 4.80
N GLY B 85 3.88 -40.67 5.56
CA GLY B 85 3.33 -39.45 5.01
C GLY B 85 3.16 -38.43 6.12
N VAL B 86 3.03 -37.17 5.74
CA VAL B 86 2.82 -36.09 6.71
C VAL B 86 1.58 -35.30 6.37
N HIS B 87 0.96 -34.75 7.40
CA HIS B 87 -0.10 -33.76 7.21
C HIS B 87 0.14 -32.62 8.18
N VAL B 88 -0.01 -31.39 7.69
CA VAL B 88 0.15 -30.22 8.55
C VAL B 88 -1.17 -29.47 8.72
N LEU B 89 -1.72 -29.50 9.93
CA LEU B 89 -2.94 -28.75 10.21
C LEU B 89 -2.60 -27.27 10.37
N ASN B 90 -1.47 -26.98 11.02
CA ASN B 90 -1.03 -25.60 11.21
C ASN B 90 0.50 -25.56 11.37
N GLY B 91 1.21 -25.10 10.34
CA GLY B 91 2.66 -25.19 10.34
C GLY B 91 3.48 -24.19 11.15
N ASN B 92 2.98 -23.75 12.32
CA ASN B 92 3.75 -22.85 13.18
C ASN B 92 4.72 -23.64 14.05
N GLY B 93 5.60 -24.39 13.39
CA GLY B 93 6.52 -25.27 14.06
C GLY B 93 7.63 -25.67 13.10
N ASP B 94 8.62 -26.36 13.63
CA ASP B 94 9.77 -26.72 12.83
C ASP B 94 9.92 -28.24 12.81
N ALA B 95 10.49 -28.75 11.73
CA ALA B 95 10.76 -30.17 11.60
C ALA B 95 11.87 -30.42 10.59
N THR B 96 12.59 -31.51 10.77
CA THR B 96 13.58 -31.93 9.81
C THR B 96 13.12 -33.27 9.21
N GLY B 97 13.65 -33.60 8.03
CA GLY B 97 13.40 -34.89 7.40
C GLY B 97 12.09 -35.08 6.67
N LEU B 98 11.26 -34.03 6.64
CA LEU B 98 9.91 -34.17 6.07
C LEU B 98 9.83 -34.08 4.54
N GLU B 99 10.77 -33.40 3.89
CA GLU B 99 10.62 -33.20 2.45
C GLU B 99 10.74 -34.51 1.66
N TRP B 100 11.60 -35.42 2.10
CA TRP B 100 11.69 -36.70 1.38
C TRP B 100 10.47 -37.58 1.71
N ILE B 101 9.89 -37.39 2.90
CA ILE B 101 8.66 -38.09 3.24
C ILE B 101 7.55 -37.65 2.31
N ARG B 102 7.44 -36.35 2.07
CA ARG B 102 6.49 -35.81 1.10
C ARG B 102 6.74 -36.35 -0.31
N GLU B 103 8.00 -36.36 -0.73
CA GLU B 103 8.38 -36.69 -2.11
C GLU B 103 8.23 -38.20 -2.39
N ALA B 104 8.85 -39.02 -1.54
CA ALA B 104 8.95 -40.44 -1.80
C ALA B 104 8.27 -41.32 -0.72
N GLY B 105 7.81 -40.71 0.36
CA GLY B 105 7.13 -41.46 1.42
C GLY B 105 7.96 -42.52 2.11
N LEU B 106 9.24 -42.23 2.37
CA LEU B 106 10.11 -43.23 2.99
C LEU B 106 10.73 -42.76 4.29
N LEU B 107 10.34 -43.39 5.39
CA LEU B 107 10.98 -43.16 6.69
C LEU B 107 12.15 -44.11 6.81
N THR B 108 13.34 -43.55 6.99
CA THR B 108 14.58 -44.33 6.94
C THR B 108 15.43 -44.12 8.18
N THR B 109 14.85 -43.45 9.18
CA THR B 109 15.55 -43.06 10.41
C THR B 109 14.62 -43.24 11.62
N PRO B 110 15.18 -43.11 12.83
CA PRO B 110 14.27 -42.93 13.98
C PRO B 110 13.51 -41.58 13.88
N ILE B 111 12.50 -41.39 14.73
CA ILE B 111 11.80 -40.13 14.88
C ILE B 111 12.12 -39.56 16.25
N ALA B 112 12.33 -38.26 16.34
CA ALA B 112 12.63 -37.64 17.62
C ALA B 112 11.73 -36.44 17.90
N TYR B 113 11.35 -36.33 19.17
CA TYR B 113 10.65 -35.16 19.68
C TYR B 113 11.56 -34.37 20.60
N THR B 114 11.57 -33.05 20.48
CA THR B 114 12.29 -32.23 21.47
C THR B 114 11.68 -30.83 21.54
N ASN B 115 12.40 -29.86 22.11
CA ASN B 115 11.93 -28.47 22.12
C ASN B 115 12.37 -27.73 20.86
N THR B 116 11.71 -26.60 20.58
CA THR B 116 11.90 -25.88 19.32
C THR B 116 13.36 -25.50 19.02
N HIS B 117 14.12 -25.13 20.06
CA HIS B 117 15.46 -24.63 19.82
C HIS B 117 16.54 -25.70 19.87
N SER B 118 16.15 -26.96 20.05
CA SER B 118 17.09 -28.07 20.10
C SER B 118 16.98 -29.01 18.89
N VAL B 119 16.12 -28.66 17.93
CA VAL B 119 15.86 -29.52 16.77
C VAL B 119 17.13 -29.87 16.00
N GLY B 120 17.95 -28.86 15.75
CA GLY B 120 19.16 -29.06 14.98
C GLY B 120 20.17 -29.97 15.64
N ALA B 121 20.42 -29.76 16.92
CA ALA B 121 21.35 -30.57 17.65
C ALA B 121 20.89 -32.03 17.68
N VAL B 122 19.59 -32.24 17.90
CA VAL B 122 19.04 -33.59 17.94
C VAL B 122 19.14 -34.27 16.57
N ARG B 123 18.81 -33.52 15.54
CA ARG B 123 18.86 -34.03 14.18
C ARG B 123 20.28 -34.45 13.79
N ASP B 124 21.27 -33.59 14.06
CA ASP B 124 22.64 -33.92 13.69
C ASP B 124 23.21 -35.03 14.58
N ALA B 125 22.67 -35.19 15.78
CA ALA B 125 23.09 -36.29 16.63
C ALA B 125 22.59 -37.61 16.05
N LEU B 126 21.38 -37.59 15.50
CA LEU B 126 20.82 -38.77 14.84
C LEU B 126 21.58 -39.11 13.57
N VAL B 127 22.08 -38.10 12.87
CA VAL B 127 22.93 -38.34 11.71
C VAL B 127 24.22 -39.03 12.17
N ALA B 128 24.87 -38.48 13.19
CA ALA B 128 26.11 -39.07 13.72
C ALA B 128 25.95 -40.53 14.19
N ASN B 129 24.76 -40.85 14.69
CA ASN B 129 24.51 -42.18 15.21
C ASN B 129 24.58 -43.26 14.12
N GLU B 130 24.35 -42.89 12.87
CA GLU B 130 24.37 -43.87 11.77
C GLU B 130 25.73 -43.96 11.09
N ARG B 131 26.68 -43.15 11.53
CA ARG B 131 28.00 -43.08 10.89
C ARG B 131 28.72 -44.45 10.85
N GLU B 132 28.84 -45.10 12.01
CA GLU B 132 29.55 -46.38 12.13
C GLU B 132 28.95 -47.46 11.23
N ALA B 133 27.62 -47.49 11.14
CA ALA B 133 26.94 -48.51 10.37
C ALA B 133 26.90 -48.21 8.87
N ALA B 134 27.29 -47.01 8.47
CA ALA B 134 27.18 -46.63 7.05
C ALA B 134 28.05 -47.52 6.17
N ALA B 135 29.28 -47.77 6.63
CA ALA B 135 30.22 -48.69 5.97
C ALA B 135 30.27 -48.56 4.45
N GLY B 136 30.58 -47.36 3.99
CA GLY B 136 30.76 -47.10 2.57
C GLY B 136 29.48 -47.12 1.74
N ARG B 137 28.32 -47.24 2.38
CA ARG B 137 27.08 -47.13 1.62
C ARG B 137 26.86 -45.65 1.34
N VAL B 138 26.49 -45.34 0.11
CA VAL B 138 26.34 -43.95 -0.29
C VAL B 138 24.91 -43.45 -0.06
N TYR B 139 24.74 -42.62 0.95
CA TYR B 139 23.46 -41.97 1.19
C TYR B 139 23.64 -40.78 2.11
N TRP B 140 22.64 -39.92 2.14
CA TRP B 140 22.65 -38.79 3.04
C TRP B 140 21.57 -38.99 4.11
N CYS B 141 21.98 -38.98 5.37
CA CYS B 141 21.05 -39.24 6.46
C CYS B 141 20.14 -38.03 6.69
N MET B 142 18.82 -38.28 6.70
CA MET B 142 17.82 -37.21 6.89
C MET B 142 16.81 -37.58 7.98
N PRO B 143 17.23 -37.51 9.25
CA PRO B 143 16.37 -37.87 10.39
C PRO B 143 15.15 -36.96 10.51
N VAL B 144 14.06 -37.53 11.02
CA VAL B 144 12.85 -36.76 11.28
C VAL B 144 12.84 -36.29 12.73
N VAL B 145 12.89 -34.98 12.93
CA VAL B 145 12.82 -34.38 14.25
C VAL B 145 11.73 -33.32 14.26
N MET B 146 10.84 -33.39 15.25
CA MET B 146 9.73 -32.46 15.39
C MET B 146 9.78 -31.84 16.79
N GLU B 147 8.97 -30.82 17.02
CA GLU B 147 9.11 -30.08 18.27
C GLU B 147 7.82 -29.43 18.77
N THR B 148 7.82 -29.12 20.05
CA THR B 148 6.88 -28.15 20.59
C THR B 148 7.67 -27.22 21.52
N TYR B 149 7.04 -26.14 21.95
CA TYR B 149 7.72 -25.03 22.62
C TYR B 149 7.55 -25.06 24.15
N ASP B 150 8.62 -25.37 24.88
CA ASP B 150 8.54 -25.36 26.35
C ASP B 150 9.15 -24.10 26.98
N GLY B 151 9.03 -22.98 26.30
CA GLY B 151 9.63 -21.72 26.73
C GLY B 151 9.20 -21.17 28.08
N LEU B 152 8.05 -21.60 28.57
CA LEU B 152 7.56 -21.10 29.84
C LEU B 152 8.25 -21.77 31.04
N LEU B 153 8.30 -23.10 31.03
CA LEU B 153 8.87 -23.87 32.14
C LEU B 153 10.36 -24.17 31.96
N ASN B 154 10.80 -24.09 30.71
CA ASN B 154 12.17 -24.44 30.33
C ASN B 154 12.97 -23.25 29.81
N ASP B 155 14.27 -23.26 30.07
CA ASP B 155 15.18 -22.27 29.49
C ASP B 155 15.45 -22.64 28.03
N ILE B 156 14.49 -22.33 27.17
CA ILE B 156 14.54 -22.82 25.81
C ILE B 156 15.63 -22.11 24.99
N TRP B 157 16.02 -20.90 25.41
CA TRP B 157 17.13 -20.20 24.75
C TRP B 157 18.47 -20.78 25.17
N GLY B 158 18.45 -21.58 26.24
CA GLY B 158 19.67 -22.18 26.76
C GLY B 158 20.22 -23.34 25.94
N GLN B 159 19.39 -23.94 25.10
CA GLN B 159 19.81 -25.04 24.23
C GLN B 159 20.57 -26.12 25.01
N HIS B 160 19.86 -26.73 25.96
CA HIS B 160 20.49 -27.63 26.92
C HIS B 160 20.46 -29.10 26.51
N VAL B 161 19.81 -29.41 25.40
CA VAL B 161 19.74 -30.78 24.91
C VAL B 161 20.93 -31.09 23.99
N SER B 162 21.60 -32.21 24.23
CA SER B 162 22.80 -32.54 23.49
C SER B 162 22.74 -33.95 22.95
N ALA B 163 23.76 -34.30 22.16
CA ALA B 163 23.90 -35.62 21.55
C ALA B 163 23.90 -36.73 22.59
N ALA B 164 24.44 -36.47 23.78
CA ALA B 164 24.44 -37.50 24.82
C ALA B 164 23.01 -37.81 25.25
N HIS B 165 22.16 -36.79 25.28
CA HIS B 165 20.77 -36.97 25.66
C HIS B 165 20.04 -37.78 24.57
N VAL B 166 20.42 -37.56 23.31
CA VAL B 166 19.84 -38.32 22.20
C VAL B 166 20.27 -39.80 22.35
N GLN B 167 21.53 -40.02 22.72
CA GLN B 167 22.03 -41.39 22.86
C GLN B 167 21.40 -42.13 24.04
N ARG B 168 21.10 -41.40 25.11
CA ARG B 168 20.37 -41.94 26.25
C ARG B 168 18.94 -42.35 25.85
N ALA B 169 18.26 -41.49 25.11
CA ALA B 169 16.91 -41.80 24.63
C ALA B 169 16.92 -43.04 23.71
N LEU B 170 17.91 -43.10 22.81
CA LEU B 170 18.04 -44.23 21.91
C LEU B 170 18.23 -45.55 22.65
N ALA B 171 19.13 -45.56 23.64
CA ALA B 171 19.40 -46.77 24.39
C ALA B 171 18.21 -47.18 25.26
N ALA B 172 17.38 -46.20 25.62
CA ALA B 172 16.22 -46.44 26.48
C ALA B 172 15.00 -46.90 25.67
N ALA B 173 15.09 -46.87 24.35
CA ALA B 173 13.97 -47.24 23.49
C ALA B 173 13.50 -48.67 23.78
N GLN B 174 12.21 -48.85 24.02
CA GLN B 174 11.74 -50.16 24.42
C GLN B 174 10.29 -50.43 23.96
N THR B 175 9.94 -51.70 23.93
CA THR B 175 8.57 -52.13 23.67
C THR B 175 7.77 -51.99 24.96
N GLY B 176 6.48 -52.31 24.93
CA GLY B 176 5.72 -52.27 26.16
C GLY B 176 5.20 -50.89 26.52
N PRO B 177 4.85 -50.69 27.80
CA PRO B 177 4.31 -49.43 28.32
C PRO B 177 5.23 -48.25 28.04
N VAL B 178 4.63 -47.11 27.72
CA VAL B 178 5.35 -45.89 27.43
C VAL B 178 5.03 -44.87 28.51
N ALA B 179 6.05 -44.30 29.12
CA ALA B 179 5.84 -43.30 30.16
C ALA B 179 5.19 -42.05 29.56
N GLU B 180 4.24 -41.47 30.30
CA GLU B 180 3.50 -40.33 29.78
C GLU B 180 3.65 -39.09 30.65
N GLY B 181 3.15 -37.96 30.17
CA GLY B 181 3.22 -36.73 30.92
C GLY B 181 4.51 -35.94 30.72
N GLY B 182 5.04 -35.41 31.82
CA GLY B 182 6.25 -34.61 31.80
C GLY B 182 7.52 -35.43 31.71
N VAL B 183 7.66 -36.18 30.62
CA VAL B 183 8.88 -36.97 30.38
C VAL B 183 9.40 -36.72 28.97
N GLY B 184 10.70 -36.97 28.77
CA GLY B 184 11.33 -36.83 27.47
C GLY B 184 11.11 -35.45 26.88
N GLY B 185 10.62 -35.44 25.64
CA GLY B 185 10.33 -34.19 24.96
C GLY B 185 9.15 -33.47 25.59
N GLY B 186 8.33 -34.19 26.34
CA GLY B 186 7.15 -33.57 26.95
C GLY B 186 7.39 -32.99 28.34
N THR B 187 8.64 -33.08 28.81
CA THR B 187 8.98 -32.73 30.18
C THR B 187 8.48 -31.35 30.60
N GLY B 188 8.72 -30.34 29.77
CA GLY B 188 8.30 -28.99 30.11
C GLY B 188 7.08 -28.45 29.39
N MET B 189 6.25 -29.34 28.83
CA MET B 189 5.12 -28.91 28.02
C MET B 189 3.84 -28.69 28.83
N ILE B 190 2.97 -27.85 28.26
CA ILE B 190 1.72 -27.38 28.85
C ILE B 190 0.58 -27.54 27.85
N CYS B 191 -0.52 -28.16 28.27
CA CYS B 191 -1.68 -28.44 27.39
C CYS B 191 -3.01 -28.08 28.08
N HIS B 192 -3.84 -27.29 27.39
CA HIS B 192 -5.09 -26.73 27.95
C HIS B 192 -4.86 -26.06 29.31
N GLU B 193 -3.70 -25.41 29.45
CA GLU B 193 -3.31 -24.70 30.66
C GLU B 193 -3.21 -25.63 31.87
N PHE B 194 -3.06 -26.93 31.58
CA PHE B 194 -2.66 -27.91 32.59
C PHE B 194 -1.28 -28.48 32.20
N LYS B 195 -0.74 -29.39 33.01
CA LYS B 195 0.51 -30.03 32.61
C LYS B 195 0.25 -30.87 31.37
N GLY B 196 1.12 -30.72 30.37
CA GLY B 196 1.00 -31.46 29.14
C GLY B 196 2.14 -32.44 28.93
N GLY B 197 2.42 -32.78 27.67
CA GLY B 197 3.52 -33.66 27.38
C GLY B 197 3.16 -34.91 26.59
N ILE B 198 3.80 -36.01 26.94
CA ILE B 198 3.71 -37.23 26.14
C ILE B 198 2.41 -38.00 26.39
N GLY B 199 1.76 -38.42 25.32
CA GLY B 199 0.59 -39.27 25.43
C GLY B 199 0.61 -40.32 24.34
N THR B 200 0.03 -41.49 24.61
CA THR B 200 -0.01 -42.56 23.62
C THR B 200 -1.29 -43.39 23.81
N ALA B 201 -1.72 -44.07 22.75
CA ALA B 201 -2.89 -44.95 22.80
C ALA B 201 -2.88 -45.79 21.53
N SER B 202 -3.71 -46.83 21.50
CA SER B 202 -3.80 -47.65 20.30
C SER B 202 -5.20 -48.22 20.09
N ARG B 203 -5.43 -48.72 18.88
CA ARG B 203 -6.65 -49.41 18.53
C ARG B 203 -6.27 -50.63 17.69
N VAL B 204 -6.99 -51.73 17.89
CA VAL B 204 -6.81 -52.93 17.09
C VAL B 204 -8.08 -53.19 16.28
N LEU B 205 -7.94 -53.41 14.97
CA LEU B 205 -9.11 -53.72 14.15
C LEU B 205 -9.52 -55.17 14.30
N ALA B 206 -10.79 -55.46 14.04
CA ALA B 206 -11.27 -56.83 14.07
C ALA B 206 -10.64 -57.59 12.92
N ALA B 207 -10.58 -58.91 13.04
CA ALA B 207 -9.94 -59.76 12.03
C ALA B 207 -10.56 -59.64 10.63
N ASP B 208 -11.89 -59.57 10.59
CA ASP B 208 -12.59 -59.38 9.32
C ASP B 208 -12.26 -58.03 8.66
N ALA B 209 -11.69 -57.12 9.43
CA ALA B 209 -11.31 -55.80 8.92
C ALA B 209 -9.81 -55.71 8.67
N GLY B 210 -9.11 -56.85 8.77
CA GLY B 210 -7.69 -56.88 8.51
C GLY B 210 -6.80 -57.10 9.73
N GLY B 211 -7.38 -56.96 10.91
CA GLY B 211 -6.68 -57.23 12.17
C GLY B 211 -5.52 -56.28 12.51
N TRP B 212 -5.41 -55.18 11.77
CA TRP B 212 -4.28 -54.28 11.96
C TRP B 212 -4.41 -53.46 13.24
N THR B 213 -3.26 -53.05 13.76
CA THR B 213 -3.17 -52.16 14.92
C THR B 213 -2.78 -50.74 14.48
N VAL B 214 -3.40 -49.74 15.07
CA VAL B 214 -3.02 -48.35 14.84
C VAL B 214 -2.64 -47.73 16.16
N GLY B 215 -1.45 -47.16 16.25
CA GLY B 215 -0.98 -46.51 17.47
C GLY B 215 -0.67 -45.04 17.28
N ALA B 216 -0.75 -44.26 18.36
CA ALA B 216 -0.39 -42.86 18.27
C ALA B 216 0.46 -42.44 19.45
N LEU B 217 1.46 -41.60 19.17
CA LEU B 217 2.27 -41.00 20.24
C LEU B 217 2.30 -39.49 20.02
N VAL B 218 1.81 -38.75 21.01
CA VAL B 218 1.75 -37.30 20.85
C VAL B 218 2.62 -36.57 21.87
N GLN B 219 3.01 -35.36 21.49
CA GLN B 219 3.62 -34.44 22.43
C GLN B 219 2.68 -33.22 22.46
N ALA B 220 1.85 -33.16 23.48
CA ALA B 220 0.75 -32.21 23.54
C ALA B 220 1.16 -30.95 24.26
N ASN B 221 1.08 -29.82 23.55
CA ASN B 221 1.51 -28.54 24.10
C ASN B 221 0.62 -27.40 23.60
N TYR B 222 -0.67 -27.66 23.44
CA TYR B 222 -1.58 -26.73 22.77
C TYR B 222 -2.77 -26.41 23.68
N GLY B 223 -3.52 -25.39 23.31
CA GLY B 223 -4.91 -25.26 23.76
C GLY B 223 -5.22 -24.36 24.93
N VAL B 224 -6.40 -23.74 24.88
CA VAL B 224 -6.87 -22.93 26.00
C VAL B 224 -7.80 -23.75 26.88
N ARG B 225 -7.82 -23.40 28.15
CA ARG B 225 -8.57 -24.13 29.18
C ARG B 225 -10.02 -24.47 28.81
N GLU B 226 -10.82 -23.45 28.53
CA GLU B 226 -12.25 -23.60 28.24
C GLU B 226 -12.55 -24.58 27.10
N MET B 227 -11.57 -24.80 26.22
CA MET B 227 -11.83 -25.67 25.07
C MET B 227 -11.72 -27.17 25.35
N LEU B 228 -11.15 -27.55 26.51
CA LEU B 228 -10.92 -28.96 26.81
C LEU B 228 -12.20 -29.79 26.76
N ARG B 229 -12.17 -30.87 25.99
CA ARG B 229 -13.28 -31.80 25.89
C ARG B 229 -12.75 -33.22 26.11
N VAL B 230 -13.39 -33.96 27.02
CA VAL B 230 -12.99 -35.33 27.28
C VAL B 230 -14.15 -36.27 26.99
N ALA B 231 -13.94 -37.17 26.02
CA ALA B 231 -15.01 -38.04 25.50
C ALA B 231 -16.21 -37.23 25.02
N GLY B 232 -15.94 -36.01 24.54
CA GLY B 232 -16.97 -35.12 24.05
C GLY B 232 -17.53 -34.16 25.08
N TYR B 233 -17.36 -34.48 26.35
CA TYR B 233 -17.95 -33.66 27.42
C TYR B 233 -17.14 -32.39 27.68
N PRO B 234 -17.83 -31.25 27.82
CA PRO B 234 -17.19 -29.93 27.92
C PRO B 234 -16.57 -29.69 29.30
N VAL B 235 -15.61 -30.52 29.70
CA VAL B 235 -15.04 -30.42 31.04
C VAL B 235 -14.28 -29.12 31.24
N GLY B 236 -13.73 -28.58 30.16
CA GLY B 236 -13.02 -27.32 30.21
C GLY B 236 -13.88 -26.16 30.72
N GLU B 237 -15.17 -26.20 30.41
CA GLU B 237 -16.06 -25.09 30.80
C GLU B 237 -16.25 -25.02 32.31
N VAL B 238 -16.11 -26.15 33.00
CA VAL B 238 -16.24 -26.16 34.45
C VAL B 238 -14.89 -26.27 35.16
N LEU B 239 -13.82 -25.97 34.44
CA LEU B 239 -12.50 -26.01 35.04
C LEU B 239 -11.79 -24.67 34.89
N ARG B 240 -12.53 -23.63 34.51
CA ARG B 240 -11.95 -22.31 34.32
C ARG B 240 -11.34 -21.71 35.58
N HIS B 241 -11.83 -22.13 36.74
CA HIS B 241 -11.40 -21.59 38.02
C HIS B 241 -9.99 -22.02 38.44
N VAL B 242 -9.54 -23.17 37.93
CA VAL B 242 -8.21 -23.68 38.27
C VAL B 242 -7.13 -22.73 37.76
N PRO B 243 -6.16 -22.39 38.63
CA PRO B 243 -5.05 -21.51 38.27
C PRO B 243 -4.31 -21.92 36.99
N SER B 244 -3.82 -20.92 36.26
CA SER B 244 -3.12 -21.16 35.01
C SER B 244 -1.76 -20.48 34.98
N PRO B 245 -0.77 -21.13 34.35
CA PRO B 245 0.55 -20.49 34.24
C PRO B 245 0.53 -19.27 33.31
N PHE B 246 -0.55 -19.07 32.57
CA PHE B 246 -0.62 -17.99 31.59
C PHE B 246 -1.31 -16.73 32.13
N SER B 259 1.31 -25.94 20.37
CA SER B 259 1.77 -26.92 19.39
C SER B 259 1.43 -28.34 19.81
N ILE B 260 1.26 -29.23 18.84
CA ILE B 260 1.20 -30.65 19.14
C ILE B 260 1.76 -31.44 17.96
N VAL B 261 2.73 -32.32 18.26
CA VAL B 261 3.26 -33.17 17.22
C VAL B 261 2.67 -34.56 17.42
N VAL B 262 2.26 -35.18 16.31
CA VAL B 262 1.61 -36.47 16.36
C VAL B 262 2.32 -37.46 15.46
N THR B 263 2.65 -38.64 15.98
CA THR B 263 3.08 -39.73 15.14
C THR B 263 2.07 -40.87 15.23
N ILE B 264 1.57 -41.27 14.08
CA ILE B 264 0.68 -42.43 13.97
C ILE B 264 1.46 -43.56 13.34
N ALA B 265 1.38 -44.74 13.95
CA ALA B 265 2.00 -45.94 13.40
C ALA B 265 0.94 -47.01 13.16
N THR B 266 1.17 -47.83 12.14
CA THR B 266 0.28 -48.97 11.89
C THR B 266 1.00 -50.12 11.21
N ASP B 267 0.56 -51.36 11.46
CA ASP B 267 1.12 -52.50 10.73
C ASP B 267 0.29 -52.84 9.50
N ALA B 268 -0.72 -52.02 9.20
CA ALA B 268 -1.38 -52.14 7.90
C ALA B 268 -0.37 -51.81 6.79
N PRO B 269 -0.45 -52.54 5.65
CA PRO B 269 0.47 -52.22 4.55
C PRO B 269 0.01 -51.01 3.73
N LEU B 270 0.20 -49.80 4.27
CA LEU B 270 -0.19 -48.58 3.60
C LEU B 270 0.92 -48.05 2.70
N LEU B 271 0.55 -47.65 1.49
CA LEU B 271 1.43 -46.99 0.53
C LEU B 271 1.64 -45.54 0.95
N PRO B 272 2.65 -44.84 0.38
CA PRO B 272 2.90 -43.45 0.76
C PRO B 272 1.66 -42.55 0.73
N HIS B 273 0.85 -42.60 -0.33
CA HIS B 273 -0.31 -41.70 -0.43
C HIS B 273 -1.38 -42.03 0.63
N GLN B 274 -1.40 -43.28 1.08
CA GLN B 274 -2.36 -43.74 2.09
C GLN B 274 -1.93 -43.31 3.46
N CYS B 275 -0.62 -43.24 3.67
CA CYS B 275 -0.09 -42.73 4.94
C CYS B 275 -0.44 -41.25 5.11
N THR B 276 -0.43 -40.49 4.00
CA THR B 276 -0.83 -39.08 4.04
C THR B 276 -2.28 -38.94 4.47
N ARG B 277 -3.15 -39.77 3.90
CA ARG B 277 -4.56 -39.79 4.29
C ARG B 277 -4.67 -40.13 5.78
N LEU B 278 -3.90 -41.11 6.24
CA LEU B 278 -3.98 -41.53 7.63
C LEU B 278 -3.49 -40.40 8.56
N ALA B 279 -2.41 -39.74 8.17
CA ALA B 279 -1.84 -38.66 8.96
C ALA B 279 -2.86 -37.53 9.19
N GLN B 280 -3.69 -37.23 8.20
CA GLN B 280 -4.60 -36.10 8.37
C GLN B 280 -5.70 -36.42 9.41
N ARG B 281 -5.92 -37.69 9.72
CA ARG B 281 -6.97 -38.00 10.70
C ARG B 281 -6.54 -37.60 12.12
N ALA B 282 -5.28 -37.22 12.28
CA ALA B 282 -4.88 -36.61 13.55
C ALA B 282 -5.63 -35.28 13.78
N SER B 283 -6.00 -34.60 12.68
CA SER B 283 -6.84 -33.39 12.80
C SER B 283 -8.12 -33.71 13.54
N VAL B 284 -8.69 -34.88 13.19
CA VAL B 284 -9.98 -35.28 13.73
C VAL B 284 -9.89 -35.55 15.22
N GLY B 285 -8.88 -36.32 15.62
CA GLY B 285 -8.66 -36.62 17.03
C GLY B 285 -8.38 -35.37 17.85
N LEU B 286 -7.48 -34.54 17.33
CA LEU B 286 -7.11 -33.30 18.00
C LEU B 286 -8.31 -32.36 18.15
N ALA B 287 -9.13 -32.29 17.10
CA ALA B 287 -10.29 -31.40 17.11
C ALA B 287 -11.25 -31.83 18.21
N ARG B 288 -11.36 -33.13 18.44
CA ARG B 288 -12.32 -33.63 19.42
C ARG B 288 -11.93 -33.36 20.86
N VAL B 289 -10.66 -33.09 21.11
CA VAL B 289 -10.22 -32.74 22.46
C VAL B 289 -10.25 -31.21 22.67
N GLY B 290 -10.34 -30.46 21.56
CA GLY B 290 -10.49 -29.02 21.66
C GLY B 290 -9.36 -28.24 21.04
N GLY B 291 -8.60 -28.91 20.17
CA GLY B 291 -7.47 -28.27 19.50
C GLY B 291 -7.79 -27.86 18.09
N GLY B 292 -6.77 -27.36 17.40
CA GLY B 292 -6.85 -27.04 16.00
C GLY B 292 -7.31 -25.65 15.60
N THR B 293 -7.44 -24.72 16.56
CA THR B 293 -7.94 -23.37 16.24
C THR B 293 -6.99 -22.24 16.69
N GLU B 294 -5.72 -22.57 16.95
CA GLU B 294 -4.74 -21.57 17.37
C GLU B 294 -3.72 -21.25 16.27
N ASP B 295 -3.58 -19.97 15.95
CA ASP B 295 -2.54 -19.55 15.02
C ASP B 295 -1.16 -19.95 15.50
N SER B 296 -0.96 -19.92 16.81
CA SER B 296 0.37 -20.11 17.38
C SER B 296 0.78 -21.58 17.52
N SER B 297 -0.11 -22.52 17.21
CA SER B 297 0.12 -23.93 17.51
C SER B 297 0.71 -24.71 16.34
N GLY B 298 1.93 -25.21 16.50
CA GLY B 298 2.53 -26.06 15.49
C GLY B 298 1.91 -27.44 15.52
N ASP B 299 0.90 -27.66 14.68
CA ASP B 299 0.19 -28.94 14.67
C ASP B 299 0.62 -29.75 13.44
N ILE B 300 1.60 -30.61 13.64
CA ILE B 300 2.28 -31.31 12.55
C ILE B 300 2.22 -32.81 12.80
N PHE B 301 1.72 -33.54 11.81
CA PHE B 301 1.39 -34.97 11.96
C PHE B 301 2.17 -35.85 10.99
N LEU B 302 2.66 -36.98 11.48
CA LEU B 302 3.39 -37.94 10.68
C LEU B 302 2.75 -39.32 10.87
N ALA B 303 2.56 -40.06 9.78
CA ALA B 303 2.09 -41.44 9.89
C ALA B 303 3.02 -42.36 9.11
N PHE B 304 3.43 -43.47 9.73
CA PHE B 304 4.20 -44.47 9.01
C PHE B 304 3.57 -45.83 9.19
N ALA B 305 3.86 -46.70 8.22
CA ALA B 305 3.29 -48.03 8.16
C ALA B 305 4.41 -49.06 8.10
N THR B 306 4.22 -50.18 8.79
CA THR B 306 5.22 -51.23 8.87
C THR B 306 4.84 -52.47 8.05
N GLY B 307 3.63 -52.46 7.49
CA GLY B 307 3.06 -53.61 6.78
C GLY B 307 3.90 -54.10 5.62
N ASN B 308 4.46 -53.17 4.86
CA ASN B 308 5.46 -53.55 3.86
C ASN B 308 6.82 -53.48 4.53
N ASP B 309 7.52 -54.62 4.54
CA ASP B 309 8.84 -54.68 5.16
C ASP B 309 9.94 -55.17 4.23
N GLY B 310 9.74 -55.06 2.93
CA GLY B 310 10.76 -55.53 2.02
C GLY B 310 11.33 -54.41 1.17
N LEU B 311 11.19 -53.19 1.66
CA LEU B 311 11.61 -52.02 0.89
C LEU B 311 13.12 -51.90 0.83
N PRO B 312 13.64 -51.44 -0.32
CA PRO B 312 15.08 -51.34 -0.55
C PRO B 312 15.68 -50.18 0.21
N ALA B 313 16.76 -50.45 0.94
CA ALA B 313 17.50 -49.39 1.60
C ALA B 313 18.17 -48.52 0.54
N ALA B 314 18.29 -47.23 0.83
CA ALA B 314 18.91 -46.29 -0.09
C ALA B 314 20.41 -46.53 -0.19
N ASN B 315 20.91 -46.70 -1.40
CA ASN B 315 22.34 -46.89 -1.65
C ASN B 315 22.70 -46.40 -3.04
N TYR B 316 22.95 -45.10 -3.17
CA TYR B 316 23.11 -44.48 -4.48
C TYR B 316 24.37 -44.95 -5.21
N GLY B 317 24.22 -45.31 -6.48
CA GLY B 317 25.34 -45.83 -7.24
C GLY B 317 25.30 -47.35 -7.32
N SER B 318 24.48 -47.95 -6.48
CA SER B 318 24.36 -49.40 -6.41
C SER B 318 22.96 -49.85 -6.81
N LYS B 319 22.81 -50.35 -8.04
CA LYS B 319 21.49 -50.54 -8.66
C LYS B 319 20.94 -51.96 -8.48
N GLY B 320 19.64 -52.06 -8.18
CA GLY B 320 19.02 -53.37 -8.01
C GLY B 320 18.05 -53.71 -9.12
N ALA B 321 17.05 -54.51 -8.81
CA ALA B 321 16.04 -54.94 -9.79
C ALA B 321 15.11 -53.77 -10.12
N PRO B 322 14.47 -53.83 -11.29
CA PRO B 322 13.59 -52.74 -11.73
C PRO B 322 12.43 -52.47 -10.78
N THR B 323 11.83 -53.51 -10.21
CA THR B 323 10.64 -53.29 -9.39
C THR B 323 10.65 -54.02 -8.05
N THR B 324 9.75 -53.61 -7.17
CA THR B 324 9.50 -54.31 -5.92
C THR B 324 8.01 -54.59 -5.79
N GLY B 325 7.67 -55.81 -5.43
CA GLY B 325 6.28 -56.15 -5.17
C GLY B 325 5.94 -55.67 -3.78
N VAL B 326 4.84 -54.92 -3.67
CA VAL B 326 4.42 -54.46 -2.36
C VAL B 326 2.93 -54.74 -2.15
N LYS B 327 2.47 -54.53 -0.92
CA LYS B 327 1.09 -54.69 -0.53
C LYS B 327 0.41 -53.34 -0.37
N MET B 328 -0.88 -53.29 -0.72
CA MET B 328 -1.70 -52.09 -0.57
C MET B 328 -3.04 -52.42 0.09
N VAL B 329 -3.42 -51.63 1.10
CA VAL B 329 -4.74 -51.75 1.70
C VAL B 329 -5.77 -51.22 0.70
N ASN B 330 -6.82 -52.00 0.44
CA ASN B 330 -7.88 -51.55 -0.46
C ASN B 330 -8.71 -50.45 0.20
N ASN B 331 -9.20 -49.51 -0.59
CA ASN B 331 -9.84 -48.32 -0.01
C ASN B 331 -11.12 -48.65 0.76
N ASP B 332 -11.74 -49.81 0.49
CA ASP B 332 -12.92 -50.20 1.26
C ASP B 332 -12.53 -50.83 2.61
N HIS B 333 -11.23 -50.83 2.89
CA HIS B 333 -10.75 -51.25 4.22
C HIS B 333 -10.03 -50.13 4.97
N ILE B 334 -9.84 -48.99 4.32
CA ILE B 334 -9.05 -47.94 4.95
C ILE B 334 -9.87 -47.07 5.93
N SER B 335 -11.19 -47.02 5.78
CA SER B 335 -12.01 -46.21 6.71
C SER B 335 -11.86 -46.67 8.16
N ALA B 336 -11.76 -47.97 8.37
CA ALA B 336 -11.59 -48.51 9.71
C ALA B 336 -10.26 -48.07 10.33
N LEU B 337 -9.26 -47.83 9.48
CA LEU B 337 -7.97 -47.31 9.91
C LEU B 337 -8.07 -45.82 10.26
N PHE B 338 -8.84 -45.07 9.45
CA PHE B 338 -9.12 -43.65 9.73
C PHE B 338 -9.75 -43.48 11.12
N VAL B 339 -10.81 -44.25 11.38
CA VAL B 339 -11.48 -44.20 12.69
C VAL B 339 -10.49 -44.50 13.82
N ALA B 340 -9.72 -45.56 13.62
CA ALA B 340 -8.77 -46.03 14.64
C ALA B 340 -7.74 -44.96 14.94
N ALA B 341 -7.21 -44.33 13.90
CA ALA B 341 -6.21 -43.29 14.09
C ALA B 341 -6.81 -42.10 14.86
N ALA B 342 -8.01 -41.68 14.48
CA ALA B 342 -8.66 -40.53 15.12
C ALA B 342 -8.90 -40.80 16.62
N GLU B 343 -9.38 -41.99 16.93
CA GLU B 343 -9.60 -42.39 18.32
C GLU B 343 -8.27 -42.46 19.10
N ALA B 344 -7.23 -43.01 18.46
CA ALA B 344 -5.95 -43.18 19.14
C ALA B 344 -5.33 -41.84 19.50
N VAL B 345 -5.43 -40.88 18.58
CA VAL B 345 -4.91 -39.54 18.79
C VAL B 345 -5.68 -38.82 19.90
N GLU B 346 -7.01 -38.94 19.88
CA GLU B 346 -7.86 -38.33 20.90
C GLU B 346 -7.50 -38.86 22.29
N GLU B 347 -7.42 -40.19 22.42
CA GLU B 347 -7.13 -40.77 23.73
C GLU B 347 -5.69 -40.46 24.16
N ALA B 348 -4.78 -40.37 23.19
CA ALA B 348 -3.38 -40.09 23.48
C ALA B 348 -3.24 -38.74 24.15
N ILE B 349 -3.95 -37.75 23.65
CA ILE B 349 -3.93 -36.41 24.23
C ILE B 349 -4.52 -36.42 25.63
N VAL B 350 -5.68 -37.05 25.78
CA VAL B 350 -6.28 -37.09 27.10
C VAL B 350 -5.35 -37.86 28.04
N ASN B 351 -4.69 -38.91 27.56
CA ASN B 351 -3.72 -39.64 28.38
C ASN B 351 -2.56 -38.75 28.84
N ALA B 352 -2.09 -37.86 27.97
CA ALA B 352 -1.00 -36.96 28.32
C ALA B 352 -1.41 -36.06 29.49
N LEU B 353 -2.63 -35.55 29.43
CA LEU B 353 -3.19 -34.71 30.48
C LEU B 353 -3.36 -35.46 31.79
N VAL B 354 -3.89 -36.67 31.72
CA VAL B 354 -4.17 -37.45 32.92
C VAL B 354 -2.86 -37.81 33.63
N ALA B 355 -1.81 -38.04 32.84
CA ALA B 355 -0.52 -38.39 33.41
C ALA B 355 0.29 -37.18 33.89
N GLY B 356 -0.11 -35.98 33.49
CA GLY B 356 0.65 -34.79 33.84
C GLY B 356 0.56 -34.44 35.31
N GLY B 357 1.67 -33.98 35.88
CA GLY B 357 1.69 -33.59 37.28
C GLY B 357 2.04 -32.14 37.46
N ASP B 358 1.89 -31.63 38.68
CA ASP B 358 2.20 -30.23 39.00
C ASP B 358 3.68 -29.93 38.74
N VAL B 359 3.96 -28.77 38.18
CA VAL B 359 5.34 -28.33 37.94
C VAL B 359 5.48 -26.84 38.25
N GLU B 360 6.51 -26.49 39.02
CA GLU B 360 6.86 -25.09 39.25
C GLU B 360 8.27 -24.84 38.69
N SER B 361 8.40 -23.87 37.80
CA SER B 361 9.69 -23.63 37.15
C SER B 361 9.75 -22.25 36.50
N ARG B 362 10.87 -21.57 36.72
CA ARG B 362 11.17 -20.26 36.13
C ARG B 362 10.07 -19.22 36.41
N GLY B 363 9.49 -19.30 37.60
CA GLY B 363 8.51 -18.32 38.05
C GLY B 363 7.09 -18.64 37.60
N ALA B 364 6.91 -19.79 36.97
CA ALA B 364 5.60 -20.22 36.49
C ALA B 364 5.17 -21.53 37.16
N ARG B 365 3.88 -21.65 37.43
CA ARG B 365 3.34 -22.86 38.04
C ARG B 365 2.22 -23.42 37.18
N VAL B 366 2.25 -24.72 36.93
CA VAL B 366 1.18 -25.38 36.20
C VAL B 366 0.69 -26.59 36.99
N GLU B 367 -0.62 -26.80 36.98
CA GLU B 367 -1.21 -27.92 37.70
C GLU B 367 -1.47 -29.08 36.75
N GLY B 368 -1.28 -30.30 37.24
CA GLY B 368 -1.75 -31.47 36.52
C GLY B 368 -3.28 -31.44 36.58
N LEU B 369 -3.93 -31.92 35.52
CA LEU B 369 -5.39 -31.96 35.47
C LEU B 369 -5.97 -32.64 36.71
N GLY B 370 -5.40 -33.77 37.09
CA GLY B 370 -5.85 -34.47 38.28
C GLY B 370 -6.93 -35.49 37.98
N GLN B 371 -6.66 -36.75 38.31
CA GLN B 371 -7.61 -37.81 38.05
C GLN B 371 -8.96 -37.61 38.72
N ALA B 372 -8.95 -37.34 40.02
CA ALA B 372 -10.20 -37.17 40.75
C ALA B 372 -10.93 -35.92 40.25
N ARG B 373 -10.17 -34.87 39.97
CA ARG B 373 -10.76 -33.62 39.48
C ARG B 373 -11.41 -33.78 38.10
N LEU B 374 -10.78 -34.59 37.24
CA LEU B 374 -11.34 -34.81 35.92
C LEU B 374 -12.66 -35.56 36.04
N LEU B 375 -12.70 -36.59 36.88
CA LEU B 375 -13.93 -37.33 37.10
C LEU B 375 -15.05 -36.45 37.65
N ASP B 376 -14.71 -35.54 38.57
CA ASP B 376 -15.72 -34.64 39.14
C ASP B 376 -16.28 -33.72 38.08
N ALA B 377 -15.41 -33.16 37.26
CA ALA B 377 -15.82 -32.26 36.20
C ALA B 377 -16.67 -33.00 35.18
N LEU B 378 -16.28 -34.23 34.86
CA LEU B 378 -17.05 -35.05 33.94
C LEU B 378 -18.47 -35.28 34.47
N ARG B 379 -18.59 -35.63 35.74
CA ARG B 379 -19.91 -35.89 36.32
C ARG B 379 -20.74 -34.62 36.32
N GLU B 380 -20.08 -33.49 36.57
CA GLU B 380 -20.76 -32.20 36.62
C GLU B 380 -21.43 -31.83 35.29
N VAL B 381 -20.84 -32.24 34.17
CA VAL B 381 -21.41 -31.91 32.87
C VAL B 381 -22.18 -33.09 32.28
N GLY B 382 -22.53 -34.06 33.13
CA GLY B 382 -23.49 -35.09 32.77
C GLY B 382 -22.94 -36.46 32.42
N TRP B 383 -21.62 -36.60 32.44
CA TRP B 383 -21.01 -37.89 32.10
C TRP B 383 -21.19 -38.91 33.23
N ARG B 384 -21.41 -40.17 32.87
CA ARG B 384 -21.52 -41.24 33.85
C ARG B 384 -20.78 -42.45 33.33
N PRO B 385 -20.17 -43.23 34.24
CA PRO B 385 -19.46 -44.44 33.83
C PRO B 385 -20.47 -45.56 33.50
N MET C 21 35.70 -13.57 -17.02
CA MET C 21 35.53 -14.01 -15.65
C MET C 21 34.16 -14.66 -15.45
N ARG C 22 33.06 -13.91 -15.51
CA ARG C 22 31.75 -14.56 -15.37
C ARG C 22 31.13 -14.86 -16.74
N THR C 23 29.99 -15.55 -16.73
CA THR C 23 29.37 -16.04 -17.96
C THR C 23 29.17 -14.93 -18.98
N ARG C 24 28.55 -13.84 -18.53
CA ARG C 24 28.23 -12.70 -19.37
C ARG C 24 29.50 -11.99 -19.89
N ASP C 25 30.56 -12.03 -19.10
CA ASP C 25 31.83 -11.40 -19.48
C ASP C 25 32.48 -12.15 -20.62
N LEU C 26 32.05 -13.40 -20.83
CA LEU C 26 32.56 -14.21 -21.93
C LEU C 26 31.78 -13.92 -23.21
N GLY C 27 30.81 -13.01 -23.12
CA GLY C 27 29.94 -12.69 -24.23
C GLY C 27 28.77 -13.65 -24.32
N ILE C 28 28.63 -14.51 -23.33
CA ILE C 28 27.51 -15.45 -23.30
C ILE C 28 26.34 -14.80 -22.58
N ARG C 29 25.28 -14.56 -23.33
CA ARG C 29 24.13 -13.88 -22.76
C ARG C 29 22.98 -14.86 -22.58
N ILE C 30 22.52 -14.99 -21.35
CA ILE C 30 21.42 -15.89 -21.01
C ILE C 30 20.09 -15.17 -21.00
N GLY C 31 19.15 -15.65 -21.80
CA GLY C 31 17.84 -15.05 -21.86
C GLY C 31 17.90 -13.67 -22.50
N LEU C 32 16.84 -12.89 -22.30
CA LEU C 32 16.73 -11.60 -22.98
C LEU C 32 16.74 -10.37 -22.05
N GLY C 33 16.67 -10.60 -20.74
CA GLY C 33 16.52 -9.53 -19.77
C GLY C 33 17.83 -8.84 -19.45
N THR C 34 17.76 -7.78 -18.67
CA THR C 34 18.94 -6.98 -18.31
C THR C 34 19.34 -7.12 -16.84
N PRO C 35 20.60 -7.48 -16.59
CA PRO C 35 21.02 -7.68 -15.20
C PRO C 35 21.12 -6.39 -14.41
N GLY C 36 21.02 -6.50 -13.09
CA GLY C 36 21.27 -5.40 -12.18
C GLY C 36 22.76 -5.13 -12.11
N ARG C 37 23.13 -4.16 -11.28
CA ARG C 37 24.49 -3.66 -11.18
C ARG C 37 25.55 -4.74 -10.88
N PHE C 38 25.28 -5.59 -9.89
CA PHE C 38 26.25 -6.61 -9.53
C PHE C 38 26.00 -7.93 -10.25
N ASN C 39 24.86 -8.00 -10.96
CA ASN C 39 24.35 -9.27 -11.49
C ASN C 39 24.38 -10.33 -10.41
N ALA C 40 23.68 -10.07 -9.31
CA ALA C 40 23.70 -10.94 -8.14
C ALA C 40 22.45 -10.69 -7.31
N ILE C 41 22.17 -11.59 -6.36
CA ILE C 41 20.99 -11.46 -5.51
C ILE C 41 21.06 -10.16 -4.69
N THR C 42 22.28 -9.66 -4.49
CA THR C 42 22.51 -8.43 -3.74
C THR C 42 22.04 -7.18 -4.49
N ASP C 43 21.62 -7.33 -5.74
CA ASP C 43 20.98 -6.23 -6.48
C ASP C 43 19.61 -5.91 -5.89
N VAL C 44 19.00 -6.86 -5.17
CA VAL C 44 17.82 -6.57 -4.37
C VAL C 44 18.30 -5.80 -3.16
N PRO C 45 17.94 -4.52 -3.05
CA PRO C 45 18.52 -3.66 -2.01
C PRO C 45 18.36 -4.21 -0.60
N GLY C 46 19.43 -4.20 0.18
CA GLY C 46 19.37 -4.64 1.56
C GLY C 46 19.80 -6.08 1.73
N VAL C 47 19.68 -6.87 0.66
CA VAL C 47 20.06 -8.27 0.73
C VAL C 47 21.58 -8.42 0.82
N ARG C 48 22.02 -9.26 1.74
CA ARG C 48 23.44 -9.43 2.04
C ARG C 48 23.83 -10.91 1.95
N VAL C 49 25.05 -11.19 1.51
CA VAL C 49 25.53 -12.56 1.39
C VAL C 49 26.91 -12.73 2.01
N GLY C 50 27.11 -13.82 2.76
CA GLY C 50 28.43 -14.11 3.33
C GLY C 50 28.78 -15.58 3.22
N HIS C 51 30.06 -15.87 2.96
CA HIS C 51 30.53 -17.25 2.86
C HIS C 51 31.49 -17.55 4.01
N CYS C 52 31.52 -18.81 4.44
CA CYS C 52 32.65 -19.33 5.21
C CYS C 52 33.11 -20.61 4.53
N THR C 53 34.35 -20.60 4.06
CA THR C 53 34.89 -21.68 3.24
C THR C 53 35.89 -22.54 4.02
N LEU C 54 35.65 -23.85 4.07
CA LEU C 54 36.55 -24.78 4.75
C LEU C 54 37.30 -25.64 3.75
N ASN C 55 38.61 -25.51 3.72
CA ASN C 55 39.40 -26.36 2.85
C ASN C 55 40.63 -26.79 3.64
N GLU C 56 40.72 -28.09 3.93
CA GLU C 56 41.82 -28.63 4.71
C GLU C 56 42.13 -30.03 4.22
N GLU C 57 43.37 -30.24 3.81
CA GLU C 57 43.80 -31.53 3.29
C GLU C 57 44.08 -32.49 4.44
N ASN C 58 43.42 -33.65 4.45
CA ASN C 58 43.67 -34.63 5.50
C ASN C 58 43.14 -36.02 5.15
N GLY C 59 43.69 -36.62 4.09
CA GLY C 59 43.25 -37.92 3.61
C GLY C 59 41.75 -38.14 3.44
N ASP C 60 41.19 -39.12 4.14
CA ASP C 60 39.77 -39.44 3.96
C ASP C 60 39.00 -38.60 4.98
N ALA C 61 39.71 -37.70 5.63
CA ALA C 61 39.11 -36.79 6.60
C ALA C 61 39.26 -35.36 6.10
N SER C 62 39.55 -35.23 4.80
CA SER C 62 39.67 -33.91 4.17
C SER C 62 38.36 -33.15 4.27
N ILE C 63 38.47 -31.84 4.45
CA ILE C 63 37.31 -30.98 4.59
C ILE C 63 37.17 -30.13 3.33
N ARG C 64 36.05 -30.28 2.63
CA ARG C 64 35.77 -29.43 1.49
C ARG C 64 34.31 -29.03 1.58
N THR C 65 34.02 -28.07 2.44
CA THR C 65 32.64 -27.72 2.74
C THR C 65 32.58 -26.32 3.33
N GLY C 66 31.42 -25.96 3.87
CA GLY C 66 31.26 -24.66 4.48
C GLY C 66 29.81 -24.24 4.60
N VAL C 67 29.59 -22.95 4.74
CA VAL C 67 28.26 -22.44 4.90
C VAL C 67 28.14 -21.08 4.21
N THR C 68 27.01 -20.86 3.54
CA THR C 68 26.67 -19.57 2.94
C THR C 68 25.44 -19.01 3.63
N VAL C 69 25.46 -17.70 3.93
CA VAL C 69 24.29 -17.08 4.53
C VAL C 69 23.74 -15.97 3.65
N ILE C 70 22.42 -15.86 3.66
CA ILE C 70 21.72 -14.77 3.00
C ILE C 70 20.96 -14.02 4.07
N GLU C 71 21.24 -12.73 4.20
CA GLU C 71 20.42 -11.86 5.04
C GLU C 71 19.37 -11.22 4.13
N PRO C 72 18.08 -11.42 4.43
CA PRO C 72 17.04 -10.86 3.58
C PRO C 72 16.88 -9.34 3.72
N ARG C 73 17.38 -8.76 4.80
CA ARG C 73 17.22 -7.31 5.08
C ARG C 73 18.55 -6.63 5.38
N ALA C 74 18.55 -5.30 5.37
CA ALA C 74 19.74 -4.55 5.74
C ALA C 74 20.06 -4.77 7.21
N GLY C 75 19.02 -4.93 8.02
CA GLY C 75 19.17 -5.22 9.44
C GLY C 75 18.66 -6.61 9.81
N ALA C 76 18.27 -6.77 11.06
CA ALA C 76 17.83 -8.06 11.56
C ALA C 76 16.52 -8.53 10.91
N ALA C 77 16.53 -9.76 10.40
CA ALA C 77 15.36 -10.35 9.74
C ALA C 77 14.16 -10.45 10.68
N HIS C 78 14.41 -10.78 11.95
CA HIS C 78 13.33 -10.92 12.92
C HIS C 78 12.50 -9.64 13.00
N ASP C 79 13.15 -8.48 12.89
CA ASP C 79 12.44 -7.21 13.08
C ASP C 79 11.73 -6.72 11.85
N SER C 80 12.09 -7.28 10.70
CA SER C 80 11.44 -6.90 9.45
C SER C 80 11.19 -8.14 8.58
N PRO C 81 10.13 -8.89 8.91
CA PRO C 81 9.79 -10.11 8.18
C PRO C 81 9.56 -9.88 6.70
N CYS C 82 9.88 -10.88 5.88
CA CYS C 82 9.58 -10.83 4.45
C CYS C 82 8.53 -11.87 4.10
N PHE C 83 7.60 -11.50 3.23
CA PHE C 83 6.74 -12.50 2.65
C PHE C 83 7.61 -13.48 1.84
N ALA C 84 7.23 -14.75 1.84
CA ALA C 84 8.04 -15.77 1.20
C ALA C 84 7.20 -16.99 0.85
N GLY C 85 7.77 -17.85 0.00
CA GLY C 85 7.08 -19.07 -0.39
C GLY C 85 8.12 -20.08 -0.82
N VAL C 86 7.71 -21.35 -0.85
CA VAL C 86 8.63 -22.41 -1.28
C VAL C 86 8.03 -23.25 -2.37
N HIS C 87 8.88 -23.80 -3.24
CA HIS C 87 8.43 -24.83 -4.15
C HIS C 87 9.43 -25.99 -4.22
N VAL C 88 8.90 -27.22 -4.19
CA VAL C 88 9.75 -28.39 -4.26
C VAL C 88 9.52 -29.16 -5.56
N LEU C 89 10.53 -29.12 -6.44
CA LEU C 89 10.52 -29.91 -7.66
C LEU C 89 10.81 -31.38 -7.34
N ASN C 90 11.74 -31.61 -6.41
CA ASN C 90 12.09 -32.98 -6.01
C ASN C 90 12.69 -32.99 -4.61
N GLY C 91 11.92 -33.46 -3.63
CA GLY C 91 12.31 -33.32 -2.24
C GLY C 91 13.32 -34.29 -1.68
N ASN C 92 14.30 -34.72 -2.49
CA ASN C 92 15.34 -35.62 -2.01
C ASN C 92 16.43 -34.82 -1.32
N GLY C 93 16.02 -34.07 -0.28
CA GLY C 93 16.93 -33.21 0.45
C GLY C 93 16.31 -32.78 1.77
N ASP C 94 17.10 -32.11 2.59
CA ASP C 94 16.66 -31.73 3.92
C ASP C 94 16.63 -30.22 4.08
N ALA C 95 15.73 -29.72 4.90
CA ALA C 95 15.65 -28.28 5.17
C ALA C 95 14.98 -27.99 6.51
N THR C 96 15.32 -26.85 7.12
CA THR C 96 14.63 -26.42 8.34
C THR C 96 13.87 -25.13 8.05
N GLY C 97 12.87 -24.83 8.88
CA GLY C 97 12.15 -23.56 8.81
C GLY C 97 11.12 -23.44 7.70
N LEU C 98 10.89 -24.51 6.93
CA LEU C 98 10.01 -24.38 5.78
C LEU C 98 8.53 -24.48 6.11
N GLU C 99 8.17 -25.11 7.21
CA GLU C 99 6.73 -25.31 7.46
C GLU C 99 5.98 -24.01 7.72
N TRP C 100 6.59 -23.08 8.43
CA TRP C 100 5.93 -21.80 8.69
C TRP C 100 5.94 -20.94 7.43
N ILE C 101 6.93 -21.11 6.56
CA ILE C 101 6.89 -20.44 5.26
C ILE C 101 5.70 -20.95 4.44
N ARG C 102 5.46 -22.26 4.44
CA ARG C 102 4.26 -22.81 3.78
C ARG C 102 2.99 -22.25 4.38
N GLU C 103 2.95 -22.25 5.71
CA GLU C 103 1.73 -21.90 6.43
C GLU C 103 1.42 -20.39 6.36
N ALA C 104 2.40 -19.56 6.72
CA ALA C 104 2.13 -18.13 6.87
C ALA C 104 2.95 -17.25 5.93
N GLY C 105 3.86 -17.86 5.18
CA GLY C 105 4.67 -17.12 4.22
C GLY C 105 5.52 -16.01 4.82
N LEU C 106 6.08 -16.26 5.99
CA LEU C 106 6.89 -15.24 6.67
C LEU C 106 8.32 -15.74 6.94
N LEU C 107 9.27 -15.13 6.24
CA LEU C 107 10.69 -15.34 6.46
C LEU C 107 11.11 -14.38 7.56
N THR C 108 11.62 -14.93 8.67
CA THR C 108 11.88 -14.11 9.86
C THR C 108 13.31 -14.28 10.34
N THR C 109 14.14 -14.93 9.54
CA THR C 109 15.51 -15.27 9.90
C THR C 109 16.42 -15.13 8.69
N PRO C 110 17.74 -15.23 8.90
CA PRO C 110 18.59 -15.44 7.72
C PRO C 110 18.31 -16.80 7.09
N ILE C 111 18.82 -16.95 5.88
CA ILE C 111 18.85 -18.21 5.15
C ILE C 111 20.27 -18.70 5.07
N ALA C 112 20.48 -19.99 5.27
CA ALA C 112 21.81 -20.56 5.17
C ALA C 112 21.82 -21.80 4.26
N TYR C 113 22.91 -21.95 3.51
CA TYR C 113 23.21 -23.15 2.73
C TYR C 113 24.37 -23.89 3.36
N THR C 114 24.31 -25.22 3.45
CA THR C 114 25.48 -25.98 3.86
C THR C 114 25.40 -27.42 3.31
N ASN C 115 26.17 -28.36 3.84
CA ASN C 115 26.08 -29.75 3.40
C ASN C 115 25.02 -30.53 4.19
N THR C 116 24.63 -31.70 3.70
CA THR C 116 23.51 -32.46 4.25
C THR C 116 23.64 -32.83 5.73
N HIS C 117 24.85 -33.12 6.18
CA HIS C 117 25.01 -33.59 7.55
C HIS C 117 25.33 -32.47 8.54
N SER C 118 25.32 -31.23 8.07
CA SER C 118 25.60 -30.09 8.93
C SER C 118 24.40 -29.17 9.16
N VAL C 119 23.26 -29.53 8.59
CA VAL C 119 22.07 -28.66 8.66
C VAL C 119 21.63 -28.32 10.09
N GLY C 120 21.58 -29.33 10.96
CA GLY C 120 21.17 -29.10 12.33
C GLY C 120 22.07 -28.17 13.12
N ALA C 121 23.38 -28.38 13.02
CA ALA C 121 24.35 -27.55 13.72
C ALA C 121 24.23 -26.10 13.25
N VAL C 122 24.08 -25.91 11.94
CA VAL C 122 23.92 -24.58 11.36
C VAL C 122 22.61 -23.94 11.82
N ARG C 123 21.54 -24.72 11.82
CA ARG C 123 20.24 -24.20 12.22
C ARG C 123 20.26 -23.73 13.68
N ASP C 124 20.77 -24.56 14.58
CA ASP C 124 20.76 -24.20 15.99
C ASP C 124 21.76 -23.09 16.30
N ALA C 125 22.77 -22.94 15.45
CA ALA C 125 23.71 -21.83 15.58
C ALA C 125 23.00 -20.52 15.22
N LEU C 126 22.12 -20.57 14.22
CA LEU C 126 21.35 -19.39 13.84
C LEU C 126 20.32 -19.04 14.94
N VAL C 127 19.80 -20.04 15.62
CA VAL C 127 18.93 -19.78 16.76
C VAL C 127 19.69 -19.07 17.88
N ALA C 128 20.84 -19.61 18.25
CA ALA C 128 21.66 -19.02 19.30
C ALA C 128 22.03 -17.58 18.97
N ASN C 129 22.20 -17.29 17.69
CA ASN C 129 22.58 -15.94 17.25
C ASN C 129 21.53 -14.88 17.56
N GLU C 130 20.27 -15.30 17.73
CA GLU C 130 19.19 -14.35 18.03
C GLU C 130 18.94 -14.24 19.54
N ARG C 131 19.64 -15.04 20.33
CA ARG C 131 19.38 -15.07 21.77
C ARG C 131 19.54 -13.70 22.44
N GLU C 132 20.67 -13.03 22.20
CA GLU C 132 20.94 -11.74 22.85
C GLU C 132 19.88 -10.68 22.51
N ALA C 133 19.41 -10.64 21.27
CA ALA C 133 18.46 -9.62 20.86
C ALA C 133 17.03 -9.95 21.33
N ALA C 134 16.82 -11.18 21.80
CA ALA C 134 15.53 -11.56 22.34
C ALA C 134 15.34 -10.83 23.67
N ALA C 135 14.86 -9.59 23.61
CA ALA C 135 14.62 -8.81 24.83
C ALA C 135 13.31 -9.22 25.49
N GLY C 136 13.21 -10.48 25.90
CA GLY C 136 12.03 -10.95 26.61
C GLY C 136 10.84 -11.11 25.68
N ARG C 137 11.10 -11.04 24.38
CA ARG C 137 10.06 -11.25 23.36
C ARG C 137 9.76 -12.74 23.29
N VAL C 138 8.49 -13.07 23.27
CA VAL C 138 8.09 -14.47 23.24
C VAL C 138 7.92 -14.97 21.80
N TYR C 139 8.88 -15.78 21.35
CA TYR C 139 8.76 -16.43 20.06
C TYR C 139 9.75 -17.58 19.99
N TRP C 140 9.49 -18.47 19.04
CA TRP C 140 10.39 -19.59 18.80
C TRP C 140 11.09 -19.38 17.46
N CYS C 141 12.41 -19.37 17.48
CA CYS C 141 13.20 -19.08 16.31
C CYS C 141 13.22 -20.27 15.36
N MET C 142 12.89 -20.05 14.10
CA MET C 142 12.83 -21.13 13.11
C MET C 142 13.63 -20.79 11.84
N PRO C 143 14.97 -20.86 11.90
CA PRO C 143 15.83 -20.51 10.75
C PRO C 143 15.66 -21.41 9.53
N VAL C 144 15.84 -20.84 8.34
CA VAL C 144 15.78 -21.63 7.12
C VAL C 144 17.18 -22.07 6.73
N VAL C 145 17.41 -23.38 6.73
CA VAL C 145 18.69 -23.92 6.33
C VAL C 145 18.41 -24.96 5.26
N MET C 146 19.15 -24.88 4.16
CA MET C 146 19.00 -25.82 3.06
C MET C 146 20.36 -26.42 2.76
N GLU C 147 20.40 -27.48 1.94
CA GLU C 147 21.63 -28.23 1.77
C GLU C 147 21.77 -28.91 0.41
N THR C 148 23.01 -29.24 0.06
CA THR C 148 23.28 -30.23 -0.98
C THR C 148 24.40 -31.15 -0.46
N TYR C 149 24.65 -32.26 -1.16
CA TYR C 149 25.52 -33.33 -0.66
C TYR C 149 26.94 -33.32 -1.25
N ASP C 150 27.94 -32.97 -0.43
CA ASP C 150 29.33 -32.94 -0.89
C ASP C 150 30.12 -34.17 -0.45
N GLY C 151 29.46 -35.32 -0.37
CA GLY C 151 30.04 -36.55 0.15
C GLY C 151 31.25 -37.10 -0.59
N LEU C 152 31.41 -36.70 -1.86
CA LEU C 152 32.52 -37.21 -2.66
C LEU C 152 33.84 -36.51 -2.32
N LEU C 153 33.83 -35.18 -2.33
CA LEU C 153 35.02 -34.38 -2.09
C LEU C 153 35.21 -34.01 -0.63
N ASN C 154 34.14 -34.08 0.14
CA ASN C 154 34.17 -33.67 1.55
C ASN C 154 33.92 -34.85 2.48
N ASP C 155 34.54 -34.80 3.66
CA ASP C 155 34.29 -35.78 4.71
C ASP C 155 32.95 -35.45 5.38
N ILE C 156 31.86 -35.83 4.72
CA ILE C 156 30.56 -35.34 5.12
C ILE C 156 30.09 -35.99 6.43
N TRP C 157 30.61 -37.18 6.72
CA TRP C 157 30.28 -37.85 7.98
C TRP C 157 31.04 -37.24 9.15
N GLY C 158 32.08 -36.47 8.83
CA GLY C 158 32.90 -35.84 9.83
C GLY C 158 32.22 -34.67 10.51
N GLN C 159 31.16 -34.14 9.88
CA GLN C 159 30.38 -33.03 10.44
C GLN C 159 31.29 -31.91 10.91
N HIS C 160 32.01 -31.29 9.97
CA HIS C 160 33.08 -30.36 10.31
C HIS C 160 32.63 -28.89 10.39
N VAL C 161 31.35 -28.63 10.11
CA VAL C 161 30.83 -27.27 10.18
C VAL C 161 30.34 -26.97 11.58
N SER C 162 30.71 -25.80 12.10
CA SER C 162 30.40 -25.44 13.48
C SER C 162 29.75 -24.06 13.58
N ALA C 163 29.28 -23.72 14.78
CA ALA C 163 28.67 -22.42 15.02
C ALA C 163 29.64 -21.29 14.70
N ALA C 164 30.92 -21.51 14.95
CA ALA C 164 31.93 -20.49 14.68
C ALA C 164 31.98 -20.19 13.19
N HIS C 165 31.80 -21.21 12.36
CA HIS C 165 31.78 -21.02 10.91
C HIS C 165 30.52 -20.28 10.48
N VAL C 166 29.41 -20.52 11.17
CA VAL C 166 28.19 -19.80 10.88
C VAL C 166 28.40 -18.33 11.26
N GLN C 167 29.10 -18.08 12.36
CA GLN C 167 29.35 -16.72 12.81
C GLN C 167 30.26 -15.95 11.85
N ARG C 168 31.24 -16.65 11.29
CA ARG C 168 32.11 -16.08 10.26
C ARG C 168 31.33 -15.70 9.00
N ALA C 169 30.42 -16.55 8.55
CA ALA C 169 29.59 -16.23 7.38
C ALA C 169 28.68 -15.03 7.68
N LEU C 170 28.07 -15.03 8.86
CA LEU C 170 27.21 -13.93 9.28
C LEU C 170 27.99 -12.61 9.32
N ALA C 171 29.20 -12.66 9.86
CA ALA C 171 30.01 -11.44 9.99
C ALA C 171 30.46 -10.92 8.63
N ALA C 172 30.63 -11.84 7.68
CA ALA C 172 31.08 -11.51 6.33
C ALA C 172 29.94 -11.12 5.39
N ALA C 173 28.70 -11.30 5.85
CA ALA C 173 27.54 -11.02 5.02
C ALA C 173 27.45 -9.54 4.66
N GLN C 174 27.42 -9.24 3.37
CA GLN C 174 27.44 -7.85 2.94
C GLN C 174 26.81 -7.70 1.55
N THR C 175 26.48 -6.46 1.19
CA THR C 175 25.94 -6.19 -0.14
C THR C 175 27.09 -6.24 -1.15
N GLY C 176 26.79 -5.97 -2.42
CA GLY C 176 27.80 -5.94 -3.46
C GLY C 176 28.10 -7.28 -4.10
N PRO C 177 29.24 -7.39 -4.80
CA PRO C 177 29.63 -8.62 -5.52
C PRO C 177 29.67 -9.84 -4.61
N VAL C 178 29.23 -10.98 -5.13
CA VAL C 178 29.18 -12.22 -4.39
C VAL C 178 30.12 -13.26 -5.01
N ALA C 179 31.02 -13.84 -4.22
CA ALA C 179 31.93 -14.85 -4.73
C ALA C 179 31.19 -16.11 -5.16
N GLU C 180 31.63 -16.71 -6.26
CA GLU C 180 30.96 -17.87 -6.83
C GLU C 180 31.85 -19.11 -6.90
N GLY C 181 31.25 -20.23 -7.28
CA GLY C 181 32.00 -21.47 -7.44
C GLY C 181 32.16 -22.24 -6.14
N GLY C 182 33.36 -22.79 -5.94
CA GLY C 182 33.66 -23.60 -4.77
C GLY C 182 33.95 -22.83 -3.50
N VAL C 183 32.94 -22.08 -3.04
CA VAL C 183 33.06 -21.29 -1.83
C VAL C 183 31.87 -21.50 -0.90
N GLY C 184 32.06 -21.20 0.39
CA GLY C 184 30.97 -21.29 1.35
C GLY C 184 30.32 -22.66 1.29
N GLY C 185 29.00 -22.68 1.15
CA GLY C 185 28.29 -23.94 1.07
C GLY C 185 28.59 -24.71 -0.22
N GLY C 186 29.08 -24.02 -1.25
CA GLY C 186 29.31 -24.68 -2.51
C GLY C 186 30.71 -25.27 -2.68
N THR C 187 31.51 -25.16 -1.63
CA THR C 187 32.93 -25.53 -1.69
C THR C 187 33.20 -26.91 -2.28
N GLY C 188 32.48 -27.93 -1.82
CA GLY C 188 32.75 -29.28 -2.30
C GLY C 188 31.76 -29.83 -3.29
N MET C 189 31.00 -28.96 -3.95
CA MET C 189 29.92 -29.39 -4.82
C MET C 189 30.33 -29.64 -6.27
N ILE C 190 29.53 -30.46 -6.94
CA ILE C 190 29.78 -30.94 -8.29
C ILE C 190 28.53 -30.77 -9.14
N CYS C 191 28.65 -30.16 -10.31
CA CYS C 191 27.49 -29.88 -11.15
C CYS C 191 27.76 -30.30 -12.60
N HIS C 192 26.84 -31.08 -13.16
CA HIS C 192 27.00 -31.65 -14.49
C HIS C 192 28.38 -32.33 -14.65
N GLU C 193 28.83 -32.97 -13.57
CA GLU C 193 30.08 -33.71 -13.52
C GLU C 193 31.27 -32.80 -13.82
N PHE C 194 31.08 -31.50 -13.59
CA PHE C 194 32.16 -30.53 -13.48
C PHE C 194 32.12 -29.96 -12.07
N LYS C 195 33.05 -29.07 -11.74
CA LYS C 195 32.99 -28.39 -10.44
C LYS C 195 31.75 -27.52 -10.32
N GLY C 196 31.04 -27.66 -9.20
CA GLY C 196 29.84 -26.89 -8.98
C GLY C 196 29.96 -25.90 -7.85
N GLY C 197 28.83 -25.55 -7.25
CA GLY C 197 28.82 -24.65 -6.11
C GLY C 197 27.95 -23.41 -6.25
N ILE C 198 28.45 -22.30 -5.74
CA ILE C 198 27.65 -21.08 -5.63
C ILE C 198 27.56 -20.33 -6.95
N GLY C 199 26.34 -19.92 -7.31
CA GLY C 199 26.12 -19.08 -8.48
C GLY C 199 25.06 -18.04 -8.19
N THR C 200 25.15 -16.89 -8.84
CA THR C 200 24.17 -15.82 -8.59
C THR C 200 23.95 -14.96 -9.84
N ALA C 201 22.79 -14.32 -9.91
CA ALA C 201 22.45 -13.44 -11.03
C ALA C 201 21.21 -12.61 -10.68
N SER C 202 20.94 -11.60 -11.49
CA SER C 202 19.77 -10.76 -11.30
C SER C 202 19.22 -10.22 -12.60
N ARG C 203 17.98 -9.74 -12.53
CA ARG C 203 17.33 -9.06 -13.65
C ARG C 203 16.58 -7.85 -13.12
N VAL C 204 16.60 -6.76 -13.89
CA VAL C 204 15.85 -5.57 -13.54
C VAL C 204 14.75 -5.36 -14.55
N LEU C 205 13.51 -5.22 -14.11
CA LEU C 205 12.41 -4.96 -15.03
C LEU C 205 12.43 -3.50 -15.47
N ALA C 206 11.86 -3.24 -16.64
CA ALA C 206 11.74 -1.87 -17.13
C ALA C 206 10.73 -1.06 -16.29
N ALA C 207 10.83 0.25 -16.38
CA ALA C 207 9.96 1.14 -15.64
C ALA C 207 8.47 0.88 -15.95
N ASP C 208 8.16 0.69 -17.23
CA ASP C 208 6.79 0.39 -17.64
C ASP C 208 6.30 -1.00 -17.12
N ALA C 209 7.21 -1.82 -16.61
CA ALA C 209 6.88 -3.14 -16.04
C ALA C 209 6.97 -3.17 -14.49
N GLY C 210 7.13 -2.02 -13.85
CA GLY C 210 7.20 -1.97 -12.40
C GLY C 210 8.57 -1.66 -11.82
N GLY C 211 9.60 -1.77 -12.64
CA GLY C 211 10.96 -1.43 -12.24
C GLY C 211 11.58 -2.33 -11.16
N TRP C 212 10.94 -3.46 -10.85
CA TRP C 212 11.44 -4.33 -9.79
C TRP C 212 12.68 -5.13 -10.19
N THR C 213 13.45 -5.51 -9.19
CA THR C 213 14.63 -6.35 -9.36
C THR C 213 14.35 -7.77 -8.86
N VAL C 214 14.80 -8.76 -9.62
CA VAL C 214 14.72 -10.17 -9.21
C VAL C 214 16.12 -10.77 -9.19
N GLY C 215 16.53 -11.31 -8.05
CA GLY C 215 17.85 -11.93 -7.93
C GLY C 215 17.75 -13.38 -7.52
N ALA C 216 18.77 -14.18 -7.85
CA ALA C 216 18.81 -15.58 -7.44
C ALA C 216 20.19 -15.96 -6.92
N LEU C 217 20.23 -16.81 -5.90
CA LEU C 217 21.48 -17.38 -5.43
C LEU C 217 21.31 -18.91 -5.37
N VAL C 218 22.14 -19.64 -6.10
CA VAL C 218 21.97 -21.09 -6.10
C VAL C 218 23.20 -21.77 -5.53
N GLN C 219 22.98 -22.97 -5.00
CA GLN C 219 24.05 -23.90 -4.67
C GLN C 219 23.82 -25.13 -5.55
N ALA C 220 24.56 -25.19 -6.64
CA ALA C 220 24.31 -26.17 -7.71
C ALA C 220 25.18 -27.41 -7.54
N ASN C 221 24.52 -28.55 -7.41
CA ASN C 221 25.17 -29.83 -7.14
C ASN C 221 24.45 -30.97 -7.85
N TYR C 222 23.95 -30.73 -9.05
CA TYR C 222 23.06 -31.69 -9.73
C TYR C 222 23.59 -32.01 -11.12
N GLY C 223 23.04 -33.05 -11.74
CA GLY C 223 23.08 -33.18 -13.18
C GLY C 223 24.11 -34.08 -13.80
N VAL C 224 23.72 -34.69 -14.91
CA VAL C 224 24.65 -35.51 -15.64
C VAL C 224 25.27 -34.69 -16.78
N ARG C 225 26.48 -35.07 -17.13
CA ARG C 225 27.29 -34.37 -18.12
C ARG C 225 26.56 -34.04 -19.44
N GLU C 226 26.12 -35.08 -20.15
CA GLU C 226 25.53 -34.89 -21.49
C GLU C 226 24.35 -33.94 -21.52
N MET C 227 23.66 -33.78 -20.39
CA MET C 227 22.45 -32.97 -20.34
C MET C 227 22.73 -31.46 -20.25
N LEU C 228 23.99 -31.07 -20.03
CA LEU C 228 24.32 -29.65 -19.86
C LEU C 228 23.92 -28.80 -21.08
N ARG C 229 23.18 -27.72 -20.84
CA ARG C 229 22.83 -26.78 -21.90
CA ARG C 229 22.83 -26.77 -21.89
C ARG C 229 23.11 -25.35 -21.44
N VAL C 230 23.74 -24.56 -22.30
CA VAL C 230 24.11 -23.17 -21.97
C VAL C 230 23.50 -22.22 -22.98
N ALA C 231 22.64 -21.33 -22.49
CA ALA C 231 21.84 -20.44 -23.34
C ALA C 231 21.05 -21.28 -24.34
N GLY C 232 20.67 -22.48 -23.91
CA GLY C 232 19.91 -23.40 -24.73
C GLY C 232 20.70 -24.39 -25.56
N TYR C 233 21.98 -24.08 -25.84
CA TYR C 233 22.79 -24.90 -26.75
C TYR C 233 23.32 -26.17 -26.09
N PRO C 234 23.26 -27.31 -26.81
CA PRO C 234 23.54 -28.63 -26.23
C PRO C 234 25.02 -28.88 -26.04
N VAL C 235 25.63 -28.04 -25.22
CA VAL C 235 27.07 -28.03 -25.02
C VAL C 235 27.54 -29.32 -24.34
N GLY C 236 26.71 -29.90 -23.49
CA GLY C 236 27.03 -31.14 -22.81
C GLY C 236 27.33 -32.31 -23.75
N GLU C 237 26.65 -32.33 -24.90
CA GLU C 237 26.79 -33.43 -25.84
C GLU C 237 28.18 -33.48 -26.49
N VAL C 238 28.87 -32.33 -26.54
CA VAL C 238 30.22 -32.31 -27.09
C VAL C 238 31.27 -32.16 -25.98
N LEU C 239 30.87 -32.47 -24.74
CA LEU C 239 31.80 -32.39 -23.61
C LEU C 239 31.88 -33.72 -22.85
N ARG C 240 31.38 -34.79 -23.45
CA ARG C 240 31.43 -36.09 -22.80
C ARG C 240 32.84 -36.63 -22.58
N HIS C 241 33.79 -36.20 -23.38
CA HIS C 241 35.15 -36.77 -23.34
C HIS C 241 35.92 -36.36 -22.07
N VAL C 242 35.57 -35.23 -21.49
CA VAL C 242 36.26 -34.72 -20.31
C VAL C 242 36.05 -35.68 -19.12
N PRO C 243 37.13 -35.99 -18.39
CA PRO C 243 37.06 -36.86 -17.20
C PRO C 243 35.98 -36.45 -16.20
N SER C 244 35.38 -37.44 -15.53
CA SER C 244 34.32 -37.21 -14.57
C SER C 244 34.66 -37.84 -13.22
N PRO C 245 34.30 -37.17 -12.12
CA PRO C 245 34.56 -37.76 -10.80
C PRO C 245 33.69 -38.98 -10.52
N PHE C 246 32.66 -39.19 -11.33
CA PHE C 246 31.73 -40.30 -11.10
C PHE C 246 32.14 -41.51 -11.94
N SER C 259 21.58 -32.41 -6.37
CA SER C 259 20.73 -31.49 -5.63
C SER C 259 21.01 -30.05 -6.04
N ILE C 260 19.98 -29.20 -5.93
CA ILE C 260 20.23 -27.77 -6.06
C ILE C 260 19.27 -26.99 -5.20
N VAL C 261 19.82 -26.11 -4.36
CA VAL C 261 18.97 -25.22 -3.57
C VAL C 261 19.00 -23.85 -4.22
N VAL C 262 17.84 -23.22 -4.28
CA VAL C 262 17.68 -21.93 -4.95
C VAL C 262 17.00 -20.94 -4.02
N THR C 263 17.56 -19.74 -3.88
CA THR C 263 16.83 -18.64 -3.26
C THR C 263 16.62 -17.57 -4.31
N ILE C 264 15.36 -17.17 -4.47
CA ILE C 264 14.97 -16.05 -5.33
C ILE C 264 14.60 -14.87 -4.45
N ALA C 265 15.15 -13.69 -4.73
CA ALA C 265 14.73 -12.49 -3.99
C ALA C 265 14.20 -11.43 -4.95
N THR C 266 13.25 -10.63 -4.47
CA THR C 266 12.76 -9.51 -5.26
C THR C 266 12.29 -8.38 -4.37
N ASP C 267 12.40 -7.15 -4.88
CA ASP C 267 11.87 -6.01 -4.13
C ASP C 267 10.44 -5.70 -4.55
N ALA C 268 9.89 -6.51 -5.45
CA ALA C 268 8.47 -6.41 -5.77
C ALA C 268 7.62 -6.72 -4.52
N PRO C 269 6.49 -6.03 -4.34
CA PRO C 269 5.62 -6.32 -3.19
C PRO C 269 4.77 -7.57 -3.43
N LEU C 270 5.35 -8.75 -3.29
CA LEU C 270 4.63 -10.00 -3.49
C LEU C 270 4.06 -10.53 -2.18
N LEU C 271 2.80 -10.97 -2.24
CA LEU C 271 2.15 -11.67 -1.12
C LEU C 271 2.66 -13.11 -1.02
N PRO C 272 2.43 -13.79 0.13
CA PRO C 272 2.88 -15.18 0.29
C PRO C 272 2.49 -16.08 -0.89
N HIS C 273 1.26 -16.06 -1.36
CA HIS C 273 0.86 -16.96 -2.45
C HIS C 273 1.59 -16.62 -3.75
N GLN C 274 2.01 -15.37 -3.90
CA GLN C 274 2.73 -14.93 -5.10
C GLN C 274 4.19 -15.33 -5.04
N CYS C 275 4.74 -15.39 -3.83
CA CYS C 275 6.10 -15.90 -3.65
C CYS C 275 6.19 -17.40 -4.00
N THR C 276 5.13 -18.14 -3.71
CA THR C 276 5.06 -19.56 -4.09
C THR C 276 5.09 -19.69 -5.61
N ARG C 277 4.32 -18.84 -6.28
CA ARG C 277 4.31 -18.85 -7.74
C ARG C 277 5.71 -18.54 -8.28
N LEU C 278 6.34 -17.55 -7.68
CA LEU C 278 7.66 -17.13 -8.13
C LEU C 278 8.70 -18.24 -7.89
N ALA C 279 8.62 -18.92 -6.75
CA ALA C 279 9.59 -19.96 -6.42
C ALA C 279 9.56 -21.09 -7.44
N GLN C 280 8.37 -21.43 -7.95
CA GLN C 280 8.28 -22.56 -8.86
C GLN C 280 8.95 -22.22 -10.20
N ARG C 281 9.16 -20.94 -10.48
CA ARG C 281 9.80 -20.63 -11.77
C ARG C 281 11.29 -21.01 -11.73
N ALA C 282 11.78 -21.39 -10.55
CA ALA C 282 13.14 -21.93 -10.48
C ALA C 282 13.23 -23.25 -11.26
N SER C 283 12.12 -24.00 -11.32
CA SER C 283 12.03 -25.22 -12.15
C SER C 283 12.34 -24.90 -13.60
N VAL C 284 11.83 -23.75 -14.05
CA VAL C 284 12.00 -23.36 -15.44
C VAL C 284 13.47 -23.04 -15.72
N GLY C 285 14.10 -22.27 -14.85
CA GLY C 285 15.52 -21.98 -15.04
C GLY C 285 16.39 -23.24 -15.01
N LEU C 286 16.16 -24.08 -14.00
CA LEU C 286 16.92 -25.32 -13.83
C LEU C 286 16.76 -26.26 -15.03
N ALA C 287 15.53 -26.38 -15.52
CA ALA C 287 15.23 -27.25 -16.66
C ALA C 287 15.99 -26.82 -17.91
N ARG C 288 16.13 -25.51 -18.10
CA ARG C 288 16.77 -24.99 -19.30
C ARG C 288 18.29 -25.24 -19.31
N VAL C 289 18.88 -25.50 -18.15
CA VAL C 289 20.31 -25.84 -18.09
C VAL C 289 20.51 -27.37 -18.20
N GLY C 290 19.44 -28.13 -17.96
CA GLY C 290 19.47 -29.58 -18.13
C GLY C 290 19.20 -30.38 -16.86
N GLY C 291 18.57 -29.74 -15.88
CA GLY C 291 18.25 -30.37 -14.61
C GLY C 291 16.80 -30.78 -14.45
N GLY C 292 16.46 -31.26 -13.25
CA GLY C 292 15.09 -31.57 -12.89
C GLY C 292 14.62 -32.98 -13.22
N THR C 293 15.54 -33.86 -13.62
CA THR C 293 15.14 -35.20 -14.02
C THR C 293 15.84 -36.32 -13.24
N GLU C 294 16.39 -35.97 -12.09
CA GLU C 294 17.07 -36.96 -11.24
C GLU C 294 16.30 -37.28 -9.95
N ASP C 295 16.06 -38.56 -9.70
CA ASP C 295 15.50 -39.00 -8.42
C ASP C 295 16.40 -38.57 -7.24
N SER C 296 17.70 -38.58 -7.45
CA SER C 296 18.65 -38.37 -6.35
C SER C 296 18.86 -36.90 -5.98
N SER C 297 18.24 -36.00 -6.74
CA SER C 297 18.53 -34.56 -6.63
C SER C 297 17.54 -33.78 -5.74
N GLY C 298 18.02 -33.25 -4.63
CA GLY C 298 17.20 -32.43 -3.76
C GLY C 298 17.01 -31.07 -4.38
N ASP C 299 15.91 -30.91 -5.11
CA ASP C 299 15.67 -29.66 -5.84
C ASP C 299 14.61 -28.84 -5.10
N ILE C 300 15.09 -27.93 -4.26
CA ILE C 300 14.23 -27.22 -3.33
C ILE C 300 14.39 -25.71 -3.47
N PHE C 301 13.27 -25.01 -3.68
CA PHE C 301 13.32 -23.60 -4.06
C PHE C 301 12.59 -22.68 -3.07
N LEU C 302 13.21 -21.55 -2.77
CA LEU C 302 12.63 -20.55 -1.87
C LEU C 302 12.64 -19.21 -2.56
N ALA C 303 11.54 -18.47 -2.41
CA ALA C 303 11.46 -17.10 -2.89
C ALA C 303 10.96 -16.17 -1.78
N PHE C 304 11.62 -15.05 -1.61
CA PHE C 304 11.12 -14.03 -0.67
C PHE C 304 11.09 -12.64 -1.32
N ALA C 305 10.19 -11.81 -0.82
CA ALA C 305 9.98 -10.47 -1.36
C ALA C 305 10.21 -9.42 -0.28
N THR C 306 10.83 -8.29 -0.66
CA THR C 306 11.13 -7.23 0.31
C THR C 306 10.21 -6.02 0.17
N GLY C 307 9.35 -6.05 -0.84
CA GLY C 307 8.48 -4.92 -1.17
C GLY C 307 7.55 -4.45 -0.08
N ASN C 308 6.97 -5.41 0.65
CA ASN C 308 6.21 -5.08 1.84
C ASN C 308 7.12 -5.10 3.07
N ASP C 309 7.18 -4.00 3.81
CA ASP C 309 7.95 -4.00 5.06
C ASP C 309 7.06 -3.51 6.17
N GLY C 310 7.61 -3.42 7.38
CA GLY C 310 6.78 -3.04 8.51
C GLY C 310 5.79 -4.13 8.84
N LEU C 311 6.09 -5.36 8.41
CA LEU C 311 5.24 -6.50 8.75
C LEU C 311 5.45 -6.78 10.23
N PRO C 312 4.41 -7.26 10.92
CA PRO C 312 4.54 -7.41 12.38
C PRO C 312 5.47 -8.55 12.77
N ALA C 313 6.44 -8.25 13.61
CA ALA C 313 7.32 -9.27 14.15
C ALA C 313 6.54 -10.10 15.15
N ALA C 314 6.86 -11.40 15.19
CA ALA C 314 6.19 -12.32 16.10
C ALA C 314 6.64 -12.06 17.52
N ASN C 315 5.66 -11.83 18.39
CA ASN C 315 5.89 -11.60 19.81
C ASN C 315 4.61 -12.02 20.53
N TYR C 316 4.50 -13.31 20.83
CA TYR C 316 3.25 -13.88 21.28
C TYR C 316 2.84 -13.37 22.65
N GLY C 317 1.57 -13.01 22.76
CA GLY C 317 1.03 -12.42 23.98
C GLY C 317 0.91 -10.91 23.87
N SER C 318 1.58 -10.32 22.90
CA SER C 318 1.58 -8.87 22.75
C SER C 318 0.92 -8.42 21.45
N LYS C 319 -0.33 -7.96 21.57
CA LYS C 319 -1.21 -7.73 20.43
C LYS C 319 -1.20 -6.28 19.89
N GLY C 320 -1.24 -6.14 18.56
CA GLY C 320 -1.24 -4.84 17.90
C GLY C 320 -2.58 -4.54 17.25
N ALA C 321 -2.55 -3.84 16.12
CA ALA C 321 -3.78 -3.53 15.38
C ALA C 321 -4.35 -4.80 14.70
N PRO C 322 -5.67 -4.81 14.44
CA PRO C 322 -6.29 -5.97 13.76
C PRO C 322 -5.75 -6.26 12.36
N THR C 323 -5.40 -5.20 11.61
CA THR C 323 -4.97 -5.37 10.22
C THR C 323 -3.71 -4.59 9.93
N THR C 324 -3.06 -4.97 8.83
CA THR C 324 -1.90 -4.28 8.28
C THR C 324 -2.12 -3.99 6.80
N GLY C 325 -1.76 -2.79 6.37
CA GLY C 325 -1.87 -2.46 4.97
C GLY C 325 -0.69 -3.03 4.22
N VAL C 326 -0.95 -3.81 3.18
CA VAL C 326 0.14 -4.32 2.37
C VAL C 326 -0.20 -4.12 0.91
N LYS C 327 0.80 -4.25 0.05
CA LYS C 327 0.64 -4.11 -1.39
C LYS C 327 0.80 -5.44 -2.10
N MET C 328 0.09 -5.59 -3.21
CA MET C 328 0.20 -6.78 -4.02
C MET C 328 0.46 -6.40 -5.48
N VAL C 329 1.41 -7.10 -6.07
CA VAL C 329 1.67 -6.94 -7.50
C VAL C 329 0.43 -7.47 -8.20
N ASN C 330 -0.12 -6.70 -9.12
CA ASN C 330 -1.27 -7.19 -9.90
C ASN C 330 -0.84 -8.29 -10.85
N ASN C 331 -1.73 -9.25 -11.09
CA ASN C 331 -1.34 -10.46 -11.83
C ASN C 331 -0.96 -10.15 -13.27
N ASP C 332 -1.42 -9.03 -13.80
CA ASP C 332 -0.99 -8.66 -15.14
C ASP C 332 0.40 -8.04 -15.14
N HIS C 333 1.02 -7.95 -13.98
CA HIS C 333 2.42 -7.50 -13.88
C HIS C 333 3.32 -8.63 -13.38
N ILE C 334 2.74 -9.77 -13.03
CA ILE C 334 3.57 -10.79 -12.40
C ILE C 334 4.35 -11.65 -13.41
N SER C 335 3.87 -11.76 -14.66
CA SER C 335 4.61 -12.57 -15.65
C SER C 335 6.04 -12.08 -15.91
N ALA C 336 6.24 -10.77 -15.94
CA ALA C 336 7.60 -10.23 -16.14
C ALA C 336 8.50 -10.62 -14.96
N LEU C 337 7.91 -10.85 -13.78
CA LEU C 337 8.67 -11.34 -12.63
C LEU C 337 8.99 -12.85 -12.79
N PHE C 338 8.04 -13.64 -13.30
CA PHE C 338 8.28 -15.06 -13.61
C PHE C 338 9.44 -15.21 -14.61
N VAL C 339 9.36 -14.48 -15.72
CA VAL C 339 10.42 -14.49 -16.74
C VAL C 339 11.78 -14.16 -16.13
N ALA C 340 11.80 -13.08 -15.37
CA ALA C 340 13.05 -12.63 -14.76
C ALA C 340 13.65 -13.67 -13.82
N ALA C 341 12.81 -14.30 -12.99
CA ALA C 341 13.29 -15.29 -12.04
C ALA C 341 13.86 -16.47 -12.78
N ALA C 342 13.16 -16.90 -13.83
CA ALA C 342 13.60 -18.04 -14.61
C ALA C 342 14.96 -17.77 -15.22
N GLU C 343 15.15 -16.57 -15.77
CA GLU C 343 16.45 -16.18 -16.35
C GLU C 343 17.55 -16.09 -15.29
N ALA C 344 17.21 -15.51 -14.14
CA ALA C 344 18.18 -15.30 -13.06
C ALA C 344 18.73 -16.63 -12.57
N VAL C 345 17.83 -17.61 -12.40
CA VAL C 345 18.21 -18.94 -11.97
C VAL C 345 19.07 -19.65 -13.03
N GLU C 346 18.66 -19.55 -14.29
CA GLU C 346 19.42 -20.16 -15.37
C GLU C 346 20.85 -19.61 -15.38
N GLU C 347 21.00 -18.29 -15.34
CA GLU C 347 22.35 -17.70 -15.41
C GLU C 347 23.17 -17.97 -14.14
N ALA C 348 22.48 -18.02 -13.01
CA ALA C 348 23.14 -18.28 -11.74
C ALA C 348 23.82 -19.63 -11.78
N ILE C 349 23.12 -20.63 -12.32
CA ILE C 349 23.67 -21.97 -12.44
C ILE C 349 24.88 -21.98 -13.37
N VAL C 350 24.76 -21.36 -14.54
CA VAL C 350 25.88 -21.35 -15.48
C VAL C 350 27.06 -20.57 -14.86
N ASN C 351 26.75 -19.51 -14.11
CA ASN C 351 27.81 -18.77 -13.40
C ASN C 351 28.57 -19.65 -12.41
N ALA C 352 27.86 -20.56 -11.74
CA ALA C 352 28.50 -21.48 -10.80
C ALA C 352 29.54 -22.36 -11.51
N LEU C 353 29.15 -22.86 -12.67
CA LEU C 353 30.02 -23.69 -13.48
C LEU C 353 31.24 -22.93 -13.97
N VAL C 354 31.00 -21.70 -14.43
CA VAL C 354 32.07 -20.87 -14.97
C VAL C 354 33.11 -20.48 -13.91
N ALA C 355 32.66 -20.29 -12.68
CA ALA C 355 33.54 -19.93 -11.57
C ALA C 355 34.24 -21.15 -10.97
N GLY C 356 33.81 -22.36 -11.35
CA GLY C 356 34.37 -23.58 -10.81
C GLY C 356 35.77 -23.89 -11.26
N GLY C 357 36.59 -24.40 -10.32
CA GLY C 357 37.95 -24.80 -10.63
C GLY C 357 38.22 -26.27 -10.30
N ASP C 358 39.38 -26.76 -10.74
CA ASP C 358 39.77 -28.15 -10.48
C ASP C 358 39.87 -28.45 -8.99
N VAL C 359 39.36 -29.60 -8.60
CA VAL C 359 39.45 -30.05 -7.22
C VAL C 359 39.77 -31.54 -7.17
N GLU C 360 40.80 -31.87 -6.39
CA GLU C 360 41.17 -33.26 -6.09
C GLU C 360 41.06 -33.47 -4.58
N SER C 361 40.27 -34.44 -4.15
CA SER C 361 40.05 -34.61 -2.71
C SER C 361 39.50 -36.00 -2.41
N ARG C 362 40.06 -36.65 -1.39
CA ARG C 362 39.60 -37.96 -0.94
C ARG C 362 39.59 -38.96 -2.09
N GLY C 363 40.55 -38.84 -2.99
CA GLY C 363 40.69 -39.79 -4.09
C GLY C 363 39.81 -39.52 -5.27
N ALA C 364 39.12 -38.38 -5.27
CA ALA C 364 38.25 -38.02 -6.38
C ALA C 364 38.74 -36.73 -7.02
N ARG C 365 38.61 -36.64 -8.34
CA ARG C 365 39.01 -35.44 -9.05
C ARG C 365 37.86 -34.92 -9.90
N VAL C 366 37.61 -33.62 -9.79
CA VAL C 366 36.62 -33.01 -10.65
C VAL C 366 37.29 -31.81 -11.34
N GLU C 367 36.96 -31.62 -12.61
CA GLU C 367 37.52 -30.50 -13.37
C GLU C 367 36.53 -29.35 -13.38
N GLY C 368 37.06 -28.13 -13.33
CA GLY C 368 36.25 -26.96 -13.62
C GLY C 368 35.91 -27.03 -15.09
N LEU C 369 34.72 -26.57 -15.45
CA LEU C 369 34.26 -26.58 -16.84
C LEU C 369 35.29 -25.90 -17.75
N GLY C 370 35.79 -24.75 -17.35
CA GLY C 370 36.79 -24.06 -18.15
C GLY C 370 36.16 -23.06 -19.11
N GLN C 371 36.55 -21.81 -18.95
CA GLN C 371 36.04 -20.72 -19.77
C GLN C 371 36.27 -20.96 -21.28
N ALA C 372 37.50 -21.29 -21.65
CA ALA C 372 37.82 -21.50 -23.06
C ALA C 372 37.15 -22.73 -23.61
N ARG C 373 37.08 -23.78 -22.78
CA ARG C 373 36.48 -25.04 -23.18
C ARG C 373 34.96 -24.87 -23.41
N LEU C 374 34.34 -24.02 -22.59
CA LEU C 374 32.92 -23.70 -22.76
C LEU C 374 32.70 -22.91 -24.06
N LEU C 375 33.52 -21.90 -24.28
CA LEU C 375 33.41 -21.11 -25.51
C LEU C 375 33.61 -22.00 -26.73
N ASP C 376 34.56 -22.94 -26.68
CA ASP C 376 34.78 -23.88 -27.78
C ASP C 376 33.60 -24.79 -28.04
N ALA C 377 33.04 -25.31 -26.97
CA ALA C 377 31.90 -26.21 -27.09
C ALA C 377 30.69 -25.45 -27.63
N LEU C 378 30.49 -24.22 -27.18
CA LEU C 378 29.39 -23.38 -27.68
C LEU C 378 29.52 -23.18 -29.20
N ARG C 379 30.74 -22.88 -29.65
CA ARG C 379 30.95 -22.66 -31.09
C ARG C 379 30.68 -23.92 -31.88
N GLU C 380 31.10 -25.06 -31.35
CA GLU C 380 30.97 -26.36 -32.00
C GLU C 380 29.52 -26.73 -32.29
N VAL C 381 28.59 -26.29 -31.45
CA VAL C 381 27.18 -26.57 -31.64
C VAL C 381 26.40 -25.37 -32.18
N GLY C 382 27.11 -24.38 -32.72
CA GLY C 382 26.49 -23.34 -33.53
C GLY C 382 26.24 -22.01 -32.86
N TRP C 383 26.57 -21.89 -31.58
CA TRP C 383 26.37 -20.62 -30.89
C TRP C 383 27.43 -19.61 -31.30
N ARG C 384 27.05 -18.34 -31.41
CA ARG C 384 28.01 -17.29 -31.64
C ARG C 384 27.58 -16.03 -30.90
N PRO C 385 28.57 -15.22 -30.47
CA PRO C 385 28.29 -13.98 -29.73
C PRO C 385 27.72 -12.88 -30.62
N GLY C 386 26.57 -12.34 -30.24
CA GLY C 386 25.98 -11.21 -30.94
C GLY C 386 25.31 -11.55 -32.26
N ARG C 387 24.67 -12.72 -32.32
CA ARG C 387 23.90 -13.11 -33.50
C ARG C 387 22.62 -12.28 -33.62
N MET D 21 -38.76 29.82 17.98
CA MET D 21 -38.47 29.65 16.55
C MET D 21 -36.97 29.47 16.29
N ARG D 22 -36.17 30.52 16.45
CA ARG D 22 -34.71 30.41 16.25
C ARG D 22 -33.98 30.26 17.59
N THR D 23 -32.65 30.08 17.54
CA THR D 23 -31.87 29.80 18.74
C THR D 23 -32.06 30.87 19.83
N ARG D 24 -31.89 32.12 19.43
CA ARG D 24 -31.98 33.23 20.36
C ARG D 24 -33.37 33.35 20.97
N ASP D 25 -34.37 32.97 20.20
CA ASP D 25 -35.76 33.00 20.64
C ASP D 25 -36.02 31.96 21.71
N LEU D 26 -35.14 30.96 21.80
CA LEU D 26 -35.26 29.92 22.82
C LEU D 26 -34.58 30.32 24.12
N GLY D 27 -34.04 31.54 24.16
CA GLY D 27 -33.32 32.01 25.33
C GLY D 27 -31.88 31.56 25.33
N ILE D 28 -31.45 30.96 24.21
CA ILE D 28 -30.07 30.54 24.04
C ILE D 28 -29.28 31.67 23.43
N ARG D 29 -28.33 32.19 24.19
CA ARG D 29 -27.51 33.29 23.71
C ARG D 29 -26.10 32.78 23.40
N ILE D 30 -25.69 32.96 22.15
CA ILE D 30 -24.37 32.57 21.73
C ILE D 30 -23.42 33.75 21.79
N GLY D 31 -22.38 33.61 22.59
CA GLY D 31 -21.40 34.66 22.75
C GLY D 31 -21.95 35.84 23.52
N LEU D 32 -21.28 36.98 23.39
CA LEU D 32 -21.58 38.15 24.20
C LEU D 32 -22.14 39.29 23.36
N GLY D 33 -22.10 39.13 22.03
CA GLY D 33 -22.39 40.22 21.12
C GLY D 33 -23.86 40.49 20.84
N THR D 34 -24.14 41.57 20.10
CA THR D 34 -25.50 41.98 19.79
C THR D 34 -25.81 41.76 18.31
N PRO D 35 -26.87 40.99 18.02
CA PRO D 35 -27.21 40.72 16.62
C PRO D 35 -27.80 41.93 15.89
N GLY D 36 -27.71 41.95 14.56
CA GLY D 36 -28.37 42.97 13.79
C GLY D 36 -29.86 42.70 13.77
N ARG D 37 -30.63 43.55 13.11
CA ARG D 37 -32.08 43.46 13.14
C ARG D 37 -32.60 42.10 12.68
N PHE D 38 -32.09 41.59 11.57
CA PHE D 38 -32.63 40.32 11.07
C PHE D 38 -31.87 39.12 11.63
N ASN D 39 -30.77 39.38 12.35
CA ASN D 39 -29.83 38.34 12.78
C ASN D 39 -29.50 37.40 11.62
N ALA D 40 -28.97 37.99 10.54
CA ALA D 40 -28.71 37.26 9.31
C ALA D 40 -27.62 37.97 8.54
N ILE D 41 -27.06 37.31 7.55
CA ILE D 41 -26.01 37.90 6.73
C ILE D 41 -26.53 39.14 5.99
N THR D 42 -27.84 39.21 5.81
CA THR D 42 -28.47 40.36 5.17
C THR D 42 -28.48 41.63 6.03
N ASP D 43 -28.03 41.52 7.28
CA ASP D 43 -27.85 42.70 8.12
C ASP D 43 -26.69 43.56 7.60
N VAL D 44 -25.81 42.97 6.81
CA VAL D 44 -24.82 43.74 6.05
C VAL D 44 -25.55 44.39 4.88
N PRO D 45 -25.63 45.73 4.85
CA PRO D 45 -26.48 46.40 3.85
C PRO D 45 -26.16 46.05 2.41
N GLY D 46 -27.20 45.72 1.64
CA GLY D 46 -27.03 45.43 0.23
C GLY D 46 -26.93 43.96 -0.07
N VAL D 47 -26.55 43.16 0.92
CA VAL D 47 -26.41 41.73 0.74
C VAL D 47 -27.78 41.05 0.59
N ARG D 48 -27.90 40.17 -0.40
CA ARG D 48 -29.16 39.49 -0.69
C ARG D 48 -28.94 37.98 -0.73
N VAL D 49 -29.96 37.23 -0.29
CA VAL D 49 -29.90 35.77 -0.28
C VAL D 49 -31.15 35.19 -0.93
N GLY D 50 -30.97 34.17 -1.77
CA GLY D 50 -32.09 33.48 -2.37
C GLY D 50 -31.89 31.99 -2.41
N HIS D 51 -32.97 31.25 -2.18
CA HIS D 51 -32.96 29.78 -2.19
C HIS D 51 -33.79 29.25 -3.36
N CYS D 52 -33.39 28.10 -3.89
CA CYS D 52 -34.27 27.27 -4.71
C CYS D 52 -34.26 25.85 -4.15
N THR D 53 -35.40 25.40 -3.67
CA THR D 53 -35.52 24.13 -2.97
C THR D 53 -36.20 23.05 -3.81
N LEU D 54 -35.51 21.92 -3.99
CA LEU D 54 -36.01 20.80 -4.77
C LEU D 54 -36.39 19.59 -3.91
N ASN D 55 -37.67 19.21 -3.93
CA ASN D 55 -38.13 18.02 -3.20
C ASN D 55 -39.09 17.16 -4.01
N GLU D 56 -38.66 15.95 -4.33
CA GLU D 56 -39.49 15.00 -5.07
C GLU D 56 -39.11 13.56 -4.69
N GLU D 57 -40.09 12.83 -4.17
CA GLU D 57 -39.89 11.45 -3.76
C GLU D 57 -40.02 10.46 -4.91
N ASN D 58 -39.01 9.61 -5.06
CA ASN D 58 -38.98 8.48 -5.99
C ASN D 58 -38.31 7.34 -5.25
N GLY D 59 -37.73 6.41 -5.98
CA GLY D 59 -37.05 5.27 -5.39
C GLY D 59 -35.74 5.77 -4.80
N ASP D 60 -34.64 5.28 -5.34
CA ASP D 60 -33.33 5.70 -4.92
C ASP D 60 -32.95 6.89 -5.82
N ALA D 61 -33.96 7.44 -6.49
CA ALA D 61 -33.79 8.58 -7.38
C ALA D 61 -34.54 9.81 -6.86
N SER D 62 -34.85 9.78 -5.57
CA SER D 62 -35.48 10.90 -4.90
C SER D 62 -34.58 12.14 -4.91
N ILE D 63 -35.21 13.30 -5.05
CA ILE D 63 -34.49 14.57 -5.11
C ILE D 63 -34.69 15.37 -3.83
N ARG D 64 -33.61 15.60 -3.09
CA ARG D 64 -33.65 16.50 -1.94
C ARG D 64 -32.41 17.36 -1.93
N THR D 65 -32.45 18.43 -2.73
CA THR D 65 -31.27 19.23 -2.92
C THR D 65 -31.69 20.60 -3.42
N GLY D 66 -30.72 21.39 -3.89
CA GLY D 66 -31.00 22.72 -4.39
C GLY D 66 -29.80 23.64 -4.49
N VAL D 67 -30.09 24.94 -4.57
CA VAL D 67 -29.03 25.94 -4.69
C VAL D 67 -29.41 27.21 -3.91
N THR D 68 -28.42 27.77 -3.23
CA THR D 68 -28.56 29.05 -2.52
C THR D 68 -27.63 30.08 -3.13
N VAL D 69 -28.12 31.30 -3.32
CA VAL D 69 -27.29 32.35 -3.87
C VAL D 69 -27.13 33.53 -2.90
N ILE D 70 -25.93 34.09 -2.89
CA ILE D 70 -25.67 35.31 -2.14
C ILE D 70 -25.25 36.38 -3.13
N GLU D 71 -25.98 37.49 -3.13
CA GLU D 71 -25.55 38.67 -3.86
C GLU D 71 -24.83 39.59 -2.86
N PRO D 72 -23.55 39.89 -3.13
CA PRO D 72 -22.76 40.72 -2.22
C PRO D 72 -23.15 42.19 -2.26
N ARG D 73 -23.83 42.60 -3.32
CA ARG D 73 -24.22 44.00 -3.51
C ARG D 73 -25.70 44.15 -3.81
N ALA D 74 -26.20 45.38 -3.70
CA ALA D 74 -27.60 45.67 -4.02
C ALA D 74 -27.86 45.50 -5.52
N GLY D 75 -26.85 45.80 -6.33
CA GLY D 75 -26.93 45.61 -7.77
C GLY D 75 -26.03 44.50 -8.27
N ALA D 76 -25.56 44.64 -9.51
CA ALA D 76 -24.70 43.63 -10.13
C ALA D 76 -23.35 43.56 -9.44
N ALA D 77 -22.92 42.36 -9.07
CA ALA D 77 -21.65 42.16 -8.40
C ALA D 77 -20.46 42.60 -9.27
N HIS D 78 -20.56 42.33 -10.57
CA HIS D 78 -19.50 42.68 -11.52
C HIS D 78 -19.15 44.15 -11.50
N ASP D 79 -20.16 45.00 -11.36
CA ASP D 79 -19.97 46.45 -11.42
C ASP D 79 -19.49 47.02 -10.12
N SER D 80 -19.61 46.25 -9.05
CA SER D 80 -19.15 46.75 -7.76
C SER D 80 -18.44 45.66 -6.97
N PRO D 81 -17.18 45.38 -7.35
CA PRO D 81 -16.39 44.31 -6.73
C PRO D 81 -16.24 44.53 -5.22
N CYS D 82 -16.11 43.43 -4.48
CA CYS D 82 -15.84 43.48 -3.06
C CYS D 82 -14.45 42.90 -2.78
N PHE D 83 -13.71 43.50 -1.86
CA PHE D 83 -12.53 42.81 -1.33
C PHE D 83 -12.99 41.52 -0.63
N ALA D 84 -12.20 40.48 -0.78
CA ALA D 84 -12.54 39.17 -0.25
C ALA D 84 -11.29 38.34 -0.01
N GLY D 85 -11.46 37.27 0.75
CA GLY D 85 -10.36 36.35 1.04
C GLY D 85 -10.95 35.02 1.39
N VAL D 86 -10.14 33.96 1.34
CA VAL D 86 -10.63 32.64 1.68
C VAL D 86 -9.77 32.02 2.77
N HIS D 87 -10.37 31.14 3.57
CA HIS D 87 -9.56 30.26 4.42
C HIS D 87 -10.06 28.83 4.36
N VAL D 88 -9.13 27.88 4.22
CA VAL D 88 -9.46 26.46 4.17
C VAL D 88 -8.97 25.73 5.42
N LEU D 89 -9.91 25.30 6.24
CA LEU D 89 -9.58 24.52 7.41
C LEU D 89 -9.30 23.07 6.99
N ASN D 90 -10.12 22.56 6.06
CA ASN D 90 -9.94 21.19 5.58
C ASN D 90 -10.48 21.09 4.16
N GLY D 91 -9.59 21.00 3.18
CA GLY D 91 -9.97 21.11 1.78
C GLY D 91 -10.59 19.89 1.11
N ASN D 92 -11.35 19.09 1.86
CA ASN D 92 -12.03 17.94 1.28
C ASN D 92 -13.37 18.37 0.66
N GLY D 93 -13.30 19.28 -0.30
CA GLY D 93 -14.47 19.83 -0.95
C GLY D 93 -14.04 20.51 -2.22
N ASP D 94 -15.01 20.94 -3.01
CA ASP D 94 -14.75 21.54 -4.30
C ASP D 94 -15.30 22.98 -4.32
N ALA D 95 -14.64 23.85 -5.06
CA ALA D 95 -15.12 25.22 -5.18
C ALA D 95 -14.58 25.83 -6.47
N THR D 96 -15.33 26.78 -7.02
CA THR D 96 -14.88 27.50 -8.20
C THR D 96 -14.68 28.97 -7.82
N GLY D 97 -13.87 29.68 -8.59
CA GLY D 97 -13.67 31.10 -8.40
C GLY D 97 -12.73 31.52 -7.27
N LEU D 98 -12.11 30.55 -6.59
CA LEU D 98 -11.28 30.89 -5.44
C LEU D 98 -9.88 31.36 -5.79
N GLU D 99 -9.34 30.98 -6.95
CA GLU D 99 -7.94 31.34 -7.21
C GLU D 99 -7.74 32.85 -7.37
N TRP D 100 -8.67 33.56 -8.02
CA TRP D 100 -8.51 35.00 -8.15
C TRP D 100 -8.78 35.72 -6.82
N ILE D 101 -9.61 35.13 -5.97
CA ILE D 101 -9.82 35.66 -4.61
C ILE D 101 -8.53 35.58 -3.80
N ARG D 102 -7.82 34.44 -3.90
CA ARG D 102 -6.51 34.31 -3.27
C ARG D 102 -5.53 35.33 -3.83
N GLU D 103 -5.52 35.49 -5.14
CA GLU D 103 -4.53 36.34 -5.81
C GLU D 103 -4.79 37.83 -5.61
N ALA D 104 -6.00 38.27 -5.92
CA ALA D 104 -6.32 39.69 -5.94
C ALA D 104 -7.41 40.08 -4.95
N GLY D 105 -8.02 39.10 -4.30
CA GLY D 105 -9.03 39.39 -3.31
C GLY D 105 -10.21 40.18 -3.80
N LEU D 106 -10.68 39.87 -5.00
CA LEU D 106 -11.81 40.60 -5.57
C LEU D 106 -12.96 39.63 -5.89
N LEU D 107 -14.06 39.80 -5.18
CA LEU D 107 -15.30 39.09 -5.47
C LEU D 107 -16.08 39.87 -6.50
N THR D 108 -16.36 39.25 -7.64
CA THR D 108 -16.94 39.96 -8.77
C THR D 108 -18.22 39.33 -9.28
N THR D 109 -18.73 38.36 -8.54
CA THR D 109 -19.86 37.57 -8.97
C THR D 109 -20.74 37.28 -7.76
N PRO D 110 -21.93 36.69 -7.99
CA PRO D 110 -22.61 36.09 -6.83
C PRO D 110 -21.86 34.89 -6.26
N ILE D 111 -22.28 34.46 -5.07
CA ILE D 111 -21.77 33.22 -4.47
C ILE D 111 -22.91 32.22 -4.45
N ALA D 112 -22.63 30.96 -4.75
CA ALA D 112 -23.67 29.94 -4.72
C ALA D 112 -23.28 28.70 -3.91
N TYR D 113 -24.25 28.13 -3.18
CA TYR D 113 -24.07 26.83 -2.52
C TYR D 113 -24.92 25.78 -3.23
N THR D 114 -24.38 24.59 -3.43
CA THR D 114 -25.18 23.48 -3.97
C THR D 114 -24.57 22.16 -3.52
N ASN D 115 -24.94 21.05 -4.16
CA ASN D 115 -24.33 19.76 -3.83
C ASN D 115 -23.06 19.51 -4.66
N THR D 116 -22.24 18.55 -4.22
CA THR D 116 -20.92 18.37 -4.82
C THR D 116 -20.97 18.10 -6.33
N HIS D 117 -21.97 17.36 -6.78
CA HIS D 117 -21.99 16.96 -8.18
C HIS D 117 -22.73 17.93 -9.10
N SER D 118 -23.19 19.05 -8.54
CA SER D 118 -23.88 20.07 -9.35
C SER D 118 -23.08 21.37 -9.43
N VAL D 119 -21.89 21.37 -8.85
CA VAL D 119 -21.06 22.58 -8.78
C VAL D 119 -20.80 23.18 -10.16
N GLY D 120 -20.47 22.32 -11.12
CA GLY D 120 -20.17 22.77 -12.48
C GLY D 120 -21.33 23.43 -13.23
N ALA D 121 -22.50 22.79 -13.19
CA ALA D 121 -23.68 23.34 -13.84
C ALA D 121 -24.10 24.67 -13.21
N VAL D 122 -24.04 24.75 -11.87
CA VAL D 122 -24.41 25.99 -11.19
C VAL D 122 -23.45 27.12 -11.59
N ARG D 123 -22.16 26.80 -11.64
CA ARG D 123 -21.13 27.77 -12.02
C ARG D 123 -21.30 28.25 -13.44
N ASP D 124 -21.50 27.33 -14.38
CA ASP D 124 -21.66 27.74 -15.77
C ASP D 124 -22.98 28.47 -15.98
N ALA D 125 -23.96 28.20 -15.12
CA ALA D 125 -25.22 28.94 -15.18
C ALA D 125 -25.01 30.38 -14.72
N LEU D 126 -24.15 30.57 -13.71
CA LEU D 126 -23.84 31.92 -13.23
C LEU D 126 -23.05 32.69 -14.30
N VAL D 127 -22.23 31.98 -15.07
CA VAL D 127 -21.52 32.57 -16.20
C VAL D 127 -22.53 33.06 -17.23
N ALA D 128 -23.46 32.18 -17.58
CA ALA D 128 -24.49 32.49 -18.56
C ALA D 128 -25.32 33.71 -18.14
N ASN D 129 -25.49 33.88 -16.84
CA ASN D 129 -26.30 34.97 -16.31
C ASN D 129 -25.70 36.37 -16.56
N GLU D 130 -24.39 36.45 -16.76
CA GLU D 130 -23.75 37.75 -16.96
C GLU D 130 -23.60 38.11 -18.43
N ARG D 131 -23.95 37.19 -19.31
CA ARG D 131 -23.79 37.40 -20.75
C ARG D 131 -24.53 38.65 -21.25
N GLU D 132 -25.81 38.77 -20.90
CA GLU D 132 -26.62 39.88 -21.39
C GLU D 132 -26.00 41.22 -21.00
N ALA D 133 -25.43 41.31 -19.80
CA ALA D 133 -24.87 42.58 -19.35
C ALA D 133 -23.49 42.87 -19.92
N ALA D 134 -22.87 41.86 -20.53
CA ALA D 134 -21.55 42.05 -21.13
C ALA D 134 -21.67 42.97 -22.34
N ALA D 135 -21.61 44.27 -22.09
CA ALA D 135 -21.68 45.27 -23.16
C ALA D 135 -20.33 45.45 -23.85
N GLY D 136 -19.80 44.36 -24.40
CA GLY D 136 -18.56 44.43 -25.14
C GLY D 136 -17.36 44.61 -24.23
N ARG D 137 -17.55 44.46 -22.92
CA ARG D 137 -16.44 44.50 -21.99
C ARG D 137 -15.68 43.18 -22.02
N VAL D 138 -14.36 43.26 -22.06
CA VAL D 138 -13.52 42.06 -22.14
C VAL D 138 -13.13 41.53 -20.77
N TYR D 139 -13.74 40.41 -20.37
CA TYR D 139 -13.36 39.74 -19.13
C TYR D 139 -13.83 38.30 -19.14
N TRP D 140 -13.23 37.51 -18.27
CA TRP D 140 -13.65 36.12 -18.12
C TRP D 140 -14.34 35.98 -16.78
N CYS D 141 -15.57 35.48 -16.84
CA CYS D 141 -16.41 35.36 -15.65
C CYS D 141 -15.97 34.17 -14.81
N MET D 142 -15.72 34.41 -13.53
CA MET D 142 -15.27 33.38 -12.60
C MET D 142 -16.12 33.32 -11.34
N PRO D 143 -17.35 32.79 -11.44
CA PRO D 143 -18.26 32.73 -10.30
C PRO D 143 -17.75 31.84 -9.17
N VAL D 144 -18.11 32.17 -7.94
CA VAL D 144 -17.78 31.37 -6.77
C VAL D 144 -18.89 30.40 -6.42
N VAL D 145 -18.61 29.10 -6.51
CA VAL D 145 -19.58 28.09 -6.14
C VAL D 145 -18.94 27.11 -5.16
N MET D 146 -19.61 26.84 -4.05
CA MET D 146 -19.12 25.93 -3.03
C MET D 146 -20.16 24.85 -2.76
N GLU D 147 -19.79 23.82 -2.02
CA GLU D 147 -20.66 22.66 -1.90
C GLU D 147 -20.51 21.87 -0.63
N THR D 148 -21.55 21.10 -0.31
CA THR D 148 -21.41 19.99 0.64
C THR D 148 -22.15 18.81 0.00
N TYR D 149 -22.01 17.64 0.61
CA TYR D 149 -22.45 16.38 0.00
C TYR D 149 -23.78 15.87 0.55
N ASP D 150 -24.84 15.91 -0.26
CA ASP D 150 -26.14 15.40 0.21
C ASP D 150 -26.47 14.01 -0.32
N GLY D 151 -25.43 13.19 -0.52
CA GLY D 151 -25.60 11.88 -1.11
C GLY D 151 -26.47 10.87 -0.39
N LEU D 152 -26.72 11.07 0.91
CA LEU D 152 -27.54 10.13 1.66
C LEU D 152 -29.03 10.33 1.40
N LEU D 153 -29.50 11.57 1.51
CA LEU D 153 -30.92 11.89 1.34
C LEU D 153 -31.27 12.22 -0.11
N ASN D 154 -30.25 12.60 -0.87
CA ASN D 154 -30.44 13.03 -2.25
C ASN D 154 -29.75 12.11 -3.24
N ASP D 155 -30.35 11.96 -4.41
CA ASP D 155 -29.73 11.25 -5.51
C ASP D 155 -28.69 12.15 -6.17
N ILE D 156 -27.52 12.23 -5.54
CA ILE D 156 -26.52 13.21 -5.95
C ILE D 156 -25.87 12.84 -7.30
N TRP D 157 -25.89 11.56 -7.66
CA TRP D 157 -25.37 11.13 -8.96
C TRP D 157 -26.32 11.48 -10.10
N GLY D 158 -27.56 11.83 -9.74
CA GLY D 158 -28.58 12.17 -10.71
C GLY D 158 -28.41 13.55 -11.32
N GLN D 159 -27.64 14.40 -10.64
CA GLN D 159 -27.35 15.75 -11.10
C GLN D 159 -28.62 16.51 -11.50
N HIS D 160 -29.49 16.75 -10.52
CA HIS D 160 -30.83 17.28 -10.79
C HIS D 160 -30.90 18.80 -10.70
N VAL D 161 -29.79 19.45 -10.37
CA VAL D 161 -29.79 20.90 -10.29
C VAL D 161 -29.46 21.47 -11.67
N SER D 162 -30.24 22.45 -12.10
CA SER D 162 -30.09 23.00 -13.44
C SER D 162 -30.00 24.52 -13.44
N ALA D 163 -29.70 25.08 -14.60
CA ALA D 163 -29.62 26.52 -14.77
C ALA D 163 -30.92 27.22 -14.38
N ALA D 164 -32.05 26.54 -14.62
CA ALA D 164 -33.35 27.10 -14.28
C ALA D 164 -33.48 27.29 -12.76
N HIS D 165 -32.94 26.36 -12.00
CA HIS D 165 -33.00 26.43 -10.54
C HIS D 165 -32.14 27.57 -10.02
N VAL D 166 -31.02 27.81 -10.70
CA VAL D 166 -30.14 28.91 -10.34
C VAL D 166 -30.85 30.24 -10.58
N GLN D 167 -31.58 30.33 -11.67
CA GLN D 167 -32.30 31.55 -12.03
C GLN D 167 -33.45 31.78 -11.08
N ARG D 168 -34.07 30.71 -10.62
CA ARG D 168 -35.12 30.80 -9.61
C ARG D 168 -34.54 31.33 -8.30
N ALA D 169 -33.40 30.81 -7.90
CA ALA D 169 -32.74 31.29 -6.67
C ALA D 169 -32.33 32.76 -6.81
N LEU D 170 -31.75 33.12 -7.96
CA LEU D 170 -31.32 34.50 -8.22
C LEU D 170 -32.49 35.49 -8.17
N ALA D 171 -33.62 35.12 -8.77
CA ALA D 171 -34.76 36.03 -8.80
C ALA D 171 -35.33 36.18 -7.39
N ALA D 172 -35.17 35.15 -6.59
CA ALA D 172 -35.70 35.15 -5.23
C ALA D 172 -34.75 35.86 -4.26
N ALA D 173 -33.55 36.18 -4.72
CA ALA D 173 -32.54 36.78 -3.84
C ALA D 173 -33.01 38.15 -3.33
N GLN D 174 -33.05 38.31 -2.02
CA GLN D 174 -33.53 39.55 -1.43
C GLN D 174 -32.92 39.79 -0.05
N THR D 175 -33.04 41.03 0.42
CA THR D 175 -32.62 41.38 1.77
C THR D 175 -33.64 40.89 2.79
N GLY D 176 -33.41 41.19 4.07
CA GLY D 176 -34.34 40.81 5.12
C GLY D 176 -34.10 39.41 5.64
N PRO D 177 -35.09 38.85 6.35
CA PRO D 177 -34.99 37.53 6.96
C PRO D 177 -34.61 36.44 5.96
N VAL D 178 -33.79 35.48 6.39
CA VAL D 178 -33.31 34.39 5.53
C VAL D 178 -33.81 33.04 6.03
N ALA D 179 -34.44 32.26 5.17
CA ALA D 179 -34.92 30.93 5.58
C ALA D 179 -33.76 29.99 5.90
N GLU D 180 -33.92 29.18 6.94
CA GLU D 180 -32.85 28.30 7.40
C GLU D 180 -33.27 26.81 7.37
N GLY D 181 -32.32 25.92 7.60
CA GLY D 181 -32.61 24.49 7.62
C GLY D 181 -32.56 23.79 6.27
N GLY D 182 -33.52 22.89 6.04
CA GLY D 182 -33.57 22.12 4.80
C GLY D 182 -34.14 22.91 3.65
N VAL D 183 -33.46 24.00 3.30
CA VAL D 183 -33.90 24.80 2.16
C VAL D 183 -32.70 25.06 1.27
N GLY D 184 -32.96 25.36 -0.01
CA GLY D 184 -31.93 25.68 -0.97
C GLY D 184 -30.85 24.63 -1.06
N GLY D 185 -29.60 25.06 -0.92
CA GLY D 185 -28.48 24.13 -0.94
C GLY D 185 -28.45 23.24 0.28
N GLY D 186 -29.13 23.65 1.35
CA GLY D 186 -29.11 22.87 2.56
C GLY D 186 -30.20 21.82 2.65
N THR D 187 -31.01 21.72 1.61
CA THR D 187 -32.20 20.85 1.63
C THR D 187 -31.92 19.43 2.12
N GLY D 188 -30.89 18.78 1.59
CA GLY D 188 -30.61 17.41 1.96
C GLY D 188 -29.44 17.19 2.90
N MET D 189 -29.05 18.22 3.63
CA MET D 189 -27.86 18.14 4.47
C MET D 189 -28.15 17.63 5.88
N ILE D 190 -27.08 17.13 6.51
CA ILE D 190 -27.11 16.48 7.81
C ILE D 190 -25.99 17.02 8.70
N CYS D 191 -26.32 17.46 9.91
CA CYS D 191 -25.31 18.05 10.80
C CYS D 191 -25.38 17.47 12.20
N HIS D 192 -24.22 17.01 12.69
CA HIS D 192 -24.13 16.31 13.97
C HIS D 192 -25.16 15.20 14.06
N GLU D 193 -25.40 14.58 12.91
CA GLU D 193 -26.31 13.46 12.77
C GLU D 193 -27.74 13.87 13.12
N PHE D 194 -28.00 15.17 13.02
CA PHE D 194 -29.35 15.71 12.99
C PHE D 194 -29.56 16.34 11.63
N LYS D 195 -30.74 16.89 11.39
CA LYS D 195 -30.98 17.60 10.14
C LYS D 195 -30.10 18.86 10.08
N GLY D 196 -29.43 19.07 8.95
CA GLY D 196 -28.57 20.23 8.81
C GLY D 196 -29.07 21.19 7.77
N GLY D 197 -28.16 21.96 7.19
CA GLY D 197 -28.51 22.87 6.11
C GLY D 197 -28.14 24.31 6.37
N ILE D 198 -29.01 25.20 5.91
CA ILE D 198 -28.71 26.63 5.91
C ILE D 198 -28.90 27.26 7.29
N GLY D 199 -27.93 28.05 7.73
CA GLY D 199 -28.05 28.81 8.97
C GLY D 199 -27.40 30.17 8.81
N THR D 200 -27.91 31.17 9.51
CA THR D 200 -27.35 32.51 9.39
C THR D 200 -27.49 33.27 10.71
N ALA D 201 -26.67 34.29 10.89
CA ALA D 201 -26.66 35.12 12.09
C ALA D 201 -25.81 36.37 11.85
N SER D 202 -25.91 37.35 12.73
CA SER D 202 -25.12 38.56 12.58
C SER D 202 -24.69 39.14 13.94
N ARG D 203 -23.73 40.06 13.87
CA ARG D 203 -23.29 40.82 15.03
C ARG D 203 -23.04 42.26 14.59
N VAL D 204 -23.43 43.20 15.44
CA VAL D 204 -23.20 44.61 15.19
C VAL D 204 -22.25 45.18 16.24
N LEU D 205 -21.20 45.84 15.80
CA LEU D 205 -20.27 46.47 16.72
C LEU D 205 -20.85 47.81 17.22
N ALA D 206 -20.40 48.26 18.39
CA ALA D 206 -20.80 49.56 18.91
C ALA D 206 -20.23 50.69 18.07
N ALA D 207 -20.82 51.88 18.20
CA ALA D 207 -20.37 53.05 17.45
C ALA D 207 -18.91 53.39 17.70
N ASP D 208 -18.45 53.31 18.95
CA ASP D 208 -17.04 53.56 19.28
C ASP D 208 -16.08 52.52 18.70
N ALA D 209 -16.60 51.39 18.22
CA ALA D 209 -15.75 50.37 17.61
C ALA D 209 -15.86 50.38 16.09
N GLY D 210 -16.51 51.40 15.53
CA GLY D 210 -16.67 51.51 14.09
C GLY D 210 -18.08 51.25 13.58
N GLY D 211 -18.93 50.69 14.43
CA GLY D 211 -20.33 50.47 14.10
C GLY D 211 -20.63 49.44 13.02
N TRP D 212 -19.62 48.65 12.65
CA TRP D 212 -19.76 47.68 11.56
C TRP D 212 -20.58 46.45 11.93
N THR D 213 -21.18 45.85 10.90
CA THR D 213 -21.93 44.60 11.04
C THR D 213 -21.14 43.44 10.44
N VAL D 214 -21.14 42.30 11.13
CA VAL D 214 -20.55 41.07 10.60
C VAL D 214 -21.66 40.03 10.51
N GLY D 215 -21.82 39.44 9.33
CA GLY D 215 -22.85 38.44 9.11
C GLY D 215 -22.23 37.14 8.62
N ALA D 216 -22.90 36.03 8.87
CA ALA D 216 -22.42 34.75 8.38
C ALA D 216 -23.58 33.93 7.81
N LEU D 217 -23.31 33.19 6.74
CA LEU D 217 -24.28 32.26 6.19
C LEU D 217 -23.57 30.91 5.96
N VAL D 218 -24.04 29.86 6.62
CA VAL D 218 -23.39 28.56 6.50
C VAL D 218 -24.30 27.53 5.88
N GLN D 219 -23.68 26.53 5.27
CA GLN D 219 -24.37 25.31 4.85
C GLN D 219 -23.71 24.17 5.61
N ALA D 220 -24.39 23.71 6.66
CA ALA D 220 -23.83 22.79 7.65
C ALA D 220 -24.16 21.34 7.35
N ASN D 221 -23.12 20.54 7.15
CA ASN D 221 -23.26 19.15 6.78
C ASN D 221 -22.15 18.31 7.41
N TYR D 222 -21.79 18.63 8.64
CA TYR D 222 -20.60 18.04 9.26
C TYR D 222 -20.94 17.43 10.63
N GLY D 223 -20.00 16.66 11.17
CA GLY D 223 -19.97 16.41 12.60
C GLY D 223 -20.56 15.12 13.09
N VAL D 224 -19.98 14.58 14.16
CA VAL D 224 -20.56 13.42 14.82
C VAL D 224 -21.39 13.87 16.02
N ARG D 225 -22.39 13.06 16.35
CA ARG D 225 -23.35 13.38 17.40
C ARG D 225 -22.74 13.86 18.72
N GLU D 226 -21.92 13.01 19.33
CA GLU D 226 -21.37 13.30 20.66
C GLU D 226 -20.62 14.62 20.78
N MET D 227 -20.11 15.14 19.68
CA MET D 227 -19.27 16.35 19.69
C MET D 227 -20.05 17.66 19.72
N LEU D 228 -21.36 17.61 19.47
CA LEU D 228 -22.19 18.82 19.39
C LEU D 228 -22.10 19.63 20.68
N ARG D 229 -21.81 20.92 20.54
CA ARG D 229 -21.81 21.86 21.65
C ARG D 229 -22.65 23.07 21.32
N VAL D 230 -23.51 23.45 22.25
CA VAL D 230 -24.39 24.60 22.07
C VAL D 230 -24.15 25.62 23.19
N ALA D 231 -23.70 26.81 22.81
CA ALA D 231 -23.29 27.84 23.77
C ALA D 231 -22.24 27.30 24.74
N GLY D 232 -21.41 26.39 24.24
CA GLY D 232 -20.32 25.79 25.00
C GLY D 232 -20.64 24.47 25.72
N TYR D 233 -21.91 24.21 25.97
CA TYR D 233 -22.32 23.05 26.76
C TYR D 233 -22.34 21.74 25.96
N PRO D 234 -21.83 20.64 26.57
CA PRO D 234 -21.64 19.34 25.89
C PRO D 234 -22.96 18.56 25.67
N VAL D 235 -23.86 19.19 24.93
CA VAL D 235 -25.18 18.66 24.69
C VAL D 235 -25.17 17.37 23.85
N GLY D 236 -24.16 17.24 22.98
CA GLY D 236 -24.01 16.03 22.19
C GLY D 236 -23.84 14.79 23.07
N GLU D 237 -23.17 14.96 24.20
CA GLU D 237 -22.87 13.86 25.09
C GLU D 237 -24.12 13.27 25.75
N VAL D 238 -25.19 14.05 25.86
CA VAL D 238 -26.45 13.50 26.40
C VAL D 238 -27.49 13.29 25.29
N LEU D 239 -27.04 13.27 24.03
CA LEU D 239 -27.96 13.02 22.92
C LEU D 239 -27.51 11.84 22.06
N ARG D 240 -26.63 11.01 22.61
CA ARG D 240 -26.09 9.87 21.88
C ARG D 240 -27.17 8.86 21.50
N HIS D 241 -28.23 8.81 22.31
CA HIS D 241 -29.30 7.82 22.18
C HIS D 241 -30.24 8.03 21.00
N VAL D 242 -30.35 9.26 20.53
CA VAL D 242 -31.25 9.58 19.43
C VAL D 242 -30.81 8.89 18.14
N PRO D 243 -31.77 8.26 17.43
CA PRO D 243 -31.47 7.59 16.16
C PRO D 243 -30.71 8.48 15.17
N SER D 244 -29.82 7.84 14.42
CA SER D 244 -29.00 8.53 13.44
C SER D 244 -29.10 7.82 12.09
N PRO D 245 -29.08 8.59 10.99
CA PRO D 245 -29.10 8.00 9.65
C PRO D 245 -27.79 7.25 9.31
N PHE D 246 -26.77 7.36 10.15
CA PHE D 246 -25.49 6.72 9.88
C PHE D 246 -25.31 5.37 10.62
N SER D 259 -18.90 18.21 5.84
CA SER D 259 -18.46 19.44 5.21
C SER D 259 -19.27 20.64 5.74
N ILE D 260 -18.67 21.82 5.70
CA ILE D 260 -19.43 23.03 5.97
C ILE D 260 -18.82 24.18 5.19
N VAL D 261 -19.66 24.89 4.42
CA VAL D 261 -19.18 26.06 3.72
C VAL D 261 -19.69 27.30 4.46
N VAL D 262 -18.79 28.26 4.63
CA VAL D 262 -19.10 29.46 5.41
C VAL D 262 -18.81 30.67 4.56
N THR D 263 -19.78 31.59 4.47
CA THR D 263 -19.50 32.90 3.91
C THR D 263 -19.72 33.94 5.01
N ILE D 264 -18.68 34.74 5.25
CA ILE D 264 -18.73 35.85 6.16
C ILE D 264 -18.83 37.15 5.38
N ALA D 265 -19.74 38.04 5.78
CA ALA D 265 -19.85 39.36 5.18
C ALA D 265 -19.69 40.45 6.24
N THR D 266 -19.15 41.60 5.83
CA THR D 266 -19.09 42.75 6.71
C THR D 266 -19.08 44.05 5.92
N ASP D 267 -19.62 45.11 6.51
CA ASP D 267 -19.53 46.42 5.88
C ASP D 267 -18.31 47.19 6.39
N ALA D 268 -17.49 46.53 7.20
CA ALA D 268 -16.19 47.09 7.55
C ALA D 268 -15.35 47.23 6.27
N PRO D 269 -14.57 48.31 6.16
CA PRO D 269 -13.71 48.48 4.97
C PRO D 269 -12.44 47.65 5.07
N LEU D 270 -12.57 46.34 4.89
CA LEU D 270 -11.42 45.44 4.99
C LEU D 270 -10.68 45.29 3.65
N LEU D 271 -9.35 45.29 3.70
CA LEU D 271 -8.51 44.99 2.54
C LEU D 271 -8.46 43.47 2.31
N PRO D 272 -8.03 43.02 1.12
CA PRO D 272 -7.98 41.55 0.89
C PRO D 272 -7.26 40.75 1.98
N HIS D 273 -6.08 41.17 2.43
CA HIS D 273 -5.37 40.40 3.46
C HIS D 273 -6.16 40.38 4.77
N GLN D 274 -7.00 41.39 5.00
CA GLN D 274 -7.78 41.42 6.24
C GLN D 274 -8.98 40.49 6.18
N CYS D 275 -9.56 40.35 4.99
CA CYS D 275 -10.67 39.42 4.77
C CYS D 275 -10.19 37.97 5.00
N THR D 276 -8.94 37.70 4.64
CA THR D 276 -8.33 36.39 4.87
C THR D 276 -8.29 36.08 6.37
N ARG D 277 -7.85 37.06 7.15
CA ARG D 277 -7.81 36.93 8.60
C ARG D 277 -9.20 36.70 9.15
N LEU D 278 -10.17 37.45 8.63
CA LEU D 278 -11.55 37.33 9.10
C LEU D 278 -12.11 35.96 8.74
N ALA D 279 -11.81 35.50 7.54
CA ALA D 279 -12.30 34.21 7.08
C ALA D 279 -11.80 33.08 7.98
N GLN D 280 -10.56 33.16 8.46
CA GLN D 280 -10.04 32.06 9.29
C GLN D 280 -10.75 32.01 10.66
N ARG D 281 -11.44 33.08 11.06
CA ARG D 281 -12.14 33.05 12.36
C ARG D 281 -13.37 32.16 12.30
N ALA D 282 -13.74 31.73 11.10
CA ALA D 282 -14.80 30.72 10.98
C ALA D 282 -14.35 29.40 11.63
N SER D 283 -13.05 29.12 11.60
CA SER D 283 -12.50 27.94 12.29
C SER D 283 -12.87 27.99 13.75
N VAL D 284 -12.78 29.18 14.35
CA VAL D 284 -13.03 29.32 15.78
C VAL D 284 -14.49 29.03 16.12
N GLY D 285 -15.39 29.62 15.35
CA GLY D 285 -16.81 29.38 15.54
C GLY D 285 -17.20 27.93 15.34
N LEU D 286 -16.69 27.32 14.26
CA LEU D 286 -16.98 25.92 13.96
C LEU D 286 -16.46 25.02 15.07
N ALA D 287 -15.25 25.33 15.57
CA ALA D 287 -14.64 24.53 16.63
C ALA D 287 -15.50 24.51 17.90
N ARG D 288 -16.13 25.64 18.21
CA ARG D 288 -16.90 25.77 19.46
C ARG D 288 -18.19 24.97 19.44
N VAL D 289 -18.69 24.65 18.26
CA VAL D 289 -19.88 23.82 18.12
C VAL D 289 -19.49 22.32 18.07
N GLY D 290 -18.23 22.05 17.77
CA GLY D 290 -17.72 20.69 17.78
C GLY D 290 -17.21 20.19 16.45
N GLY D 291 -16.90 21.10 15.53
CA GLY D 291 -16.38 20.70 14.23
C GLY D 291 -14.89 20.86 14.09
N GLY D 292 -14.39 20.62 12.87
CA GLY D 292 -13.00 20.85 12.56
C GLY D 292 -12.07 19.66 12.79
N THR D 293 -12.60 18.48 13.07
CA THR D 293 -11.73 17.34 13.35
C THR D 293 -11.95 16.13 12.42
N GLU D 294 -12.66 16.35 11.31
CA GLU D 294 -12.94 15.28 10.34
C GLU D 294 -12.15 15.40 9.02
N ASP D 295 -11.42 14.35 8.68
CA ASP D 295 -10.73 14.27 7.39
C ASP D 295 -11.70 14.43 6.25
N SER D 296 -12.92 13.93 6.45
CA SER D 296 -13.89 13.86 5.37
C SER D 296 -14.66 15.16 5.16
N SER D 297 -14.44 16.14 6.03
CA SER D 297 -15.28 17.34 6.02
C SER D 297 -14.66 18.48 5.19
N GLY D 298 -15.32 18.86 4.11
CA GLY D 298 -14.86 20.02 3.34
C GLY D 298 -15.21 21.31 4.06
N ASP D 299 -14.27 21.83 4.86
CA ASP D 299 -14.51 23.01 5.67
C ASP D 299 -13.81 24.20 5.01
N ILE D 300 -14.59 24.95 4.23
CA ILE D 300 -14.06 25.98 3.34
C ILE D 300 -14.77 27.31 3.62
N PHE D 301 -13.99 28.36 3.87
CA PHE D 301 -14.53 29.64 4.36
C PHE D 301 -14.22 30.82 3.45
N LEU D 302 -15.22 31.66 3.23
CA LEU D 302 -15.04 32.85 2.42
C LEU D 302 -15.50 34.07 3.19
N ALA D 303 -14.74 35.16 3.14
CA ALA D 303 -15.15 36.42 3.76
C ALA D 303 -15.05 37.55 2.75
N PHE D 304 -16.09 38.36 2.65
CA PHE D 304 -16.02 39.55 1.80
C PHE D 304 -16.47 40.79 2.56
N ALA D 305 -15.96 41.93 2.12
CA ALA D 305 -16.23 43.20 2.77
C ALA D 305 -16.86 44.16 1.79
N THR D 306 -17.82 44.96 2.25
CA THR D 306 -18.52 45.89 1.37
C THR D 306 -18.12 47.34 1.65
N GLY D 307 -17.33 47.54 2.69
CA GLY D 307 -16.96 48.86 3.14
C GLY D 307 -16.29 49.70 2.06
N ASN D 308 -15.39 49.09 1.30
CA ASN D 308 -14.83 49.81 0.16
C ASN D 308 -15.65 49.56 -1.09
N ASP D 309 -16.13 50.65 -1.69
CA ASP D 309 -16.87 50.56 -2.94
C ASP D 309 -16.17 51.40 -4.00
N GLY D 310 -16.73 51.46 -5.20
CA GLY D 310 -16.07 52.19 -6.26
C GLY D 310 -14.78 51.53 -6.73
N LEU D 311 -14.66 50.22 -6.47
CA LEU D 311 -13.50 49.46 -6.93
C LEU D 311 -13.61 49.22 -8.44
N PRO D 312 -12.48 49.24 -9.15
CA PRO D 312 -12.59 49.13 -10.61
C PRO D 312 -13.01 47.74 -11.08
N ALA D 313 -14.04 47.69 -11.93
CA ALA D 313 -14.45 46.44 -12.56
C ALA D 313 -13.43 45.99 -13.61
N ALA D 314 -13.25 44.69 -13.74
CA ALA D 314 -12.30 44.15 -14.71
C ALA D 314 -12.80 44.37 -16.14
N ASN D 315 -11.97 45.01 -16.95
CA ASN D 315 -12.29 45.27 -18.35
C ASN D 315 -10.98 45.35 -19.13
N TYR D 316 -10.45 44.20 -19.51
CA TYR D 316 -9.09 44.16 -20.05
C TYR D 316 -8.97 44.82 -21.41
N GLY D 317 -7.95 45.66 -21.54
CA GLY D 317 -7.71 46.42 -22.75
C GLY D 317 -8.15 47.86 -22.69
N SER D 318 -9.01 48.17 -21.73
CA SER D 318 -9.50 49.55 -21.59
C SER D 318 -9.13 50.10 -20.20
N LYS D 319 -8.11 50.96 -20.18
CA LYS D 319 -7.40 51.37 -18.96
C LYS D 319 -7.94 52.61 -18.24
N GLY D 320 -7.91 52.58 -16.91
CA GLY D 320 -8.38 53.70 -16.08
C GLY D 320 -7.30 54.48 -15.35
N ALA D 321 -7.63 55.00 -14.18
CA ALA D 321 -6.67 55.77 -13.40
C ALA D 321 -5.64 54.81 -12.79
N PRO D 322 -4.43 55.31 -12.51
CA PRO D 322 -3.35 54.50 -11.94
C PRO D 322 -3.67 53.90 -10.57
N THR D 323 -4.36 54.68 -9.73
CA THR D 323 -4.67 54.22 -8.38
C THR D 323 -6.13 54.43 -7.94
N THR D 324 -6.49 53.76 -6.86
CA THR D 324 -7.79 53.95 -6.26
C THR D 324 -7.62 54.20 -4.77
N GLY D 325 -8.34 55.19 -4.26
CA GLY D 325 -8.36 55.48 -2.83
C GLY D 325 -9.29 54.52 -2.12
N VAL D 326 -8.80 53.89 -1.06
CA VAL D 326 -9.61 52.99 -0.25
C VAL D 326 -9.39 53.21 1.24
N LYS D 327 -10.24 52.61 2.06
CA LYS D 327 -10.06 52.69 3.51
C LYS D 327 -9.60 51.33 4.05
N MET D 328 -8.87 51.37 5.15
CA MET D 328 -8.40 50.15 5.81
C MET D 328 -8.79 50.17 7.29
N VAL D 329 -9.33 49.06 7.80
CA VAL D 329 -9.59 48.98 9.22
C VAL D 329 -8.25 48.85 9.94
N ASN D 330 -8.02 49.68 10.95
CA ASN D 330 -6.78 49.59 11.70
C ASN D 330 -6.74 48.34 12.57
N ASN D 331 -5.54 47.78 12.74
CA ASN D 331 -5.45 46.48 13.40
C ASN D 331 -5.90 46.52 14.85
N ASP D 332 -5.88 47.68 15.49
CA ASP D 332 -6.38 47.72 16.85
C ASP D 332 -7.91 47.76 16.88
N HIS D 333 -8.53 47.71 15.70
CA HIS D 333 -9.99 47.63 15.63
C HIS D 333 -10.47 46.33 15.01
N ILE D 334 -9.56 45.50 14.53
CA ILE D 334 -10.00 44.34 13.78
C ILE D 334 -10.41 43.18 14.69
N SER D 335 -9.90 43.14 15.93
CA SER D 335 -10.27 42.07 16.86
C SER D 335 -11.77 42.00 17.15
N ALA D 336 -12.44 43.15 17.24
CA ALA D 336 -13.87 43.13 17.50
C ALA D 336 -14.61 42.50 16.32
N LEU D 337 -14.03 42.62 15.13
CA LEU D 337 -14.55 41.98 13.92
C LEU D 337 -14.27 40.47 13.97
N PHE D 338 -13.08 40.08 14.45
CA PHE D 338 -12.74 38.66 14.65
C PHE D 338 -13.76 37.98 15.60
N VAL D 339 -13.97 38.59 16.76
CA VAL D 339 -14.94 38.09 17.76
C VAL D 339 -16.32 37.98 17.13
N ALA D 340 -16.74 39.03 16.42
CA ALA D 340 -18.07 39.05 15.82
C ALA D 340 -18.27 37.91 14.81
N ALA D 341 -17.27 37.69 13.96
CA ALA D 341 -17.37 36.64 12.96
C ALA D 341 -17.48 35.27 13.60
N ALA D 342 -16.65 35.04 14.61
CA ALA D 342 -16.65 33.76 15.31
C ALA D 342 -18.01 33.50 15.95
N GLU D 343 -18.60 34.52 16.57
CA GLU D 343 -19.93 34.38 17.17
C GLU D 343 -21.00 34.13 16.09
N ALA D 344 -20.92 34.88 15.00
CA ALA D 344 -21.93 34.78 13.94
C ALA D 344 -21.91 33.40 13.31
N VAL D 345 -20.71 32.86 13.11
CA VAL D 345 -20.57 31.52 12.52
C VAL D 345 -21.13 30.45 13.45
N GLU D 346 -20.78 30.56 14.73
CA GLU D 346 -21.24 29.63 15.75
C GLU D 346 -22.76 29.59 15.86
N GLU D 347 -23.38 30.78 15.93
CA GLU D 347 -24.83 30.85 16.07
C GLU D 347 -25.53 30.41 14.79
N ALA D 348 -24.89 30.69 13.64
CA ALA D 348 -25.44 30.31 12.35
C ALA D 348 -25.57 28.79 12.26
N ILE D 349 -24.57 28.08 12.80
CA ILE D 349 -24.59 26.61 12.80
C ILE D 349 -25.71 26.09 13.70
N VAL D 350 -25.81 26.62 14.92
CA VAL D 350 -26.85 26.17 15.82
C VAL D 350 -28.21 26.52 15.22
N ASN D 351 -28.30 27.65 14.53
CA ASN D 351 -29.54 28.03 13.86
C ASN D 351 -29.96 27.04 12.76
N ALA D 352 -28.99 26.53 12.01
CA ALA D 352 -29.30 25.54 10.97
C ALA D 352 -29.94 24.33 11.63
N LEU D 353 -29.36 23.90 12.76
CA LEU D 353 -29.86 22.75 13.48
C LEU D 353 -31.27 22.99 14.02
N VAL D 354 -31.49 24.15 14.65
CA VAL D 354 -32.79 24.44 15.22
C VAL D 354 -33.86 24.50 14.13
N ALA D 355 -33.48 24.96 12.93
CA ALA D 355 -34.44 25.09 11.85
C ALA D 355 -34.75 23.76 11.15
N GLY D 356 -33.91 22.76 11.39
CA GLY D 356 -34.03 21.45 10.75
C GLY D 356 -35.19 20.60 11.24
N GLY D 357 -35.80 19.87 10.30
CA GLY D 357 -36.88 18.97 10.62
C GLY D 357 -36.59 17.54 10.21
N ASP D 358 -37.46 16.63 10.63
CA ASP D 358 -37.37 15.21 10.28
C ASP D 358 -37.45 15.02 8.78
N VAL D 359 -36.58 14.14 8.25
CA VAL D 359 -36.60 13.82 6.83
C VAL D 359 -36.34 12.32 6.60
N GLU D 360 -37.18 11.69 5.79
CA GLU D 360 -36.96 10.31 5.36
C GLU D 360 -36.80 10.31 3.84
N SER D 361 -35.69 9.76 3.35
CA SER D 361 -35.43 9.78 1.92
C SER D 361 -34.40 8.74 1.51
N ARG D 362 -34.71 8.04 0.43
CA ARG D 362 -33.84 7.03 -0.16
C ARG D 362 -33.42 5.96 0.86
N GLY D 363 -34.32 5.61 1.76
CA GLY D 363 -34.08 4.56 2.73
C GLY D 363 -33.34 5.03 3.97
N ALA D 364 -33.15 6.35 4.08
CA ALA D 364 -32.47 6.94 5.24
C ALA D 364 -33.41 7.90 5.98
N ARG D 365 -33.30 7.93 7.30
CA ARG D 365 -34.12 8.82 8.11
C ARG D 365 -33.25 9.69 9.03
N VAL D 366 -33.49 11.00 9.03
CA VAL D 366 -32.79 11.89 9.92
C VAL D 366 -33.80 12.72 10.72
N GLU D 367 -33.52 12.91 12.01
CA GLU D 367 -34.40 13.66 12.90
C GLU D 367 -33.96 15.11 13.03
N GLY D 368 -34.93 16.01 13.16
CA GLY D 368 -34.63 17.38 13.59
C GLY D 368 -34.15 17.33 15.02
N LEU D 369 -33.21 18.21 15.37
CA LEU D 369 -32.67 18.27 16.73
C LEU D 369 -33.80 18.39 17.77
N GLY D 370 -34.73 19.29 17.51
CA GLY D 370 -35.88 19.46 18.39
C GLY D 370 -35.63 20.49 19.46
N GLN D 371 -36.48 21.52 19.45
CA GLN D 371 -36.36 22.64 20.39
C GLN D 371 -36.42 22.22 21.84
N ALA D 372 -37.45 21.45 22.19
CA ALA D 372 -37.63 21.00 23.57
C ALA D 372 -36.53 20.01 23.95
N ARG D 373 -36.16 19.14 23.01
CA ARG D 373 -35.12 18.16 23.28
C ARG D 373 -33.80 18.87 23.49
N LEU D 374 -33.52 19.91 22.69
CA LEU D 374 -32.31 20.68 22.87
C LEU D 374 -32.32 21.41 24.19
N LEU D 375 -33.44 22.07 24.49
CA LEU D 375 -33.57 22.79 25.75
C LEU D 375 -33.40 21.85 26.92
N ASP D 376 -34.00 20.66 26.82
CA ASP D 376 -33.85 19.68 27.89
C ASP D 376 -32.39 19.28 28.04
N ALA D 377 -31.72 19.03 26.92
CA ALA D 377 -30.32 18.61 26.95
C ALA D 377 -29.42 19.68 27.53
N LEU D 378 -29.69 20.92 27.15
CA LEU D 378 -28.92 22.05 27.66
C LEU D 378 -29.00 22.12 29.17
N ARG D 379 -30.21 22.03 29.70
CA ARG D 379 -30.43 22.10 31.14
C ARG D 379 -29.78 20.92 31.86
N GLU D 380 -29.82 19.77 31.22
CA GLU D 380 -29.23 18.56 31.80
C GLU D 380 -27.73 18.69 32.04
N VAL D 381 -27.04 19.46 31.20
CA VAL D 381 -25.59 19.63 31.38
C VAL D 381 -25.25 20.98 31.97
N GLY D 382 -26.23 21.64 32.59
CA GLY D 382 -25.96 22.80 33.41
C GLY D 382 -26.26 24.18 32.83
N TRP D 383 -26.76 24.22 31.60
CA TRP D 383 -27.11 25.52 30.99
C TRP D 383 -28.39 26.08 31.57
N ARG D 384 -28.46 27.40 31.68
CA ARG D 384 -29.68 28.09 32.13
C ARG D 384 -29.95 29.35 31.31
N PRO D 385 -31.25 29.67 31.09
CA PRO D 385 -31.69 30.85 30.33
C PRO D 385 -31.60 32.15 31.15
N HIS E 20 0.49 20.37 43.60
CA HIS E 20 0.75 19.45 42.50
C HIS E 20 -0.53 18.75 42.03
N MET E 21 -1.58 19.53 41.86
CA MET E 21 -2.87 19.02 41.39
C MET E 21 -3.10 19.56 39.96
N ARG E 22 -3.25 18.68 38.98
CA ARG E 22 -3.51 19.12 37.63
C ARG E 22 -5.01 19.09 37.34
N THR E 23 -5.40 19.54 36.16
CA THR E 23 -6.82 19.70 35.82
C THR E 23 -7.61 18.40 36.01
N ARG E 24 -7.09 17.32 35.45
CA ARG E 24 -7.76 16.02 35.52
C ARG E 24 -7.83 15.51 36.96
N ASP E 25 -6.82 15.87 37.74
CA ASP E 25 -6.77 15.46 39.15
C ASP E 25 -7.87 16.13 39.96
N LEU E 26 -8.41 17.22 39.42
CA LEU E 26 -9.51 17.95 40.06
C LEU E 26 -10.88 17.41 39.69
N GLY E 27 -10.90 16.35 38.88
CA GLY E 27 -12.16 15.79 38.39
C GLY E 27 -12.71 16.49 37.16
N ILE E 28 -11.89 17.37 36.60
CA ILE E 28 -12.25 18.09 35.38
C ILE E 28 -11.75 17.33 34.16
N ARG E 29 -12.67 16.84 33.32
CA ARG E 29 -12.26 16.05 32.17
C ARG E 29 -12.44 16.87 30.89
N ILE E 30 -11.35 17.01 30.13
CA ILE E 30 -11.40 17.69 28.86
C ILE E 30 -11.53 16.65 27.77
N GLY E 31 -12.60 16.73 26.98
CA GLY E 31 -12.81 15.80 25.89
C GLY E 31 -13.18 14.38 26.30
N LEU E 32 -13.07 13.46 25.35
CA LEU E 32 -13.55 12.10 25.53
C LEU E 32 -12.42 11.10 25.55
N GLY E 33 -11.22 11.59 25.22
CA GLY E 33 -10.08 10.73 25.01
C GLY E 33 -9.37 10.34 26.29
N THR E 34 -8.41 9.44 26.12
CA THR E 34 -7.63 8.89 27.22
C THR E 34 -6.21 9.40 27.18
N PRO E 35 -5.77 10.01 28.28
CA PRO E 35 -4.39 10.51 28.31
C PRO E 35 -3.38 9.38 28.40
N GLY E 36 -2.15 9.66 27.97
CA GLY E 36 -1.03 8.75 28.15
C GLY E 36 -0.58 8.77 29.59
N ARG E 37 0.46 8.00 29.89
CA ARG E 37 0.91 7.78 31.24
C ARG E 37 1.20 9.05 32.04
N PHE E 38 1.96 9.97 31.45
CA PHE E 38 2.32 11.21 32.12
C PHE E 38 1.36 12.34 31.82
N ASN E 39 0.42 12.09 30.91
CA ASN E 39 -0.42 13.14 30.34
C ASN E 39 0.44 14.34 29.91
N ALA E 40 1.42 14.09 29.04
CA ALA E 40 2.37 15.12 28.65
C ALA E 40 2.94 14.81 27.26
N ILE E 41 3.61 15.79 26.65
CA ILE E 41 4.14 15.56 25.31
C ILE E 41 5.19 14.45 25.33
N THR E 42 5.79 14.21 26.50
CA THR E 42 6.78 13.15 26.67
C THR E 42 6.18 11.73 26.61
N ASP E 43 4.86 11.62 26.55
CA ASP E 43 4.19 10.33 26.33
C ASP E 43 4.46 9.81 24.91
N VAL E 44 4.84 10.73 24.01
CA VAL E 44 5.38 10.33 22.73
C VAL E 44 6.81 9.87 23.00
N PRO E 45 7.08 8.56 22.82
CA PRO E 45 8.37 7.95 23.20
C PRO E 45 9.56 8.64 22.57
N GLY E 46 10.58 8.91 23.38
CA GLY E 46 11.80 9.54 22.90
C GLY E 46 11.84 11.06 23.07
N VAL E 47 10.65 11.67 23.10
CA VAL E 47 10.55 13.12 23.21
C VAL E 47 10.94 13.59 24.61
N ARG E 48 11.75 14.65 24.68
CA ARG E 48 12.26 15.14 25.96
C ARG E 48 11.99 16.65 26.13
N VAL E 49 11.74 17.08 27.36
CA VAL E 49 11.49 18.50 27.66
C VAL E 49 12.35 18.99 28.82
N GLY E 50 12.91 20.19 28.68
CA GLY E 50 13.71 20.79 29.73
C GLY E 50 13.44 22.26 29.91
N HIS E 51 13.50 22.72 31.16
CA HIS E 51 13.27 24.14 31.47
C HIS E 51 14.54 24.80 32.05
N CYS E 52 14.72 26.08 31.75
CA CYS E 52 15.63 26.93 32.52
C CYS E 52 14.83 28.16 32.91
N THR E 53 14.59 28.30 34.22
CA THR E 53 13.71 29.33 34.74
C THR E 53 14.48 30.44 35.44
N LEU E 54 14.28 31.67 35.00
CA LEU E 54 14.96 32.81 35.60
C LEU E 54 13.98 33.64 36.42
N ASN E 55 14.22 33.71 37.73
CA ASN E 55 13.43 34.53 38.63
C ASN E 55 14.35 35.27 39.61
N GLU E 56 14.43 36.58 39.46
CA GLU E 56 15.24 37.39 40.34
C GLU E 56 14.69 38.82 40.44
N GLU E 57 14.45 39.29 41.67
CA GLU E 57 13.90 40.62 41.89
C GLU E 57 14.93 41.73 41.76
N ASN E 58 14.62 42.72 40.93
CA ASN E 58 15.46 43.91 40.82
C ASN E 58 14.69 45.04 40.13
N GLY E 59 13.84 45.73 40.88
CA GLY E 59 13.06 46.84 40.36
C GLY E 59 12.43 46.68 38.98
N ASP E 60 12.78 47.59 38.07
CA ASP E 60 12.22 47.56 36.71
C ASP E 60 13.14 46.78 35.78
N ALA E 61 14.12 46.10 36.36
CA ALA E 61 15.04 45.25 35.62
C ALA E 61 14.87 43.83 36.13
N SER E 62 13.73 43.60 36.80
CA SER E 62 13.38 42.30 37.32
C SER E 62 13.27 41.31 36.17
N ILE E 63 13.71 40.08 36.42
CA ILE E 63 13.72 39.02 35.42
C ILE E 63 12.71 37.93 35.70
N ARG E 64 11.75 37.76 34.77
CA ARG E 64 10.77 36.67 34.82
C ARG E 64 10.58 36.04 33.45
N THR E 65 11.51 35.18 33.07
CA THR E 65 11.54 34.67 31.73
C THR E 65 12.36 33.40 31.80
N GLY E 66 12.74 32.86 30.66
CA GLY E 66 13.52 31.65 30.64
C GLY E 66 13.45 31.00 29.28
N VAL E 67 13.75 29.72 29.22
CA VAL E 67 13.71 29.00 27.95
C VAL E 67 13.26 27.58 28.18
N THR E 68 12.38 27.09 27.32
CA THR E 68 11.98 25.69 27.33
C THR E 68 12.44 25.02 26.04
N VAL E 69 12.95 23.80 26.15
CA VAL E 69 13.40 23.07 24.96
C VAL E 69 12.64 21.78 24.79
N ILE E 70 12.37 21.45 23.54
CA ILE E 70 11.80 20.16 23.23
C ILE E 70 12.79 19.40 22.36
N GLU E 71 13.20 18.22 22.80
CA GLU E 71 13.98 17.32 21.95
C GLU E 71 13.01 16.34 21.31
N PRO E 72 12.97 16.32 19.97
CA PRO E 72 12.03 15.43 19.28
C PRO E 72 12.47 13.95 19.32
N ARG E 73 13.74 13.66 19.58
CA ARG E 73 14.22 12.27 19.56
C ARG E 73 14.95 11.92 20.85
N ALA E 74 15.18 10.63 21.07
CA ALA E 74 15.95 10.21 22.23
C ALA E 74 17.39 10.70 22.12
N GLY E 75 17.92 10.74 20.90
CA GLY E 75 19.26 11.25 20.67
C GLY E 75 19.23 12.56 19.89
N ALA E 76 20.31 12.85 19.16
CA ALA E 76 20.44 14.12 18.43
C ALA E 76 19.44 14.23 17.29
N ALA E 77 18.72 15.34 17.26
CA ALA E 77 17.70 15.57 16.24
C ALA E 77 18.28 15.60 14.82
N HIS E 78 19.46 16.21 14.68
CA HIS E 78 20.09 16.33 13.36
C HIS E 78 20.24 14.99 12.66
N ASP E 79 20.58 13.96 13.43
CA ASP E 79 20.88 12.63 12.90
C ASP E 79 19.63 11.80 12.68
N SER E 80 18.51 12.21 13.27
CA SER E 80 17.28 11.46 13.07
C SER E 80 16.09 12.42 12.89
N PRO E 81 16.00 13.05 11.70
CA PRO E 81 14.98 14.06 11.38
C PRO E 81 13.55 13.55 11.50
N CYS E 82 12.66 14.47 11.82
CA CYS E 82 11.23 14.19 11.89
C CYS E 82 10.48 14.93 10.81
N PHE E 83 9.48 14.28 10.23
CA PHE E 83 8.53 14.99 9.38
C PHE E 83 7.80 16.01 10.25
N ALA E 84 7.52 17.17 9.67
CA ALA E 84 6.90 18.25 10.44
C ALA E 84 6.13 19.21 9.56
N GLY E 85 5.27 20.02 10.17
CA GLY E 85 4.48 21.00 9.45
C GLY E 85 4.09 22.10 10.42
N VAL E 86 3.72 23.26 9.88
CA VAL E 86 3.34 24.38 10.73
C VAL E 86 1.98 24.89 10.33
N HIS E 87 1.26 25.46 11.29
CA HIS E 87 0.07 26.23 10.93
C HIS E 87 0.07 27.53 11.70
N VAL E 88 -0.30 28.61 11.02
CA VAL E 88 -0.37 29.91 11.65
C VAL E 88 -1.82 30.40 11.71
N LEU E 89 -2.38 30.44 12.91
CA LEU E 89 -3.71 31.00 13.10
C LEU E 89 -3.65 32.52 13.06
N ASN E 90 -2.62 33.10 13.66
CA ASN E 90 -2.43 34.55 13.68
C ASN E 90 -0.96 34.87 13.86
N GLY E 91 -0.31 35.34 12.80
CA GLY E 91 1.13 35.48 12.81
C GLY E 91 1.72 36.71 13.49
N ASN E 92 1.10 37.21 14.56
CA ASN E 92 1.66 38.34 15.31
C ASN E 92 2.71 37.87 16.31
N GLY E 93 3.72 37.20 15.79
CA GLY E 93 4.75 36.61 16.61
C GLY E 93 5.95 36.27 15.75
N ASP E 94 7.04 35.86 16.39
CA ASP E 94 8.27 35.61 15.68
C ASP E 94 8.69 34.15 15.86
N ALA E 95 9.37 33.61 14.85
CA ALA E 95 9.87 32.25 14.91
C ALA E 95 11.04 32.08 13.96
N THR E 96 11.94 31.16 14.29
CA THR E 96 13.06 30.84 13.41
C THR E 96 12.90 29.39 12.98
N GLY E 97 13.53 29.03 11.86
CA GLY E 97 13.58 27.66 11.40
C GLY E 97 12.34 27.14 10.70
N LEU E 98 11.33 27.98 10.51
CA LEU E 98 10.06 27.51 9.94
C LEU E 98 10.03 27.41 8.42
N GLU E 99 10.88 28.17 7.73
CA GLU E 99 10.75 28.15 6.27
C GLU E 99 11.10 26.78 5.69
N TRP E 100 12.10 26.10 6.25
CA TRP E 100 12.44 24.77 5.73
C TRP E 100 11.42 23.75 6.16
N ILE E 101 10.75 23.99 7.28
CA ILE E 101 9.64 23.15 7.70
C ILE E 101 8.51 23.23 6.67
N ARG E 102 8.19 24.46 6.23
CA ARG E 102 7.20 24.64 5.19
C ARG E 102 7.61 23.94 3.90
N GLU E 103 8.87 24.12 3.51
CA GLU E 103 9.33 23.66 2.22
C GLU E 103 9.46 22.12 2.18
N ALA E 104 10.18 21.54 3.13
CA ALA E 104 10.50 20.11 3.06
C ALA E 104 9.95 19.27 4.22
N GLY E 105 9.34 19.94 5.20
CA GLY E 105 8.75 19.26 6.35
C GLY E 105 9.73 18.45 7.18
N LEU E 106 10.94 18.99 7.37
CA LEU E 106 11.97 18.29 8.13
C LEU E 106 12.43 19.09 9.34
N LEU E 107 12.09 18.59 10.52
CA LEU E 107 12.61 19.13 11.77
C LEU E 107 13.94 18.46 12.10
N THR E 108 15.00 19.24 12.19
CA THR E 108 16.36 18.71 12.28
C THR E 108 17.11 19.20 13.51
N THR E 109 16.36 19.84 14.40
CA THR E 109 16.93 20.50 15.59
C THR E 109 16.02 20.30 16.80
N PRO E 110 16.52 20.68 17.99
CA PRO E 110 15.55 20.84 19.07
C PRO E 110 14.61 22.01 18.79
N ILE E 111 13.53 22.08 19.54
CA ILE E 111 12.62 23.22 19.52
C ILE E 111 12.75 24.00 20.83
N ALA E 112 12.75 25.32 20.75
CA ALA E 112 12.86 26.12 21.95
C ALA E 112 11.77 27.18 22.03
N TYR E 113 11.25 27.40 23.24
CA TYR E 113 10.35 28.53 23.55
C TYR E 113 11.07 29.57 24.39
N THR E 114 10.88 30.85 24.08
CA THR E 114 11.38 31.88 24.97
C THR E 114 10.54 33.15 24.84
N ASN E 115 11.08 34.27 25.30
CA ASN E 115 10.40 35.55 25.12
C ASN E 115 10.77 36.17 23.76
N THR E 116 9.97 37.14 23.32
CA THR E 116 10.09 37.72 21.98
C THR E 116 11.47 38.33 21.69
N HIS E 117 12.06 38.98 22.70
CA HIS E 117 13.31 39.69 22.47
C HIS E 117 14.55 38.84 22.73
N SER E 118 14.36 37.55 22.99
CA SER E 118 15.47 36.62 23.22
C SER E 118 15.57 35.54 22.13
N VAL E 119 14.69 35.61 21.13
CA VAL E 119 14.62 34.58 20.10
C VAL E 119 15.95 34.40 19.40
N GLY E 120 16.58 35.51 19.03
CA GLY E 120 17.85 35.45 18.33
C GLY E 120 18.99 34.83 19.11
N ALA E 121 19.16 35.23 20.36
CA ALA E 121 20.23 34.68 21.17
C ALA E 121 20.04 33.19 21.39
N VAL E 122 18.80 32.76 21.62
CA VAL E 122 18.51 31.35 21.83
C VAL E 122 18.78 30.52 20.58
N ARG E 123 18.36 31.06 19.44
CA ARG E 123 18.53 30.37 18.17
C ARG E 123 20.02 30.18 17.84
N ASP E 124 20.80 31.24 17.97
CA ASP E 124 22.22 31.17 17.64
C ASP E 124 22.99 30.29 18.63
N ALA E 125 22.45 30.16 19.85
CA ALA E 125 23.03 29.24 20.83
C ALA E 125 22.78 27.79 20.44
N LEU E 126 21.59 27.53 19.89
CA LEU E 126 21.26 26.17 19.43
C LEU E 126 22.11 25.79 18.22
N VAL E 127 22.46 26.78 17.41
CA VAL E 127 23.39 26.56 16.30
C VAL E 127 24.75 26.18 16.88
N ALA E 128 25.22 26.98 17.84
CA ALA E 128 26.52 26.73 18.48
C ALA E 128 26.62 25.35 19.14
N ASN E 129 25.49 24.84 19.64
CA ASN E 129 25.44 23.54 20.32
C ASN E 129 25.77 22.38 19.38
N GLU E 130 25.57 22.58 18.08
CA GLU E 130 25.80 21.50 17.12
C GLU E 130 27.19 21.58 16.50
N ARG E 131 27.96 22.61 16.84
CA ARG E 131 29.28 22.81 16.25
C ARG E 131 30.24 21.63 16.49
N GLU E 132 30.39 21.25 17.75
CA GLU E 132 31.30 20.17 18.12
C GLU E 132 30.94 18.88 17.41
N ALA E 133 29.64 18.62 17.30
CA ALA E 133 29.10 17.41 16.70
C ALA E 133 29.09 17.42 15.17
N ALA E 134 29.39 18.58 14.58
CA ALA E 134 29.32 18.72 13.13
C ALA E 134 30.33 17.80 12.44
N ALA E 135 31.57 17.81 12.93
CA ALA E 135 32.60 16.89 12.44
C ALA E 135 32.64 16.80 10.91
N GLY E 136 32.87 17.93 10.25
CA GLY E 136 33.03 17.93 8.80
C GLY E 136 31.76 17.70 7.99
N ARG E 137 30.60 17.72 8.63
CA ARG E 137 29.33 17.63 7.91
C ARG E 137 29.02 18.98 7.26
N VAL E 138 28.63 18.96 5.99
CA VAL E 138 28.27 20.20 5.30
C VAL E 138 26.77 20.51 5.38
N TYR E 139 26.41 21.46 6.23
CA TYR E 139 25.02 21.92 6.32
C TYR E 139 24.93 23.24 7.07
N TRP E 140 23.79 23.92 6.93
CA TRP E 140 23.52 25.15 7.66
C TRP E 140 22.43 24.87 8.70
N CYS E 141 22.75 25.13 9.96
CA CYS E 141 21.87 24.80 11.08
C CYS E 141 20.72 25.81 11.19
N MET E 142 19.49 25.28 11.25
CA MET E 142 18.29 26.12 11.31
C MET E 142 17.35 25.73 12.46
N PRO E 143 17.72 26.10 13.70
CA PRO E 143 16.91 25.73 14.87
C PRO E 143 15.51 26.36 14.87
N VAL E 144 14.54 25.67 15.45
CA VAL E 144 13.18 26.19 15.56
C VAL E 144 13.02 26.83 16.93
N VAL E 145 12.80 28.14 16.93
CA VAL E 145 12.60 28.90 18.16
C VAL E 145 11.32 29.72 18.05
N MET E 146 10.45 29.61 19.05
CA MET E 146 9.20 30.36 19.05
C MET E 146 9.09 31.20 20.32
N GLU E 147 8.10 32.08 20.37
CA GLU E 147 8.06 33.04 21.47
C GLU E 147 6.65 33.51 21.85
N THR E 148 6.52 34.01 23.06
CA THR E 148 5.40 34.86 23.47
C THR E 148 5.99 36.01 24.28
N TYR E 149 5.17 37.01 24.56
CA TYR E 149 5.66 38.28 25.11
C TYR E 149 5.44 38.40 26.63
N ASP E 150 6.52 38.38 27.41
CA ASP E 150 6.38 38.56 28.86
C ASP E 150 6.80 39.96 29.34
N GLY E 151 6.58 40.97 28.50
CA GLY E 151 7.03 42.33 28.79
C GLY E 151 6.48 43.00 30.05
N LEU E 152 5.37 42.50 30.54
CA LEU E 152 4.71 43.07 31.70
C LEU E 152 5.41 42.66 33.00
N LEU E 153 5.64 41.37 33.18
CA LEU E 153 6.28 40.88 34.39
C LEU E 153 7.80 40.81 34.27
N ASN E 154 8.30 40.74 33.03
CA ASN E 154 9.73 40.57 32.78
C ASN E 154 10.31 41.80 32.09
N ASP E 155 11.57 42.11 32.37
CA ASP E 155 12.29 43.16 31.66
C ASP E 155 12.73 42.62 30.29
N ILE E 156 11.80 42.60 29.35
CA ILE E 156 12.01 41.95 28.07
C ILE E 156 13.00 42.74 27.20
N TRP E 157 13.14 44.04 27.44
CA TRP E 157 14.12 44.84 26.72
C TRP E 157 15.54 44.62 27.23
N GLY E 158 15.65 44.03 28.42
CA GLY E 158 16.93 43.76 29.03
C GLY E 158 17.67 42.59 28.41
N GLN E 159 16.94 41.75 27.68
CA GLN E 159 17.51 40.61 26.98
C GLN E 159 18.41 39.74 27.88
N HIS E 160 17.79 39.14 28.88
CA HIS E 160 18.52 38.44 29.93
C HIS E 160 18.73 36.95 29.71
N VAL E 161 18.18 36.41 28.61
CA VAL E 161 18.35 34.99 28.32
C VAL E 161 19.63 34.83 27.51
N SER E 162 20.45 33.86 27.90
CA SER E 162 21.76 33.69 27.28
C SER E 162 22.02 32.27 26.82
N ALA E 163 23.15 32.09 26.14
CA ALA E 163 23.59 30.80 25.66
C ALA E 163 23.70 29.80 26.81
N ALA E 164 24.10 30.30 27.98
CA ALA E 164 24.22 29.46 29.16
C ALA E 164 22.88 28.88 29.62
N HIS E 165 21.83 29.68 29.51
CA HIS E 165 20.48 29.26 29.88
C HIS E 165 19.95 28.20 28.93
N VAL E 166 20.29 28.33 27.66
CA VAL E 166 19.87 27.34 26.68
C VAL E 166 20.55 26.01 26.99
N GLN E 167 21.82 26.08 27.35
CA GLN E 167 22.58 24.87 27.59
C GLN E 167 22.09 24.14 28.84
N ARG E 168 21.66 24.91 29.83
CA ARG E 168 21.02 24.35 31.02
C ARG E 168 19.67 23.67 30.71
N ALA E 169 18.85 24.31 29.88
CA ALA E 169 17.56 23.71 29.49
C ALA E 169 17.81 22.42 28.73
N LEU E 170 18.79 22.44 27.84
CA LEU E 170 19.15 21.26 27.06
C LEU E 170 19.57 20.10 27.96
N ALA E 171 20.42 20.40 28.94
CA ALA E 171 20.96 19.37 29.84
C ALA E 171 19.87 18.80 30.74
N ALA E 172 18.85 19.60 31.02
CA ALA E 172 17.75 19.17 31.88
C ALA E 172 16.67 18.44 31.08
N ALA E 173 16.79 18.47 29.74
CA ALA E 173 15.76 17.86 28.90
C ALA E 173 15.69 16.37 29.15
N GLN E 174 14.51 15.89 29.52
CA GLN E 174 14.33 14.49 29.83
C GLN E 174 12.90 14.04 29.60
N THR E 175 12.71 12.73 29.57
CA THR E 175 11.39 12.15 29.44
C THR E 175 10.67 12.28 30.77
N GLY E 176 9.45 11.77 30.85
CA GLY E 176 8.69 11.78 32.08
C GLY E 176 7.87 13.05 32.32
N PRO E 177 7.40 13.25 33.56
CA PRO E 177 6.56 14.40 33.94
C PRO E 177 7.22 15.72 33.58
N VAL E 178 6.41 16.66 33.10
CA VAL E 178 6.89 17.97 32.67
C VAL E 178 6.33 19.06 33.57
N ALA E 179 7.20 19.91 34.12
CA ALA E 179 6.75 21.00 34.97
C ALA E 179 5.94 22.02 34.17
N GLU E 180 4.88 22.53 34.79
CA GLU E 180 3.96 23.45 34.12
C GLU E 180 3.86 24.78 34.85
N GLY E 181 3.17 25.74 34.24
CA GLY E 181 2.98 27.05 34.83
C GLY E 181 4.09 28.05 34.55
N GLY E 182 4.46 28.80 35.58
CA GLY E 182 5.50 29.82 35.48
C GLY E 182 6.89 29.21 35.51
N VAL E 183 7.19 28.38 34.52
CA VAL E 183 8.51 27.76 34.38
C VAL E 183 9.01 27.88 32.95
N GLY E 184 10.33 27.79 32.78
CA GLY E 184 10.95 27.87 31.47
C GLY E 184 10.59 29.13 30.69
N GLY E 185 10.15 28.94 29.45
CA GLY E 185 9.74 30.07 28.63
C GLY E 185 8.45 30.72 29.13
N GLY E 186 7.68 29.97 29.93
CA GLY E 186 6.40 30.45 30.43
C GLY E 186 6.47 31.17 31.76
N THR E 187 7.69 31.38 32.26
CA THR E 187 7.91 31.94 33.59
C THR E 187 7.13 33.22 33.84
N GLY E 188 7.19 34.16 32.90
CA GLY E 188 6.50 35.42 33.08
C GLY E 188 5.22 35.61 32.27
N MET E 189 4.60 34.53 31.80
CA MET E 189 3.45 34.68 30.90
C MET E 189 2.10 34.81 31.62
N ILE E 190 1.14 35.40 30.92
CA ILE E 190 -0.19 35.69 31.46
C ILE E 190 -1.25 35.19 30.48
N CYS E 191 -2.21 34.42 30.97
CA CYS E 191 -3.25 33.83 30.11
C CYS E 191 -4.64 34.05 30.70
N HIS E 192 -5.56 34.58 29.88
CA HIS E 192 -6.89 34.99 30.30
C HIS E 192 -6.82 35.84 31.58
N GLU E 193 -5.80 36.68 31.65
CA GLU E 193 -5.59 37.61 32.76
C GLU E 193 -5.40 36.88 34.09
N PHE E 194 -5.01 35.61 34.01
CA PHE E 194 -4.48 34.87 35.14
C PHE E 194 -3.02 34.55 34.83
N LYS E 195 -2.36 33.85 35.75
CA LYS E 195 -1.00 33.39 35.48
C LYS E 195 -1.02 32.36 34.35
N GLY E 196 -0.15 32.54 33.36
CA GLY E 196 -0.08 31.61 32.24
C GLY E 196 1.22 30.85 32.18
N GLY E 197 1.59 30.39 30.99
CA GLY E 197 2.86 29.70 30.84
C GLY E 197 2.76 28.32 30.24
N ILE E 198 3.59 27.42 30.74
CA ILE E 198 3.74 26.11 30.13
C ILE E 198 2.61 25.18 30.53
N GLY E 199 2.06 24.49 29.54
CA GLY E 199 1.04 23.48 29.76
C GLY E 199 1.28 22.30 28.83
N THR E 200 0.90 21.10 29.25
CA THR E 200 1.09 19.93 28.40
C THR E 200 -0.01 18.90 28.64
N ALA E 201 -0.21 18.03 27.66
CA ALA E 201 -1.19 16.95 27.74
C ALA E 201 -0.95 15.95 26.61
N SER E 202 -1.60 14.79 26.72
CA SER E 202 -1.48 13.75 25.71
C SER E 202 -2.78 12.96 25.57
N ARG E 203 -2.88 12.25 24.45
CA ARG E 203 -3.99 11.33 24.19
C ARG E 203 -3.44 10.06 23.53
N VAL E 204 -4.00 8.91 23.89
CA VAL E 204 -3.60 7.66 23.28
C VAL E 204 -4.75 7.04 22.51
N LEU E 205 -4.53 6.71 21.24
CA LEU E 205 -5.55 6.06 20.43
C LEU E 205 -5.66 4.58 20.77
N ALA E 206 -6.83 4.00 20.52
CA ALA E 206 -7.04 2.57 20.73
C ALA E 206 -6.20 1.77 19.74
N ALA E 207 -5.95 0.50 20.07
CA ALA E 207 -5.13 -0.37 19.24
C ALA E 207 -5.69 -0.52 17.84
N ASP E 208 -7.00 -0.67 17.75
CA ASP E 208 -7.69 -0.77 16.47
C ASP E 208 -7.59 0.52 15.66
N ALA E 209 -7.16 1.61 16.29
CA ALA E 209 -6.99 2.87 15.59
C ALA E 209 -5.50 3.18 15.32
N GLY E 210 -4.62 2.22 15.60
CA GLY E 210 -3.20 2.41 15.34
C GLY E 210 -2.35 2.56 16.60
N GLY E 211 -3.01 2.76 17.74
CA GLY E 211 -2.34 2.87 19.03
C GLY E 211 -1.43 4.09 19.22
N TRP E 212 -1.51 5.06 18.32
CA TRP E 212 -0.57 6.18 18.37
C TRP E 212 -0.88 7.13 19.52
N THR E 213 0.16 7.83 19.98
CA THR E 213 0.04 8.84 21.03
C THR E 213 0.18 10.25 20.42
N VAL E 214 -0.66 11.18 20.84
CA VAL E 214 -0.52 12.58 20.42
C VAL E 214 -0.32 13.42 21.66
N GLY E 215 0.75 14.18 21.68
CA GLY E 215 1.04 15.03 22.81
C GLY E 215 1.11 16.50 22.40
N ALA E 216 0.84 17.38 23.35
CA ALA E 216 0.93 18.81 23.08
C ALA E 216 1.68 19.50 24.19
N LEU E 217 2.51 20.47 23.83
CA LEU E 217 3.16 21.35 24.80
C LEU E 217 2.93 22.80 24.37
N VAL E 218 2.29 23.58 25.23
CA VAL E 218 1.98 24.96 24.88
C VAL E 218 2.67 25.98 25.78
N GLN E 219 2.86 27.17 25.25
CA GLN E 219 3.25 28.30 26.05
C GLN E 219 2.15 29.35 25.93
N ALA E 220 1.28 29.39 26.95
CA ALA E 220 0.05 30.17 26.88
C ALA E 220 0.19 31.57 27.44
N ASN E 221 -0.07 32.56 26.58
CA ASN E 221 0.09 33.97 26.92
C ASN E 221 -0.96 34.84 26.23
N TYR E 222 -2.17 34.32 26.11
CA TYR E 222 -3.22 34.96 25.33
C TYR E 222 -4.50 35.14 26.16
N GLY E 223 -5.43 35.92 25.62
CA GLY E 223 -6.82 35.82 26.01
C GLY E 223 -7.30 36.83 27.03
N VAL E 224 -8.56 37.23 26.90
CA VAL E 224 -9.18 38.09 27.88
C VAL E 224 -9.99 37.25 28.86
N ARG E 225 -10.11 37.75 30.08
CA ARG E 225 -10.75 37.06 31.20
C ARG E 225 -12.09 36.42 30.84
N GLU E 226 -13.01 37.25 30.38
CA GLU E 226 -14.39 36.81 30.15
CA GLU E 226 -14.39 36.86 30.09
C GLU E 226 -14.52 35.69 29.11
N MET E 227 -13.51 35.51 28.26
CA MET E 227 -13.59 34.46 27.23
C MET E 227 -13.22 33.06 27.74
N LEU E 228 -12.68 32.99 28.95
CA LEU E 228 -12.23 31.69 29.47
C LEU E 228 -13.33 30.63 29.56
N ARG E 229 -13.07 29.49 28.94
N ARG E 229 -13.09 29.50 28.92
CA ARG E 229 -13.97 28.34 28.99
CA ARG E 229 -13.98 28.34 29.00
C ARG E 229 -13.20 27.08 29.38
C ARG E 229 -13.21 27.09 29.38
N VAL E 230 -13.75 26.35 30.35
CA VAL E 230 -13.14 25.10 30.80
C VAL E 230 -14.15 23.98 30.61
N ALA E 231 -13.78 23.01 29.77
CA ALA E 231 -14.68 21.93 29.38
C ALA E 231 -15.99 22.47 28.80
N GLY E 232 -15.90 23.62 28.14
CA GLY E 232 -17.07 24.24 27.54
C GLY E 232 -17.78 25.24 28.44
N TYR E 233 -17.55 25.14 29.74
CA TYR E 233 -18.28 25.98 30.70
C TYR E 233 -17.70 27.39 30.82
N PRO E 234 -18.58 28.40 30.81
CA PRO E 234 -18.15 29.80 30.76
C PRO E 234 -17.66 30.34 32.10
N VAL E 235 -16.60 29.74 32.64
CA VAL E 235 -16.11 30.16 33.94
C VAL E 235 -15.55 31.60 33.92
N GLY E 236 -15.06 32.04 32.76
CA GLY E 236 -14.59 33.41 32.63
C GLY E 236 -15.64 34.48 32.94
N GLU E 237 -16.89 34.18 32.60
CA GLU E 237 -17.99 35.12 32.80
C GLU E 237 -18.33 35.34 34.29
N VAL E 238 -18.03 34.37 35.15
CA VAL E 238 -18.28 34.55 36.58
C VAL E 238 -16.98 34.80 37.34
N LEU E 239 -15.93 35.19 36.61
CA LEU E 239 -14.64 35.47 37.23
C LEU E 239 -14.15 36.87 36.91
N ARG E 240 -15.05 37.72 36.42
CA ARG E 240 -14.71 39.10 36.06
C ARG E 240 -14.17 39.92 37.21
N HIS E 241 -14.63 39.60 38.41
CA HIS E 241 -14.31 40.40 39.61
C HIS E 241 -12.87 40.26 40.06
N VAL E 242 -12.24 39.13 39.72
CA VAL E 242 -10.87 38.87 40.14
C VAL E 242 -9.92 39.91 39.54
N PRO E 243 -9.02 40.45 40.37
CA PRO E 243 -8.02 41.44 39.94
C PRO E 243 -7.25 40.98 38.70
N SER E 244 -6.90 41.93 37.83
CA SER E 244 -6.18 41.64 36.60
C SER E 244 -4.95 42.52 36.45
N PRO E 245 -3.88 41.96 35.88
CA PRO E 245 -2.66 42.76 35.64
C PRO E 245 -2.88 43.82 34.56
N PHE E 246 -4.00 43.79 33.85
CA PHE E 246 -4.23 44.75 32.77
C PHE E 246 -5.06 45.96 33.20
N SER E 259 -0.56 35.84 22.75
CA SER E 259 0.12 34.87 21.90
C SER E 259 0.08 33.49 22.52
N ILE E 260 0.11 32.47 21.67
CA ILE E 260 0.31 31.14 22.19
C ILE E 260 1.07 30.33 21.15
N VAL E 261 2.17 29.71 21.60
CA VAL E 261 2.87 28.80 20.71
C VAL E 261 2.52 27.37 21.13
N VAL E 262 2.28 26.52 20.14
CA VAL E 262 1.87 25.13 20.36
C VAL E 262 2.83 24.20 19.62
N THR E 263 3.34 23.20 20.33
CA THR E 263 4.00 22.09 19.64
C THR E 263 3.21 20.82 19.86
N ILE E 264 2.81 20.19 18.75
CA ILE E 264 2.13 18.91 18.80
C ILE E 264 3.10 17.81 18.35
N ALA E 265 3.17 16.72 19.10
CA ALA E 265 4.01 15.58 18.71
C ALA E 265 3.17 14.31 18.58
N THR E 266 3.59 13.42 17.70
CA THR E 266 2.90 12.14 17.57
C THR E 266 3.85 11.06 17.06
N ASP E 267 3.63 9.81 17.47
CA ASP E 267 4.43 8.70 16.94
C ASP E 267 3.73 8.01 15.77
N ALA E 268 2.59 8.54 15.35
CA ALA E 268 2.00 8.13 14.09
C ALA E 268 3.00 8.49 12.98
N PRO E 269 3.09 7.64 11.95
CA PRO E 269 3.95 7.90 10.80
C PRO E 269 3.32 8.90 9.82
N LEU E 270 3.30 10.18 10.21
CA LEU E 270 2.72 11.24 9.39
C LEU E 270 3.76 11.86 8.42
N LEU E 271 3.34 12.03 7.16
CA LEU E 271 4.13 12.74 6.15
C LEU E 271 4.05 14.25 6.40
N PRO E 272 4.96 15.04 5.79
CA PRO E 272 4.90 16.50 5.99
C PRO E 272 3.52 17.14 5.78
N HIS E 273 2.82 16.80 4.71
CA HIS E 273 1.52 17.44 4.46
C HIS E 273 0.51 17.03 5.53
N GLN E 274 0.72 15.87 6.14
CA GLN E 274 -0.21 15.41 7.17
C GLN E 274 0.05 16.12 8.49
N CYS E 275 1.31 16.44 8.74
CA CYS E 275 1.72 17.19 9.93
C CYS E 275 1.13 18.60 9.90
N THR E 276 1.06 19.18 8.70
CA THR E 276 0.42 20.49 8.54
C THR E 276 -1.05 20.43 8.93
N ARG E 277 -1.73 19.38 8.48
CA ARG E 277 -3.13 19.18 8.85
C ARG E 277 -3.30 19.04 10.36
N LEU E 278 -2.40 18.29 10.97
CA LEU E 278 -2.45 18.06 12.41
C LEU E 278 -2.18 19.35 13.17
N ALA E 279 -1.24 20.14 12.68
CA ALA E 279 -0.87 21.42 13.31
C ALA E 279 -2.07 22.35 13.36
N GLN E 280 -2.90 22.33 12.32
CA GLN E 280 -4.00 23.27 12.29
C GLN E 280 -5.09 22.90 13.33
N ARG E 281 -5.08 21.67 13.84
CA ARG E 281 -6.11 21.31 14.81
C ARG E 281 -5.80 21.98 16.17
N ALA E 282 -4.62 22.59 16.30
CA ALA E 282 -4.34 23.41 17.47
C ALA E 282 -5.31 24.60 17.52
N SER E 283 -5.78 25.06 16.35
CA SER E 283 -6.81 26.10 16.28
C SER E 283 -8.08 25.70 17.02
N VAL E 284 -8.44 24.43 16.86
CA VAL E 284 -9.68 23.91 17.42
C VAL E 284 -9.63 23.87 18.94
N GLY E 285 -8.54 23.34 19.48
CA GLY E 285 -8.34 23.29 20.91
C GLY E 285 -8.30 24.67 21.54
N LEU E 286 -7.54 25.57 20.91
CA LEU E 286 -7.42 26.95 21.41
C LEU E 286 -8.79 27.63 21.41
N ALA E 287 -9.56 27.41 20.35
CA ALA E 287 -10.86 28.04 20.22
C ALA E 287 -11.79 27.65 21.36
N ARG E 288 -11.71 26.39 21.77
CA ARG E 288 -12.60 25.85 22.80
C ARG E 288 -12.31 26.43 24.18
N VAL E 289 -11.11 26.95 24.38
CA VAL E 289 -10.77 27.56 25.64
C VAL E 289 -11.11 29.05 25.62
N GLY E 290 -11.29 29.61 24.43
CA GLY E 290 -11.70 30.99 24.32
C GLY E 290 -10.66 31.85 23.61
N GLY E 291 -9.79 31.21 22.85
CA GLY E 291 -8.75 31.94 22.14
C GLY E 291 -9.04 32.11 20.68
N GLY E 292 -8.08 32.68 19.95
CA GLY E 292 -8.15 32.77 18.51
C GLY E 292 -8.84 33.98 17.91
N THR E 293 -9.16 34.99 18.73
CA THR E 293 -9.87 36.16 18.22
C THR E 293 -9.14 37.48 18.49
N GLU E 294 -7.85 37.43 18.81
CA GLU E 294 -7.08 38.65 19.09
C GLU E 294 -6.07 38.99 17.99
N ASP E 295 -6.13 40.22 17.49
CA ASP E 295 -5.13 40.70 16.56
C ASP E 295 -3.72 40.65 17.16
N SER E 296 -3.59 40.90 18.45
CA SER E 296 -2.28 41.02 19.08
C SER E 296 -1.65 39.67 19.46
N SER E 297 -2.37 38.60 19.25
CA SER E 297 -1.96 37.30 19.76
C SER E 297 -1.20 36.51 18.69
N GLY E 298 0.07 36.25 18.94
CA GLY E 298 0.86 35.43 18.04
C GLY E 298 0.53 33.97 18.21
N ASP E 299 -0.38 33.45 17.38
CA ASP E 299 -0.84 32.07 17.51
C ASP E 299 -0.23 31.19 16.43
N ILE E 300 0.85 30.51 16.79
CA ILE E 300 1.68 29.78 15.86
C ILE E 300 1.84 28.33 16.33
N PHE E 301 1.52 27.39 15.43
CA PHE E 301 1.45 25.98 15.78
C PHE E 301 2.42 25.13 14.95
N LEU E 302 3.09 24.20 15.62
CA LEU E 302 4.04 23.27 14.98
C LEU E 302 3.66 21.85 15.36
N ALA E 303 3.68 20.95 14.39
CA ALA E 303 3.47 19.52 14.63
C ALA E 303 4.60 18.72 13.99
N PHE E 304 5.15 17.77 14.74
CA PHE E 304 6.11 16.83 14.19
C PHE E 304 5.74 15.38 14.55
N ALA E 305 6.19 14.47 13.70
CA ALA E 305 5.87 13.05 13.82
C ALA E 305 7.17 12.23 13.94
N THR E 306 7.14 11.20 14.77
CA THR E 306 8.34 10.39 15.01
C THR E 306 8.19 8.98 14.42
N GLY E 307 7.01 8.68 13.88
CA GLY E 307 6.68 7.36 13.37
C GLY E 307 7.61 6.87 12.28
N ASN E 308 7.97 7.77 11.37
CA ASN E 308 8.99 7.50 10.40
C ASN E 308 10.34 7.93 10.96
N ASP E 309 11.24 6.96 11.01
CA ASP E 309 12.60 7.22 11.44
C ASP E 309 13.49 6.81 10.27
N GLY E 310 14.80 6.96 10.41
CA GLY E 310 15.71 6.62 9.31
C GLY E 310 15.65 7.59 8.15
N LEU E 311 15.17 8.80 8.41
CA LEU E 311 15.13 9.85 7.39
C LEU E 311 16.55 10.39 7.20
N PRO E 312 16.89 10.79 5.96
CA PRO E 312 18.26 11.21 5.67
C PRO E 312 18.64 12.55 6.29
N ALA E 313 19.77 12.54 7.00
CA ALA E 313 20.33 13.76 7.53
C ALA E 313 20.91 14.59 6.38
N ALA E 314 20.77 15.91 6.48
CA ALA E 314 21.30 16.80 5.45
C ALA E 314 22.81 16.85 5.50
N ASN E 315 23.46 16.57 4.37
CA ASN E 315 24.91 16.65 4.28
C ASN E 315 25.27 16.95 2.82
N TYR E 316 25.21 18.23 2.46
CA TYR E 316 25.28 18.62 1.06
C TYR E 316 26.65 18.35 0.43
N GLY E 317 26.60 17.74 -0.76
CA GLY E 317 27.80 17.32 -1.45
C GLY E 317 28.03 15.83 -1.28
N SER E 318 27.35 15.24 -0.29
CA SER E 318 27.50 13.84 0.00
C SER E 318 26.20 13.07 -0.25
N LYS E 319 26.17 12.37 -1.38
CA LYS E 319 24.94 11.84 -1.95
C LYS E 319 24.65 10.40 -1.49
N GLY E 320 23.37 10.13 -1.19
CA GLY E 320 22.98 8.80 -0.73
C GLY E 320 22.15 8.05 -1.76
N ALA E 321 21.26 7.19 -1.29
CA ALA E 321 20.37 6.44 -2.18
C ALA E 321 19.30 7.35 -2.77
N PRO E 322 18.74 6.97 -3.93
CA PRO E 322 17.72 7.80 -4.58
C PRO E 322 16.46 8.00 -3.76
N THR E 323 15.98 6.95 -3.09
CA THR E 323 14.72 7.04 -2.37
C THR E 323 14.83 6.53 -0.95
N THR E 324 13.82 6.84 -0.14
CA THR E 324 13.67 6.29 1.19
C THR E 324 12.25 5.76 1.33
N GLY E 325 12.09 4.55 1.85
CA GLY E 325 10.78 3.98 2.08
C GLY E 325 10.19 4.52 3.38
N VAL E 326 8.96 5.00 3.32
CA VAL E 326 8.31 5.44 4.56
C VAL E 326 6.88 4.93 4.67
N LYS E 327 6.29 5.10 5.85
CA LYS E 327 4.90 4.74 6.06
C LYS E 327 4.10 6.03 6.13
N MET E 328 2.84 5.95 5.70
CA MET E 328 1.91 7.06 5.82
C MET E 328 0.61 6.60 6.49
N VAL E 329 0.11 7.40 7.42
CA VAL E 329 -1.19 7.11 8.02
C VAL E 329 -2.25 7.29 6.94
N ASN E 330 -3.11 6.31 6.74
CA ASN E 330 -4.17 6.47 5.77
C ASN E 330 -5.22 7.48 6.26
N ASN E 331 -5.83 8.20 5.32
CA ASN E 331 -6.70 9.32 5.68
C ASN E 331 -7.95 8.88 6.46
N ASP E 332 -8.35 7.62 6.37
CA ASP E 332 -9.50 7.18 7.16
C ASP E 332 -9.10 6.85 8.60
N HIS E 333 -7.82 7.05 8.89
CA HIS E 333 -7.33 6.92 10.25
C HIS E 333 -6.79 8.25 10.83
N ILE E 334 -6.78 9.31 10.04
CA ILE E 334 -6.19 10.55 10.54
C ILE E 334 -7.16 11.40 11.38
N SER E 335 -8.47 11.25 11.22
CA SER E 335 -9.44 12.03 12.04
C SER E 335 -9.26 11.79 13.54
N ALA E 336 -8.96 10.56 13.92
CA ALA E 336 -8.73 10.25 15.33
C ALA E 336 -7.49 10.97 15.86
N LEU E 337 -6.53 11.23 14.97
CA LEU E 337 -5.36 12.01 15.35
C LEU E 337 -5.75 13.49 15.48
N PHE E 338 -6.62 13.95 14.59
CA PHE E 338 -7.16 15.32 14.68
C PHE E 338 -7.85 15.59 16.01
N VAL E 339 -8.78 14.71 16.38
CA VAL E 339 -9.50 14.81 17.63
C VAL E 339 -8.53 14.84 18.80
N ALA E 340 -7.57 13.91 18.78
CA ALA E 340 -6.61 13.78 19.85
C ALA E 340 -5.76 15.03 20.04
N ALA E 341 -5.30 15.63 18.95
CA ALA E 341 -4.50 16.85 19.04
C ALA E 341 -5.32 17.99 19.60
N ALA E 342 -6.56 18.12 19.13
CA ALA E 342 -7.42 19.19 19.56
C ALA E 342 -7.67 19.11 21.06
N GLU E 343 -7.92 17.90 21.57
CA GLU E 343 -8.11 17.69 23.01
C GLU E 343 -6.83 17.94 23.82
N ALA E 344 -5.72 17.44 23.29
CA ALA E 344 -4.44 17.57 23.96
C ALA E 344 -4.09 19.05 24.11
N VAL E 345 -4.37 19.84 23.08
CA VAL E 345 -4.10 21.27 23.15
C VAL E 345 -5.03 21.99 24.15
N GLU E 346 -6.32 21.68 24.10
CA GLU E 346 -7.27 22.27 25.02
C GLU E 346 -6.88 22.01 26.47
N GLU E 347 -6.61 20.74 26.81
CA GLU E 347 -6.26 20.40 28.18
C GLU E 347 -4.89 20.99 28.59
N ALA E 348 -3.96 21.07 27.64
CA ALA E 348 -2.65 21.64 27.95
C ALA E 348 -2.78 23.09 28.38
N ILE E 349 -3.64 23.84 27.69
CA ILE E 349 -3.88 25.24 28.03
C ILE E 349 -4.50 25.34 29.43
N VAL E 350 -5.53 24.56 29.71
CA VAL E 350 -6.15 24.61 31.03
C VAL E 350 -5.14 24.17 32.10
N ASN E 351 -4.30 23.19 31.78
CA ASN E 351 -3.24 22.75 32.69
C ASN E 351 -2.27 23.87 33.04
N ALA E 352 -1.91 24.71 32.06
CA ALA E 352 -1.03 25.84 32.32
C ALA E 352 -1.69 26.81 33.30
N LEU E 353 -2.97 27.06 33.10
CA LEU E 353 -3.70 27.94 34.00
C LEU E 353 -3.77 27.36 35.41
N VAL E 354 -4.09 26.09 35.52
CA VAL E 354 -4.23 25.47 36.84
C VAL E 354 -2.90 25.43 37.61
N ALA E 355 -1.78 25.29 36.89
CA ALA E 355 -0.47 25.26 37.54
C ALA E 355 0.08 26.65 37.85
N GLY E 356 -0.54 27.67 37.27
CA GLY E 356 -0.05 29.03 37.44
C GLY E 356 -0.26 29.54 38.85
N GLY E 357 0.71 30.29 39.35
CA GLY E 357 0.66 30.87 40.67
C GLY E 357 0.79 32.39 40.63
N ASP E 358 0.56 33.01 41.78
CA ASP E 358 0.63 34.46 41.92
C ASP E 358 2.02 34.98 41.58
N VAL E 359 2.08 36.08 40.83
CA VAL E 359 3.35 36.73 40.51
C VAL E 359 3.20 38.24 40.57
N GLU E 360 4.10 38.91 41.30
CA GLU E 360 4.13 40.37 41.28
C GLU E 360 5.50 40.87 40.80
N SER E 361 5.50 41.70 39.76
CA SER E 361 6.76 42.13 39.18
C SER E 361 6.66 43.38 38.32
N ARG E 362 7.63 44.27 38.52
CA ARG E 362 7.74 45.50 37.75
C ARG E 362 6.45 46.33 37.82
N GLY E 363 5.82 46.29 38.99
CA GLY E 363 4.63 47.08 39.25
C GLY E 363 3.33 46.44 38.79
N ALA E 364 3.40 45.20 38.35
CA ALA E 364 2.21 44.49 37.91
C ALA E 364 2.01 43.22 38.73
N ARG E 365 0.75 42.91 39.04
CA ARG E 365 0.41 41.72 39.80
C ARG E 365 -0.58 40.87 39.03
N VAL E 366 -0.31 39.57 38.97
CA VAL E 366 -1.23 38.63 38.36
C VAL E 366 -1.50 37.47 39.31
N GLU E 367 -2.75 37.01 39.33
CA GLU E 367 -3.13 35.89 40.18
C GLU E 367 -3.17 34.56 39.42
N GLY E 368 -2.76 33.50 40.09
CA GLY E 368 -3.01 32.16 39.59
C GLY E 368 -4.51 31.97 39.63
N LEU E 369 -5.03 31.23 38.67
CA LEU E 369 -6.45 30.94 38.60
C LEU E 369 -6.94 30.37 39.93
N GLY E 370 -6.21 29.41 40.48
CA GLY E 370 -6.59 28.82 41.74
C GLY E 370 -7.46 27.60 41.53
N GLN E 371 -6.99 26.47 42.06
CA GLN E 371 -7.68 25.20 41.94
C GLN E 371 -9.07 25.21 42.52
N ALA E 372 -9.19 25.64 43.77
CA ALA E 372 -10.47 25.68 44.45
C ALA E 372 -11.37 26.72 43.77
N ARG E 373 -10.79 27.84 43.36
CA ARG E 373 -11.57 28.90 42.74
C ARG E 373 -12.17 28.44 41.41
N LEU E 374 -11.41 27.63 40.65
CA LEU E 374 -11.89 27.09 39.38
C LEU E 374 -13.04 26.14 39.62
N LEU E 375 -12.89 25.26 40.62
CA LEU E 375 -13.93 24.32 40.96
C LEU E 375 -15.20 25.09 41.34
N ASP E 376 -15.05 26.18 42.09
CA ASP E 376 -16.20 26.99 42.49
C ASP E 376 -16.92 27.61 41.31
N ALA E 377 -16.12 28.17 40.39
CA ALA E 377 -16.66 28.83 39.21
C ALA E 377 -17.37 27.83 38.30
N LEU E 378 -16.76 26.67 38.14
CA LEU E 378 -17.36 25.62 37.34
C LEU E 378 -18.72 25.25 37.93
N ARG E 379 -18.78 25.08 39.24
CA ARG E 379 -20.01 24.67 39.88
C ARG E 379 -21.07 25.75 39.70
N GLU E 380 -20.65 27.01 39.77
CA GLU E 380 -21.57 28.16 39.63
C GLU E 380 -22.26 28.23 38.27
N VAL E 381 -21.58 27.79 37.21
CA VAL E 381 -22.16 27.84 35.86
C VAL E 381 -22.68 26.47 35.39
N GLY E 382 -22.89 25.57 36.34
CA GLY E 382 -23.65 24.35 36.10
C GLY E 382 -22.88 23.06 35.92
N TRP E 383 -21.57 23.13 35.96
CA TRP E 383 -20.75 21.93 35.79
C TRP E 383 -20.83 21.08 37.06
N ARG E 384 -20.81 19.76 36.87
CA ARG E 384 -20.79 18.82 37.99
C ARG E 384 -19.80 17.71 37.64
N PRO E 385 -19.08 17.19 38.65
CA PRO E 385 -18.11 16.13 38.36
C PRO E 385 -18.76 14.77 38.11
N GLY E 386 -19.60 14.65 37.09
CA GLY E 386 -20.20 13.38 36.74
C GLY E 386 -20.30 13.15 35.24
N MET F 21 9.70 19.33 -37.76
CA MET F 21 8.36 19.86 -37.56
C MET F 21 8.23 20.49 -36.17
N ARG F 22 8.79 19.84 -35.14
CA ARG F 22 8.74 20.39 -33.78
C ARG F 22 10.03 21.15 -33.51
N THR F 23 10.11 21.84 -32.37
CA THR F 23 11.23 22.72 -32.06
C THR F 23 12.57 22.03 -32.19
N ARG F 24 12.71 20.87 -31.54
CA ARG F 24 13.97 20.15 -31.55
C ARG F 24 14.34 19.67 -32.96
N ASP F 25 13.33 19.35 -33.77
CA ASP F 25 13.57 18.86 -35.13
C ASP F 25 14.14 19.97 -36.00
N LEU F 26 13.98 21.22 -35.54
CA LEU F 26 14.51 22.36 -36.27
C LEU F 26 15.97 22.66 -35.90
N GLY F 27 16.54 21.84 -35.02
CA GLY F 27 17.90 22.06 -34.55
C GLY F 27 17.95 23.04 -33.38
N ILE F 28 16.80 23.39 -32.85
CA ILE F 28 16.72 24.28 -31.69
C ILE F 28 16.70 23.47 -30.40
N ARG F 29 17.75 23.58 -29.59
CA ARG F 29 17.75 22.77 -28.38
C ARG F 29 17.46 23.63 -27.16
N ILE F 30 16.46 23.23 -26.41
CA ILE F 30 16.09 23.91 -25.17
C ILE F 30 16.71 23.17 -23.99
N GLY F 31 17.51 23.88 -23.20
CA GLY F 31 18.16 23.31 -22.02
C GLY F 31 19.27 22.30 -22.31
N LEU F 32 19.63 21.52 -21.30
CA LEU F 32 20.78 20.62 -21.38
C LEU F 32 20.37 19.16 -21.35
N GLY F 33 19.09 18.92 -21.06
CA GLY F 33 18.59 17.58 -20.83
C GLY F 33 18.25 16.74 -22.04
N THR F 34 17.92 15.47 -21.79
CA THR F 34 17.60 14.53 -22.85
C THR F 34 16.11 14.15 -22.82
N PRO F 35 15.39 14.40 -23.92
CA PRO F 35 13.96 14.09 -23.96
C PRO F 35 13.68 12.60 -24.01
N GLY F 36 12.46 12.21 -23.60
CA GLY F 36 12.03 10.84 -23.74
C GLY F 36 11.69 10.52 -25.18
N ARG F 37 11.24 9.29 -25.42
CA ARG F 37 11.02 8.77 -26.76
C ARG F 37 10.09 9.66 -27.59
N PHE F 38 8.96 10.05 -27.00
CA PHE F 38 7.98 10.87 -27.71
C PHE F 38 8.18 12.37 -27.48
N ASN F 39 9.08 12.73 -26.57
CA ASN F 39 9.23 14.11 -26.10
C ASN F 39 7.83 14.68 -25.74
N ALA F 40 7.14 13.99 -24.85
CA ALA F 40 5.77 14.35 -24.51
C ALA F 40 5.47 13.85 -23.11
N ILE F 41 4.39 14.34 -22.53
CA ILE F 41 4.02 13.96 -21.17
C ILE F 41 3.71 12.45 -21.13
N THR F 42 3.38 11.87 -22.28
CA THR F 42 3.09 10.44 -22.37
C THR F 42 4.34 9.54 -22.24
N ASP F 43 5.53 10.15 -22.18
CA ASP F 43 6.75 9.41 -21.89
C ASP F 43 6.77 8.92 -20.45
N VAL F 44 5.96 9.53 -19.58
CA VAL F 44 5.70 8.99 -18.25
C VAL F 44 4.76 7.80 -18.42
N PRO F 45 5.23 6.59 -18.08
CA PRO F 45 4.45 5.38 -18.33
C PRO F 45 3.04 5.44 -17.74
N GLY F 46 2.06 5.08 -18.56
CA GLY F 46 0.67 5.03 -18.13
C GLY F 46 -0.11 6.28 -18.46
N VAL F 47 0.60 7.40 -18.61
CA VAL F 47 -0.07 8.67 -18.88
C VAL F 47 -0.61 8.72 -20.32
N ARG F 48 -1.84 9.18 -20.47
CA ARG F 48 -2.54 9.28 -21.74
C ARG F 48 -3.13 10.66 -21.96
N VAL F 49 -3.16 11.06 -23.24
CA VAL F 49 -3.71 12.36 -23.60
C VAL F 49 -4.68 12.22 -24.77
N GLY F 50 -5.80 12.95 -24.69
CA GLY F 50 -6.79 13.00 -25.75
C GLY F 50 -7.33 14.40 -25.99
N HIS F 51 -7.58 14.74 -27.24
CA HIS F 51 -8.14 16.04 -27.62
C HIS F 51 -9.54 15.92 -28.20
N CYS F 52 -10.36 16.94 -28.00
CA CYS F 52 -11.55 17.11 -28.81
C CYS F 52 -11.54 18.52 -29.35
N THR F 53 -11.46 18.64 -30.68
CA THR F 53 -11.29 19.93 -31.32
C THR F 53 -12.56 20.38 -32.03
N LEU F 54 -13.04 21.57 -31.66
CA LEU F 54 -14.24 22.14 -32.24
C LEU F 54 -13.92 23.35 -33.13
N ASN F 55 -14.23 23.25 -34.41
CA ASN F 55 -14.05 24.41 -35.29
C ASN F 55 -15.24 24.52 -36.27
N GLU F 56 -15.94 25.65 -36.15
CA GLU F 56 -17.11 25.96 -36.98
C GLU F 56 -17.20 27.45 -37.23
N GLU F 57 -17.24 27.81 -38.50
CA GLU F 57 -17.36 29.20 -38.87
C GLU F 57 -18.84 29.57 -38.82
N ASN F 58 -19.16 30.63 -38.08
CA ASN F 58 -20.53 31.12 -38.01
C ASN F 58 -20.57 32.54 -37.46
N GLY F 59 -20.21 33.50 -38.30
CA GLY F 59 -20.16 34.90 -37.92
C GLY F 59 -19.53 35.13 -36.56
N ASP F 60 -20.29 35.76 -35.65
CA ASP F 60 -19.77 36.06 -34.31
C ASP F 60 -20.14 34.93 -33.34
N ALA F 61 -20.63 33.83 -33.88
CA ALA F 61 -20.98 32.66 -33.09
C ALA F 61 -20.08 31.52 -33.53
N SER F 62 -18.98 31.90 -34.16
CA SER F 62 -17.97 30.96 -34.62
C SER F 62 -17.39 30.20 -33.43
N ILE F 63 -17.12 28.92 -33.64
CA ILE F 63 -16.60 28.05 -32.59
C ILE F 63 -15.14 27.74 -32.83
N ARG F 64 -14.26 28.17 -31.92
CA ARG F 64 -12.85 27.82 -32.00
C ARG F 64 -12.35 27.43 -30.61
N THR F 65 -12.69 26.23 -30.18
CA THR F 65 -12.43 25.82 -28.80
C THR F 65 -12.45 24.30 -28.68
N GLY F 66 -12.50 23.78 -27.45
CA GLY F 66 -12.52 22.35 -27.25
C GLY F 66 -12.14 21.93 -25.85
N VAL F 67 -11.73 20.67 -25.72
CA VAL F 67 -11.33 20.14 -24.43
C VAL F 67 -10.18 19.16 -24.62
N THR F 68 -9.20 19.25 -23.71
CA THR F 68 -8.09 18.30 -23.67
C THR F 68 -8.14 17.55 -22.35
N VAL F 69 -7.91 16.24 -22.38
CA VAL F 69 -7.87 15.45 -21.17
C VAL F 69 -6.54 14.73 -20.95
N ILE F 70 -6.13 14.66 -19.70
CA ILE F 70 -4.96 13.90 -19.28
C ILE F 70 -5.45 12.80 -18.35
N GLU F 71 -5.16 11.55 -18.67
CA GLU F 71 -5.35 10.42 -17.77
C GLU F 71 -4.03 10.16 -17.07
N PRO F 72 -4.01 10.22 -15.74
CA PRO F 72 -2.73 10.00 -15.06
C PRO F 72 -2.29 8.52 -15.04
N ARG F 73 -3.23 7.60 -15.23
CA ARG F 73 -2.92 6.16 -15.13
C ARG F 73 -3.37 5.39 -16.38
N ALA F 74 -2.88 4.16 -16.51
CA ALA F 74 -3.28 3.32 -17.64
C ALA F 74 -4.76 2.94 -17.55
N GLY F 75 -5.23 2.73 -16.32
CA GLY F 75 -6.64 2.44 -16.09
C GLY F 75 -7.34 3.64 -15.44
N ALA F 76 -8.37 3.36 -14.65
CA ALA F 76 -9.15 4.43 -14.01
C ALA F 76 -8.33 5.17 -12.96
N ALA F 77 -8.33 6.50 -13.02
CA ALA F 77 -7.61 7.32 -12.05
C ALA F 77 -8.15 7.07 -10.63
N HIS F 78 -9.47 6.93 -10.51
CA HIS F 78 -10.13 6.70 -9.22
C HIS F 78 -9.53 5.49 -8.52
N ASP F 79 -9.19 4.47 -9.29
CA ASP F 79 -8.74 3.22 -8.70
C ASP F 79 -7.27 3.23 -8.31
N SER F 80 -6.49 4.16 -8.84
CA SER F 80 -5.07 4.26 -8.50
C SER F 80 -4.65 5.72 -8.37
N PRO F 81 -4.96 6.35 -7.22
CA PRO F 81 -4.68 7.77 -6.99
C PRO F 81 -3.20 8.12 -7.12
N CYS F 82 -2.94 9.35 -7.53
CA CYS F 82 -1.57 9.84 -7.62
C CYS F 82 -1.33 10.93 -6.60
N PHE F 83 -0.17 10.93 -5.97
CA PHE F 83 0.23 12.10 -5.20
C PHE F 83 0.36 13.28 -6.16
N ALA F 84 -0.01 14.47 -5.70
CA ALA F 84 0.01 15.64 -6.55
C ALA F 84 0.12 16.91 -5.71
N GLY F 85 0.45 18.01 -6.38
CA GLY F 85 0.54 19.32 -5.76
C GLY F 85 0.27 20.41 -6.78
N VAL F 86 -0.04 21.62 -6.31
CA VAL F 86 -0.28 22.75 -7.19
C VAL F 86 0.57 23.96 -6.81
N HIS F 87 0.92 24.76 -7.80
CA HIS F 87 1.49 26.08 -7.54
C HIS F 87 0.84 27.11 -8.42
N VAL F 88 0.52 28.26 -7.84
CA VAL F 88 -0.09 29.36 -8.57
C VAL F 88 0.88 30.54 -8.68
N LEU F 89 1.37 30.81 -9.88
CA LEU F 89 2.22 31.98 -10.10
C LEU F 89 1.33 33.23 -10.14
N ASN F 90 0.18 33.13 -10.77
CA ASN F 90 -0.74 34.25 -10.85
C ASN F 90 -2.16 33.77 -11.05
N GLY F 91 -2.98 33.89 -10.00
CA GLY F 91 -4.28 33.24 -9.99
C GLY F 91 -5.41 33.87 -10.78
N ASN F 92 -5.10 34.53 -11.89
CA ASN F 92 -6.15 35.13 -12.71
C ASN F 92 -6.75 34.10 -13.66
N GLY F 93 -7.30 33.05 -13.07
CA GLY F 93 -7.88 31.93 -13.78
C GLY F 93 -8.76 31.11 -12.85
N ASP F 94 -9.48 30.15 -13.44
CA ASP F 94 -10.42 29.33 -12.69
C ASP F 94 -10.05 27.85 -12.78
N ALA F 95 -10.39 27.10 -11.74
CA ALA F 95 -10.12 25.67 -11.74
C ALA F 95 -11.02 24.93 -10.77
N THR F 96 -11.27 23.65 -11.04
CA THR F 96 -11.98 22.81 -10.10
C THR F 96 -11.03 21.74 -9.60
N GLY F 97 -11.35 21.16 -8.44
CA GLY F 97 -10.63 20.02 -7.91
C GLY F 97 -9.33 20.32 -7.19
N LEU F 98 -8.97 21.60 -7.06
CA LEU F 98 -7.67 21.94 -6.49
C LEU F 98 -7.62 21.94 -4.96
N GLU F 99 -8.75 22.12 -4.28
CA GLU F 99 -8.66 22.26 -2.82
C GLU F 99 -8.22 20.97 -2.16
N TRP F 100 -8.70 19.82 -2.66
CA TRP F 100 -8.28 18.56 -2.08
C TRP F 100 -6.86 18.20 -2.50
N ILE F 101 -6.44 18.71 -3.67
CA ILE F 101 -5.03 18.55 -4.05
C ILE F 101 -4.16 19.29 -3.04
N ARG F 102 -4.54 20.53 -2.68
CA ARG F 102 -3.81 21.27 -1.64
C ARG F 102 -3.78 20.55 -0.31
N GLU F 103 -4.94 20.03 0.11
CA GLU F 103 -5.11 19.45 1.43
C GLU F 103 -4.41 18.09 1.57
N ALA F 104 -4.70 17.19 0.64
CA ALA F 104 -4.26 15.80 0.74
C ALA F 104 -3.35 15.33 -0.39
N GLY F 105 -3.18 16.16 -1.40
CA GLY F 105 -2.30 15.86 -2.51
C GLY F 105 -2.66 14.58 -3.25
N LEU F 106 -3.95 14.34 -3.44
CA LEU F 106 -4.39 13.13 -4.13
C LEU F 106 -5.19 13.48 -5.36
N LEU F 107 -4.62 13.16 -6.52
CA LEU F 107 -5.31 13.24 -7.79
C LEU F 107 -6.04 11.91 -8.05
N THR F 108 -7.35 11.98 -8.22
CA THR F 108 -8.19 10.78 -8.31
C THR F 108 -9.07 10.77 -9.55
N THR F 109 -8.79 11.69 -10.46
CA THR F 109 -9.61 11.88 -11.66
C THR F 109 -8.71 12.15 -12.86
N PRO F 110 -9.29 12.18 -14.06
CA PRO F 110 -8.55 12.80 -15.16
C PRO F 110 -8.36 14.30 -14.90
N ILE F 111 -7.48 14.93 -15.68
CA ILE F 111 -7.33 16.38 -15.70
C ILE F 111 -7.83 16.89 -17.06
N ALA F 112 -8.58 17.99 -17.08
CA ALA F 112 -9.06 18.53 -18.35
C ALA F 112 -8.74 20.00 -18.51
N TYR F 113 -8.38 20.38 -19.75
CA TYR F 113 -8.22 21.77 -20.14
C TYR F 113 -9.38 22.15 -21.07
N THR F 114 -9.95 23.34 -20.89
CA THR F 114 -10.94 23.87 -21.83
C THR F 114 -10.93 25.40 -21.75
N ASN F 115 -11.98 26.07 -22.24
CA ASN F 115 -12.04 27.53 -22.11
C ASN F 115 -12.70 27.95 -20.79
N THR F 116 -12.51 29.22 -20.43
CA THR F 116 -12.90 29.72 -19.11
C THR F 116 -14.38 29.50 -18.82
N HIS F 117 -15.20 29.65 -19.86
CA HIS F 117 -16.64 29.60 -19.66
C HIS F 117 -17.23 28.21 -19.82
N SER F 118 -16.37 27.21 -20.02
CA SER F 118 -16.84 25.84 -20.20
C SER F 118 -16.39 24.92 -19.05
N VAL F 119 -15.69 25.49 -18.08
CA VAL F 119 -15.12 24.73 -16.97
C VAL F 119 -16.17 23.92 -16.23
N GLY F 120 -17.28 24.58 -15.90
CA GLY F 120 -18.34 23.91 -15.16
C GLY F 120 -18.94 22.75 -15.92
N ALA F 121 -19.22 22.96 -17.21
CA ALA F 121 -19.81 21.90 -18.02
C ALA F 121 -18.87 20.69 -18.12
N VAL F 122 -17.59 20.97 -18.37
CA VAL F 122 -16.61 19.90 -18.49
C VAL F 122 -16.46 19.16 -17.16
N ARG F 123 -16.42 19.89 -16.06
CA ARG F 123 -16.25 19.26 -14.76
C ARG F 123 -17.39 18.31 -14.41
N ASP F 124 -18.63 18.78 -14.60
CA ASP F 124 -19.76 17.94 -14.25
C ASP F 124 -19.89 16.77 -15.23
N ALA F 125 -19.34 16.93 -16.43
CA ALA F 125 -19.32 15.82 -17.40
C ALA F 125 -18.36 14.74 -16.94
N LEU F 126 -17.24 15.15 -16.37
CA LEU F 126 -16.26 14.20 -15.85
C LEU F 126 -16.81 13.46 -14.64
N VAL F 127 -17.65 14.14 -13.86
CA VAL F 127 -18.33 13.51 -12.74
C VAL F 127 -19.29 12.43 -13.23
N ALA F 128 -20.13 12.78 -14.19
CA ALA F 128 -21.11 11.86 -14.77
C ALA F 128 -20.41 10.61 -15.34
N ASN F 129 -19.20 10.82 -15.85
CA ASN F 129 -18.44 9.74 -16.47
C ASN F 129 -18.08 8.65 -15.48
N GLU F 130 -18.04 8.99 -14.19
CA GLU F 130 -17.66 8.01 -13.19
C GLU F 130 -18.85 7.32 -12.54
N ARG F 131 -20.08 7.73 -12.87
CA ARG F 131 -21.24 7.16 -12.19
C ARG F 131 -21.36 5.63 -12.32
N GLU F 132 -21.26 5.11 -13.54
CA GLU F 132 -21.43 3.67 -13.77
C GLU F 132 -20.43 2.86 -12.95
N ALA F 133 -19.21 3.37 -12.86
CA ALA F 133 -18.15 2.68 -12.14
C ALA F 133 -18.24 2.88 -10.62
N ALA F 134 -19.12 3.78 -10.17
CA ALA F 134 -19.22 4.08 -8.75
C ALA F 134 -19.66 2.86 -7.95
N ALA F 135 -20.63 2.14 -8.50
CA ALA F 135 -21.12 0.87 -7.94
C ALA F 135 -21.17 0.82 -6.42
N GLY F 136 -21.90 1.75 -5.82
CA GLY F 136 -22.11 1.77 -4.38
C GLY F 136 -20.92 2.17 -3.53
N ARG F 137 -19.82 2.64 -4.14
CA ARG F 137 -18.73 3.20 -3.35
C ARG F 137 -19.10 4.62 -2.95
N VAL F 138 -18.87 4.96 -1.68
CA VAL F 138 -19.23 6.27 -1.18
C VAL F 138 -18.10 7.29 -1.33
N TYR F 139 -18.27 8.21 -2.27
CA TYR F 139 -17.36 9.35 -2.43
C TYR F 139 -17.99 10.45 -3.26
N TRP F 140 -17.40 11.64 -3.16
CA TRP F 140 -17.81 12.77 -3.97
C TRP F 140 -16.70 13.03 -4.96
N CYS F 141 -17.05 13.01 -6.25
CA CYS F 141 -16.09 13.16 -7.34
C CYS F 141 -15.64 14.61 -7.52
N MET F 142 -14.33 14.84 -7.51
CA MET F 142 -13.81 16.20 -7.62
C MET F 142 -12.76 16.32 -8.74
N PRO F 143 -13.22 16.28 -10.00
CA PRO F 143 -12.31 16.33 -11.16
C PRO F 143 -11.54 17.64 -11.24
N VAL F 144 -10.33 17.57 -11.77
CA VAL F 144 -9.51 18.74 -11.97
C VAL F 144 -9.71 19.29 -13.37
N VAL F 145 -10.23 20.51 -13.44
CA VAL F 145 -10.46 21.17 -14.72
C VAL F 145 -9.79 22.52 -14.69
N MET F 146 -8.98 22.83 -15.68
CA MET F 146 -8.31 24.12 -15.74
C MET F 146 -8.61 24.76 -17.07
N GLU F 147 -8.28 26.04 -17.22
CA GLU F 147 -8.71 26.79 -18.39
C GLU F 147 -7.78 27.92 -18.83
N THR F 148 -7.91 28.32 -20.08
CA THR F 148 -7.43 29.63 -20.51
C THR F 148 -8.52 30.25 -21.36
N TYR F 149 -8.37 31.53 -21.67
CA TYR F 149 -9.44 32.33 -22.26
C TYR F 149 -9.26 32.52 -23.78
N ASP F 150 -10.15 31.90 -24.57
CA ASP F 150 -10.11 32.04 -26.02
C ASP F 150 -11.19 33.00 -26.56
N GLY F 151 -11.54 34.01 -25.77
CA GLY F 151 -12.62 34.92 -26.10
C GLY F 151 -12.49 35.71 -27.40
N LEU F 152 -11.28 35.84 -27.92
CA LEU F 152 -11.05 36.60 -29.15
C LEU F 152 -11.44 35.82 -30.40
N LEU F 153 -10.94 34.59 -30.51
CA LEU F 153 -11.18 33.73 -31.67
C LEU F 153 -12.40 32.84 -31.52
N ASN F 154 -12.83 32.64 -30.28
CA ASN F 154 -13.94 31.74 -29.98
C ASN F 154 -15.13 32.53 -29.43
N ASP F 155 -16.34 32.05 -29.72
CA ASP F 155 -17.53 32.59 -29.11
C ASP F 155 -17.62 32.03 -27.70
N ILE F 156 -16.86 32.62 -26.79
CA ILE F 156 -16.72 32.03 -25.45
C ILE F 156 -18.00 32.20 -24.62
N TRP F 157 -18.79 33.22 -24.94
CA TRP F 157 -20.07 33.41 -24.25
C TRP F 157 -21.10 32.41 -24.74
N GLY F 158 -20.81 31.76 -25.86
CA GLY F 158 -21.71 30.80 -26.47
C GLY F 158 -21.78 29.47 -25.75
N GLN F 159 -20.75 29.17 -24.95
CA GLN F 159 -20.67 27.94 -24.18
C GLN F 159 -20.99 26.70 -25.04
N HIS F 160 -20.14 26.45 -26.02
CA HIS F 160 -20.39 25.43 -27.03
C HIS F 160 -19.81 24.06 -26.69
N VAL F 161 -19.10 23.98 -25.57
CA VAL F 161 -18.53 22.70 -25.14
C VAL F 161 -19.53 21.94 -24.27
N SER F 162 -19.70 20.65 -24.57
CA SER F 162 -20.69 19.83 -23.89
C SER F 162 -20.08 18.54 -23.41
N ALA F 163 -20.86 17.76 -22.68
CA ALA F 163 -20.45 16.45 -22.19
C ALA F 163 -20.03 15.51 -23.32
N ALA F 164 -20.67 15.63 -24.48
CA ALA F 164 -20.33 14.79 -25.63
C ALA F 164 -18.89 15.03 -26.09
N HIS F 165 -18.46 16.29 -26.03
CA HIS F 165 -17.11 16.65 -26.41
C HIS F 165 -16.09 16.13 -25.39
N VAL F 166 -16.48 16.18 -24.12
CA VAL F 166 -15.65 15.64 -23.07
C VAL F 166 -15.51 14.12 -23.30
N GLN F 167 -16.57 13.45 -23.76
CA GLN F 167 -16.46 12.00 -23.95
C GLN F 167 -15.55 11.68 -25.10
N ARG F 168 -15.61 12.50 -26.14
CA ARG F 168 -14.76 12.26 -27.26
C ARG F 168 -13.32 12.33 -26.87
N ALA F 169 -12.94 13.32 -26.07
CA ALA F 169 -11.55 13.44 -25.64
C ALA F 169 -11.10 12.26 -24.80
N LEU F 170 -11.97 11.82 -23.90
CA LEU F 170 -11.68 10.68 -23.06
C LEU F 170 -11.44 9.41 -23.89
N ALA F 171 -12.29 9.18 -24.89
CA ALA F 171 -12.16 7.99 -25.73
C ALA F 171 -10.91 8.08 -26.60
N ALA F 172 -10.48 9.31 -26.92
CA ALA F 172 -9.32 9.50 -27.76
C ALA F 172 -8.01 9.44 -26.98
N ALA F 173 -8.13 9.47 -25.65
CA ALA F 173 -6.96 9.50 -24.77
C ALA F 173 -6.10 8.26 -24.89
N GLN F 174 -4.84 8.45 -25.24
CA GLN F 174 -3.90 7.35 -25.47
C GLN F 174 -2.45 7.79 -25.27
N THR F 175 -1.55 6.81 -25.16
CA THR F 175 -0.12 7.07 -25.05
C THR F 175 0.46 7.49 -26.40
N GLY F 176 1.78 7.71 -26.45
CA GLY F 176 2.44 8.06 -27.70
C GLY F 176 2.43 9.55 -28.03
N PRO F 177 2.69 9.88 -29.30
CA PRO F 177 2.76 11.28 -29.76
C PRO F 177 1.50 12.08 -29.44
N VAL F 178 1.68 13.33 -29.07
CA VAL F 178 0.57 14.22 -28.70
C VAL F 178 0.48 15.39 -29.67
N ALA F 179 -0.70 15.59 -30.27
CA ALA F 179 -0.90 16.68 -31.19
C ALA F 179 -0.80 18.01 -30.46
N GLU F 180 -0.18 18.99 -31.10
CA GLU F 180 0.09 20.29 -30.49
C GLU F 180 -0.52 21.44 -31.27
N GLY F 181 -0.45 22.64 -30.71
CA GLY F 181 -0.96 23.84 -31.38
C GLY F 181 -2.45 24.08 -31.14
N GLY F 182 -3.15 24.46 -32.20
CA GLY F 182 -4.57 24.73 -32.12
C GLY F 182 -5.43 23.48 -32.13
N VAL F 183 -5.26 22.64 -31.13
CA VAL F 183 -6.07 21.43 -30.99
C VAL F 183 -6.60 21.37 -29.57
N GLY F 184 -7.68 20.61 -29.36
CA GLY F 184 -8.27 20.44 -28.04
C GLY F 184 -8.62 21.74 -27.34
N GLY F 185 -8.15 21.87 -26.11
CA GLY F 185 -8.40 23.07 -25.34
C GLY F 185 -7.62 24.26 -25.89
N GLY F 186 -6.58 23.99 -26.67
CA GLY F 186 -5.74 25.05 -27.18
C GLY F 186 -6.16 25.62 -28.52
N THR F 187 -7.28 25.15 -29.04
CA THR F 187 -7.72 25.50 -30.39
C THR F 187 -7.75 27.00 -30.68
N GLY F 188 -8.40 27.79 -29.82
CA GLY F 188 -8.53 29.19 -30.10
C GLY F 188 -7.57 30.05 -29.30
N MET F 189 -6.48 29.44 -28.82
CA MET F 189 -5.57 30.13 -27.91
C MET F 189 -4.49 30.90 -28.65
N ILE F 190 -3.96 31.94 -27.98
CA ILE F 190 -3.00 32.88 -28.56
C ILE F 190 -1.84 33.12 -27.59
N CYS F 191 -0.60 32.97 -28.07
CA CYS F 191 0.57 33.06 -27.21
C CYS F 191 1.63 33.99 -27.81
N HIS F 192 2.09 34.96 -27.02
CA HIS F 192 3.01 36.00 -27.48
C HIS F 192 2.51 36.65 -28.77
N GLU F 193 1.19 36.79 -28.86
CA GLU F 193 0.53 37.41 -30.01
C GLU F 193 0.80 36.62 -31.30
N PHE F 194 1.16 35.35 -31.15
CA PHE F 194 1.15 34.39 -32.25
C PHE F 194 0.11 33.33 -31.94
N LYS F 195 -0.07 32.37 -32.83
CA LYS F 195 -0.99 31.28 -32.54
C LYS F 195 -0.46 30.47 -31.36
N GLY F 196 -1.32 30.19 -30.39
CA GLY F 196 -0.92 29.43 -29.22
C GLY F 196 -1.58 28.08 -29.16
N GLY F 197 -1.73 27.55 -27.95
CA GLY F 197 -2.39 26.28 -27.76
C GLY F 197 -1.58 25.24 -27.02
N ILE F 198 -1.73 24.00 -27.44
CA ILE F 198 -1.14 22.86 -26.74
C ILE F 198 0.33 22.65 -27.07
N GLY F 199 1.13 22.41 -26.02
CA GLY F 199 2.52 22.03 -26.20
C GLY F 199 2.91 20.98 -25.18
N THR F 200 3.85 20.11 -25.54
CA THR F 200 4.30 19.07 -24.63
C THR F 200 5.78 18.77 -24.86
N ALA F 201 6.42 18.22 -23.82
CA ALA F 201 7.83 17.85 -23.87
C ALA F 201 8.15 16.98 -22.66
N SER F 202 9.32 16.33 -22.70
CA SER F 202 9.75 15.51 -21.58
C SER F 202 11.26 15.49 -21.40
N ARG F 203 11.68 15.03 -20.22
CA ARG F 203 13.08 14.81 -19.91
C ARG F 203 13.24 13.49 -19.16
N VAL F 204 14.31 12.78 -19.46
CA VAL F 204 14.65 11.54 -18.75
C VAL F 204 15.93 11.71 -17.95
N LEU F 205 15.90 11.34 -16.67
CA LEU F 205 17.10 11.43 -15.85
C LEU F 205 18.05 10.26 -16.14
N ALA F 206 19.33 10.46 -15.87
CA ALA F 206 20.31 9.40 -16.04
C ALA F 206 20.04 8.35 -14.99
N ALA F 207 20.53 7.13 -15.24
CA ALA F 207 20.31 6.02 -14.32
C ALA F 207 20.88 6.31 -12.94
N ASP F 208 22.06 6.92 -12.88
CA ASP F 208 22.66 7.31 -11.60
C ASP F 208 21.85 8.39 -10.86
N ALA F 209 20.91 9.02 -11.56
CA ALA F 209 20.07 10.04 -10.94
C ALA F 209 18.66 9.50 -10.64
N GLY F 210 18.47 8.19 -10.78
CA GLY F 210 17.17 7.59 -10.48
C GLY F 210 16.40 7.14 -11.70
N GLY F 211 16.84 7.58 -12.87
CA GLY F 211 16.26 7.19 -14.14
C GLY F 211 14.86 7.70 -14.42
N TRP F 212 14.35 8.63 -13.62
CA TRP F 212 12.97 9.08 -13.77
C TRP F 212 12.71 9.97 -14.98
N THR F 213 11.47 9.93 -15.47
CA THR F 213 11.02 10.76 -16.58
C THR F 213 10.16 11.91 -16.03
N VAL F 214 10.33 13.11 -16.57
CA VAL F 214 9.47 14.24 -16.23
C VAL F 214 8.84 14.80 -17.51
N GLY F 215 7.52 14.86 -17.55
CA GLY F 215 6.83 15.39 -18.73
C GLY F 215 5.99 16.62 -18.40
N ALA F 216 5.76 17.44 -19.40
CA ALA F 216 4.88 18.61 -19.23
C ALA F 216 3.93 18.76 -20.41
N LEU F 217 2.68 19.12 -20.09
CA LEU F 217 1.67 19.42 -21.11
C LEU F 217 1.11 20.80 -20.79
N VAL F 218 1.25 21.74 -21.71
CA VAL F 218 0.78 23.08 -21.43
C VAL F 218 -0.30 23.54 -22.40
N GLN F 219 -1.12 24.47 -21.93
CA GLN F 219 -2.04 25.19 -22.80
C GLN F 219 -1.65 26.64 -22.70
N ALA F 220 -0.90 27.11 -23.69
CA ALA F 220 -0.27 28.43 -23.65
C ALA F 220 -1.13 29.51 -24.29
N ASN F 221 -1.49 30.53 -23.52
CA ASN F 221 -2.40 31.59 -23.95
C ASN F 221 -1.97 32.94 -23.35
N TYR F 222 -0.67 33.14 -23.26
CA TYR F 222 -0.11 34.27 -22.53
C TYR F 222 0.86 35.06 -23.39
N GLY F 223 1.24 36.24 -22.91
CA GLY F 223 2.45 36.90 -23.35
C GLY F 223 2.31 37.98 -24.41
N VAL F 224 3.16 39.00 -24.29
CA VAL F 224 3.18 40.04 -25.30
C VAL F 224 4.32 39.72 -26.26
N ARG F 225 4.15 40.16 -27.50
CA ARG F 225 5.05 39.82 -28.60
C ARG F 225 6.53 39.99 -28.25
N GLU F 226 6.89 41.21 -27.90
CA GLU F 226 8.27 41.59 -27.61
C GLU F 226 9.01 40.71 -26.58
N MET F 227 8.27 40.05 -25.68
CA MET F 227 8.85 39.25 -24.60
C MET F 227 9.32 37.84 -25.00
N LEU F 228 8.92 37.38 -26.18
CA LEU F 228 9.24 36.00 -26.61
C LEU F 228 10.74 35.70 -26.65
N ARG F 229 11.13 34.62 -25.99
CA ARG F 229 12.49 34.08 -25.99
C ARG F 229 12.53 32.60 -26.29
N VAL F 230 13.40 32.23 -27.22
CA VAL F 230 13.57 30.83 -27.60
C VAL F 230 15.01 30.39 -27.36
N ALA F 231 15.19 29.43 -26.46
CA ALA F 231 16.50 28.98 -26.01
C ALA F 231 17.33 30.14 -25.50
N GLY F 232 16.66 31.11 -24.90
CA GLY F 232 17.32 32.27 -24.33
C GLY F 232 17.40 33.45 -25.29
N TYR F 233 17.24 33.20 -26.59
CA TYR F 233 17.43 34.25 -27.59
C TYR F 233 16.21 35.15 -27.74
N PRO F 234 16.41 36.47 -27.74
CA PRO F 234 15.32 37.46 -27.70
C PRO F 234 14.62 37.65 -29.04
N VAL F 235 14.01 36.58 -29.56
CA VAL F 235 13.42 36.66 -30.89
C VAL F 235 12.23 37.60 -30.96
N GLY F 236 11.53 37.76 -29.84
CA GLY F 236 10.41 38.68 -29.82
C GLY F 236 10.80 40.09 -30.23
N GLU F 237 12.01 40.50 -29.87
CA GLU F 237 12.46 41.87 -30.14
C GLU F 237 12.64 42.16 -31.63
N VAL F 238 12.86 41.12 -32.43
CA VAL F 238 12.98 41.33 -33.87
C VAL F 238 11.73 40.83 -34.60
N LEU F 239 10.64 40.65 -33.86
CA LEU F 239 9.38 40.21 -34.46
C LEU F 239 8.18 41.10 -34.14
N ARG F 240 8.42 42.30 -33.61
CA ARG F 240 7.30 43.19 -33.30
C ARG F 240 6.54 43.62 -34.56
N HIS F 241 7.21 43.60 -35.71
CA HIS F 241 6.63 44.09 -36.94
C HIS F 241 5.50 43.21 -37.46
N VAL F 242 5.51 41.94 -37.10
CA VAL F 242 4.48 40.99 -37.53
C VAL F 242 3.11 41.40 -36.98
N PRO F 243 2.07 41.39 -37.84
CA PRO F 243 0.71 41.75 -37.42
C PRO F 243 0.23 40.98 -36.19
N SER F 244 -0.53 41.65 -35.34
CA SER F 244 -1.05 41.04 -34.13
C SER F 244 -2.55 41.26 -34.03
N PRO F 245 -3.29 40.26 -33.51
CA PRO F 245 -4.73 40.41 -33.32
C PRO F 245 -5.08 41.36 -32.17
N PHE F 246 -4.10 41.77 -31.38
CA PHE F 246 -4.35 42.64 -30.23
C PHE F 246 -4.10 44.12 -30.54
N SER F 259 -2.78 33.78 -20.03
CA SER F 259 -2.91 32.65 -19.14
C SER F 259 -2.16 31.46 -19.69
N ILE F 260 -1.69 30.59 -18.80
CA ILE F 260 -1.14 29.31 -19.21
C ILE F 260 -1.33 28.28 -18.12
N VAL F 261 -1.90 27.14 -18.47
CA VAL F 261 -2.03 26.05 -17.52
C VAL F 261 -0.97 25.01 -17.84
N VAL F 262 -0.33 24.51 -16.79
CA VAL F 262 0.75 23.54 -16.92
C VAL F 262 0.46 22.33 -16.04
N THR F 263 0.57 21.15 -16.63
CA THR F 263 0.58 19.91 -15.86
C THR F 263 1.94 19.26 -16.04
N ILE F 264 2.61 19.00 -14.92
CA ILE F 264 3.87 18.27 -14.93
C ILE F 264 3.58 16.87 -14.44
N ALA F 265 4.07 15.87 -15.14
CA ALA F 265 3.95 14.50 -14.67
C ALA F 265 5.34 13.90 -14.51
N THR F 266 5.47 12.97 -13.55
CA THR F 266 6.73 12.26 -13.36
C THR F 266 6.49 10.87 -12.75
N ASP F 267 7.35 9.90 -13.09
CA ASP F 267 7.23 8.59 -12.46
C ASP F 267 8.15 8.49 -11.24
N ALA F 268 8.79 9.59 -10.87
CA ALA F 268 9.49 9.63 -9.58
C ALA F 268 8.46 9.42 -8.45
N PRO F 269 8.86 8.72 -7.39
CA PRO F 269 7.90 8.56 -6.26
C PRO F 269 7.87 9.79 -5.38
N LEU F 270 7.22 10.85 -5.84
CA LEU F 270 7.16 12.10 -5.08
C LEU F 270 5.97 12.10 -4.12
N LEU F 271 6.21 12.52 -2.89
CA LEU F 271 5.16 12.73 -1.91
C LEU F 271 4.40 14.04 -2.24
N PRO F 272 3.19 14.23 -1.68
CA PRO F 272 2.44 15.46 -1.97
C PRO F 272 3.27 16.74 -1.81
N HIS F 273 4.02 16.89 -0.72
CA HIS F 273 4.75 18.15 -0.54
C HIS F 273 5.84 18.30 -1.60
N GLN F 274 6.32 17.18 -2.13
CA GLN F 274 7.35 17.25 -3.15
C GLN F 274 6.76 17.61 -4.52
N CYS F 275 5.53 17.19 -4.78
CA CYS F 275 4.85 17.57 -6.01
C CYS F 275 4.62 19.10 -6.07
N THR F 276 4.33 19.69 -4.92
CA THR F 276 4.19 21.14 -4.83
C THR F 276 5.49 21.84 -5.23
N ARG F 277 6.61 21.34 -4.72
CA ARG F 277 7.91 21.91 -5.08
C ARG F 277 8.17 21.81 -6.57
N LEU F 278 7.85 20.66 -7.14
CA LEU F 278 8.05 20.39 -8.56
C LEU F 278 7.16 21.32 -9.38
N ALA F 279 5.94 21.51 -8.91
CA ALA F 279 4.97 22.35 -9.61
C ALA F 279 5.47 23.78 -9.78
N GLN F 280 6.13 24.31 -8.76
CA GLN F 280 6.55 25.71 -8.83
C GLN F 280 7.67 25.86 -9.85
N ARG F 281 8.33 24.77 -10.23
CA ARG F 281 9.42 24.91 -11.19
C ARG F 281 8.87 25.23 -12.58
N ALA F 282 7.55 25.15 -12.75
CA ALA F 282 6.94 25.64 -13.97
C ALA F 282 7.11 27.16 -14.10
N SER F 283 7.19 27.86 -12.97
CA SER F 283 7.46 29.30 -13.02
C SER F 283 8.77 29.55 -13.75
N VAL F 284 9.77 28.70 -13.51
CA VAL F 284 11.08 28.89 -14.09
C VAL F 284 11.04 28.68 -15.62
N GLY F 285 10.39 27.60 -16.04
CA GLY F 285 10.25 27.31 -17.46
C GLY F 285 9.50 28.41 -18.17
N LEU F 286 8.37 28.83 -17.56
CA LEU F 286 7.57 29.90 -18.13
C LEU F 286 8.35 31.22 -18.22
N ALA F 287 9.15 31.50 -17.18
CA ALA F 287 9.91 32.75 -17.15
C ALA F 287 10.90 32.85 -18.30
N ARG F 288 11.52 31.73 -18.66
CA ARG F 288 12.58 31.71 -19.67
C ARG F 288 12.05 31.95 -21.07
N VAL F 289 10.76 31.76 -21.28
CA VAL F 289 10.16 32.03 -22.59
C VAL F 289 9.66 33.48 -22.68
N GLY F 290 9.49 34.13 -21.53
CA GLY F 290 9.06 35.51 -21.49
C GLY F 290 7.73 35.72 -20.79
N GLY F 291 7.33 34.77 -19.96
CA GLY F 291 6.07 34.85 -19.25
C GLY F 291 6.20 35.24 -17.79
N GLY F 292 5.08 35.21 -17.08
CA GLY F 292 5.08 35.39 -15.65
C GLY F 292 5.02 36.84 -15.16
N THR F 293 4.77 37.80 -16.05
CA THR F 293 4.76 39.22 -15.65
C THR F 293 3.46 39.97 -15.97
N GLU F 294 2.38 39.25 -16.29
CA GLU F 294 1.10 39.87 -16.65
C GLU F 294 0.06 39.70 -15.55
N ASP F 295 -0.55 40.79 -15.13
CA ASP F 295 -1.67 40.73 -14.20
C ASP F 295 -2.80 39.88 -14.74
N SER F 296 -2.99 39.93 -16.06
CA SER F 296 -4.15 39.32 -16.69
C SER F 296 -3.97 37.82 -16.94
N SER F 297 -2.79 37.30 -16.66
CA SER F 297 -2.47 35.91 -17.02
C SER F 297 -2.69 34.91 -15.89
N GLY F 298 -3.63 33.99 -16.08
CA GLY F 298 -3.87 32.91 -15.15
C GLY F 298 -2.81 31.82 -15.25
N ASP F 299 -1.79 31.92 -14.41
CA ASP F 299 -0.68 30.99 -14.48
C ASP F 299 -0.74 29.99 -13.33
N ILE F 300 -1.31 28.83 -13.64
CA ILE F 300 -1.66 27.85 -12.62
C ILE F 300 -1.04 26.51 -12.96
N PHE F 301 -0.27 25.96 -12.02
CA PHE F 301 0.55 24.78 -12.30
C PHE F 301 0.17 23.60 -11.43
N LEU F 302 0.11 22.43 -12.05
CA LEU F 302 -0.18 21.18 -11.38
C LEU F 302 0.90 20.14 -11.71
N ALA F 303 1.36 19.43 -10.68
CA ALA F 303 2.30 18.33 -10.87
C ALA F 303 1.75 17.09 -10.18
N PHE F 304 1.77 15.95 -10.86
CA PHE F 304 1.40 14.70 -10.23
C PHE F 304 2.48 13.66 -10.48
N ALA F 305 2.59 12.72 -9.55
CA ALA F 305 3.63 11.73 -9.62
C ALA F 305 3.00 10.34 -9.62
N THR F 306 3.58 9.44 -10.43
CA THR F 306 3.04 8.10 -10.58
C THR F 306 3.91 7.07 -9.88
N GLY F 307 5.04 7.50 -9.33
CA GLY F 307 5.99 6.58 -8.73
C GLY F 307 5.39 5.73 -7.61
N ASN F 308 4.58 6.35 -6.75
CA ASN F 308 3.85 5.60 -5.74
C ASN F 308 2.49 5.17 -6.29
N ASP F 309 2.21 3.87 -6.30
CA ASP F 309 0.85 3.44 -6.64
C ASP F 309 0.39 2.53 -5.49
N GLY F 310 -0.74 1.84 -5.65
CA GLY F 310 -1.27 1.05 -4.55
C GLY F 310 -1.79 1.91 -3.41
N LEU F 311 -2.09 3.16 -3.71
CA LEU F 311 -2.68 4.11 -2.76
C LEU F 311 -4.17 3.79 -2.55
N PRO F 312 -4.71 4.06 -1.35
CA PRO F 312 -6.10 3.66 -1.12
C PRO F 312 -7.10 4.56 -1.86
N ALA F 313 -8.02 3.93 -2.58
CA ALA F 313 -9.10 4.65 -3.23
C ALA F 313 -10.07 5.17 -2.16
N ALA F 314 -10.63 6.35 -2.40
CA ALA F 314 -11.55 6.94 -1.44
C ALA F 314 -12.87 6.19 -1.42
N ASN F 315 -13.25 5.71 -0.25
CA ASN F 315 -14.51 5.01 -0.06
C ASN F 315 -14.99 5.17 1.37
N TYR F 316 -15.66 6.27 1.63
CA TYR F 316 -16.00 6.68 2.98
C TYR F 316 -17.02 5.73 3.62
N GLY F 317 -16.77 5.33 4.86
CA GLY F 317 -17.63 4.39 5.55
C GLY F 317 -17.07 2.98 5.54
N SER F 318 -16.12 2.72 4.65
CA SER F 318 -15.50 1.40 4.52
C SER F 318 -14.03 1.53 4.90
N LYS F 319 -13.69 1.14 6.12
CA LYS F 319 -12.41 1.56 6.68
C LYS F 319 -11.32 0.55 6.35
N GLY F 320 -10.12 1.05 6.08
CA GLY F 320 -9.03 0.16 5.73
C GLY F 320 -8.02 -0.03 6.83
N ALA F 321 -6.80 -0.32 6.42
CA ALA F 321 -5.69 -0.49 7.36
C ALA F 321 -5.18 0.86 7.85
N PRO F 322 -4.50 0.87 9.01
CA PRO F 322 -3.96 2.12 9.57
C PRO F 322 -2.94 2.82 8.65
N THR F 323 -2.04 2.07 7.99
CA THR F 323 -1.00 2.70 7.18
C THR F 323 -0.81 2.11 5.76
N THR F 324 -0.11 2.88 4.94
CA THR F 324 0.31 2.50 3.60
C THR F 324 1.82 2.75 3.47
N GLY F 325 2.54 1.79 2.91
CA GLY F 325 3.95 1.96 2.64
C GLY F 325 4.12 2.75 1.37
N VAL F 326 4.96 3.79 1.40
CA VAL F 326 5.24 4.57 0.19
C VAL F 326 6.72 4.86 0.07
N LYS F 327 7.11 5.37 -1.08
CA LYS F 327 8.48 5.79 -1.33
C LYS F 327 8.52 7.30 -1.40
N MET F 328 9.68 7.84 -1.05
CA MET F 328 9.96 9.26 -1.12
C MET F 328 11.27 9.48 -1.88
N VAL F 329 11.31 10.43 -2.82
CA VAL F 329 12.60 10.83 -3.43
C VAL F 329 13.40 11.60 -2.42
N ASN F 330 14.66 11.23 -2.19
CA ASN F 330 15.50 11.98 -1.25
C ASN F 330 15.89 13.34 -1.81
N ASN F 331 16.04 14.32 -0.92
CA ASN F 331 16.21 15.69 -1.38
C ASN F 331 17.49 15.93 -2.15
N ASP F 332 18.50 15.07 -1.97
CA ASP F 332 19.72 15.21 -2.76
C ASP F 332 19.56 14.62 -4.16
N HIS F 333 18.35 14.12 -4.46
CA HIS F 333 18.00 13.66 -5.80
C HIS F 333 16.87 14.47 -6.46
N ILE F 334 16.33 15.47 -5.76
CA ILE F 334 15.15 16.16 -6.31
C ILE F 334 15.54 17.30 -7.26
N SER F 335 16.74 17.85 -7.10
CA SER F 335 17.19 18.94 -7.97
C SER F 335 17.19 18.55 -9.46
N ALA F 336 17.57 17.31 -9.75
CA ALA F 336 17.57 16.82 -11.11
C ALA F 336 16.15 16.76 -11.67
N LEU F 337 15.15 16.55 -10.79
CA LEU F 337 13.75 16.61 -11.19
C LEU F 337 13.29 18.07 -11.41
N PHE F 338 13.73 18.98 -10.55
CA PHE F 338 13.44 20.42 -10.72
C PHE F 338 13.96 20.94 -12.07
N VAL F 339 15.22 20.67 -12.34
CA VAL F 339 15.82 21.07 -13.61
C VAL F 339 15.02 20.50 -14.77
N ALA F 340 14.73 19.20 -14.69
CA ALA F 340 14.01 18.52 -15.77
C ALA F 340 12.62 19.12 -16.02
N ALA F 341 11.89 19.40 -14.94
CA ALA F 341 10.57 19.98 -15.07
C ALA F 341 10.64 21.35 -15.71
N ALA F 342 11.60 22.17 -15.29
CA ALA F 342 11.75 23.51 -15.85
C ALA F 342 12.09 23.45 -17.35
N GLU F 343 12.97 22.54 -17.74
CA GLU F 343 13.30 22.39 -19.18
C GLU F 343 12.10 21.92 -19.98
N ALA F 344 11.37 20.94 -19.45
CA ALA F 344 10.22 20.38 -20.16
C ALA F 344 9.12 21.43 -20.37
N VAL F 345 8.91 22.27 -19.35
CA VAL F 345 7.91 23.32 -19.46
C VAL F 345 8.33 24.33 -20.50
N GLU F 346 9.60 24.73 -20.45
CA GLU F 346 10.11 25.69 -21.42
C GLU F 346 9.95 25.17 -22.84
N GLU F 347 10.38 23.93 -23.08
CA GLU F 347 10.30 23.39 -24.43
C GLU F 347 8.85 23.15 -24.85
N ALA F 348 7.99 22.82 -23.89
CA ALA F 348 6.58 22.59 -24.21
C ALA F 348 5.93 23.86 -24.75
N ILE F 349 6.25 25.00 -24.15
CA ILE F 349 5.70 26.27 -24.64
C ILE F 349 6.19 26.59 -26.05
N VAL F 350 7.50 26.49 -26.27
CA VAL F 350 8.02 26.80 -27.60
C VAL F 350 7.43 25.81 -28.61
N ASN F 351 7.22 24.55 -28.18
CA ASN F 351 6.57 23.57 -29.04
C ASN F 351 5.16 23.98 -29.43
N ALA F 352 4.42 24.59 -28.51
CA ALA F 352 3.06 25.04 -28.81
C ALA F 352 3.06 26.11 -29.89
N LEU F 353 4.00 27.05 -29.79
CA LEU F 353 4.13 28.13 -30.77
C LEU F 353 4.51 27.64 -32.17
N VAL F 354 5.47 26.72 -32.21
CA VAL F 354 5.97 26.18 -33.46
C VAL F 354 4.87 25.39 -34.18
N ALA F 355 4.00 24.75 -33.40
CA ALA F 355 2.90 23.95 -33.97
C ALA F 355 1.71 24.79 -34.40
N GLY F 356 1.66 26.05 -33.97
CA GLY F 356 0.54 26.92 -34.26
C GLY F 356 0.46 27.39 -35.70
N GLY F 357 -0.76 27.48 -36.22
CA GLY F 357 -0.97 27.95 -37.58
C GLY F 357 -1.84 29.19 -37.62
N ASP F 358 -1.91 29.83 -38.80
CA ASP F 358 -2.71 31.03 -38.99
C ASP F 358 -4.19 30.76 -38.71
N VAL F 359 -4.84 31.68 -38.01
CA VAL F 359 -6.27 31.56 -37.74
C VAL F 359 -6.98 32.92 -37.87
N GLU F 360 -8.05 32.94 -38.65
CA GLU F 360 -8.91 34.11 -38.76
C GLU F 360 -10.31 33.73 -38.30
N SER F 361 -10.83 34.47 -37.33
CA SER F 361 -12.11 34.13 -36.73
C SER F 361 -12.72 35.30 -35.98
N ARG F 362 -14.03 35.50 -36.17
CA ARG F 362 -14.78 36.52 -35.46
C ARG F 362 -14.18 37.91 -35.64
N GLY F 363 -13.67 38.18 -36.83
CA GLY F 363 -13.15 39.49 -37.17
C GLY F 363 -11.72 39.74 -36.74
N ALA F 364 -11.09 38.70 -36.21
CA ALA F 364 -9.71 38.79 -35.75
C ALA F 364 -8.84 37.77 -36.48
N ARG F 365 -7.60 38.15 -36.77
CA ARG F 365 -6.67 37.26 -37.43
C ARG F 365 -5.39 37.12 -36.62
N VAL F 366 -4.94 35.89 -36.44
CA VAL F 366 -3.70 35.63 -35.75
C VAL F 366 -2.80 34.75 -36.61
N GLU F 367 -1.51 35.06 -36.62
CA GLU F 367 -0.56 34.30 -37.42
C GLU F 367 0.17 33.24 -36.60
N GLY F 368 0.46 32.10 -37.24
CA GLY F 368 1.38 31.14 -36.67
C GLY F 368 2.78 31.76 -36.64
N LEU F 369 3.57 31.41 -35.64
CA LEU F 369 4.93 31.91 -35.52
C LEU F 369 5.72 31.68 -36.82
N GLY F 370 5.66 30.45 -37.35
CA GLY F 370 6.35 30.11 -38.57
C GLY F 370 7.73 29.50 -38.37
N GLN F 371 7.94 28.30 -38.91
CA GLN F 371 9.22 27.61 -38.78
C GLN F 371 10.41 28.40 -39.30
N ALA F 372 10.28 28.86 -40.54
CA ALA F 372 11.34 29.61 -41.20
C ALA F 372 11.51 30.96 -40.54
N ARG F 373 10.40 31.59 -40.16
CA ARG F 373 10.48 32.91 -39.54
C ARG F 373 11.17 32.83 -38.19
N LEU F 374 10.92 31.76 -37.43
CA LEU F 374 11.59 31.58 -36.13
C LEU F 374 13.09 31.40 -36.29
N LEU F 375 13.47 30.52 -37.22
CA LEU F 375 14.88 30.29 -37.52
C LEU F 375 15.58 31.57 -37.99
N ASP F 376 14.88 32.38 -38.78
CA ASP F 376 15.44 33.67 -39.22
C ASP F 376 15.68 34.58 -38.04
N ALA F 377 14.69 34.64 -37.15
CA ALA F 377 14.75 35.51 -35.98
C ALA F 377 15.87 35.08 -35.06
N LEU F 378 16.03 33.77 -34.88
CA LEU F 378 17.11 33.26 -34.03
C LEU F 378 18.48 33.73 -34.57
N ARG F 379 18.70 33.59 -35.89
CA ARG F 379 19.97 34.04 -36.50
C ARG F 379 20.16 35.55 -36.42
N GLU F 380 19.08 36.30 -36.55
CA GLU F 380 19.18 37.75 -36.47
C GLU F 380 19.68 38.17 -35.08
N VAL F 381 19.35 37.41 -34.05
CA VAL F 381 19.83 37.74 -32.70
C VAL F 381 20.99 36.83 -32.26
N GLY F 382 21.66 36.20 -33.22
CA GLY F 382 22.93 35.58 -32.93
C GLY F 382 22.93 34.07 -32.72
N TRP F 383 21.77 33.44 -32.79
CA TRP F 383 21.71 31.99 -32.63
C TRP F 383 22.25 31.33 -33.89
N ARG F 384 22.90 30.19 -33.72
CA ARG F 384 23.36 29.40 -34.86
C ARG F 384 23.16 27.92 -34.55
N PRO F 385 22.92 27.11 -35.59
CA PRO F 385 22.72 25.68 -35.39
C PRO F 385 24.00 24.91 -35.06
N GLY F 386 23.85 23.89 -34.21
CA GLY F 386 24.91 22.92 -33.93
C GLY F 386 26.06 23.28 -33.01
N ARG F 387 25.81 24.09 -31.98
CA ARG F 387 26.83 24.40 -30.99
C ARG F 387 26.74 23.45 -29.79
N MET G 21 7.20 -34.46 -42.53
CA MET G 21 5.90 -34.30 -41.90
C MET G 21 6.01 -33.85 -40.45
N ARG G 22 6.52 -34.71 -39.57
CA ARG G 22 6.65 -34.34 -38.16
C ARG G 22 8.06 -33.83 -37.84
N THR G 23 8.26 -33.36 -36.61
CA THR G 23 9.52 -32.73 -36.23
C THR G 23 10.73 -33.63 -36.52
N ARG G 24 10.68 -34.88 -36.08
CA ARG G 24 11.78 -35.83 -36.25
C ARG G 24 12.05 -36.16 -37.73
N ASP G 25 11.00 -36.11 -38.56
CA ASP G 25 11.13 -36.37 -39.99
C ASP G 25 11.87 -35.24 -40.69
N LEU G 26 11.97 -34.09 -40.03
CA LEU G 26 12.68 -32.94 -40.58
C LEU G 26 14.18 -32.97 -40.28
N GLY G 27 14.62 -34.04 -39.62
CA GLY G 27 16.00 -34.14 -39.18
C GLY G 27 16.22 -33.45 -37.84
N ILE G 28 15.14 -33.03 -37.20
CA ILE G 28 15.23 -32.37 -35.90
C ILE G 28 15.07 -33.34 -34.75
N ARG G 29 16.12 -33.51 -33.96
CA ARG G 29 16.03 -34.43 -32.83
C ARG G 29 15.95 -33.70 -31.49
N ILE G 30 14.90 -34.06 -30.75
CA ILE G 30 14.68 -33.53 -29.42
C ILE G 30 15.20 -34.56 -28.42
N GLY G 31 16.14 -34.14 -27.57
CA GLY G 31 16.67 -35.01 -26.54
C GLY G 31 17.55 -36.12 -27.05
N LEU G 32 17.77 -37.11 -26.20
CA LEU G 32 18.72 -38.16 -26.53
C LEU G 32 18.04 -39.50 -26.69
N GLY G 33 16.76 -39.56 -26.36
CA GLY G 33 16.05 -40.82 -26.29
C GLY G 33 15.53 -41.37 -27.62
N THR G 34 14.99 -42.57 -27.53
CA THR G 34 14.46 -43.28 -28.69
C THR G 34 12.94 -43.37 -28.63
N PRO G 35 12.27 -42.85 -29.66
CA PRO G 35 10.81 -42.95 -29.67
C PRO G 35 10.31 -44.35 -29.97
N GLY G 36 9.09 -44.63 -29.54
CA GLY G 36 8.40 -45.85 -29.89
C GLY G 36 7.92 -45.80 -31.33
N ARG G 37 7.21 -46.84 -31.72
CA ARG G 37 6.79 -47.06 -33.11
C ARG G 37 6.02 -45.89 -33.71
N PHE G 38 5.03 -45.39 -32.99
CA PHE G 38 4.20 -44.30 -33.51
C PHE G 38 4.71 -42.92 -33.08
N ASN G 39 5.71 -42.89 -32.19
CA ASN G 39 6.11 -41.66 -31.53
C ASN G 39 4.87 -40.88 -31.06
N ALA G 40 4.07 -41.54 -30.23
CA ALA G 40 2.80 -41.01 -29.77
C ALA G 40 2.46 -41.66 -28.45
N ILE G 41 1.51 -41.09 -27.72
CA ILE G 41 1.10 -41.64 -26.44
C ILE G 41 0.53 -43.04 -26.64
N THR G 42 0.06 -43.34 -27.85
CA THR G 42 -0.49 -44.66 -28.12
C THR G 42 0.56 -45.78 -28.14
N ASP G 43 1.84 -45.41 -28.05
CA ASP G 43 2.92 -46.39 -27.92
C ASP G 43 2.87 -47.10 -26.55
N VAL G 44 2.19 -46.48 -25.59
CA VAL G 44 1.83 -47.19 -24.36
C VAL G 44 0.68 -48.14 -24.72
N PRO G 45 0.92 -49.45 -24.66
CA PRO G 45 -0.07 -50.44 -25.15
C PRO G 45 -1.46 -50.29 -24.52
N GLY G 46 -2.49 -50.31 -25.36
CA GLY G 46 -3.87 -50.27 -24.88
C GLY G 46 -4.44 -48.85 -24.87
N VAL G 47 -3.57 -47.85 -24.78
CA VAL G 47 -4.01 -46.46 -24.76
C VAL G 47 -4.54 -46.05 -26.15
N ARG G 48 -5.69 -45.36 -26.17
CA ARG G 48 -6.36 -44.96 -27.41
C ARG G 48 -6.66 -43.47 -27.41
N VAL G 49 -6.67 -42.85 -28.60
CA VAL G 49 -6.97 -41.42 -28.72
C VAL G 49 -8.00 -41.19 -29.84
N GLY G 50 -8.96 -40.31 -29.58
CA GLY G 50 -9.95 -39.96 -30.59
C GLY G 50 -10.21 -38.46 -30.59
N HIS G 51 -10.40 -37.89 -31.79
CA HIS G 51 -10.69 -36.46 -31.96
C HIS G 51 -12.08 -36.24 -32.53
N CYS G 52 -12.70 -35.13 -32.13
CA CYS G 52 -13.86 -34.60 -32.84
C CYS G 52 -13.59 -33.15 -33.15
N THR G 53 -13.51 -32.82 -34.43
CA THR G 53 -13.12 -31.49 -34.87
C THR G 53 -14.29 -30.70 -35.41
N LEU G 54 -14.55 -29.54 -34.82
CA LEU G 54 -15.63 -28.68 -35.28
C LEU G 54 -15.03 -27.49 -36.00
N ASN G 55 -15.33 -27.37 -37.28
CA ASN G 55 -14.84 -26.25 -38.05
C ASN G 55 -15.99 -25.72 -38.91
N GLU G 56 -16.45 -24.52 -38.58
CA GLU G 56 -17.58 -23.90 -39.26
C GLU G 56 -17.44 -22.39 -39.25
N GLU G 57 -17.41 -21.79 -40.44
CA GLU G 57 -17.28 -20.34 -40.54
C GLU G 57 -18.67 -19.72 -40.40
N ASN G 58 -18.81 -18.75 -39.50
CA ASN G 58 -20.06 -18.03 -39.35
C ASN G 58 -19.86 -16.70 -38.61
N GLY G 59 -19.18 -15.78 -39.28
CA GLY G 59 -18.85 -14.49 -38.71
C GLY G 59 -18.31 -14.58 -37.30
N ASP G 60 -18.98 -13.92 -36.35
CA ASP G 60 -18.48 -13.89 -34.99
C ASP G 60 -19.04 -15.07 -34.20
N ALA G 61 -19.71 -15.97 -34.91
CA ALA G 61 -20.23 -17.16 -34.28
C ALA G 61 -19.55 -18.37 -34.89
N SER G 62 -18.40 -18.13 -35.53
CA SER G 62 -17.63 -19.21 -36.14
C SER G 62 -17.19 -20.21 -35.09
N ILE G 63 -17.21 -21.47 -35.49
CA ILE G 63 -16.84 -22.55 -34.59
C ILE G 63 -15.50 -23.11 -35.00
N ARG G 64 -14.52 -23.00 -34.12
CA ARG G 64 -13.22 -23.64 -34.32
C ARG G 64 -12.74 -24.23 -33.01
N THR G 65 -13.28 -25.41 -32.71
CA THR G 65 -13.08 -26.04 -31.42
C THR G 65 -13.38 -27.53 -31.56
N GLY G 66 -13.46 -28.25 -30.44
CA GLY G 66 -13.75 -29.66 -30.49
C GLY G 66 -13.37 -30.38 -29.21
N VAL G 67 -13.21 -31.69 -29.28
CA VAL G 67 -12.88 -32.44 -28.08
C VAL G 67 -11.94 -33.60 -28.40
N THR G 68 -10.95 -33.80 -27.54
CA THR G 68 -10.07 -34.95 -27.70
C THR G 68 -10.25 -35.87 -26.52
N VAL G 69 -10.33 -37.18 -26.77
CA VAL G 69 -10.48 -38.12 -25.68
C VAL G 69 -9.32 -39.10 -25.65
N ILE G 70 -8.89 -39.44 -24.44
CA ILE G 70 -7.89 -40.48 -24.22
C ILE G 70 -8.52 -41.61 -23.43
N GLU G 71 -8.43 -42.82 -23.97
CA GLU G 71 -8.79 -44.01 -23.20
C GLU G 71 -7.50 -44.58 -22.62
N PRO G 72 -7.42 -44.69 -21.29
CA PRO G 72 -6.17 -45.21 -20.71
C PRO G 72 -6.00 -46.73 -20.88
N ARG G 73 -7.09 -47.44 -21.16
CA ARG G 73 -7.06 -48.90 -21.28
C ARG G 73 -7.64 -49.34 -22.62
N ALA G 74 -7.39 -50.59 -22.98
CA ALA G 74 -7.96 -51.17 -24.20
C ALA G 74 -9.48 -51.25 -24.08
N GLY G 75 -9.97 -51.51 -22.87
CA GLY G 75 -11.40 -51.55 -22.59
C GLY G 75 -11.87 -50.40 -21.71
N ALA G 76 -12.95 -50.61 -20.95
CA ALA G 76 -13.53 -49.57 -20.11
C ALA G 76 -12.63 -49.21 -18.92
N ALA G 77 -12.36 -47.91 -18.75
CA ALA G 77 -11.49 -47.45 -17.69
C ALA G 77 -12.02 -47.82 -16.30
N HIS G 78 -13.34 -47.74 -16.14
CA HIS G 78 -13.98 -48.04 -14.86
C HIS G 78 -13.61 -49.41 -14.35
N ASP G 79 -13.53 -50.37 -15.26
CA ASP G 79 -13.28 -51.75 -14.89
C ASP G 79 -11.80 -52.03 -14.68
N SER G 80 -10.94 -51.14 -15.15
CA SER G 80 -9.51 -51.34 -14.92
C SER G 80 -8.81 -50.03 -14.60
N PRO G 81 -8.97 -49.55 -13.36
CA PRO G 81 -8.41 -48.27 -12.93
C PRO G 81 -6.89 -48.19 -13.11
N CYS G 82 -6.40 -46.98 -13.32
CA CYS G 82 -4.97 -46.73 -13.39
C CYS G 82 -4.51 -45.87 -12.23
N PHE G 83 -3.36 -46.18 -11.65
CA PHE G 83 -2.73 -45.24 -10.75
C PHE G 83 -2.40 -43.95 -11.55
N ALA G 84 -2.53 -42.81 -10.89
CA ALA G 84 -2.39 -41.53 -11.57
C ALA G 84 -1.99 -40.45 -10.60
N GLY G 85 -1.53 -39.33 -11.14
CA GLY G 85 -1.15 -38.21 -10.30
C GLY G 85 -1.24 -36.92 -11.10
N VAL G 86 -1.28 -35.78 -10.41
CA VAL G 86 -1.34 -34.50 -11.09
C VAL G 86 -0.27 -33.54 -10.59
N HIS G 87 0.18 -32.67 -11.49
CA HIS G 87 0.98 -31.54 -11.07
C HIS G 87 0.47 -30.29 -11.76
N VAL G 88 0.38 -29.19 -11.02
CA VAL G 88 -0.03 -27.90 -11.56
C VAL G 88 1.11 -26.90 -11.54
N LEU G 89 1.61 -26.54 -12.72
CA LEU G 89 2.65 -25.54 -12.82
C LEU G 89 2.04 -24.14 -12.63
N ASN G 90 0.86 -23.92 -13.20
CA ASN G 90 0.16 -22.65 -13.08
C ASN G 90 -1.32 -22.87 -13.26
N GLY G 91 -2.07 -22.74 -12.17
CA GLY G 91 -3.47 -23.15 -12.18
C GLY G 91 -4.47 -22.21 -12.80
N ASN G 92 -4.09 -21.46 -13.83
CA ASN G 92 -5.03 -20.57 -14.50
C ASN G 92 -5.84 -21.32 -15.55
N GLY G 93 -6.56 -22.34 -15.09
CA GLY G 93 -7.35 -23.18 -15.95
C GLY G 93 -8.32 -24.01 -15.13
N ASP G 94 -9.23 -24.69 -15.80
CA ASP G 94 -10.27 -25.45 -15.12
C ASP G 94 -10.14 -26.93 -15.47
N ALA G 95 -10.55 -27.79 -14.55
CA ALA G 95 -10.53 -29.22 -14.78
C ALA G 95 -11.54 -29.93 -13.89
N THR G 96 -12.02 -31.08 -14.34
CA THR G 96 -12.88 -31.92 -13.52
C THR G 96 -12.15 -33.21 -13.20
N GLY G 97 -12.57 -33.88 -12.12
CA GLY G 97 -12.05 -35.20 -11.77
C GLY G 97 -10.67 -35.26 -11.09
N LEU G 98 -10.07 -34.11 -10.81
CA LEU G 98 -8.71 -34.10 -10.26
C LEU G 98 -8.63 -34.32 -8.76
N GLU G 99 -9.70 -34.03 -8.00
CA GLU G 99 -9.57 -34.14 -6.54
C GLU G 99 -9.38 -35.58 -6.07
N TRP G 100 -10.06 -36.53 -6.72
CA TRP G 100 -9.88 -37.92 -6.34
C TRP G 100 -8.53 -38.44 -6.85
N ILE G 101 -8.05 -37.88 -7.95
CA ILE G 101 -6.70 -38.22 -8.42
C ILE G 101 -5.65 -37.78 -7.40
N ARG G 102 -5.79 -36.57 -6.85
CA ARG G 102 -4.90 -36.12 -5.79
C ARG G 102 -4.98 -37.01 -4.57
N GLU G 103 -6.21 -37.34 -4.18
CA GLU G 103 -6.48 -38.04 -2.92
C GLU G 103 -6.05 -39.52 -2.96
N ALA G 104 -6.52 -40.23 -3.97
CA ALA G 104 -6.33 -41.67 -4.01
C ALA G 104 -5.53 -42.14 -5.23
N GLY G 105 -5.22 -41.21 -6.14
CA GLY G 105 -4.44 -41.53 -7.33
C GLY G 105 -5.04 -42.60 -8.24
N LEU G 106 -6.36 -42.53 -8.42
CA LEU G 106 -7.04 -43.53 -9.26
C LEU G 106 -7.79 -42.87 -10.42
N LEU G 107 -7.33 -43.14 -11.62
CA LEU G 107 -8.01 -42.76 -12.85
C LEU G 107 -9.01 -43.84 -13.23
N THR G 108 -10.28 -43.47 -13.35
CA THR G 108 -11.35 -44.46 -13.50
C THR G 108 -12.24 -44.19 -14.72
N THR G 109 -11.82 -43.24 -15.55
CA THR G 109 -12.59 -42.76 -16.68
C THR G 109 -11.68 -42.45 -17.87
N PRO G 110 -12.27 -42.17 -19.04
CA PRO G 110 -11.43 -41.55 -20.07
C PRO G 110 -11.00 -40.15 -19.64
N ILE G 111 -10.04 -39.59 -20.38
CA ILE G 111 -9.63 -38.21 -20.20
C ILE G 111 -10.07 -37.43 -21.43
N ALA G 112 -10.57 -36.21 -21.24
CA ALA G 112 -10.99 -35.38 -22.37
C ALA G 112 -10.35 -33.99 -22.30
N TYR G 113 -9.99 -33.47 -23.47
CA TYR G 113 -9.54 -32.09 -23.65
C TYR G 113 -10.60 -31.31 -24.42
N THR G 114 -10.91 -30.08 -24.01
CA THR G 114 -11.82 -29.28 -24.82
C THR G 114 -11.53 -27.80 -24.56
N ASN G 115 -12.44 -26.89 -24.92
CA ASN G 115 -12.24 -25.48 -24.62
C ASN G 115 -12.78 -25.14 -23.24
N THR G 116 -12.41 -23.97 -22.70
CA THR G 116 -12.70 -23.64 -21.31
C THR G 116 -14.19 -23.64 -20.98
N HIS G 117 -15.01 -23.20 -21.93
CA HIS G 117 -16.42 -23.02 -21.66
C HIS G 117 -17.28 -24.23 -22.01
N SER G 118 -16.64 -25.33 -22.41
CA SER G 118 -17.33 -26.57 -22.73
C SER G 118 -17.02 -27.69 -21.75
N VAL G 119 -16.22 -27.41 -20.70
CA VAL G 119 -15.75 -28.45 -19.80
C VAL G 119 -16.90 -29.22 -19.15
N GLY G 120 -17.90 -28.48 -18.67
CA GLY G 120 -19.03 -29.08 -18.00
C GLY G 120 -19.87 -29.99 -18.86
N ALA G 121 -20.19 -29.53 -20.07
CA ALA G 121 -21.00 -30.32 -20.99
C ALA G 121 -20.27 -31.61 -21.36
N VAL G 122 -18.96 -31.52 -21.57
CA VAL G 122 -18.14 -32.68 -21.91
C VAL G 122 -18.09 -33.68 -20.74
N ARG G 123 -17.91 -33.14 -19.54
CA ARG G 123 -17.84 -33.97 -18.34
C ARG G 123 -19.13 -34.74 -18.07
N ASP G 124 -20.27 -34.05 -18.12
CA ASP G 124 -21.54 -34.72 -17.84
C ASP G 124 -21.88 -35.70 -18.96
N ALA G 125 -21.36 -35.46 -20.17
CA ALA G 125 -21.53 -36.39 -21.29
C ALA G 125 -20.75 -37.68 -21.03
N LEU G 126 -19.58 -37.54 -20.42
CA LEU G 126 -18.78 -38.71 -20.04
C LEU G 126 -19.44 -39.52 -18.92
N VAL G 127 -20.12 -38.84 -18.00
CA VAL G 127 -20.91 -39.52 -16.96
C VAL G 127 -22.04 -40.31 -17.61
N ALA G 128 -22.78 -39.64 -18.47
CA ALA G 128 -23.91 -40.28 -19.14
C ALA G 128 -23.47 -41.51 -19.95
N ASN G 129 -22.26 -41.45 -20.48
CA ASN G 129 -21.75 -42.52 -21.30
C ASN G 129 -21.56 -43.82 -20.51
N GLU G 130 -21.40 -43.71 -19.19
CA GLU G 130 -21.18 -44.88 -18.35
C GLU G 130 -22.48 -45.45 -17.77
N ARG G 131 -23.60 -44.79 -18.04
CA ARG G 131 -24.88 -45.16 -17.44
C ARG G 131 -25.31 -46.61 -17.74
N GLU G 132 -25.32 -46.99 -19.02
CA GLU G 132 -25.78 -48.33 -19.40
C GLU G 132 -24.95 -49.42 -18.73
N ALA G 133 -23.65 -49.19 -18.63
CA ALA G 133 -22.74 -50.19 -18.07
C ALA G 133 -22.74 -50.22 -16.54
N ALA G 134 -23.40 -49.25 -15.90
CA ALA G 134 -23.36 -49.16 -14.44
C ALA G 134 -24.00 -50.39 -13.79
N ALA G 135 -25.15 -50.78 -14.31
CA ALA G 135 -25.83 -52.01 -13.89
C ALA G 135 -25.85 -52.23 -12.38
N GLY G 136 -26.43 -51.28 -11.66
CA GLY G 136 -26.62 -51.42 -10.23
C GLY G 136 -25.36 -51.35 -9.37
N ARG G 137 -24.22 -51.03 -9.96
CA ARG G 137 -23.04 -50.81 -9.16
C ARG G 137 -23.13 -49.41 -8.58
N VAL G 138 -22.84 -49.30 -7.29
CA VAL G 138 -22.92 -48.02 -6.60
C VAL G 138 -21.61 -47.25 -6.67
N TYR G 139 -21.61 -46.17 -7.45
CA TYR G 139 -20.46 -45.26 -7.49
C TYR G 139 -20.86 -43.94 -8.11
N TRP G 140 -20.04 -42.93 -7.88
CA TRP G 140 -20.26 -41.64 -8.51
C TRP G 140 -19.19 -41.40 -9.57
N CYS G 141 -19.65 -41.17 -10.79
CA CYS G 141 -18.75 -41.04 -11.93
C CYS G 141 -18.04 -39.69 -11.91
N MET G 142 -16.71 -39.71 -11.94
CA MET G 142 -15.94 -38.45 -11.87
C MET G 142 -14.91 -38.33 -13.01
N PRO G 143 -15.39 -38.06 -14.23
CA PRO G 143 -14.49 -37.97 -15.39
C PRO G 143 -13.48 -36.82 -15.29
N VAL G 144 -12.31 -37.06 -15.89
CA VAL G 144 -11.27 -36.05 -15.97
C VAL G 144 -11.38 -35.27 -17.26
N VAL G 145 -11.66 -33.98 -17.12
CA VAL G 145 -11.75 -33.11 -18.29
C VAL G 145 -10.88 -31.89 -18.08
N MET G 146 -10.04 -31.58 -19.08
CA MET G 146 -9.16 -30.42 -18.99
C MET G 146 -9.38 -29.54 -20.20
N GLU G 147 -8.80 -28.35 -20.17
CA GLU G 147 -9.12 -27.34 -21.19
C GLU G 147 -8.00 -26.35 -21.47
N THR G 148 -8.06 -25.72 -22.65
CA THR G 148 -7.34 -24.47 -22.87
C THR G 148 -8.29 -23.52 -23.58
N TYR G 149 -7.91 -22.25 -23.69
CA TYR G 149 -8.81 -21.19 -24.13
C TYR G 149 -8.69 -20.81 -25.61
N ASP G 150 -9.69 -21.14 -26.43
CA ASP G 150 -9.67 -20.77 -27.86
C ASP G 150 -10.57 -19.57 -28.22
N GLY G 151 -10.70 -18.62 -27.30
CA GLY G 151 -11.60 -17.49 -27.48
C GLY G 151 -11.34 -16.58 -28.68
N LEU G 152 -10.12 -16.61 -29.21
CA LEU G 152 -9.77 -15.74 -30.33
C LEU G 152 -10.29 -16.28 -31.66
N LEU G 153 -10.02 -17.55 -31.96
CA LEU G 153 -10.44 -18.13 -33.23
C LEU G 153 -11.83 -18.79 -33.15
N ASN G 154 -12.25 -19.13 -31.93
CA ASN G 154 -13.51 -19.84 -31.71
C ASN G 154 -14.52 -18.97 -30.99
N ASP G 155 -15.80 -19.18 -31.28
CA ASP G 155 -16.90 -18.54 -30.53
C ASP G 155 -17.04 -19.26 -29.20
N ILE G 156 -16.18 -18.95 -28.24
CA ILE G 156 -16.13 -19.74 -27.02
C ILE G 156 -17.33 -19.49 -26.12
N TRP G 157 -17.98 -18.33 -26.24
CA TRP G 157 -19.19 -18.07 -25.45
C TRP G 157 -20.40 -18.79 -26.01
N GLY G 158 -20.28 -19.28 -27.24
CA GLY G 158 -21.36 -19.97 -27.91
C GLY G 158 -21.60 -21.37 -27.40
N GLN G 159 -20.61 -21.94 -26.72
CA GLN G 159 -20.71 -23.28 -26.16
C GLN G 159 -21.21 -24.27 -27.19
N HIS G 160 -20.42 -24.46 -28.23
CA HIS G 160 -20.88 -25.23 -29.38
C HIS G 160 -20.56 -26.71 -29.28
N VAL G 161 -19.86 -27.14 -28.22
CA VAL G 161 -19.54 -28.54 -28.03
C VAL G 161 -20.62 -29.27 -27.22
N SER G 162 -21.03 -30.43 -27.71
CA SER G 162 -22.12 -31.18 -27.12
C SER G 162 -21.76 -32.65 -26.86
N ALA G 163 -22.68 -33.35 -26.21
CA ALA G 163 -22.54 -34.76 -25.90
C ALA G 163 -22.33 -35.60 -27.17
N ALA G 164 -22.98 -35.20 -28.26
CA ALA G 164 -22.83 -35.93 -29.52
C ALA G 164 -21.39 -35.84 -30.01
N HIS G 165 -20.74 -34.70 -29.79
CA HIS G 165 -19.36 -34.54 -30.21
C HIS G 165 -18.46 -35.42 -29.37
N VAL G 166 -18.80 -35.55 -28.09
CA VAL G 166 -18.05 -36.41 -27.19
C VAL G 166 -18.19 -37.87 -27.64
N GLN G 167 -19.39 -38.25 -28.08
CA GLN G 167 -19.61 -39.62 -28.52
C GLN G 167 -18.86 -39.93 -29.81
N ARG G 168 -18.74 -38.94 -30.68
CA ARG G 168 -17.94 -39.07 -31.89
C ARG G 168 -16.46 -39.27 -31.55
N ALA G 169 -15.94 -38.47 -30.61
CA ALA G 169 -14.54 -38.61 -30.20
C ALA G 169 -14.26 -39.98 -29.55
N LEU G 170 -15.18 -40.43 -28.70
CA LEU G 170 -15.06 -41.74 -28.07
C LEU G 170 -15.03 -42.87 -29.09
N ALA G 171 -15.91 -42.81 -30.08
CA ALA G 171 -16.00 -43.85 -31.09
C ALA G 171 -14.78 -43.86 -31.99
N ALA G 172 -14.16 -42.68 -32.14
CA ALA G 172 -12.99 -42.54 -32.99
C ALA G 172 -11.70 -42.94 -32.28
N ALA G 173 -11.78 -43.15 -30.96
CA ALA G 173 -10.61 -43.49 -30.15
C ALA G 173 -10.00 -44.82 -30.56
N GLN G 174 -8.72 -44.79 -30.89
CA GLN G 174 -8.04 -45.97 -31.36
C GLN G 174 -6.54 -45.86 -31.10
N THR G 175 -5.85 -47.00 -31.18
CA THR G 175 -4.41 -47.06 -31.05
C THR G 175 -3.78 -46.55 -32.35
N GLY G 176 -2.46 -46.59 -32.44
CA GLY G 176 -1.77 -46.17 -33.66
C GLY G 176 -1.50 -44.68 -33.73
N PRO G 177 -1.19 -44.19 -34.94
CA PRO G 177 -0.85 -42.79 -35.20
C PRO G 177 -1.91 -41.83 -34.70
N VAL G 178 -1.49 -40.69 -34.16
CA VAL G 178 -2.43 -39.70 -33.64
C VAL G 178 -2.31 -38.39 -34.42
N ALA G 179 -3.43 -37.91 -34.94
CA ALA G 179 -3.43 -36.67 -35.67
C ALA G 179 -3.07 -35.51 -34.75
N GLU G 180 -2.29 -34.58 -35.28
CA GLU G 180 -1.79 -33.44 -34.50
C GLU G 180 -2.24 -32.09 -35.09
N GLY G 181 -1.96 -31.02 -34.36
CA GLY G 181 -2.27 -29.67 -34.81
C GLY G 181 -3.68 -29.21 -34.49
N GLY G 182 -4.31 -28.53 -35.45
CA GLY G 182 -5.66 -28.01 -35.23
C GLY G 182 -6.74 -29.08 -35.37
N VAL G 183 -6.72 -30.07 -34.50
CA VAL G 183 -7.76 -31.10 -34.53
C VAL G 183 -8.30 -31.32 -33.13
N GLY G 184 -9.52 -31.82 -33.03
CA GLY G 184 -10.14 -32.08 -31.74
C GLY G 184 -10.15 -30.86 -30.85
N GLY G 185 -9.63 -31.03 -29.64
CA GLY G 185 -9.57 -29.94 -28.68
C GLY G 185 -8.58 -28.88 -29.09
N GLY G 186 -7.65 -29.23 -29.97
CA GLY G 186 -6.63 -28.28 -30.37
C GLY G 186 -7.00 -27.45 -31.59
N THR G 187 -8.23 -27.65 -32.07
CA THR G 187 -8.69 -27.05 -33.31
C THR G 187 -8.46 -25.54 -33.40
N GLY G 188 -8.86 -24.80 -32.38
CA GLY G 188 -8.73 -23.35 -32.43
C GLY G 188 -7.61 -22.80 -31.57
N MET G 189 -6.63 -23.62 -31.23
CA MET G 189 -5.59 -23.19 -30.29
C MET G 189 -4.37 -22.54 -30.96
N ILE G 190 -3.66 -21.73 -30.16
CA ILE G 190 -2.55 -20.91 -30.62
C ILE G 190 -1.33 -21.07 -29.72
N CYS G 191 -0.16 -21.34 -30.29
CA CYS G 191 1.04 -21.56 -29.49
C CYS G 191 2.26 -20.76 -30.02
N HIS G 192 2.91 -20.02 -29.14
CA HIS G 192 4.00 -19.09 -29.46
C HIS G 192 3.60 -18.18 -30.62
N GLU G 193 2.33 -17.78 -30.62
CA GLU G 193 1.74 -16.89 -31.62
C GLU G 193 1.81 -17.47 -33.02
N PHE G 194 1.93 -18.80 -33.08
CA PHE G 194 1.69 -19.56 -34.29
C PHE G 194 0.48 -20.45 -34.06
N LYS G 195 0.07 -21.22 -35.06
CA LYS G 195 -1.01 -22.17 -34.86
C LYS G 195 -0.56 -23.27 -33.90
N GLY G 196 -1.40 -23.55 -32.90
CA GLY G 196 -1.10 -24.55 -31.90
C GLY G 196 -2.02 -25.75 -31.92
N GLY G 197 -2.14 -26.42 -30.78
CA GLY G 197 -3.04 -27.57 -30.70
C GLY G 197 -2.44 -28.87 -30.22
N ILE G 198 -2.89 -29.96 -30.81
CA ILE G 198 -2.55 -31.30 -30.34
C ILE G 198 -1.15 -31.72 -30.77
N GLY G 199 -0.39 -32.27 -29.84
CA GLY G 199 0.92 -32.82 -30.13
C GLY G 199 1.14 -34.07 -29.29
N THR G 200 1.90 -35.01 -29.83
CA THR G 200 2.16 -36.22 -29.07
C THR G 200 3.55 -36.75 -29.39
N ALA G 201 4.11 -37.55 -28.48
CA ALA G 201 5.44 -38.13 -28.64
C ALA G 201 5.63 -39.24 -27.63
N SER G 202 6.65 -40.08 -27.84
CA SER G 202 6.93 -41.13 -26.88
C SER G 202 8.42 -41.43 -26.79
N ARG G 203 8.79 -42.13 -25.72
CA ARG G 203 10.14 -42.60 -25.53
C ARG G 203 10.09 -44.03 -25.00
N VAL G 204 11.00 -44.88 -25.46
CA VAL G 204 11.11 -46.24 -24.96
C VAL G 204 12.42 -46.44 -24.23
N LEU G 205 12.35 -46.96 -23.01
CA LEU G 205 13.55 -47.26 -22.24
C LEU G 205 14.19 -48.57 -22.70
N ALA G 206 15.50 -48.69 -22.53
CA ALA G 206 16.20 -49.93 -22.86
C ALA G 206 15.79 -51.02 -21.89
N ALA G 207 16.05 -52.27 -22.27
CA ALA G 207 15.76 -53.41 -21.43
C ALA G 207 16.50 -53.23 -20.11
N ASP G 208 17.68 -52.60 -20.18
CA ASP G 208 18.51 -52.29 -19.01
C ASP G 208 17.79 -51.45 -17.98
N ALA G 209 16.84 -50.64 -18.45
CA ALA G 209 16.11 -49.70 -17.61
C ALA G 209 14.67 -50.13 -17.34
N GLY G 210 14.32 -51.36 -17.67
CA GLY G 210 12.97 -51.82 -17.40
C GLY G 210 12.14 -51.96 -18.65
N GLY G 211 12.64 -51.38 -19.75
CA GLY G 211 11.99 -51.48 -21.05
C GLY G 211 10.67 -50.75 -21.20
N TRP G 212 10.34 -49.89 -20.23
CA TRP G 212 9.05 -49.20 -20.24
C TRP G 212 8.92 -48.12 -21.30
N THR G 213 7.68 -47.84 -21.68
CA THR G 213 7.34 -46.78 -22.61
C THR G 213 6.72 -45.59 -21.88
N VAL G 214 7.13 -44.38 -22.24
CA VAL G 214 6.52 -43.16 -21.72
C VAL G 214 5.96 -42.36 -22.89
N GLY G 215 4.68 -42.03 -22.82
CA GLY G 215 4.05 -41.27 -23.89
C GLY G 215 3.46 -39.96 -23.39
N ALA G 216 3.34 -38.97 -24.28
CA ALA G 216 2.73 -37.71 -23.89
C ALA G 216 1.80 -37.21 -24.98
N LEU G 217 0.68 -36.65 -24.55
CA LEU G 217 -0.26 -35.96 -25.42
C LEU G 217 -0.59 -34.57 -24.85
N VAL G 218 -0.30 -33.52 -25.62
CA VAL G 218 -0.50 -32.16 -25.15
C VAL G 218 -1.51 -31.43 -26.01
N GLN G 219 -2.13 -30.43 -25.40
CA GLN G 219 -2.91 -29.44 -26.12
C GLN G 219 -2.24 -28.10 -25.83
N ALA G 220 -1.42 -27.64 -26.77
CA ALA G 220 -0.54 -26.49 -26.54
C ALA G 220 -1.19 -25.21 -27.03
N ASN G 221 -1.34 -24.27 -26.10
CA ASN G 221 -2.04 -23.00 -26.31
C ASN G 221 -1.38 -21.87 -25.52
N TYR G 222 -0.05 -21.90 -25.45
CA TYR G 222 0.70 -20.99 -24.57
C TYR G 222 1.79 -20.24 -25.34
N GLY G 223 2.37 -19.23 -24.70
CA GLY G 223 3.69 -18.74 -25.08
C GLY G 223 3.80 -17.53 -25.97
N VAL G 224 4.85 -16.74 -25.75
CA VAL G 224 5.08 -15.61 -26.62
C VAL G 224 6.10 -16.01 -27.68
N ARG G 225 5.96 -15.37 -28.83
CA ARG G 225 6.75 -15.67 -30.02
C ARG G 225 8.22 -15.78 -29.68
N GLU G 226 8.73 -14.72 -29.08
CA GLU G 226 10.14 -14.55 -28.74
C GLU G 226 10.81 -15.69 -27.98
N MET G 227 10.04 -16.39 -27.16
CA MET G 227 10.61 -17.43 -26.31
C MET G 227 10.71 -18.83 -26.93
N LEU G 228 10.13 -19.04 -28.11
CA LEU G 228 10.13 -20.36 -28.74
C LEU G 228 11.54 -20.95 -28.90
N ARG G 229 11.73 -22.17 -28.43
CA ARG G 229 12.98 -22.89 -28.55
C ARG G 229 12.73 -24.28 -29.11
N VAL G 230 13.49 -24.64 -30.13
CA VAL G 230 13.38 -25.95 -30.74
C VAL G 230 14.74 -26.65 -30.65
N ALA G 231 14.77 -27.79 -29.95
CA ALA G 231 16.01 -28.54 -29.68
C ALA G 231 17.04 -27.64 -29.01
N GLY G 232 16.56 -26.69 -28.22
CA GLY G 232 17.40 -25.76 -27.49
C GLY G 232 17.68 -24.48 -28.24
N TYR G 233 17.53 -24.52 -29.56
CA TYR G 233 17.93 -23.37 -30.36
C TYR G 233 16.86 -22.29 -30.33
N PRO G 234 17.27 -21.02 -30.12
CA PRO G 234 16.36 -19.89 -29.89
C PRO G 234 15.74 -19.35 -31.18
N VAL G 235 14.99 -20.19 -31.89
CA VAL G 235 14.43 -19.81 -33.17
C VAL G 235 13.39 -18.67 -33.06
N GLY G 236 12.73 -18.58 -31.91
CA GLY G 236 11.77 -17.52 -31.67
C GLY G 236 12.37 -16.12 -31.82
N GLU G 237 13.65 -15.99 -31.45
CA GLU G 237 14.33 -14.70 -31.48
C GLU G 237 14.54 -14.20 -32.92
N VAL G 238 14.59 -15.11 -33.88
CA VAL G 238 14.71 -14.72 -35.29
C VAL G 238 13.39 -14.94 -36.05
N LEU G 239 12.29 -15.02 -35.30
CA LEU G 239 10.95 -15.16 -35.90
C LEU G 239 9.99 -14.06 -35.46
N ARG G 240 10.50 -12.99 -34.88
CA ARG G 240 9.65 -11.89 -34.43
C ARG G 240 8.91 -11.16 -35.56
N HIS G 241 9.47 -11.20 -36.76
CA HIS G 241 8.90 -10.43 -37.87
C HIS G 241 7.59 -11.04 -38.38
N VAL G 242 7.39 -12.34 -38.18
CA VAL G 242 6.20 -13.03 -38.67
C VAL G 242 4.94 -12.47 -38.00
N PRO G 243 3.89 -12.20 -38.80
CA PRO G 243 2.61 -11.67 -38.31
C PRO G 243 2.04 -12.46 -37.14
N SER G 244 1.40 -11.77 -36.20
CA SER G 244 0.83 -12.41 -35.02
C SER G 244 -0.63 -12.03 -34.81
N PRO G 245 -1.47 -12.98 -34.34
CA PRO G 245 -2.87 -12.64 -34.08
C PRO G 245 -3.05 -11.71 -32.87
N PHE G 246 -2.00 -11.53 -32.09
CA PHE G 246 -2.07 -10.72 -30.88
C PHE G 246 -1.56 -9.29 -31.09
N SER G 259 -2.19 -21.39 -22.14
CA SER G 259 -2.41 -22.62 -21.38
C SER G 259 -1.85 -23.83 -22.11
N ILE G 260 -1.49 -24.84 -21.35
CA ILE G 260 -1.18 -26.12 -21.95
C ILE G 260 -1.55 -27.24 -20.99
N VAL G 261 -2.34 -28.19 -21.47
CA VAL G 261 -2.64 -29.35 -20.68
C VAL G 261 -1.82 -30.53 -21.23
N VAL G 262 -1.24 -31.31 -20.31
CA VAL G 262 -0.39 -32.43 -20.66
C VAL G 262 -0.89 -33.70 -20.01
N THR G 263 -1.02 -34.76 -20.79
CA THR G 263 -1.20 -36.06 -20.21
C THR G 263 0.01 -36.93 -20.52
N ILE G 264 0.61 -37.47 -19.47
CA ILE G 264 1.71 -38.42 -19.60
C ILE G 264 1.19 -39.82 -19.30
N ALA G 265 1.53 -40.77 -20.15
CA ALA G 265 1.19 -42.18 -19.92
C ALA G 265 2.44 -43.04 -19.88
N THR G 266 2.42 -44.12 -19.11
CA THR G 266 3.53 -45.08 -19.11
C THR G 266 3.03 -46.47 -18.72
N ASP G 267 3.69 -47.51 -19.25
CA ASP G 267 3.34 -48.85 -18.82
C ASP G 267 4.22 -49.31 -17.66
N ALA G 268 5.05 -48.42 -17.14
CA ALA G 268 5.76 -48.70 -15.89
C ALA G 268 4.74 -48.85 -14.74
N PRO G 269 5.01 -49.75 -13.78
CA PRO G 269 4.12 -49.91 -12.63
C PRO G 269 4.34 -48.83 -11.56
N LEU G 270 3.86 -47.61 -11.83
CA LEU G 270 4.05 -46.50 -10.90
C LEU G 270 2.90 -46.43 -9.91
N LEU G 271 3.24 -46.23 -8.63
CA LEU G 271 2.26 -45.99 -7.57
C LEU G 271 1.76 -44.54 -7.69
N PRO G 272 0.63 -44.19 -7.05
CA PRO G 272 0.14 -42.80 -7.13
C PRO G 272 1.18 -41.72 -6.81
N HIS G 273 1.96 -41.86 -5.73
CA HIS G 273 2.92 -40.81 -5.41
C HIS G 273 4.00 -40.68 -6.47
N GLN G 274 4.27 -41.78 -7.19
CA GLN G 274 5.27 -41.78 -8.24
C GLN G 274 4.73 -41.15 -9.50
N CYS G 275 3.42 -41.31 -9.72
CA CYS G 275 2.77 -40.65 -10.85
C CYS G 275 2.80 -39.13 -10.67
N THR G 276 2.67 -38.68 -9.43
CA THR G 276 2.75 -37.24 -9.16
C THR G 276 4.13 -36.73 -9.54
N ARG G 277 5.17 -37.48 -9.17
CA ARG G 277 6.54 -37.12 -9.51
C ARG G 277 6.73 -37.05 -11.03
N LEU G 278 6.18 -38.04 -11.73
CA LEU G 278 6.32 -38.10 -13.18
C LEU G 278 5.62 -36.91 -13.83
N ALA G 279 4.43 -36.58 -13.34
CA ALA G 279 3.67 -35.48 -13.89
C ALA G 279 4.44 -34.16 -13.79
N GLN G 280 5.19 -33.95 -12.71
CA GLN G 280 5.86 -32.66 -12.55
C GLN G 280 6.99 -32.51 -13.60
N ARG G 281 7.40 -33.60 -14.22
CA ARG G 281 8.46 -33.48 -15.21
C ARG G 281 7.94 -32.85 -16.51
N ALA G 282 6.63 -32.68 -16.63
CA ALA G 282 6.10 -31.92 -17.76
C ALA G 282 6.57 -30.48 -17.67
N SER G 283 6.79 -30.00 -16.45
CA SER G 283 7.35 -28.64 -16.27
C SER G 283 8.66 -28.52 -17.03
N VAL G 284 9.48 -29.56 -16.96
CA VAL G 284 10.80 -29.54 -17.57
C VAL G 284 10.73 -29.47 -19.10
N GLY G 285 9.92 -30.34 -19.70
CA GLY G 285 9.77 -30.32 -21.15
C GLY G 285 9.20 -28.99 -21.63
N LEU G 286 8.16 -28.53 -20.94
CA LEU G 286 7.50 -27.25 -21.28
C LEU G 286 8.49 -26.09 -21.18
N ALA G 287 9.31 -26.11 -20.12
CA ALA G 287 10.29 -25.05 -19.93
C ALA G 287 11.27 -25.00 -21.10
N ARG G 288 11.65 -26.18 -21.61
CA ARG G 288 12.66 -26.26 -22.66
C ARG G 288 12.19 -25.74 -24.02
N VAL G 289 10.89 -25.66 -24.23
CA VAL G 289 10.36 -25.08 -25.47
C VAL G 289 10.14 -23.56 -25.29
N GLY G 290 10.08 -23.12 -24.03
CA GLY G 290 9.93 -21.71 -23.74
C GLY G 290 8.66 -21.36 -22.98
N GLY G 291 8.04 -22.34 -22.31
CA GLY G 291 6.81 -22.07 -21.58
C GLY G 291 7.08 -21.89 -20.09
N GLY G 292 5.99 -21.76 -19.32
CA GLY G 292 6.09 -21.75 -17.86
C GLY G 292 6.29 -20.40 -17.19
N THR G 293 6.15 -19.31 -17.94
CA THR G 293 6.40 -17.97 -17.37
C THR G 293 5.24 -17.01 -17.53
N GLU G 294 4.07 -17.52 -17.86
CA GLU G 294 2.91 -16.68 -18.07
C GLU G 294 1.89 -16.83 -16.94
N ASP G 295 1.51 -15.72 -16.34
CA ASP G 295 0.41 -15.73 -15.38
C ASP G 295 -0.87 -16.26 -15.99
N SER G 296 -1.08 -15.98 -17.26
CA SER G 296 -2.35 -16.29 -17.89
C SER G 296 -2.48 -17.74 -18.34
N SER G 297 -1.39 -18.50 -18.20
CA SER G 297 -1.33 -19.81 -18.83
C SER G 297 -1.71 -20.96 -17.87
N GLY G 298 -2.83 -21.62 -18.17
CA GLY G 298 -3.27 -22.77 -17.39
C GLY G 298 -2.42 -23.99 -17.75
N ASP G 299 -1.38 -24.19 -16.95
CA ASP G 299 -0.42 -25.25 -17.21
C ASP G 299 -0.67 -26.37 -16.21
N ILE G 300 -1.44 -27.37 -16.64
CA ILE G 300 -1.95 -28.41 -15.76
C ILE G 300 -1.59 -29.80 -16.32
N PHE G 301 -0.93 -30.62 -15.50
CA PHE G 301 -0.34 -31.87 -15.97
C PHE G 301 -0.91 -33.09 -15.26
N LEU G 302 -1.17 -34.15 -16.01
CA LEU G 302 -1.67 -35.40 -15.49
C LEU G 302 -0.77 -36.55 -15.97
N ALA G 303 -0.45 -37.49 -15.09
CA ALA G 303 0.29 -38.68 -15.48
C ALA G 303 -0.46 -39.92 -14.99
N PHE G 304 -0.63 -40.92 -15.84
CA PHE G 304 -1.19 -42.18 -15.36
C PHE G 304 -0.30 -43.31 -15.82
N ALA G 305 -0.33 -44.41 -15.07
CA ALA G 305 0.50 -45.57 -15.36
C ALA G 305 -0.38 -46.79 -15.55
N THR G 306 -0.03 -47.67 -16.48
CA THR G 306 -0.84 -48.85 -16.78
C THR G 306 -0.22 -50.14 -16.24
N GLY G 307 0.98 -50.02 -15.66
CA GLY G 307 1.74 -51.18 -15.21
C GLY G 307 1.05 -52.05 -14.17
N ASN G 308 0.36 -51.42 -13.24
CA ASN G 308 -0.49 -52.15 -12.32
C ASN G 308 -1.90 -52.27 -12.89
N ASP G 309 -2.38 -53.51 -13.04
CA ASP G 309 -3.78 -53.72 -13.42
C ASP G 309 -4.46 -54.63 -12.39
N GLY G 310 -5.75 -54.89 -12.58
CA GLY G 310 -6.50 -55.65 -11.60
C GLY G 310 -6.73 -54.85 -10.33
N LEU G 311 -6.65 -53.51 -10.45
CA LEU G 311 -6.94 -52.65 -9.30
C LEU G 311 -8.44 -52.70 -9.05
N PRO G 312 -8.85 -52.60 -7.78
CA PRO G 312 -10.29 -52.81 -7.54
C PRO G 312 -11.16 -51.66 -8.08
N ALA G 313 -12.16 -52.01 -8.86
CA ALA G 313 -13.13 -51.05 -9.34
C ALA G 313 -14.00 -50.58 -8.19
N ALA G 314 -14.36 -49.31 -8.22
CA ALA G 314 -15.15 -48.70 -7.15
C ALA G 314 -16.58 -49.22 -7.18
N ASN G 315 -17.01 -49.78 -6.06
CA ASN G 315 -18.35 -50.33 -5.95
C ASN G 315 -18.75 -50.29 -4.48
N TYR G 316 -19.24 -49.15 -4.03
CA TYR G 316 -19.44 -48.94 -2.60
C TYR G 316 -20.55 -49.82 -2.01
N GLY G 317 -20.22 -50.47 -0.90
CA GLY G 317 -21.08 -51.43 -0.26
C GLY G 317 -20.71 -52.87 -0.54
N SER G 318 -19.91 -53.09 -1.58
CA SER G 318 -19.50 -54.45 -1.97
C SER G 318 -17.99 -54.67 -1.77
N LYS G 319 -17.66 -55.33 -0.67
CA LYS G 319 -16.30 -55.40 -0.15
C LYS G 319 -15.51 -56.63 -0.62
N GLY G 320 -14.22 -56.44 -0.89
CA GLY G 320 -13.36 -57.53 -1.33
C GLY G 320 -12.36 -57.93 -0.26
N ALA G 321 -11.16 -58.31 -0.69
CA ALA G 321 -10.08 -58.69 0.22
C ALA G 321 -9.48 -57.45 0.89
N PRO G 322 -8.86 -57.62 2.07
CA PRO G 322 -8.27 -56.46 2.75
C PRO G 322 -7.19 -55.75 1.94
N THR G 323 -6.38 -56.51 1.20
CA THR G 323 -5.26 -55.93 0.45
C THR G 323 -5.19 -56.39 -1.01
N THR G 324 -4.41 -55.65 -1.80
CA THR G 324 -4.11 -55.99 -3.17
C THR G 324 -2.60 -55.95 -3.40
N GLY G 325 -2.08 -56.95 -4.10
CA GLY G 325 -0.66 -56.97 -4.43
C GLY G 325 -0.43 -56.08 -5.63
N VAL G 326 0.50 -55.13 -5.48
CA VAL G 326 0.83 -54.23 -6.55
C VAL G 326 2.33 -54.12 -6.71
N LYS G 327 2.75 -53.54 -7.82
CA LYS G 327 4.17 -53.35 -8.10
C LYS G 327 4.56 -51.90 -8.02
N MET G 328 5.81 -51.69 -7.64
CA MET G 328 6.38 -50.35 -7.55
C MET G 328 7.71 -50.29 -8.28
N VAL G 329 7.90 -49.27 -9.12
CA VAL G 329 9.19 -49.04 -9.73
C VAL G 329 10.16 -48.56 -8.65
N ASN G 330 11.32 -49.22 -8.56
CA ASN G 330 12.30 -48.80 -7.58
C ASN G 330 12.89 -47.45 -7.95
N ASN G 331 13.17 -46.65 -6.94
CA ASN G 331 13.57 -45.27 -7.20
C ASN G 331 14.89 -45.16 -7.96
N ASP G 332 15.73 -46.21 -7.94
CA ASP G 332 16.94 -46.11 -8.75
C ASP G 332 16.63 -46.42 -10.22
N HIS G 333 15.36 -46.66 -10.53
CA HIS G 333 14.94 -46.86 -11.93
C HIS G 333 14.00 -45.76 -12.43
N ILE G 334 13.61 -44.83 -11.55
CA ILE G 334 12.58 -43.86 -11.93
C ILE G 334 13.16 -42.66 -12.68
N SER G 335 14.44 -42.37 -12.51
CA SER G 335 15.03 -41.23 -13.22
C SER G 335 14.93 -41.32 -14.75
N ALA G 336 15.11 -42.52 -15.30
CA ALA G 336 15.00 -42.72 -16.74
C ALA G 336 13.58 -42.45 -17.22
N LEU G 337 12.60 -42.65 -16.34
CA LEU G 337 11.21 -42.31 -16.64
C LEU G 337 11.05 -40.78 -16.58
N PHE G 338 11.71 -40.12 -15.62
CA PHE G 338 11.71 -38.66 -15.56
C PHE G 338 12.26 -38.03 -16.85
N VAL G 339 13.44 -38.48 -17.27
CA VAL G 339 14.05 -38.01 -18.50
C VAL G 339 13.14 -38.24 -19.71
N ALA G 340 12.60 -39.46 -19.79
CA ALA G 340 11.75 -39.84 -20.90
C ALA G 340 10.51 -38.96 -20.99
N ALA G 341 9.88 -38.68 -19.85
CA ALA G 341 8.68 -37.86 -19.84
C ALA G 341 9.00 -36.44 -20.28
N ALA G 342 10.08 -35.87 -19.78
CA ALA G 342 10.45 -34.49 -20.15
C ALA G 342 10.70 -34.38 -21.66
N GLU G 343 11.40 -35.38 -22.21
CA GLU G 343 11.68 -35.39 -23.65
C GLU G 343 10.39 -35.55 -24.45
N ALA G 344 9.51 -36.47 -24.02
CA ALA G 344 8.27 -36.70 -24.76
C ALA G 344 7.38 -35.43 -24.78
N VAL G 345 7.34 -34.71 -23.66
CA VAL G 345 6.54 -33.50 -23.59
C VAL G 345 7.10 -32.42 -24.50
N GLU G 346 8.41 -32.24 -24.48
CA GLU G 346 9.08 -31.26 -25.32
C GLU G 346 8.83 -31.50 -26.81
N GLU G 347 9.03 -32.74 -27.25
CA GLU G 347 8.86 -33.06 -28.66
C GLU G 347 7.39 -32.98 -29.05
N ALA G 348 6.51 -33.33 -28.12
CA ALA G 348 5.08 -33.26 -28.39
C ALA G 348 4.65 -31.83 -28.67
N ILE G 349 5.18 -30.87 -27.91
CA ILE G 349 4.85 -29.45 -28.13
C ILE G 349 5.32 -28.99 -29.50
N VAL G 350 6.57 -29.31 -29.83
CA VAL G 350 7.12 -28.94 -31.13
C VAL G 350 6.35 -29.67 -32.25
N ASN G 351 5.91 -30.90 -31.99
CA ASN G 351 5.09 -31.59 -32.99
C ASN G 351 3.78 -30.85 -33.27
N ALA G 352 3.20 -30.25 -32.23
CA ALA G 352 1.98 -29.48 -32.38
C ALA G 352 2.19 -28.27 -33.29
N LEU G 353 3.28 -27.55 -33.05
CA LEU G 353 3.62 -26.37 -33.85
C LEU G 353 3.89 -26.76 -35.30
N VAL G 354 4.65 -27.82 -35.49
CA VAL G 354 5.02 -28.27 -36.82
C VAL G 354 3.78 -28.72 -37.59
N ALA G 355 2.80 -29.29 -36.89
CA ALA G 355 1.57 -29.76 -37.55
C ALA G 355 0.55 -28.64 -37.79
N GLY G 356 0.75 -27.47 -37.19
CA GLY G 356 -0.18 -26.36 -37.32
C GLY G 356 -0.19 -25.66 -38.68
N GLY G 357 -1.38 -25.29 -39.15
CA GLY G 357 -1.54 -24.59 -40.42
C GLY G 357 -2.21 -23.23 -40.23
N ASP G 358 -2.23 -22.42 -41.28
CA ASP G 358 -2.84 -21.08 -41.23
C ASP G 358 -4.34 -21.13 -40.92
N VAL G 359 -4.81 -20.23 -40.05
CA VAL G 359 -6.22 -20.15 -39.73
C VAL G 359 -6.66 -18.70 -39.61
N GLU G 360 -7.75 -18.36 -40.30
CA GLU G 360 -8.39 -17.05 -40.21
C GLU G 360 -9.81 -17.23 -39.69
N SER G 361 -10.13 -16.54 -38.61
CA SER G 361 -11.45 -16.73 -38.00
C SER G 361 -11.82 -15.59 -37.07
N ARG G 362 -13.07 -15.12 -37.18
CA ARG G 362 -13.61 -14.12 -36.26
C ARG G 362 -12.74 -12.87 -36.17
N GLY G 363 -12.15 -12.46 -37.30
CA GLY G 363 -11.37 -11.24 -37.35
C GLY G 363 -9.92 -11.38 -36.94
N ALA G 364 -9.49 -12.62 -36.75
CA ALA G 364 -8.11 -12.90 -36.37
C ALA G 364 -7.43 -13.83 -37.36
N ARG G 365 -6.14 -13.61 -37.58
CA ARG G 365 -5.37 -14.48 -38.47
C ARG G 365 -4.15 -15.05 -37.73
N VAL G 366 -3.94 -16.36 -37.82
CA VAL G 366 -2.74 -16.97 -37.24
C VAL G 366 -2.04 -17.83 -38.29
N GLU G 367 -0.71 -17.77 -38.30
CA GLU G 367 0.05 -18.55 -39.27
C GLU G 367 0.59 -19.84 -38.64
N GLY G 368 0.60 -20.92 -39.41
CA GLY G 368 1.32 -22.10 -39.02
C GLY G 368 2.80 -21.77 -39.03
N LEU G 369 3.54 -22.35 -38.09
CA LEU G 369 4.98 -22.11 -38.00
C LEU G 369 5.66 -22.34 -39.37
N GLY G 370 5.36 -23.46 -40.03
CA GLY G 370 5.91 -23.75 -41.33
C GLY G 370 7.19 -24.57 -41.22
N GLN G 371 7.17 -25.76 -41.79
CA GLN G 371 8.32 -26.66 -41.70
C GLN G 371 9.57 -26.02 -42.32
N ALA G 372 9.47 -25.44 -43.51
CA ALA G 372 10.63 -24.84 -44.16
C ALA G 372 11.10 -23.61 -43.39
N ARG G 373 10.15 -22.81 -42.92
CA ARG G 373 10.49 -21.60 -42.18
C ARG G 373 11.23 -21.95 -40.89
N LEU G 374 10.85 -23.07 -40.27
CA LEU G 374 11.51 -23.54 -39.05
C LEU G 374 12.94 -23.98 -39.33
N LEU G 375 13.14 -24.77 -40.38
CA LEU G 375 14.48 -25.20 -40.75
C LEU G 375 15.37 -23.98 -41.03
N ASP G 376 14.80 -22.95 -41.65
CA ASP G 376 15.53 -21.69 -41.92
C ASP G 376 15.93 -20.97 -40.64
N ALA G 377 14.99 -20.88 -39.70
CA ALA G 377 15.22 -20.23 -38.43
C ALA G 377 16.30 -20.98 -37.64
N LEU G 378 16.25 -22.30 -37.68
CA LEU G 378 17.26 -23.14 -37.03
C LEU G 378 18.67 -22.89 -37.59
N ARG G 379 18.80 -22.84 -38.91
CA ARG G 379 20.13 -22.56 -39.47
C ARG G 379 20.58 -21.18 -39.07
N GLU G 380 19.65 -20.23 -38.99
CA GLU G 380 20.01 -18.86 -38.65
C GLU G 380 20.61 -18.76 -37.25
N VAL G 381 20.20 -19.65 -36.33
CA VAL G 381 20.77 -19.63 -34.98
C VAL G 381 21.76 -20.77 -34.71
N GLY G 382 22.29 -21.37 -35.77
CA GLY G 382 23.45 -22.25 -35.63
C GLY G 382 23.19 -23.74 -35.67
N TRP G 383 21.94 -24.12 -35.82
CA TRP G 383 21.59 -25.52 -35.89
C TRP G 383 21.95 -26.04 -37.28
N ARG G 384 22.38 -27.30 -37.34
CA ARG G 384 22.64 -27.94 -38.62
C ARG G 384 22.20 -29.40 -38.52
N PRO G 385 21.77 -29.98 -39.65
CA PRO G 385 21.30 -31.37 -39.63
C PRO G 385 22.44 -32.39 -39.48
N GLY G 386 22.10 -33.61 -39.11
CA GLY G 386 23.07 -34.68 -39.02
C GLY G 386 23.93 -34.57 -37.77
N ARG G 387 23.30 -34.09 -36.69
CA ARG G 387 23.89 -34.04 -35.36
C ARG G 387 25.20 -33.26 -35.28
N MET H 21 32.41 49.45 -15.36
CA MET H 21 32.53 48.92 -14.01
C MET H 21 31.41 47.91 -13.77
N ARG H 22 30.16 48.35 -13.94
CA ARG H 22 29.02 47.44 -13.78
C ARG H 22 28.43 47.01 -15.12
N THR H 23 27.41 46.15 -15.08
CA THR H 23 26.87 45.48 -16.27
C THR H 23 26.44 46.43 -17.39
N ARG H 24 25.65 47.44 -17.08
CA ARG H 24 25.16 48.38 -18.09
C ARG H 24 26.30 49.21 -18.71
N ASP H 25 27.35 49.46 -17.94
CA ASP H 25 28.49 50.22 -18.42
C ASP H 25 29.29 49.43 -19.46
N LEU H 26 29.10 48.12 -19.50
CA LEU H 26 29.78 47.26 -20.46
C LEU H 26 29.02 47.15 -21.79
N GLY H 27 27.92 47.86 -21.90
CA GLY H 27 27.04 47.80 -23.06
C GLY H 27 26.05 46.65 -23.00
N ILE H 28 26.02 45.94 -21.87
CA ILE H 28 25.07 44.84 -21.69
C ILE H 28 23.79 45.40 -21.08
N ARG H 29 22.71 45.38 -21.86
CA ARG H 29 21.46 45.93 -21.37
C ARG H 29 20.53 44.77 -21.04
N ILE H 30 20.06 44.75 -19.80
CA ILE H 30 19.14 43.70 -19.39
C ILE H 30 17.72 44.20 -19.51
N GLY H 31 16.92 43.49 -20.30
CA GLY H 31 15.53 43.83 -20.48
C GLY H 31 15.32 45.09 -21.28
N LEU H 32 14.11 45.62 -21.22
CA LEU H 32 13.70 46.74 -22.09
C LEU H 32 13.43 48.03 -21.32
N GLY H 33 13.48 47.96 -20.00
CA GLY H 33 13.12 49.09 -19.15
C GLY H 33 14.22 50.11 -18.95
N THR H 34 13.89 51.21 -18.28
CA THR H 34 14.86 52.28 -18.02
C THR H 34 15.21 52.39 -16.54
N PRO H 35 16.52 52.30 -16.21
CA PRO H 35 16.96 52.37 -14.81
C PRO H 35 16.82 53.75 -14.18
N GLY H 36 16.73 53.78 -12.85
CA GLY H 36 16.75 55.04 -12.12
C GLY H 36 18.16 55.62 -12.07
N ARG H 37 18.30 56.76 -11.41
CA ARG H 37 19.53 57.54 -11.38
C ARG H 37 20.78 56.77 -10.95
N PHE H 38 20.69 56.06 -9.83
CA PHE H 38 21.81 55.27 -9.32
C PHE H 38 21.78 53.83 -9.80
N ASN H 39 20.72 53.47 -10.52
CA ASN H 39 20.45 52.08 -10.88
C ASN H 39 20.60 51.20 -9.64
N ALA H 40 19.83 51.54 -8.61
CA ALA H 40 19.95 50.84 -7.35
C ALA H 40 18.65 50.95 -6.54
N ILE H 41 18.52 50.11 -5.52
CA ILE H 41 17.30 50.12 -4.71
C ILE H 41 17.13 51.49 -4.02
N THR H 42 18.22 52.23 -3.83
CA THR H 42 18.11 53.56 -3.24
C THR H 42 17.46 54.57 -4.19
N ASP H 43 17.15 54.18 -5.42
CA ASP H 43 16.38 55.05 -6.30
C ASP H 43 14.91 55.21 -5.85
N VAL H 44 14.44 54.29 -5.01
CA VAL H 44 13.18 54.48 -4.32
C VAL H 44 13.42 55.50 -3.21
N PRO H 45 12.79 56.69 -3.32
CA PRO H 45 13.10 57.79 -2.40
C PRO H 45 12.96 57.37 -0.93
N GLY H 46 13.97 57.72 -0.13
CA GLY H 46 13.94 57.43 1.29
C GLY H 46 14.67 56.17 1.68
N VAL H 47 14.78 55.23 0.76
CA VAL H 47 15.44 53.97 1.04
C VAL H 47 16.95 54.14 1.19
N ARG H 48 17.52 53.52 2.22
CA ARG H 48 18.94 53.60 2.53
C ARG H 48 19.54 52.21 2.67
N VAL H 49 20.80 52.06 2.29
CA VAL H 49 21.51 50.78 2.38
C VAL H 49 22.87 50.97 3.05
N GLY H 50 23.23 50.07 3.96
CA GLY H 50 24.53 50.13 4.61
C GLY H 50 25.20 48.77 4.74
N HIS H 51 26.52 48.75 4.56
CA HIS H 51 27.30 47.51 4.69
C HIS H 51 28.24 47.54 5.88
N CYS H 52 28.47 46.37 6.46
CA CYS H 52 29.60 46.17 7.35
C CYS H 52 30.32 44.95 6.84
N THR H 53 31.56 45.17 6.38
CA THR H 53 32.30 44.11 5.72
C THR H 53 33.38 43.61 6.66
N LEU H 54 33.37 42.31 6.91
CA LEU H 54 34.37 41.71 7.76
C LEU H 54 35.33 40.95 6.88
N ASN H 55 36.57 41.41 6.88
CA ASN H 55 37.60 40.72 6.15
C ASN H 55 38.80 40.68 7.08
N GLU H 56 39.14 39.48 7.51
CA GLU H 56 40.27 39.29 8.39
C GLU H 56 40.81 37.89 8.13
N GLU H 57 42.07 37.83 7.69
CA GLU H 57 42.70 36.55 7.40
C GLU H 57 43.25 35.91 8.67
N ASN H 58 42.88 34.65 8.90
CA ASN H 58 43.41 33.90 10.03
C ASN H 58 43.23 32.42 9.80
N GLY H 59 43.89 31.94 8.75
CA GLY H 59 43.82 30.55 8.31
C GLY H 59 42.44 29.93 8.24
N ASP H 60 42.23 28.86 9.00
CA ASP H 60 40.99 28.10 8.97
C ASP H 60 40.00 28.67 9.99
N ALA H 61 40.12 29.96 10.24
CA ALA H 61 39.20 30.70 11.10
C ALA H 61 39.05 32.10 10.54
N SER H 62 39.41 32.25 9.27
CA SER H 62 39.32 33.52 8.57
C SER H 62 37.87 33.98 8.55
N ILE H 63 37.68 35.30 8.64
CA ILE H 63 36.34 35.86 8.66
C ILE H 63 36.10 36.50 7.31
N ARG H 64 35.12 35.98 6.57
CA ARG H 64 34.74 36.57 5.30
C ARG H 64 33.23 36.64 5.25
N THR H 65 32.70 37.65 5.92
CA THR H 65 31.27 37.75 6.10
C THR H 65 30.91 39.18 6.49
N GLY H 66 29.67 39.38 6.94
CA GLY H 66 29.23 40.69 7.35
C GLY H 66 27.73 40.82 7.39
N VAL H 67 27.28 42.07 7.35
CA VAL H 67 25.86 42.37 7.39
C VAL H 67 25.56 43.54 6.47
N THR H 68 24.45 43.42 5.75
CA THR H 68 23.92 44.49 4.94
C THR H 68 22.58 44.88 5.55
N VAL H 69 22.33 46.18 5.68
CA VAL H 69 21.04 46.62 6.22
C VAL H 69 20.35 47.51 5.19
N ILE H 70 19.02 47.38 5.14
CA ILE H 70 18.15 48.23 4.32
C ILE H 70 17.21 49.01 5.24
N GLU H 71 17.26 50.33 5.14
CA GLU H 71 16.27 51.18 5.80
C GLU H 71 15.21 51.53 4.79
N PRO H 72 13.94 51.17 5.08
CA PRO H 72 12.84 51.44 4.14
C PRO H 72 12.43 52.91 4.09
N ARG H 73 12.77 53.67 5.12
CA ARG H 73 12.32 55.07 5.19
C ARG H 73 13.49 56.01 5.44
N ALA H 74 13.24 57.31 5.25
CA ALA H 74 14.21 58.35 5.55
C ALA H 74 14.52 58.38 7.05
N GLY H 75 13.49 58.09 7.86
CA GLY H 75 13.66 58.01 9.30
C GLY H 75 13.52 56.61 9.88
N ALA H 76 13.10 56.53 11.13
CA ALA H 76 12.96 55.24 11.80
C ALA H 76 11.85 54.43 11.13
N ALA H 77 12.13 53.17 10.82
CA ALA H 77 11.12 52.32 10.17
C ALA H 77 9.87 52.15 11.05
N HIS H 78 10.11 52.02 12.36
CA HIS H 78 9.05 51.84 13.33
C HIS H 78 7.98 52.91 13.21
N ASP H 79 8.41 54.14 12.95
CA ASP H 79 7.51 55.29 12.95
C ASP H 79 6.76 55.47 11.64
N SER H 80 7.21 54.81 10.58
CA SER H 80 6.53 54.90 9.30
C SER H 80 6.51 53.54 8.62
N PRO H 81 5.60 52.67 9.08
CA PRO H 81 5.48 51.30 8.57
C PRO H 81 5.24 51.28 7.07
N CYS H 82 5.74 50.25 6.40
CA CYS H 82 5.51 50.03 4.98
C CYS H 82 4.69 48.76 4.79
N PHE H 83 3.75 48.80 3.85
CA PHE H 83 3.11 47.58 3.41
C PHE H 83 4.20 46.67 2.80
N ALA H 84 4.09 45.36 3.02
CA ALA H 84 5.09 44.39 2.56
C ALA H 84 4.52 42.98 2.41
N GLY H 85 5.27 42.13 1.72
CA GLY H 85 4.86 40.74 1.50
C GLY H 85 6.07 39.88 1.21
N VAL H 86 5.90 38.57 1.31
CA VAL H 86 6.98 37.64 1.01
C VAL H 86 6.56 36.59 0.01
N HIS H 87 7.54 36.08 -0.75
CA HIS H 87 7.33 34.87 -1.51
C HIS H 87 8.54 33.95 -1.35
N VAL H 88 8.28 32.66 -1.17
CA VAL H 88 9.36 31.69 -1.01
C VAL H 88 9.38 30.76 -2.22
N LEU H 89 10.41 30.88 -3.05
CA LEU H 89 10.55 29.97 -4.19
C LEU H 89 11.05 28.62 -3.68
N ASN H 90 11.98 28.66 -2.73
CA ASN H 90 12.51 27.44 -2.14
C ASN H 90 13.03 27.69 -0.74
N GLY H 91 12.30 27.21 0.26
CA GLY H 91 12.58 27.60 1.63
C GLY H 91 13.75 26.94 2.35
N ASN H 92 14.83 26.65 1.63
CA ASN H 92 16.01 26.07 2.27
C ASN H 92 16.85 27.18 2.87
N GLY H 93 16.25 27.93 3.78
CA GLY H 93 16.90 29.07 4.37
C GLY H 93 16.17 29.50 5.63
N ASP H 94 16.78 30.42 6.36
CA ASP H 94 16.25 30.89 7.61
C ASP H 94 16.00 32.38 7.53
N ALA H 95 14.99 32.84 8.25
CA ALA H 95 14.66 34.25 8.29
C ALA H 95 13.89 34.57 9.56
N THR H 96 14.00 35.83 9.99
CA THR H 96 13.19 36.31 11.11
C THR H 96 12.23 37.39 10.63
N GLY H 97 11.16 37.58 11.39
CA GLY H 97 10.21 38.67 11.18
C GLY H 97 9.20 38.45 10.07
N LEU H 98 9.21 37.28 9.45
CA LEU H 98 8.37 37.05 8.27
C LEU H 98 6.92 36.71 8.61
N GLU H 99 6.67 36.17 9.79
CA GLU H 99 5.32 35.73 10.07
C GLU H 99 4.33 36.90 10.16
N TRP H 100 4.76 38.02 10.74
CA TRP H 100 3.88 39.19 10.79
C TRP H 100 3.77 39.84 9.41
N ILE H 101 4.81 39.70 8.59
CA ILE H 101 4.73 40.17 7.21
C ILE H 101 3.66 39.39 6.45
N ARG H 102 3.63 38.07 6.59
CA ARG H 102 2.58 37.25 5.98
C ARG H 102 1.19 37.62 6.47
N GLU H 103 1.07 37.77 7.79
CA GLU H 103 -0.22 37.98 8.45
C GLU H 103 -0.78 39.38 8.16
N ALA H 104 0.04 40.39 8.41
CA ALA H 104 -0.47 41.77 8.35
C ALA H 104 0.20 42.66 7.31
N GLY H 105 1.26 42.17 6.67
CA GLY H 105 1.96 42.91 5.64
C GLY H 105 2.55 44.24 6.08
N LEU H 106 3.12 44.26 7.28
CA LEU H 106 3.70 45.48 7.82
C LEU H 106 5.17 45.32 8.19
N LEU H 107 6.00 46.03 7.42
CA LEU H 107 7.42 46.13 7.71
C LEU H 107 7.62 47.28 8.69
N THR H 108 8.19 46.99 9.84
CA THR H 108 8.29 47.98 10.92
C THR H 108 9.71 48.11 11.46
N THR H 109 10.67 47.51 10.75
CA THR H 109 12.06 47.46 11.21
C THR H 109 12.97 47.63 9.99
N PRO H 110 14.29 47.77 10.21
CA PRO H 110 15.17 47.59 9.05
C PRO H 110 15.16 46.14 8.59
N ILE H 111 15.73 45.91 7.42
CA ILE H 111 15.95 44.57 6.89
C ILE H 111 17.45 44.28 6.91
N ALA H 112 17.82 43.07 7.32
CA ALA H 112 19.25 42.74 7.34
C ALA H 112 19.55 41.44 6.62
N TYR H 113 20.69 41.42 5.93
CA TYR H 113 21.26 40.21 5.35
C TYR H 113 22.52 39.82 6.12
N THR H 114 22.69 38.54 6.42
CA THR H 114 23.94 38.09 7.01
C THR H 114 24.17 36.64 6.64
N ASN H 115 25.05 35.94 7.34
CA ASN H 115 25.25 34.52 7.08
C ASN H 115 24.32 33.67 7.93
N THR H 116 24.17 32.40 7.55
CA THR H 116 23.18 31.52 8.15
C THR H 116 23.32 31.39 9.67
N HIS H 117 24.54 31.39 10.17
CA HIS H 117 24.73 31.14 11.59
C HIS H 117 24.79 32.41 12.44
N SER H 118 24.59 33.56 11.82
CA SER H 118 24.61 34.82 12.55
C SER H 118 23.24 35.49 12.60
N VAL H 119 22.22 34.81 12.08
CA VAL H 119 20.87 35.40 11.97
C VAL H 119 20.31 35.88 13.32
N GLY H 120 20.41 35.05 14.34
CA GLY H 120 19.90 35.38 15.65
C GLY H 120 20.61 36.57 16.28
N ALA H 121 21.93 36.58 16.20
CA ALA H 121 22.70 37.67 16.79
C ALA H 121 22.34 38.99 16.12
N VAL H 122 22.21 38.97 14.80
CA VAL H 122 21.83 40.19 14.07
C VAL H 122 20.42 40.64 14.43
N ARG H 123 19.49 39.70 14.52
CA ARG H 123 18.10 40.02 14.83
C ARG H 123 17.97 40.68 16.21
N ASP H 124 18.56 40.06 17.24
CA ASP H 124 18.46 40.58 18.59
C ASP H 124 19.21 41.90 18.76
N ALA H 125 20.21 42.13 17.91
CA ALA H 125 20.94 43.39 17.88
C ALA H 125 20.04 44.48 17.30
N LEU H 126 19.24 44.13 16.32
CA LEU H 126 18.27 45.07 15.74
C LEU H 126 17.17 45.40 16.75
N VAL H 127 16.82 44.42 17.60
CA VAL H 127 15.87 44.64 18.69
C VAL H 127 16.45 45.64 19.69
N ALA H 128 17.68 45.38 20.12
CA ALA H 128 18.36 46.26 21.05
C ALA H 128 18.49 47.69 20.50
N ASN H 129 18.63 47.79 19.19
CA ASN H 129 18.83 49.10 18.57
C ASN H 129 17.63 50.03 18.75
N GLU H 130 16.44 49.46 18.92
CA GLU H 130 15.22 50.25 19.06
C GLU H 130 14.86 50.50 20.53
N ARG H 131 15.63 49.91 21.44
CA ARG H 131 15.35 50.02 22.87
C ARG H 131 15.29 51.46 23.36
N GLU H 132 16.31 52.25 23.03
CA GLU H 132 16.39 53.63 23.49
C GLU H 132 15.17 54.44 23.05
N ALA H 133 14.72 54.22 21.82
CA ALA H 133 13.60 54.97 21.28
C ALA H 133 12.28 54.40 21.79
N ALA H 134 12.34 53.21 22.38
CA ALA H 134 11.19 52.58 22.99
C ALA H 134 10.86 53.24 24.33
N ALA H 135 10.57 54.54 24.27
CA ALA H 135 10.19 55.32 25.44
C ALA H 135 8.81 54.93 25.96
N GLY H 136 8.68 53.73 26.50
CA GLY H 136 7.40 53.32 27.06
C GLY H 136 6.35 52.94 26.05
N ARG H 137 6.74 52.79 24.80
CA ARG H 137 5.82 52.28 23.79
C ARG H 137 5.71 50.79 23.97
N VAL H 138 4.49 50.27 23.98
CA VAL H 138 4.29 48.85 24.18
C VAL H 138 4.25 48.12 22.85
N TYR H 139 5.31 47.41 22.53
CA TYR H 139 5.34 46.56 21.35
C TYR H 139 6.50 45.57 21.45
N TRP H 140 6.43 44.53 20.64
CA TRP H 140 7.51 43.56 20.55
C TRP H 140 8.18 43.74 19.19
N CYS H 141 9.48 43.99 19.23
CA CYS H 141 10.24 44.27 18.01
C CYS H 141 10.50 42.99 17.24
N MET H 142 10.16 42.97 15.96
CA MET H 142 10.35 41.76 15.15
C MET H 142 11.12 42.04 13.84
N PRO H 143 12.43 42.25 13.94
CA PRO H 143 13.25 42.63 12.77
C PRO H 143 13.26 41.57 11.66
N VAL H 144 13.38 42.02 10.41
CA VAL H 144 13.51 41.07 9.32
C VAL H 144 14.98 40.83 9.01
N VAL H 145 15.44 39.60 9.23
CA VAL H 145 16.81 39.21 8.94
C VAL H 145 16.82 37.99 8.03
N MET H 146 17.58 38.07 6.93
CA MET H 146 17.68 36.95 5.99
C MET H 146 19.13 36.54 5.78
N GLU H 147 19.35 35.39 5.15
CA GLU H 147 20.69 34.84 5.10
C GLU H 147 20.98 34.03 3.85
N THR H 148 22.27 33.91 3.56
CA THR H 148 22.77 32.88 2.67
C THR H 148 24.03 32.29 3.36
N TYR H 149 24.51 31.16 2.84
CA TYR H 149 25.54 30.37 3.53
C TYR H 149 26.94 30.60 2.95
N ASP H 150 27.81 31.26 3.71
CA ASP H 150 29.19 31.49 3.28
C ASP H 150 30.18 30.55 3.94
N GLY H 151 29.73 29.32 4.23
CA GLY H 151 30.53 28.35 4.96
C GLY H 151 31.83 27.91 4.31
N LEU H 152 31.96 28.08 3.00
CA LEU H 152 33.15 27.64 2.31
C LEU H 152 34.30 28.63 2.51
N LEU H 153 34.04 29.91 2.27
CA LEU H 153 35.05 30.94 2.38
C LEU H 153 35.14 31.56 3.79
N ASN H 154 34.07 31.43 4.56
CA ASN H 154 34.00 32.01 5.89
C ASN H 154 33.90 30.92 6.96
N ASP H 155 34.48 31.18 8.13
CA ASP H 155 34.33 30.30 9.28
C ASP H 155 32.94 30.51 9.87
N ILE H 156 31.93 29.91 9.24
CA ILE H 156 30.54 30.22 9.59
C ILE H 156 30.16 29.65 10.95
N TRP H 157 30.85 28.60 11.38
CA TRP H 157 30.61 28.05 12.71
C TRP H 157 31.20 28.93 13.80
N GLY H 158 32.08 29.85 13.40
CA GLY H 158 32.75 30.75 14.32
C GLY H 158 31.86 31.87 14.85
N GLN H 159 30.77 32.13 14.15
CA GLN H 159 29.79 33.14 14.55
C GLN H 159 30.48 34.45 14.88
N HIS H 160 31.09 35.05 13.86
CA HIS H 160 31.97 36.20 14.05
C HIS H 160 31.24 37.54 13.90
N VAL H 161 29.95 37.50 13.59
CA VAL H 161 29.17 38.71 13.46
C VAL H 161 28.56 39.11 14.81
N SER H 162 28.70 40.37 15.19
CA SER H 162 28.23 40.83 16.50
C SER H 162 27.39 42.08 16.36
N ALA H 163 26.79 42.50 17.48
CA ALA H 163 25.98 43.70 17.52
C ALA H 163 26.76 44.93 17.06
N ALA H 164 28.06 44.96 17.34
CA ALA H 164 28.86 46.11 16.92
C ALA H 164 28.88 46.21 15.40
N HIS H 165 28.89 45.07 14.73
CA HIS H 165 28.89 45.03 13.27
C HIS H 165 27.56 45.50 12.67
N VAL H 166 26.46 45.13 13.33
CA VAL H 166 25.14 45.61 12.93
C VAL H 166 25.04 47.11 13.08
N GLN H 167 25.62 47.61 14.16
CA GLN H 167 25.59 49.02 14.55
C GLN H 167 26.41 49.83 13.59
N ARG H 168 27.51 49.24 13.09
CA ARG H 168 28.33 49.83 12.02
C ARG H 168 27.57 49.94 10.69
N ALA H 169 26.88 48.87 10.33
CA ALA H 169 26.09 48.82 9.12
C ALA H 169 24.96 49.84 9.13
N LEU H 170 24.27 49.94 10.25
CA LEU H 170 23.18 50.90 10.42
C LEU H 170 23.68 52.32 10.23
N ALA H 171 24.82 52.63 10.84
CA ALA H 171 25.38 53.98 10.74
C ALA H 171 25.84 54.29 9.32
N ALA H 172 26.24 53.26 8.57
CA ALA H 172 26.72 53.50 7.21
C ALA H 172 25.59 53.61 6.20
N ALA H 173 24.38 53.27 6.64
CA ALA H 173 23.22 53.26 5.75
C ALA H 173 22.93 54.64 5.19
N GLN H 174 22.89 54.73 3.86
CA GLN H 174 22.66 56.00 3.21
C GLN H 174 22.06 55.80 1.82
N THR H 175 21.51 56.87 1.26
CA THR H 175 21.03 56.86 -0.10
C THR H 175 22.20 56.90 -1.08
N GLY H 176 21.90 56.99 -2.37
CA GLY H 176 22.93 57.12 -3.38
C GLY H 176 23.43 55.75 -3.79
N PRO H 177 24.60 55.70 -4.42
CA PRO H 177 25.21 54.45 -4.92
C PRO H 177 25.40 53.39 -3.85
N VAL H 178 25.19 52.14 -4.22
CA VAL H 178 25.35 51.01 -3.31
C VAL H 178 26.49 50.14 -3.79
N ALA H 179 27.44 49.83 -2.91
CA ALA H 179 28.57 48.98 -3.25
C ALA H 179 28.11 47.56 -3.52
N GLU H 180 28.73 46.92 -4.51
CA GLU H 180 28.31 45.57 -4.90
C GLU H 180 29.41 44.53 -4.75
N GLY H 181 29.04 43.27 -4.96
CA GLY H 181 30.01 42.19 -4.89
C GLY H 181 30.25 41.65 -3.48
N GLY H 182 31.52 41.40 -3.17
CA GLY H 182 31.91 40.85 -1.89
C GLY H 182 31.94 41.89 -0.79
N VAL H 183 30.78 42.48 -0.51
CA VAL H 183 30.65 43.49 0.54
C VAL H 183 29.47 43.17 1.45
N GLY H 184 29.50 43.68 2.68
CA GLY H 184 28.42 43.45 3.63
C GLY H 184 28.13 41.98 3.84
N GLY H 185 26.85 41.61 3.69
CA GLY H 185 26.45 40.22 3.83
C GLY H 185 26.93 39.36 2.69
N GLY H 186 27.29 39.98 1.57
CA GLY H 186 27.71 39.24 0.40
C GLY H 186 29.20 38.96 0.33
N THR H 187 29.92 39.37 1.37
CA THR H 187 31.38 39.31 1.41
C THR H 187 31.94 37.94 1.05
N GLY H 188 31.43 36.89 1.67
CA GLY H 188 31.95 35.54 1.45
C GLY H 188 31.10 34.66 0.56
N MET H 189 30.25 35.28 -0.25
CA MET H 189 29.29 34.51 -1.06
C MET H 189 29.81 34.13 -2.46
N ILE H 190 29.19 33.10 -3.02
CA ILE H 190 29.56 32.47 -4.28
C ILE H 190 28.33 32.28 -5.17
N CYS H 191 28.40 32.72 -6.42
CA CYS H 191 27.24 32.64 -7.32
C CYS H 191 27.65 32.04 -8.67
N HIS H 192 26.90 31.03 -9.11
CA HIS H 192 27.21 30.26 -10.33
C HIS H 192 28.67 29.83 -10.35
N GLU H 193 29.19 29.48 -9.18
CA GLU H 193 30.56 29.01 -8.99
C GLU H 193 31.60 30.07 -9.40
N PHE H 194 31.17 31.33 -9.42
CA PHE H 194 32.06 32.49 -9.45
C PHE H 194 31.87 33.23 -8.13
N LYS H 195 32.58 34.33 -7.94
CA LYS H 195 32.36 35.16 -6.76
C LYS H 195 30.98 35.80 -6.81
N GLY H 196 30.25 35.72 -5.70
CA GLY H 196 28.92 36.27 -5.63
C GLY H 196 28.83 37.43 -4.66
N GLY H 197 27.64 37.64 -4.12
CA GLY H 197 27.43 38.67 -3.12
C GLY H 197 26.32 39.64 -3.45
N ILE H 198 26.55 40.89 -3.12
CA ILE H 198 25.53 41.92 -3.23
C ILE H 198 25.36 42.43 -4.66
N GLY H 199 24.12 42.57 -5.08
CA GLY H 199 23.80 43.19 -6.37
C GLY H 199 22.57 44.08 -6.24
N THR H 200 22.49 45.12 -7.05
CA THR H 200 21.33 46.00 -6.99
C THR H 200 21.03 46.58 -8.37
N ALA H 201 19.79 46.99 -8.58
CA ALA H 201 19.37 47.61 -9.84
C ALA H 201 18.00 48.25 -9.64
N SER H 202 17.57 49.09 -10.57
CA SER H 202 16.25 49.70 -10.48
C SER H 202 15.63 49.93 -11.85
N ARG H 203 14.32 50.18 -11.88
CA ARG H 203 13.59 50.56 -13.09
C ARG H 203 12.62 51.69 -12.79
N VAL H 204 12.48 52.63 -13.72
CA VAL H 204 11.51 53.71 -13.54
C VAL H 204 10.42 53.58 -14.60
N LEU H 205 9.17 53.56 -14.16
CA LEU H 205 8.06 53.52 -15.11
C LEU H 205 7.81 54.91 -15.71
N ALA H 206 7.21 54.93 -16.89
CA ALA H 206 6.87 56.19 -17.54
C ALA H 206 5.77 56.89 -16.75
N ALA H 207 5.63 58.19 -16.94
CA ALA H 207 4.63 58.98 -16.23
C ALA H 207 3.23 58.44 -16.48
N ASP H 208 2.97 58.03 -17.71
CA ASP H 208 1.69 57.44 -18.08
C ASP H 208 1.40 56.13 -17.33
N ALA H 209 2.43 55.49 -16.78
CA ALA H 209 2.27 54.23 -16.07
C ALA H 209 2.35 54.41 -14.57
N GLY H 210 2.35 55.66 -14.11
CA GLY H 210 2.40 55.95 -12.69
C GLY H 210 3.72 56.52 -12.22
N GLY H 211 4.74 56.40 -13.06
CA GLY H 211 6.04 56.99 -12.78
C GLY H 211 6.78 56.41 -11.58
N TRP H 212 6.31 55.26 -11.09
CA TRP H 212 6.91 54.65 -9.91
C TRP H 212 8.26 54.01 -10.23
N THR H 213 9.08 53.90 -9.20
CA THR H 213 10.38 53.24 -9.26
C THR H 213 10.30 51.88 -8.56
N VAL H 214 10.92 50.88 -9.15
CA VAL H 214 11.06 49.55 -8.54
C VAL H 214 12.54 49.23 -8.41
N GLY H 215 12.97 48.93 -7.19
CA GLY H 215 14.36 48.63 -6.95
C GLY H 215 14.55 47.24 -6.38
N ALA H 216 15.73 46.67 -6.59
CA ALA H 216 16.01 45.37 -6.02
C ALA H 216 17.42 45.31 -5.45
N LEU H 217 17.55 44.63 -4.31
CA LEU H 217 18.84 44.35 -3.72
C LEU H 217 18.93 42.88 -3.42
N VAL H 218 19.92 42.20 -4.01
CA VAL H 218 20.03 40.76 -3.81
C VAL H 218 21.34 40.42 -3.12
N GLN H 219 21.32 39.30 -2.42
CA GLN H 219 22.54 38.69 -1.92
C GLN H 219 22.56 37.31 -2.57
N ALA H 220 23.36 37.21 -3.63
CA ALA H 220 23.35 36.03 -4.48
C ALA H 220 24.43 35.03 -4.11
N ASN H 221 24.00 33.81 -3.81
CA ASN H 221 24.87 32.73 -3.37
C ASN H 221 24.41 31.37 -3.92
N TYR H 222 23.91 31.38 -5.16
CA TYR H 222 23.27 30.21 -5.75
C TYR H 222 23.88 29.84 -7.10
N GLY H 223 23.53 28.65 -7.59
CA GLY H 223 23.62 28.30 -9.00
C GLY H 223 24.81 27.48 -9.44
N VAL H 224 24.61 26.65 -10.46
CA VAL H 224 25.71 25.90 -11.05
C VAL H 224 26.25 26.63 -12.28
N ARG H 225 27.52 26.43 -12.57
CA ARG H 225 28.22 27.14 -13.65
C ARG H 225 27.50 27.17 -14.99
N GLU H 226 27.29 25.99 -15.60
CA GLU H 226 26.71 25.90 -16.96
C GLU H 226 25.36 26.58 -17.14
N MET H 227 24.60 26.74 -16.05
CA MET H 227 23.26 27.32 -16.12
C MET H 227 23.26 28.85 -16.23
N LEU H 228 24.41 29.48 -15.97
CA LEU H 228 24.50 30.94 -16.00
C LEU H 228 24.05 31.55 -17.33
N ARG H 229 23.11 32.50 -17.25
CA ARG H 229 22.65 33.23 -18.42
C ARG H 229 22.70 34.73 -18.20
N VAL H 230 23.24 35.45 -19.17
CA VAL H 230 23.31 36.92 -19.08
C VAL H 230 22.57 37.53 -20.28
N ALA H 231 21.51 38.30 -19.98
CA ALA H 231 20.60 38.84 -21.00
C ALA H 231 19.97 37.72 -21.83
N GLY H 232 19.77 36.57 -21.20
CA GLY H 232 19.17 35.43 -21.86
C GLY H 232 20.17 34.49 -22.51
N TYR H 233 21.38 34.98 -22.78
CA TYR H 233 22.39 34.21 -23.51
C TYR H 233 23.15 33.19 -22.65
N PRO H 234 23.31 31.95 -23.16
CA PRO H 234 23.84 30.85 -22.35
C PRO H 234 25.34 30.90 -22.14
N VAL H 235 25.82 31.96 -21.50
CA VAL H 235 27.26 32.14 -21.34
C VAL H 235 27.87 31.08 -20.45
N GLY H 236 27.08 30.55 -19.52
CA GLY H 236 27.55 29.50 -18.64
C GLY H 236 28.06 28.28 -19.40
N GLU H 237 27.45 27.99 -20.54
CA GLU H 237 27.82 26.82 -21.34
C GLU H 237 29.21 26.95 -21.97
N VAL H 238 29.68 28.17 -22.17
CA VAL H 238 31.03 28.37 -22.71
C VAL H 238 31.97 28.87 -21.61
N LEU H 239 31.60 28.65 -20.35
CA LEU H 239 32.46 29.04 -19.24
C LEU H 239 32.77 27.87 -18.30
N ARG H 240 32.50 26.64 -18.74
CA ARG H 240 32.77 25.46 -17.91
C ARG H 240 34.25 25.26 -17.56
N HIS H 241 35.15 25.80 -18.39
CA HIS H 241 36.57 25.59 -18.22
C HIS H 241 37.17 26.33 -17.02
N VAL H 242 36.55 27.43 -16.63
CA VAL H 242 37.05 28.25 -15.52
C VAL H 242 36.98 27.45 -14.21
N PRO H 243 38.07 27.46 -13.43
CA PRO H 243 38.14 26.75 -12.14
C PRO H 243 36.98 27.08 -11.20
N SER H 244 36.55 26.08 -10.43
CA SER H 244 35.45 26.26 -9.49
C SER H 244 35.85 25.78 -8.09
N PRO H 245 35.40 26.49 -7.06
CA PRO H 245 35.71 26.08 -5.68
C PRO H 245 35.00 24.79 -5.25
N PHE H 246 34.03 24.33 -6.03
CA PHE H 246 33.26 23.14 -5.66
C PHE H 246 33.78 21.89 -6.35
N SER H 259 21.69 29.63 -2.30
CA SER H 259 20.65 30.47 -1.75
C SER H 259 20.70 31.86 -2.36
N ILE H 260 19.57 32.54 -2.41
CA ILE H 260 19.58 33.96 -2.79
C ILE H 260 18.45 34.66 -2.06
N VAL H 261 18.78 35.76 -1.39
CA VAL H 261 17.74 36.56 -0.75
C VAL H 261 17.54 37.82 -1.59
N VAL H 262 16.27 38.18 -1.79
CA VAL H 262 15.92 39.33 -2.63
C VAL H 262 14.99 40.26 -1.87
N THR H 263 15.33 41.55 -1.86
CA THR H 263 14.37 42.55 -1.41
C THR H 263 14.01 43.46 -2.58
N ILE H 264 12.72 43.55 -2.85
CA ILE H 264 12.22 44.46 -3.86
C ILE H 264 11.55 45.64 -3.17
N ALA H 265 11.87 46.85 -3.60
CA ALA H 265 11.22 48.04 -3.06
C ALA H 265 10.55 48.82 -4.18
N THR H 266 9.45 49.50 -3.85
CA THR H 266 8.81 50.38 -4.81
C THR H 266 8.09 51.52 -4.10
N ASP H 267 8.02 52.68 -4.74
CA ASP H 267 7.24 53.78 -4.17
C ASP H 267 5.82 53.77 -4.73
N ALA H 268 5.48 52.74 -5.51
CA ALA H 268 4.09 52.52 -5.88
C ALA H 268 3.27 52.29 -4.61
N PRO H 269 2.03 52.77 -4.58
CA PRO H 269 1.19 52.53 -3.40
C PRO H 269 0.60 51.11 -3.40
N LEU H 270 1.44 50.12 -3.11
CA LEU H 270 0.98 48.74 -3.10
C LEU H 270 0.47 48.31 -1.72
N LEU H 271 -0.69 47.66 -1.71
CA LEU H 271 -1.29 47.03 -0.53
C LEU H 271 -0.54 45.73 -0.21
N PRO H 272 -0.71 45.17 1.01
CA PRO H 272 -0.05 43.91 1.38
C PRO H 272 -0.22 42.77 0.36
N HIS H 273 -1.42 42.50 -0.14
CA HIS H 273 -1.58 41.39 -1.08
C HIS H 273 -0.84 41.69 -2.38
N GLN H 274 -0.68 42.97 -2.68
CA GLN H 274 0.00 43.35 -3.91
C GLN H 274 1.52 43.24 -3.74
N CYS H 275 2.03 43.50 -2.55
CA CYS H 275 3.46 43.30 -2.29
C CYS H 275 3.82 41.81 -2.41
N THR H 276 2.92 40.91 -2.01
CA THR H 276 3.14 39.48 -2.18
C THR H 276 3.26 39.12 -3.66
N ARG H 277 2.36 39.66 -4.48
CA ARG H 277 2.41 39.43 -5.92
C ARG H 277 3.73 39.93 -6.53
N LEU H 278 4.18 41.11 -6.12
CA LEU H 278 5.40 41.68 -6.65
C LEU H 278 6.62 40.84 -6.27
N ALA H 279 6.62 40.36 -5.03
CA ALA H 279 7.72 39.56 -4.52
C ALA H 279 7.94 38.28 -5.33
N GLN H 280 6.85 37.66 -5.79
CA GLN H 280 6.97 36.41 -6.52
C GLN H 280 7.60 36.65 -7.89
N ARG H 281 7.60 37.89 -8.36
CA ARG H 281 8.20 38.20 -9.66
C ARG H 281 9.73 38.15 -9.56
N ALA H 282 10.27 38.03 -8.35
CA ALA H 282 11.70 37.76 -8.21
C ALA H 282 12.05 36.36 -8.78
N SER H 283 11.08 35.45 -8.72
CA SER H 283 11.22 34.12 -9.33
C SER H 283 11.53 34.26 -10.81
N VAL H 284 10.85 35.19 -11.46
CA VAL H 284 11.00 35.37 -12.90
C VAL H 284 12.41 35.87 -13.23
N GLY H 285 12.87 36.89 -12.50
CA GLY H 285 14.21 37.40 -12.70
C GLY H 285 15.29 36.38 -12.40
N LEU H 286 15.13 35.68 -11.27
CA LEU H 286 16.10 34.66 -10.88
C LEU H 286 16.16 33.57 -11.94
N ALA H 287 15.00 33.17 -12.44
CA ALA H 287 14.91 32.11 -13.44
C ALA H 287 15.68 32.48 -14.71
N ARG H 288 15.64 33.76 -15.08
CA ARG H 288 16.27 34.20 -16.32
C ARG H 288 17.79 34.18 -16.25
N VAL H 289 18.35 34.23 -15.06
CA VAL H 289 19.80 34.16 -14.91
C VAL H 289 20.26 32.69 -14.77
N GLY H 290 19.34 31.79 -14.47
CA GLY H 290 19.66 30.37 -14.40
C GLY H 290 19.45 29.76 -13.04
N GLY H 291 18.66 30.41 -12.19
CA GLY H 291 18.42 29.86 -10.86
C GLY H 291 17.08 29.19 -10.71
N GLY H 292 16.79 28.78 -9.48
CA GLY H 292 15.48 28.26 -9.12
C GLY H 292 15.26 26.77 -9.27
N THR H 293 16.34 26.02 -9.50
CA THR H 293 16.19 24.58 -9.70
C THR H 293 17.02 23.78 -8.71
N GLU H 294 17.47 24.43 -7.64
CA GLU H 294 18.28 23.73 -6.64
C GLU H 294 17.53 23.48 -5.32
N ASP H 295 17.50 22.22 -4.88
CA ASP H 295 16.95 21.86 -3.58
C ASP H 295 17.68 22.61 -2.47
N SER H 296 18.99 22.81 -2.68
CA SER H 296 19.85 23.33 -1.64
C SER H 296 19.77 24.85 -1.52
N SER H 297 19.03 25.49 -2.41
CA SER H 297 19.09 26.95 -2.50
C SER H 297 17.94 27.62 -1.75
N GLY H 298 18.28 28.37 -0.71
CA GLY H 298 17.30 29.15 0.03
C GLY H 298 16.92 30.37 -0.78
N ASP H 299 15.84 30.27 -1.54
CA ASP H 299 15.42 31.37 -2.41
C ASP H 299 14.21 32.06 -1.80
N ILE H 300 14.46 33.14 -1.07
CA ILE H 300 13.44 33.78 -0.24
C ILE H 300 13.35 35.26 -0.59
N PHE H 301 12.14 35.71 -0.94
CA PHE H 301 11.93 37.03 -1.52
C PHE H 301 10.98 37.88 -0.67
N LEU H 302 11.35 39.15 -0.50
CA LEU H 302 10.60 40.14 0.24
C LEU H 302 10.35 41.36 -0.62
N ALA H 303 9.12 41.86 -0.61
CA ALA H 303 8.82 43.11 -1.30
C ALA H 303 8.14 44.09 -0.36
N PHE H 304 8.61 45.33 -0.33
CA PHE H 304 7.93 46.36 0.42
C PHE H 304 7.71 47.59 -0.45
N ALA H 305 6.66 48.33 -0.12
CA ALA H 305 6.25 49.49 -0.87
C ALA H 305 6.22 50.72 0.03
N THR H 306 6.65 51.86 -0.48
CA THR H 306 6.72 53.06 0.34
C THR H 306 5.65 54.10 0.00
N GLY H 307 4.88 53.83 -1.06
CA GLY H 307 3.91 54.77 -1.58
C GLY H 307 2.89 55.19 -0.55
N ASN H 308 2.43 54.24 0.24
CA ASN H 308 1.58 54.54 1.38
C ASN H 308 2.43 54.81 2.62
N ASP H 309 2.27 56.00 3.19
CA ASP H 309 2.91 56.28 4.47
C ASP H 309 1.83 56.75 5.44
N GLY H 310 2.24 57.30 6.59
CA GLY H 310 1.28 57.70 7.60
C GLY H 310 0.49 56.53 8.16
N LEU H 311 1.02 55.31 8.02
CA LEU H 311 0.40 54.12 8.59
C LEU H 311 0.61 54.10 10.10
N PRO H 312 -0.33 53.52 10.85
CA PRO H 312 -0.21 53.58 12.32
C PRO H 312 0.91 52.70 12.88
N ALA H 313 1.79 53.29 13.69
CA ALA H 313 2.82 52.52 14.38
C ALA H 313 2.20 51.66 15.47
N ALA H 314 2.75 50.46 15.66
CA ALA H 314 2.21 49.54 16.66
C ALA H 314 2.49 50.01 18.08
N ASN H 315 1.42 50.19 18.85
CA ASN H 315 1.51 50.62 20.24
C ASN H 315 0.33 50.08 21.02
N TYR H 316 0.47 48.84 21.46
CA TYR H 316 -0.63 48.10 22.05
C TYR H 316 -1.06 48.69 23.39
N GLY H 317 -2.37 48.83 23.56
CA GLY H 317 -2.94 49.43 24.74
C GLY H 317 -3.38 50.87 24.55
N SER H 318 -2.86 51.55 23.52
CA SER H 318 -3.26 52.94 23.27
C SER H 318 -3.94 52.97 21.90
N LYS H 319 -5.27 53.00 21.92
CA LYS H 319 -6.03 52.68 20.72
C LYS H 319 -6.29 53.93 19.92
N GLY H 320 -6.25 53.79 18.59
CA GLY H 320 -6.38 54.94 17.72
C GLY H 320 -7.70 55.05 17.02
N ALA H 321 -7.69 55.61 15.82
CA ALA H 321 -8.90 55.75 15.01
C ALA H 321 -9.28 54.41 14.38
N PRO H 322 -10.57 54.23 14.05
CA PRO H 322 -11.05 53.00 13.41
C PRO H 322 -10.41 52.69 12.06
N THR H 323 -10.19 53.69 11.21
CA THR H 323 -9.65 53.45 9.87
C THR H 323 -8.49 54.36 9.50
N THR H 324 -7.80 53.95 8.45
CA THR H 324 -6.76 54.74 7.82
C THR H 324 -7.04 54.77 6.32
N GLY H 325 -6.94 55.95 5.72
CA GLY H 325 -7.11 56.05 4.28
C GLY H 325 -5.84 55.65 3.57
N VAL H 326 -5.93 54.76 2.59
CA VAL H 326 -4.75 54.41 1.79
C VAL H 326 -5.06 54.39 0.29
N LYS H 327 -4.01 54.29 -0.52
CA LYS H 327 -4.14 54.15 -1.97
C LYS H 327 -3.78 52.75 -2.42
N MET H 328 -4.39 52.34 -3.53
CA MET H 328 -4.18 51.03 -4.11
C MET H 328 -3.79 51.17 -5.58
N VAL H 329 -2.75 50.47 -6.03
CA VAL H 329 -2.44 50.44 -7.46
C VAL H 329 -3.51 49.61 -8.14
N ASN H 330 -4.11 50.13 -9.20
CA ASN H 330 -5.12 49.36 -9.93
C ASN H 330 -4.46 48.24 -10.74
N ASN H 331 -5.17 47.11 -10.89
CA ASN H 331 -4.56 45.92 -11.47
C ASN H 331 -4.17 46.07 -12.96
N ASP H 332 -4.76 47.03 -13.65
CA ASP H 332 -4.37 47.30 -15.04
C ASP H 332 -3.12 48.17 -15.09
N HIS H 333 -2.59 48.49 -13.92
CA HIS H 333 -1.30 49.21 -13.82
C HIS H 333 -0.23 48.40 -13.13
N ILE H 334 -0.57 47.21 -12.63
CA ILE H 334 0.38 46.45 -11.82
C ILE H 334 1.36 45.62 -12.70
N SER H 335 0.99 45.28 -13.93
CA SER H 335 1.89 44.52 -14.83
C SER H 335 3.22 45.24 -15.11
N ALA H 336 3.18 46.57 -15.26
CA ALA H 336 4.40 47.33 -15.48
C ALA H 336 5.34 47.26 -14.27
N LEU H 337 4.77 47.08 -13.09
CA LEU H 337 5.56 46.87 -11.88
C LEU H 337 6.14 45.45 -11.84
N PHE H 338 5.35 44.47 -12.27
CA PHE H 338 5.82 43.09 -12.38
C PHE H 338 7.03 43.01 -13.31
N VAL H 339 6.88 43.58 -14.50
CA VAL H 339 7.98 43.61 -15.48
C VAL H 339 9.21 44.29 -14.89
N ALA H 340 9.02 45.45 -14.29
CA ALA H 340 10.13 46.21 -13.71
C ALA H 340 10.85 45.41 -12.63
N ALA H 341 10.10 44.75 -11.75
CA ALA H 341 10.71 43.96 -10.69
C ALA H 341 11.52 42.79 -11.24
N ALA H 342 10.98 42.10 -12.23
CA ALA H 342 11.68 40.95 -12.84
C ALA H 342 13.01 41.37 -13.46
N GLU H 343 13.00 42.48 -14.19
CA GLU H 343 14.22 43.03 -14.80
C GLU H 343 15.21 43.52 -13.72
N ALA H 344 14.71 44.20 -12.69
CA ALA H 344 15.58 44.74 -11.65
C ALA H 344 16.30 43.62 -10.91
N VAL H 345 15.59 42.54 -10.61
CA VAL H 345 16.19 41.39 -9.93
C VAL H 345 17.20 40.68 -10.85
N GLU H 346 16.84 40.51 -12.11
CA GLU H 346 17.71 39.88 -13.10
C GLU H 346 19.02 40.66 -13.18
N GLU H 347 18.92 41.97 -13.32
CA GLU H 347 20.12 42.79 -13.47
C GLU H 347 20.93 42.86 -12.17
N ALA H 348 20.25 42.82 -11.03
CA ALA H 348 20.93 42.90 -9.74
C ALA H 348 21.88 41.72 -9.57
N ILE H 349 21.42 40.55 -9.98
CA ILE H 349 22.21 39.33 -9.90
C ILE H 349 23.44 39.40 -10.80
N VAL H 350 23.24 39.81 -12.04
CA VAL H 350 24.37 39.93 -12.96
C VAL H 350 25.35 40.99 -12.46
N ASN H 351 24.83 42.07 -11.85
CA ASN H 351 25.69 43.10 -11.26
C ASN H 351 26.58 42.55 -10.16
N ALA H 352 26.02 41.65 -9.35
CA ALA H 352 26.75 41.03 -8.26
C ALA H 352 27.93 40.22 -8.80
N LEU H 353 27.69 39.49 -9.88
CA LEU H 353 28.73 38.69 -10.51
C LEU H 353 29.85 39.59 -11.09
N VAL H 354 29.44 40.63 -11.80
CA VAL H 354 30.37 41.53 -12.47
C VAL H 354 31.23 42.29 -11.46
N ALA H 355 30.64 42.59 -10.30
CA ALA H 355 31.35 43.29 -9.24
C ALA H 355 32.21 42.34 -8.40
N GLY H 356 31.96 41.04 -8.53
CA GLY H 356 32.69 40.05 -7.76
C GLY H 356 34.14 39.89 -8.19
N GLY H 357 35.04 39.71 -7.22
CA GLY H 357 36.44 39.52 -7.51
C GLY H 357 37.00 38.21 -6.97
N ASP H 358 38.22 37.86 -7.36
CA ASP H 358 38.89 36.64 -6.91
C ASP H 358 39.05 36.63 -5.39
N VAL H 359 38.80 35.47 -4.78
CA VAL H 359 38.95 35.30 -3.33
C VAL H 359 39.54 33.93 -2.95
N GLU H 360 40.55 33.94 -2.08
CA GLU H 360 41.09 32.69 -1.53
C GLU H 360 40.94 32.67 -0.01
N SER H 361 40.33 31.61 0.52
CA SER H 361 40.04 31.49 1.95
C SER H 361 39.81 30.05 2.39
N ARG H 362 40.41 29.69 3.51
CA ARG H 362 40.18 28.38 4.15
C ARG H 362 40.40 27.20 3.20
N GLY H 363 41.39 27.34 2.32
CA GLY H 363 41.75 26.26 1.42
C GLY H 363 40.91 26.23 0.17
N ALA H 364 40.09 27.26 -0.01
CA ALA H 364 39.22 27.36 -1.17
C ALA H 364 39.51 28.65 -1.95
N ARG H 365 39.40 28.55 -3.27
CA ARG H 365 39.61 29.69 -4.15
C ARG H 365 38.43 29.85 -5.09
N VAL H 366 37.93 31.07 -5.23
CA VAL H 366 36.88 31.34 -6.20
C VAL H 366 37.27 32.53 -7.06
N GLU H 367 36.96 32.45 -8.35
CA GLU H 367 37.32 33.51 -9.28
C GLU H 367 36.16 34.47 -9.52
N GLY H 368 36.50 35.75 -9.70
CA GLY H 368 35.53 36.70 -10.20
C GLY H 368 35.21 36.33 -11.64
N LEU H 369 33.96 36.54 -12.05
CA LEU H 369 33.52 36.25 -13.41
C LEU H 369 34.45 36.90 -14.42
N GLY H 370 34.78 38.17 -14.19
CA GLY H 370 35.70 38.86 -15.07
C GLY H 370 34.98 39.62 -16.15
N GLN H 371 35.22 40.92 -16.20
CA GLN H 371 34.59 41.81 -17.16
C GLN H 371 34.84 41.38 -18.62
N ALA H 372 36.11 41.21 -18.97
CA ALA H 372 36.48 40.84 -20.32
C ALA H 372 36.01 39.42 -20.64
N ARG H 373 36.12 38.55 -19.66
CA ARG H 373 35.73 37.16 -19.83
C ARG H 373 34.22 37.01 -20.11
N LEU H 374 33.41 37.84 -19.46
CA LEU H 374 31.97 37.83 -19.71
C LEU H 374 31.66 38.31 -21.13
N LEU H 375 32.29 39.41 -21.53
CA LEU H 375 32.11 39.94 -22.87
C LEU H 375 32.54 38.94 -23.96
N ASP H 376 33.63 38.22 -23.71
CA ASP H 376 34.05 37.18 -24.63
C ASP H 376 33.02 36.07 -24.72
N ALA H 377 32.51 35.67 -23.55
CA ALA H 377 31.53 34.59 -23.52
C ALA H 377 30.24 35.03 -24.21
N LEU H 378 29.83 36.28 -23.97
CA LEU H 378 28.64 36.80 -24.61
C LEU H 378 28.78 36.81 -26.14
N ARG H 379 29.93 37.25 -26.65
CA ARG H 379 30.13 37.29 -28.09
C ARG H 379 30.14 35.87 -28.67
N GLU H 380 30.73 34.93 -27.93
CA GLU H 380 30.83 33.54 -28.37
C GLU H 380 29.47 32.88 -28.58
N VAL H 381 28.46 33.27 -27.78
CA VAL H 381 27.13 32.69 -27.96
C VAL H 381 26.16 33.65 -28.67
N GLY H 382 26.71 34.65 -29.36
CA GLY H 382 25.93 35.42 -30.30
C GLY H 382 25.44 36.79 -29.85
N TRP H 383 25.75 37.18 -28.61
CA TRP H 383 25.34 38.49 -28.13
C TRP H 383 26.25 39.60 -28.68
N ARG H 384 25.66 40.73 -29.04
CA ARG H 384 26.42 41.90 -29.43
C ARG H 384 25.72 43.18 -28.98
N PRO H 385 26.48 44.24 -28.65
CA PRO H 385 25.90 45.51 -28.21
C PRO H 385 25.28 46.32 -29.36
#